data_6OAA
#
_entry.id   6OAA
#
_cell.length_a   1.00
_cell.length_b   1.00
_cell.length_c   1.00
_cell.angle_alpha   90.00
_cell.angle_beta   90.00
_cell.angle_gamma   90.00
#
_symmetry.space_group_name_H-M   'P 1'
#
loop_
_entity.id
_entity.type
_entity.pdbx_description
1 polymer 'Cell division control protein 48'
2 polymer 'Nuclear protein localization protein 4'
3 polymer Ubiquitin
4 non-polymer "ADENOSINE-5'-DIPHOSPHATE"
5 non-polymer 'BERYLLIUM TRIFLUORIDE ION'
#
loop_
_entity_poly.entity_id
_entity_poly.type
_entity_poly.pdbx_seq_one_letter_code
_entity_poly.pdbx_strand_id
1 'polypeptide(L)'
;MGEEHKPLLDASGVDPREEDKTATAILRRKKKDNMLLVDDAINDDNSVIAINSNTMDKLELFRGDTVLVKGKKRKDTVLI
VLIDDELEDGACRINRVVRNNLRIRLGDLVTIHPCPDIKYATRISVLPIADTIEGITGNLFDVFLKPYFVEAYRPVRKGD
HFVVRGGMRQVEFKVVDVEPEEYAVVAQDTIIHWEGEPINREDEENNMNEVGYDDIGGCRKQMAQIREMVELPLRHPQLF
KAIGIKPPRGVLMYGPPGTGKTLMARAVANETGAFFFLINGPEVMSKMAGESESNLRKAFEEAEKNAPAIIFIDEIDSIA
PKRDKTNGEVERRVVSQLLTLMDGMKARSNVVVIAATNRPNSIDPALRRFGRFDREVDIGIPDATGRLEVLRIHTKNMKL
ADDVDLEALAAETHGYVGADIASLCSEAAMQQIREKMDLIDLDEDEIDAEVLDSLGVTMDNFRFALGNSNPSALRETVVE
SVNVTWDDVGGLDEIKEELKETVEYPVLHPDQYTKFGLSPSKGVLFYGPPGTGKTLLAKAVATEVSANFISVKGPELLSM
WYGESESNIRDIFDKARAAAPTVVFLDELDSIAKARGGSLGDAGGASDRVVNQLLTEMDGMNAKKNVFVIGATNRPDQID
PAILRPGRLDQLIYVPLPDENARLSILNAQLRKTPLEPGLELTAIAKATQGFSGADLLYIVQRAAKYAIKDSIEAHRQHE
AEKEVKVEGEDVEMTDEGAKAEQEPEVDPVPYITKEHFAEAMKTAKRSVSDAELRRYEAYSQQMKASRGQFSNFNFNDAP
LGTTATDNANSNNSAPSGAGAAFGSNAEEDDDLYS
;
B,C,D,E
2 'polypeptide(L)'
;MLIRFRSKNGTHRVSCQENDLFGTVIEKLVGNLDPNADVDTFTVCEKPGQGIHAVSELADRTVMDLGLKHGDMLILNYSD
KPANEKDGVNVEIGSVGIDSKGIRQHRYGPLRIKELAVDEELEKEDGLIPRQKSKLCKHGDRGMCEYCSPLPPWDKEYHE
KNKIKHISFHSYLKKLNENANKKENGSSYISPLSEPDFRINKRCHNGHEPWPRGICSKCQPSAITLQQQEFRMVDHVEFQ
KSEIINEFIQAWRYTGMQRFGYMYGSYSKYDNTPLGIKAVVEAIYEPPQHDEQDGLTMDVEQVKNEMLQIDRQAQEMGLS
RIGLIFTDLSDAGAGDGSVFCKRHKDSFFLSSLEVIMAARHQTRHPNVSKYSEQGFFSSKFVTCVISGNLEGEIDISSYQ
VSTEAEALVTADMISGSTFPSMAYINDTTDERYVPEIFYMKSNEYGITVKENAKPAFPVDYLLVTLTHGFPNTDTETNSK
FVSSTGFPWSNRQAMGQSQDYQELKKYLFNVASSGDFNLLHEKISNFHLLLYINSLQILSPDEWKLLIESAVKNEWEESL
LKLVSSAGWQTLVMILQESG
;
G
3 'polypeptide(L)' MQIFVKTLTGKTITLEVESSDTIDNVKSKIQDKEGIPPDQQRLIFAGKQLEDGRTLSDYNIQKESTLHLVLRLRGG H
#
loop_
_chem_comp.id
_chem_comp.type
_chem_comp.name
_chem_comp.formula
ADP non-polymer ADENOSINE-5'-DIPHOSPHATE 'C10 H15 N5 O10 P2'
BEF non-polymer 'BERYLLIUM TRIFLUORIDE ION' 'Be F3 -1'
#
# COMPACT_ATOMS: atom_id res chain seq x y z
N ASN A 209 -37.66 -29.16 -29.72
CA ASN A 209 -36.77 -28.48 -28.80
C ASN A 209 -35.79 -29.46 -28.17
N GLU A 210 -35.89 -30.73 -28.56
CA GLU A 210 -35.03 -31.78 -28.05
C GLU A 210 -33.81 -31.95 -28.94
N VAL A 211 -32.75 -32.50 -28.36
CA VAL A 211 -31.45 -32.57 -29.05
C VAL A 211 -31.19 -33.96 -29.62
N GLY A 212 -31.59 -35.02 -28.92
CA GLY A 212 -31.54 -36.38 -29.44
C GLY A 212 -30.13 -36.95 -29.59
N TYR A 213 -30.02 -37.89 -30.51
CA TYR A 213 -28.75 -38.56 -30.78
C TYR A 213 -27.93 -37.83 -31.84
N ASP A 214 -28.58 -37.09 -32.73
CA ASP A 214 -27.91 -36.58 -33.93
C ASP A 214 -27.16 -35.29 -33.69
N ASP A 215 -27.42 -34.60 -32.58
CA ASP A 215 -26.85 -33.27 -32.36
C ASP A 215 -25.39 -33.32 -31.95
N ILE A 216 -24.91 -34.40 -31.36
CA ILE A 216 -23.54 -34.49 -30.90
C ILE A 216 -22.65 -34.73 -32.12
N GLY A 217 -21.64 -33.88 -32.29
CA GLY A 217 -20.80 -33.93 -33.47
C GLY A 217 -19.49 -34.62 -33.24
N GLY A 218 -19.28 -35.73 -33.95
CA GLY A 218 -18.10 -36.54 -33.70
C GLY A 218 -18.19 -37.24 -32.37
N CYS A 219 -17.02 -37.44 -31.74
CA CYS A 219 -16.88 -38.01 -30.39
C CYS A 219 -17.49 -39.40 -30.32
N ARG A 220 -17.29 -40.18 -31.40
CA ARG A 220 -17.97 -41.46 -31.52
C ARG A 220 -17.29 -42.52 -30.66
N LYS A 221 -15.97 -42.44 -30.47
CA LYS A 221 -15.27 -43.37 -29.62
C LYS A 221 -15.57 -43.15 -28.14
N GLN A 222 -16.04 -41.95 -27.76
CA GLN A 222 -16.44 -41.68 -26.39
C GLN A 222 -17.96 -41.69 -26.20
N MET A 223 -18.74 -41.67 -27.29
CA MET A 223 -20.18 -41.80 -27.16
C MET A 223 -20.57 -43.23 -26.81
N ALA A 224 -19.84 -44.22 -27.34
CA ALA A 224 -20.13 -45.62 -27.06
C ALA A 224 -19.82 -45.99 -25.62
N GLN A 225 -18.95 -45.24 -24.94
CA GLN A 225 -18.73 -45.48 -23.52
C GLN A 225 -19.86 -44.91 -22.68
N ILE A 226 -20.38 -43.75 -23.06
CA ILE A 226 -21.43 -43.10 -22.28
C ILE A 226 -22.82 -43.66 -22.57
N ARG A 227 -22.98 -44.42 -23.66
CA ARG A 227 -24.29 -44.98 -23.96
C ARG A 227 -24.61 -46.19 -23.09
N GLU A 228 -23.61 -47.05 -22.85
CA GLU A 228 -23.87 -48.33 -22.21
C GLU A 228 -24.14 -48.21 -20.71
N MET A 229 -23.81 -47.07 -20.10
CA MET A 229 -24.03 -46.88 -18.68
C MET A 229 -25.30 -46.12 -18.35
N VAL A 230 -25.95 -45.51 -19.34
CA VAL A 230 -27.22 -44.82 -19.11
C VAL A 230 -28.41 -45.51 -19.78
N GLU A 231 -28.20 -46.23 -20.88
CA GLU A 231 -29.27 -46.89 -21.60
C GLU A 231 -29.48 -48.33 -21.16
N LEU A 232 -28.44 -49.15 -21.17
CA LEU A 232 -28.53 -50.58 -20.89
C LEU A 232 -28.96 -50.95 -19.47
N PRO A 233 -28.59 -50.21 -18.40
CA PRO A 233 -29.29 -50.46 -17.12
C PRO A 233 -30.74 -50.02 -17.14
N LEU A 234 -31.12 -49.05 -17.97
CA LEU A 234 -32.50 -48.59 -17.98
C LEU A 234 -33.35 -49.36 -18.99
N ARG A 235 -32.75 -49.77 -20.11
CA ARG A 235 -33.50 -50.51 -21.12
C ARG A 235 -33.62 -51.99 -20.75
N HIS A 236 -32.51 -52.60 -20.32
CA HIS A 236 -32.47 -54.02 -19.97
C HIS A 236 -32.01 -54.17 -18.52
N PRO A 237 -32.92 -54.02 -17.56
CA PRO A 237 -32.53 -54.19 -16.15
C PRO A 237 -32.27 -55.64 -15.77
N GLN A 238 -32.81 -56.60 -16.51
CA GLN A 238 -32.56 -58.01 -16.24
C GLN A 238 -31.27 -58.52 -16.87
N LEU A 239 -30.60 -57.70 -17.68
CA LEU A 239 -29.33 -58.11 -18.27
C LEU A 239 -28.22 -58.12 -17.24
N PHE A 240 -28.20 -57.14 -16.33
CA PHE A 240 -27.17 -57.05 -15.31
C PHE A 240 -27.36 -58.07 -14.19
N LYS A 241 -28.52 -58.72 -14.11
CA LYS A 241 -28.73 -59.78 -13.14
C LYS A 241 -28.02 -61.06 -13.59
N ALA A 242 -27.75 -61.93 -12.62
CA ALA A 242 -27.15 -63.26 -12.75
C ALA A 242 -25.74 -63.23 -13.36
N ILE A 243 -25.08 -62.07 -13.37
CA ILE A 243 -23.69 -61.97 -13.80
C ILE A 243 -22.92 -61.16 -12.75
N GLY A 244 -23.53 -60.97 -11.60
CA GLY A 244 -22.96 -60.16 -10.55
C GLY A 244 -23.68 -58.84 -10.40
N ILE A 245 -23.04 -57.94 -9.64
CA ILE A 245 -23.60 -56.61 -9.41
C ILE A 245 -23.34 -55.73 -10.64
N LYS A 246 -24.02 -54.58 -10.66
CA LYS A 246 -23.90 -53.63 -11.76
C LYS A 246 -22.71 -52.70 -11.51
N PRO A 247 -21.70 -52.70 -12.37
CA PRO A 247 -20.50 -51.86 -12.15
C PRO A 247 -20.77 -50.35 -12.22
N PRO A 248 -21.30 -49.78 -13.31
CA PRO A 248 -21.22 -48.31 -13.43
C PRO A 248 -22.33 -47.61 -12.65
N ARG A 249 -21.92 -46.78 -11.68
CA ARG A 249 -22.85 -45.92 -10.96
C ARG A 249 -22.36 -44.48 -10.86
N GLY A 250 -21.23 -44.14 -11.44
CA GLY A 250 -20.76 -42.77 -11.46
C GLY A 250 -19.86 -42.53 -12.65
N VAL A 251 -19.80 -41.27 -13.08
CA VAL A 251 -19.01 -40.89 -14.24
C VAL A 251 -18.57 -39.44 -14.07
N LEU A 252 -17.42 -39.10 -14.66
CA LEU A 252 -16.88 -37.75 -14.64
C LEU A 252 -16.31 -37.45 -16.02
N MET A 253 -16.79 -36.37 -16.63
CA MET A 253 -16.30 -35.91 -17.92
C MET A 253 -15.44 -34.67 -17.70
N TYR A 254 -14.18 -34.73 -18.11
CA TYR A 254 -13.23 -33.66 -17.88
C TYR A 254 -12.59 -33.23 -19.19
N GLY A 255 -11.76 -32.19 -19.12
CA GLY A 255 -11.14 -31.61 -20.28
C GLY A 255 -11.50 -30.14 -20.43
N PRO A 256 -11.46 -29.63 -21.66
CA PRO A 256 -12.05 -28.31 -21.93
C PRO A 256 -13.54 -28.33 -21.68
N PRO A 257 -14.11 -27.23 -21.18
CA PRO A 257 -15.46 -27.30 -20.58
C PRO A 257 -16.60 -27.47 -21.57
N GLY A 258 -16.54 -26.85 -22.76
CA GLY A 258 -17.67 -26.89 -23.66
C GLY A 258 -17.43 -27.72 -24.92
N THR A 259 -16.67 -28.80 -24.79
CA THR A 259 -16.39 -29.68 -25.92
C THR A 259 -17.43 -30.78 -26.09
N GLY A 260 -18.53 -30.72 -25.34
CA GLY A 260 -19.54 -31.76 -25.42
C GLY A 260 -19.79 -32.46 -24.10
N LYS A 261 -19.56 -31.74 -23.01
CA LYS A 261 -19.85 -32.24 -21.67
C LYS A 261 -21.11 -31.66 -21.06
N THR A 262 -21.41 -30.39 -21.30
CA THR A 262 -22.67 -29.78 -20.93
C THR A 262 -23.78 -30.11 -21.91
N LEU A 263 -23.44 -30.62 -23.09
CA LEU A 263 -24.43 -31.04 -24.08
C LEU A 263 -24.81 -32.49 -23.86
N MET A 264 -23.91 -33.30 -23.30
CA MET A 264 -24.17 -34.71 -23.01
C MET A 264 -25.23 -34.85 -21.92
N ALA A 265 -25.24 -33.93 -20.96
CA ALA A 265 -26.29 -33.92 -19.95
C ALA A 265 -27.62 -33.48 -20.55
N ARG A 266 -27.58 -32.55 -21.52
CA ARG A 266 -28.79 -32.19 -22.24
C ARG A 266 -29.21 -33.30 -23.19
N ALA A 267 -28.25 -34.12 -23.66
CA ALA A 267 -28.57 -35.21 -24.56
C ALA A 267 -29.33 -36.32 -23.85
N VAL A 268 -28.83 -36.77 -22.69
CA VAL A 268 -29.48 -37.85 -21.95
C VAL A 268 -30.79 -37.42 -21.30
N ALA A 269 -31.08 -36.11 -21.24
CA ALA A 269 -32.35 -35.65 -20.71
C ALA A 269 -33.50 -35.86 -21.69
N ASN A 270 -33.20 -36.05 -22.97
CA ASN A 270 -34.23 -36.18 -23.99
C ASN A 270 -34.21 -37.51 -24.73
N GLU A 271 -33.11 -38.26 -24.68
CA GLU A 271 -33.05 -39.57 -25.31
C GLU A 271 -33.06 -40.70 -24.30
N THR A 272 -33.09 -40.40 -23.01
CA THR A 272 -33.24 -41.42 -21.98
C THR A 272 -34.38 -41.01 -21.05
N GLY A 273 -35.57 -41.56 -21.27
CA GLY A 273 -36.73 -41.10 -20.54
C GLY A 273 -36.74 -41.58 -19.10
N ALA A 274 -36.47 -40.63 -18.20
CA ALA A 274 -36.45 -40.90 -16.77
C ALA A 274 -36.81 -39.62 -16.03
N PHE A 275 -36.95 -39.74 -14.72
CA PHE A 275 -37.30 -38.60 -13.88
C PHE A 275 -36.07 -37.73 -13.66
N PHE A 276 -35.75 -36.90 -14.65
CA PHE A 276 -34.50 -36.16 -14.65
C PHE A 276 -34.67 -34.79 -14.02
N PHE A 277 -33.65 -34.38 -13.27
CA PHE A 277 -33.53 -33.02 -12.74
C PHE A 277 -32.06 -32.63 -12.84
N LEU A 278 -31.73 -31.40 -12.42
CA LEU A 278 -30.38 -30.90 -12.61
C LEU A 278 -29.90 -30.24 -11.33
N ILE A 279 -28.58 -30.31 -11.12
CA ILE A 279 -27.92 -29.64 -10.01
C ILE A 279 -26.89 -28.68 -10.59
N ASN A 280 -27.04 -27.40 -10.28
CA ASN A 280 -26.12 -26.36 -10.73
C ASN A 280 -24.88 -26.31 -9.84
N GLY A 281 -24.14 -25.20 -9.92
CA GLY A 281 -22.99 -24.99 -9.09
C GLY A 281 -23.42 -24.52 -7.71
N PRO A 282 -22.87 -23.40 -7.24
CA PRO A 282 -23.24 -22.92 -5.90
C PRO A 282 -24.65 -22.34 -5.80
N GLU A 283 -25.65 -23.19 -6.01
CA GLU A 283 -27.06 -22.85 -5.80
C GLU A 283 -27.61 -23.48 -4.54
N VAL A 284 -26.90 -24.45 -3.96
CA VAL A 284 -27.31 -25.10 -2.73
C VAL A 284 -26.96 -24.30 -1.48
N MET A 285 -26.28 -23.16 -1.62
CA MET A 285 -25.86 -22.37 -0.49
C MET A 285 -26.93 -21.31 -0.17
N SER A 286 -27.26 -21.17 1.11
CA SER A 286 -28.23 -20.18 1.56
C SER A 286 -27.85 -19.72 2.96
N LYS A 287 -28.57 -18.72 3.46
CA LYS A 287 -28.25 -18.09 4.75
C LYS A 287 -28.99 -18.80 5.89
N MET A 288 -28.72 -20.10 6.00
CA MET A 288 -29.32 -20.90 7.06
C MET A 288 -28.21 -21.67 7.77
N ALA A 289 -28.60 -22.56 8.68
CA ALA A 289 -27.64 -23.33 9.47
C ALA A 289 -27.79 -24.80 9.12
N GLY A 290 -26.92 -25.29 8.23
CA GLY A 290 -26.91 -26.69 7.88
C GLY A 290 -27.88 -27.06 6.76
N GLU A 291 -28.47 -26.04 6.13
CA GLU A 291 -29.39 -26.27 5.03
C GLU A 291 -28.61 -26.55 3.74
N SER A 292 -27.35 -26.09 3.71
CA SER A 292 -26.49 -26.30 2.54
C SER A 292 -26.15 -27.76 2.32
N GLU A 293 -26.03 -28.54 3.40
CA GLU A 293 -25.84 -29.97 3.29
C GLU A 293 -27.14 -30.76 3.26
N SER A 294 -28.27 -30.08 3.36
CA SER A 294 -29.58 -30.73 3.42
C SER A 294 -30.36 -30.65 2.11
N ASN A 295 -30.25 -29.54 1.37
CA ASN A 295 -31.01 -29.39 0.14
C ASN A 295 -30.44 -30.24 -1.00
N LEU A 296 -29.15 -30.58 -0.97
CA LEU A 296 -28.63 -31.59 -1.88
C LEU A 296 -28.92 -33.00 -1.38
N ARG A 297 -29.13 -33.17 -0.07
CA ARG A 297 -29.57 -34.46 0.45
C ARG A 297 -31.02 -34.74 0.04
N LYS A 298 -31.88 -33.71 0.10
CA LYS A 298 -33.25 -33.86 -0.35
C LYS A 298 -33.35 -33.84 -1.87
N ALA A 299 -32.30 -33.42 -2.58
CA ALA A 299 -32.29 -33.53 -4.02
C ALA A 299 -32.02 -34.97 -4.46
N PHE A 300 -31.10 -35.66 -3.79
CA PHE A 300 -30.87 -37.08 -4.03
C PHE A 300 -32.04 -37.93 -3.61
N GLU A 301 -32.70 -37.60 -2.49
CA GLU A 301 -33.90 -38.29 -2.08
C GLU A 301 -35.08 -38.03 -3.00
N GLU A 302 -35.08 -36.89 -3.71
CA GLU A 302 -36.09 -36.63 -4.72
C GLU A 302 -35.91 -37.53 -5.94
N ALA A 303 -34.67 -37.89 -6.24
CA ALA A 303 -34.41 -38.77 -7.37
C ALA A 303 -34.72 -40.23 -7.06
N GLU A 304 -34.71 -40.60 -5.78
CA GLU A 304 -34.91 -42.01 -5.43
C GLU A 304 -36.36 -42.34 -5.11
N LYS A 305 -37.15 -41.34 -4.71
CA LYS A 305 -38.57 -41.59 -4.48
C LYS A 305 -39.35 -41.69 -5.79
N ASN A 306 -38.77 -41.26 -6.91
CA ASN A 306 -39.30 -41.52 -8.24
C ASN A 306 -38.40 -42.45 -9.04
N ALA A 307 -37.86 -43.48 -8.39
CA ALA A 307 -36.95 -44.40 -9.06
C ALA A 307 -37.71 -45.26 -10.06
N PRO A 308 -37.12 -45.56 -11.24
CA PRO A 308 -35.78 -45.18 -11.71
C PRO A 308 -35.66 -43.74 -12.24
N ALA A 309 -34.52 -43.13 -11.99
CA ALA A 309 -34.28 -41.74 -12.40
C ALA A 309 -32.80 -41.59 -12.75
N ILE A 310 -32.44 -40.41 -13.24
CA ILE A 310 -31.07 -40.11 -13.64
C ILE A 310 -30.72 -38.72 -13.12
N ILE A 311 -29.53 -38.60 -12.53
CA ILE A 311 -29.15 -37.39 -11.80
C ILE A 311 -27.87 -36.81 -12.42
N PHE A 312 -27.84 -35.48 -12.57
CA PHE A 312 -26.69 -34.78 -13.15
C PHE A 312 -26.31 -33.62 -12.25
N ILE A 313 -25.04 -33.57 -11.86
CA ILE A 313 -24.48 -32.45 -11.08
C ILE A 313 -23.45 -31.74 -11.95
N ASP A 314 -23.42 -30.42 -11.90
CA ASP A 314 -22.58 -29.61 -12.78
C ASP A 314 -21.58 -28.79 -11.98
N GLU A 315 -20.35 -28.73 -12.51
CA GLU A 315 -19.28 -27.82 -12.08
C GLU A 315 -18.92 -28.04 -10.60
N ILE A 316 -18.35 -29.22 -10.33
CA ILE A 316 -17.96 -29.56 -8.95
C ILE A 316 -16.55 -29.01 -8.75
N ASP A 317 -16.48 -27.69 -8.53
CA ASP A 317 -15.31 -26.98 -8.05
C ASP A 317 -15.71 -26.22 -6.80
N SER A 318 -16.93 -25.70 -6.81
CA SER A 318 -17.52 -25.07 -5.64
C SER A 318 -18.24 -26.07 -4.74
N ILE A 319 -18.67 -27.20 -5.29
CA ILE A 319 -19.38 -28.20 -4.50
C ILE A 319 -18.40 -29.15 -3.85
N ALA A 320 -17.39 -29.62 -4.59
CA ALA A 320 -16.42 -30.57 -4.08
C ALA A 320 -15.00 -30.11 -4.40
N PRO A 321 -14.44 -29.22 -3.57
CA PRO A 321 -13.02 -28.89 -3.72
C PRO A 321 -12.14 -29.83 -2.91
N LYS A 322 -10.83 -29.60 -2.92
CA LYS A 322 -9.94 -30.41 -2.09
C LYS A 322 -10.07 -30.00 -0.63
N ARG A 323 -9.91 -30.99 0.26
CA ARG A 323 -10.09 -30.77 1.68
C ARG A 323 -8.94 -30.01 2.32
N ASP A 324 -7.78 -29.92 1.67
CA ASP A 324 -6.64 -29.23 2.23
C ASP A 324 -6.58 -27.75 1.86
N LYS A 325 -7.40 -27.32 0.89
CA LYS A 325 -7.40 -25.92 0.50
C LYS A 325 -8.39 -25.10 1.32
N THR A 326 -9.48 -25.71 1.76
CA THR A 326 -10.46 -25.02 2.59
C THR A 326 -9.93 -24.88 4.02
N ASN A 327 -10.35 -23.80 4.69
CA ASN A 327 -9.87 -23.51 6.04
C ASN A 327 -11.05 -23.14 6.94
N GLY A 328 -11.68 -24.16 7.52
CA GLY A 328 -12.61 -23.98 8.62
C GLY A 328 -13.96 -23.36 8.29
N GLU A 329 -14.40 -23.43 7.03
CA GLU A 329 -15.71 -22.92 6.65
C GLU A 329 -16.66 -24.06 6.35
N VAL A 330 -17.86 -23.73 5.89
CA VAL A 330 -18.87 -24.74 5.58
C VAL A 330 -18.62 -25.45 4.25
N GLU A 331 -17.67 -24.98 3.44
CA GLU A 331 -17.39 -25.62 2.17
C GLU A 331 -16.68 -26.96 2.33
N ARG A 332 -15.98 -27.18 3.44
CA ARG A 332 -15.31 -28.47 3.66
C ARG A 332 -16.27 -29.55 4.14
N ARG A 333 -17.51 -29.19 4.51
CA ARG A 333 -18.50 -30.17 4.90
C ARG A 333 -19.43 -30.57 3.76
N VAL A 334 -19.53 -29.74 2.72
CA VAL A 334 -20.35 -30.10 1.56
C VAL A 334 -19.66 -31.17 0.74
N VAL A 335 -18.33 -31.10 0.63
CA VAL A 335 -17.58 -32.16 -0.04
C VAL A 335 -17.61 -33.45 0.79
N SER A 336 -17.71 -33.32 2.11
CA SER A 336 -17.88 -34.49 2.97
C SER A 336 -19.30 -35.02 2.93
N GLN A 337 -20.29 -34.17 2.66
CA GLN A 337 -21.67 -34.62 2.56
C GLN A 337 -21.92 -35.38 1.27
N LEU A 338 -21.35 -34.91 0.16
CA LEU A 338 -21.47 -35.63 -1.11
C LEU A 338 -20.65 -36.91 -1.12
N LEU A 339 -19.60 -36.99 -0.30
CA LEU A 339 -18.80 -38.21 -0.24
C LEU A 339 -19.53 -39.33 0.49
N THR A 340 -20.40 -39.00 1.43
CA THR A 340 -21.10 -40.04 2.19
C THR A 340 -22.33 -40.53 1.46
N LEU A 341 -23.10 -39.63 0.85
CA LEU A 341 -24.38 -39.97 0.24
C LEU A 341 -24.21 -40.64 -1.12
N MET A 342 -23.03 -40.57 -1.73
CA MET A 342 -22.85 -41.15 -3.05
C MET A 342 -22.69 -42.67 -2.98
N ASP A 343 -22.02 -43.16 -1.94
CA ASP A 343 -21.74 -44.58 -1.81
C ASP A 343 -22.57 -45.27 -0.73
N GLY A 344 -23.18 -44.50 0.18
CA GLY A 344 -24.00 -45.11 1.21
C GLY A 344 -25.38 -45.50 0.68
N MET A 345 -25.82 -44.85 -0.39
CA MET A 345 -27.12 -45.09 -0.99
C MET A 345 -27.01 -46.28 -1.94
N LYS A 346 -27.34 -47.47 -1.43
CA LYS A 346 -27.18 -48.71 -2.21
C LYS A 346 -28.48 -49.52 -2.16
N ALA A 347 -29.47 -49.05 -2.91
CA ALA A 347 -30.70 -49.81 -3.15
C ALA A 347 -30.63 -50.43 -4.54
N ARG A 348 -31.74 -51.01 -4.99
CA ARG A 348 -31.79 -51.66 -6.30
C ARG A 348 -32.34 -50.68 -7.34
N SER A 349 -31.72 -50.69 -8.52
CA SER A 349 -32.01 -49.79 -9.64
C SER A 349 -31.91 -48.33 -9.22
N ASN A 350 -30.70 -47.94 -8.83
CA ASN A 350 -30.45 -46.61 -8.28
C ASN A 350 -30.28 -45.59 -9.39
N VAL A 351 -29.88 -44.38 -9.01
CA VAL A 351 -29.62 -43.32 -9.95
C VAL A 351 -28.13 -43.29 -10.27
N VAL A 352 -27.79 -42.82 -11.47
CA VAL A 352 -26.41 -42.71 -11.92
C VAL A 352 -26.05 -41.24 -12.01
N VAL A 353 -24.94 -40.86 -11.40
CA VAL A 353 -24.53 -39.46 -11.34
C VAL A 353 -23.67 -39.15 -12.55
N ILE A 354 -23.72 -37.90 -13.01
CA ILE A 354 -22.91 -37.41 -14.12
C ILE A 354 -22.26 -36.10 -13.69
N ALA A 355 -20.93 -36.03 -13.83
CA ALA A 355 -20.18 -34.83 -13.52
C ALA A 355 -19.49 -34.34 -14.79
N ALA A 356 -19.72 -33.08 -15.14
CA ALA A 356 -19.15 -32.45 -16.34
C ALA A 356 -18.43 -31.19 -15.90
N THR A 357 -17.15 -31.34 -15.54
CA THR A 357 -16.40 -30.28 -14.89
C THR A 357 -14.97 -30.29 -15.42
N ASN A 358 -14.44 -29.10 -15.72
CA ASN A 358 -13.04 -28.97 -16.10
C ASN A 358 -12.15 -29.05 -14.87
N ARG A 359 -10.83 -28.97 -15.12
CA ARG A 359 -9.74 -29.07 -14.15
C ARG A 359 -9.83 -30.33 -13.30
N PRO A 360 -9.53 -31.51 -13.85
CA PRO A 360 -9.69 -32.75 -13.07
C PRO A 360 -8.62 -32.97 -12.01
N ASN A 361 -7.50 -32.23 -12.06
CA ASN A 361 -6.44 -32.40 -11.07
C ASN A 361 -6.74 -31.69 -9.75
N SER A 362 -7.73 -30.80 -9.72
CA SER A 362 -8.10 -30.09 -8.51
C SER A 362 -9.20 -30.79 -7.72
N ILE A 363 -9.48 -32.05 -8.03
CA ILE A 363 -10.51 -32.82 -7.36
C ILE A 363 -9.86 -33.64 -6.26
N ASP A 364 -10.55 -33.76 -5.13
CA ASP A 364 -10.07 -34.57 -4.01
C ASP A 364 -10.04 -36.04 -4.43
N PRO A 365 -8.94 -36.76 -4.19
CA PRO A 365 -8.86 -38.17 -4.61
C PRO A 365 -9.73 -39.13 -3.81
N ALA A 366 -10.39 -38.67 -2.74
CA ALA A 366 -11.36 -39.49 -2.03
C ALA A 366 -12.65 -39.70 -2.83
N LEU A 367 -12.91 -38.88 -3.85
CA LEU A 367 -14.07 -39.01 -4.71
C LEU A 367 -13.88 -40.02 -5.84
N ARG A 368 -12.82 -40.84 -5.79
CA ARG A 368 -12.55 -41.82 -6.84
C ARG A 368 -12.14 -43.17 -6.24
N ARG A 369 -12.53 -43.44 -4.99
CA ARG A 369 -12.07 -44.63 -4.29
C ARG A 369 -12.58 -45.93 -4.91
N PHE A 370 -13.87 -46.24 -4.76
CA PHE A 370 -14.45 -47.35 -5.50
C PHE A 370 -15.80 -47.03 -6.09
N GLY A 371 -16.63 -46.28 -5.37
CA GLY A 371 -18.05 -46.20 -5.67
C GLY A 371 -18.59 -44.83 -5.97
N ARG A 372 -17.78 -43.79 -5.76
CA ARG A 372 -18.23 -42.44 -6.09
C ARG A 372 -18.27 -42.24 -7.60
N PHE A 373 -17.11 -42.34 -8.25
CA PHE A 373 -17.03 -42.60 -9.69
C PHE A 373 -15.68 -43.23 -9.98
N ASP A 374 -15.69 -44.38 -10.64
CA ASP A 374 -14.47 -45.07 -11.07
C ASP A 374 -14.40 -45.21 -12.58
N ARG A 375 -15.31 -44.55 -13.30
CA ARG A 375 -15.45 -44.67 -14.74
C ARG A 375 -15.33 -43.30 -15.40
N GLU A 376 -14.31 -42.54 -14.98
CA GLU A 376 -14.11 -41.20 -15.53
C GLU A 376 -13.62 -41.28 -16.97
N VAL A 377 -14.15 -40.42 -17.82
CA VAL A 377 -13.87 -40.43 -19.25
C VAL A 377 -13.38 -39.06 -19.67
N ASP A 378 -12.61 -39.03 -20.76
CA ASP A 378 -12.08 -37.81 -21.33
C ASP A 378 -12.77 -37.55 -22.67
N ILE A 379 -13.40 -36.38 -22.79
CA ILE A 379 -13.97 -35.94 -24.06
C ILE A 379 -12.82 -35.27 -24.82
N GLY A 380 -12.20 -36.03 -25.72
CA GLY A 380 -10.99 -35.57 -26.36
C GLY A 380 -11.23 -34.52 -27.42
N ILE A 381 -10.15 -33.82 -27.76
CA ILE A 381 -10.17 -32.76 -28.76
C ILE A 381 -10.13 -33.40 -30.14
N PRO A 382 -11.07 -33.10 -31.03
CA PRO A 382 -11.05 -33.66 -32.39
C PRO A 382 -9.95 -33.01 -33.22
N ASP A 383 -9.05 -33.84 -33.76
CA ASP A 383 -7.92 -33.34 -34.53
C ASP A 383 -8.16 -33.45 -36.03
N ALA A 384 -8.55 -34.64 -36.50
CA ALA A 384 -8.76 -34.87 -37.92
C ALA A 384 -9.94 -35.80 -38.11
N THR A 385 -10.82 -35.45 -39.07
CA THR A 385 -12.05 -36.14 -39.43
C THR A 385 -13.05 -36.26 -38.27
N GLY A 386 -12.89 -35.46 -37.22
CA GLY A 386 -13.87 -35.40 -36.14
C GLY A 386 -14.58 -34.06 -36.20
N ARG A 387 -13.83 -33.02 -36.57
CA ARG A 387 -14.42 -31.70 -36.78
C ARG A 387 -15.23 -31.64 -38.06
N LEU A 388 -15.02 -32.57 -38.99
CA LEU A 388 -15.89 -32.68 -40.16
C LEU A 388 -17.28 -33.16 -39.76
N GLU A 389 -17.35 -34.08 -38.80
CA GLU A 389 -18.65 -34.52 -38.28
C GLU A 389 -19.30 -33.44 -37.42
N VAL A 390 -18.52 -32.51 -36.89
CA VAL A 390 -19.10 -31.33 -36.23
C VAL A 390 -19.77 -30.44 -37.26
N LEU A 391 -19.11 -30.21 -38.39
CA LEU A 391 -19.62 -29.29 -39.41
C LEU A 391 -20.77 -29.87 -40.20
N ARG A 392 -20.93 -31.21 -40.20
CA ARG A 392 -22.09 -31.80 -40.86
C ARG A 392 -23.36 -31.61 -40.04
N ILE A 393 -23.23 -31.46 -38.73
CA ILE A 393 -24.40 -31.34 -37.85
C ILE A 393 -24.77 -29.88 -37.62
N HIS A 394 -23.78 -29.01 -37.40
CA HIS A 394 -24.07 -27.62 -37.07
C HIS A 394 -24.60 -26.85 -38.28
N THR A 395 -24.28 -27.28 -39.48
CA THR A 395 -24.81 -26.67 -40.70
C THR A 395 -25.97 -27.46 -41.30
N LYS A 396 -26.56 -28.39 -40.54
CA LYS A 396 -27.71 -29.12 -41.04
C LYS A 396 -28.98 -28.30 -40.92
N ASN A 397 -29.11 -27.53 -39.85
CA ASN A 397 -30.27 -26.65 -39.70
C ASN A 397 -30.19 -25.45 -40.63
N MET A 398 -28.98 -25.02 -40.97
CA MET A 398 -28.80 -23.91 -41.90
C MET A 398 -28.89 -24.42 -43.34
N LYS A 399 -29.40 -23.55 -44.21
CA LYS A 399 -29.52 -23.85 -45.63
C LYS A 399 -28.32 -23.21 -46.33
N LEU A 400 -27.29 -24.02 -46.57
CA LEU A 400 -26.07 -23.51 -47.16
C LEU A 400 -26.24 -23.29 -48.66
N ALA A 401 -25.56 -22.29 -49.18
CA ALA A 401 -25.53 -22.09 -50.63
C ALA A 401 -24.59 -23.10 -51.26
N ASP A 402 -24.67 -23.21 -52.58
CA ASP A 402 -23.91 -24.22 -53.32
C ASP A 402 -22.53 -23.70 -53.72
N ASP A 403 -21.76 -23.29 -52.71
CA ASP A 403 -20.40 -22.82 -52.93
C ASP A 403 -19.39 -23.34 -51.91
N VAL A 404 -19.81 -23.81 -50.75
CA VAL A 404 -18.87 -24.16 -49.69
C VAL A 404 -18.32 -25.57 -49.91
N ASP A 405 -17.15 -25.81 -49.33
CA ASP A 405 -16.52 -27.13 -49.33
C ASP A 405 -16.30 -27.48 -47.86
N LEU A 406 -17.12 -28.41 -47.35
CA LEU A 406 -17.05 -28.75 -45.93
C LEU A 406 -15.81 -29.55 -45.57
N GLU A 407 -15.21 -30.25 -46.54
CA GLU A 407 -13.96 -30.95 -46.27
C GLU A 407 -12.79 -29.97 -46.23
N ALA A 408 -12.87 -28.87 -46.99
CA ALA A 408 -11.78 -27.89 -47.01
C ALA A 408 -11.77 -27.00 -45.78
N LEU A 409 -12.91 -26.81 -45.13
CA LEU A 409 -12.95 -26.01 -43.91
C LEU A 409 -12.31 -26.74 -42.74
N ALA A 410 -12.34 -28.07 -42.77
CA ALA A 410 -11.75 -28.86 -41.69
C ALA A 410 -10.31 -29.25 -41.97
N ALA A 411 -9.89 -29.25 -43.24
CA ALA A 411 -8.52 -29.65 -43.59
C ALA A 411 -7.54 -28.49 -43.56
N GLU A 412 -8.01 -27.25 -43.67
CA GLU A 412 -7.11 -26.10 -43.62
C GLU A 412 -6.62 -25.86 -42.19
N THR A 413 -7.55 -25.58 -41.27
CA THR A 413 -7.20 -25.48 -39.86
C THR A 413 -7.01 -26.88 -39.28
N HIS A 414 -6.35 -26.94 -38.13
CA HIS A 414 -6.03 -28.24 -37.54
C HIS A 414 -6.46 -28.32 -36.08
N GLY A 415 -6.47 -27.20 -35.38
CA GLY A 415 -6.84 -27.23 -33.98
C GLY A 415 -7.99 -26.35 -33.58
N TYR A 416 -9.12 -26.97 -33.27
CA TYR A 416 -10.31 -26.32 -32.73
C TYR A 416 -10.72 -27.03 -31.45
N VAL A 417 -11.82 -26.56 -30.86
CA VAL A 417 -12.36 -27.15 -29.64
C VAL A 417 -13.81 -27.60 -29.80
N GLY A 418 -14.40 -27.44 -30.98
CA GLY A 418 -15.78 -27.82 -31.19
C GLY A 418 -16.73 -26.66 -30.97
N ALA A 419 -16.59 -25.97 -29.83
CA ALA A 419 -17.43 -24.81 -29.56
C ALA A 419 -17.04 -23.61 -30.42
N ASP A 420 -15.77 -23.50 -30.78
CA ASP A 420 -15.34 -22.43 -31.68
C ASP A 420 -15.68 -22.72 -33.13
N ILE A 421 -16.03 -23.97 -33.46
CA ILE A 421 -16.58 -24.27 -34.77
C ILE A 421 -17.96 -23.64 -34.92
N ALA A 422 -18.74 -23.63 -33.83
CA ALA A 422 -19.98 -22.86 -33.82
C ALA A 422 -19.73 -21.36 -33.87
N SER A 423 -18.58 -20.91 -33.35
CA SER A 423 -18.20 -19.52 -33.49
C SER A 423 -17.74 -19.20 -34.91
N LEU A 424 -17.33 -20.21 -35.67
CA LEU A 424 -16.94 -19.97 -37.06
C LEU A 424 -18.15 -19.75 -37.95
N CYS A 425 -19.21 -20.53 -37.74
CA CYS A 425 -20.41 -20.41 -38.56
C CYS A 425 -21.25 -19.20 -38.18
N SER A 426 -21.11 -18.67 -36.97
CA SER A 426 -21.89 -17.49 -36.59
C SER A 426 -21.35 -16.23 -37.24
N GLU A 427 -20.03 -16.06 -37.24
CA GLU A 427 -19.43 -14.90 -37.89
C GLU A 427 -19.49 -15.01 -39.41
N ALA A 428 -19.52 -16.23 -39.95
CA ALA A 428 -19.70 -16.40 -41.39
C ALA A 428 -21.14 -16.13 -41.80
N ALA A 429 -22.10 -16.39 -40.91
CA ALA A 429 -23.50 -16.07 -41.21
C ALA A 429 -23.76 -14.57 -41.14
N MET A 430 -23.10 -13.88 -40.22
CA MET A 430 -23.32 -12.44 -40.06
C MET A 430 -22.67 -11.64 -41.18
N GLN A 431 -21.52 -12.10 -41.70
CA GLN A 431 -20.84 -11.36 -42.75
C GLN A 431 -21.57 -11.43 -44.08
N GLN A 432 -22.33 -12.51 -44.31
CA GLN A 432 -23.14 -12.58 -45.52
C GLN A 432 -24.36 -11.69 -45.41
N ILE A 433 -24.91 -11.56 -44.20
CA ILE A 433 -26.04 -10.64 -43.98
C ILE A 433 -25.55 -9.20 -44.03
N ARG A 434 -24.36 -8.93 -43.48
CA ARG A 434 -23.81 -7.59 -43.48
C ARG A 434 -23.38 -7.15 -44.87
N GLU A 435 -22.97 -8.09 -45.72
CA GLU A 435 -22.65 -7.74 -47.10
C GLU A 435 -23.93 -7.48 -47.90
N LYS A 436 -24.99 -8.24 -47.63
CA LYS A 436 -26.28 -8.06 -48.29
C LYS A 436 -27.23 -7.21 -47.46
N MET A 437 -26.68 -6.28 -46.68
CA MET A 437 -27.50 -5.40 -45.82
C MET A 437 -27.88 -4.15 -46.61
N ASP A 438 -28.96 -4.26 -47.37
CA ASP A 438 -29.55 -3.13 -48.07
C ASP A 438 -30.66 -2.56 -47.20
N LEU A 439 -30.36 -1.45 -46.52
CA LEU A 439 -31.27 -0.84 -45.55
C LEU A 439 -31.93 0.37 -46.20
N ILE A 440 -33.04 0.13 -46.88
CA ILE A 440 -33.87 1.19 -47.46
C ILE A 440 -35.12 1.42 -46.62
N ASP A 441 -35.82 0.35 -46.27
CA ASP A 441 -37.04 0.43 -45.47
C ASP A 441 -36.67 0.09 -44.02
N LEU A 442 -36.45 1.12 -43.21
CA LEU A 442 -36.07 0.90 -41.82
C LEU A 442 -37.28 0.61 -40.95
N ASP A 443 -38.42 1.24 -41.24
CA ASP A 443 -39.62 0.99 -40.44
C ASP A 443 -40.28 -0.33 -40.79
N GLU A 444 -40.23 -0.73 -42.07
CA GLU A 444 -40.85 -1.99 -42.48
C GLU A 444 -39.99 -3.19 -42.11
N ASP A 445 -38.67 -2.97 -41.99
CA ASP A 445 -37.58 -3.88 -41.58
C ASP A 445 -37.74 -5.33 -42.04
N GLU A 446 -37.85 -5.54 -43.35
CA GLU A 446 -37.91 -6.87 -43.94
C GLU A 446 -37.08 -6.86 -45.20
N ILE A 447 -36.05 -7.71 -45.25
CA ILE A 447 -35.09 -7.73 -46.34
C ILE A 447 -35.46 -8.88 -47.27
N ASP A 448 -36.14 -8.57 -48.37
CA ASP A 448 -36.51 -9.57 -49.37
C ASP A 448 -35.85 -9.30 -50.72
N ALA A 449 -36.12 -8.12 -51.30
CA ALA A 449 -35.58 -7.53 -52.52
C ALA A 449 -36.03 -8.23 -53.81
N GLU A 450 -36.58 -9.43 -53.73
CA GLU A 450 -37.46 -9.93 -54.78
C GLU A 450 -38.67 -10.65 -54.20
N VAL A 451 -38.46 -11.41 -53.12
CA VAL A 451 -39.42 -12.36 -52.58
C VAL A 451 -38.93 -12.79 -51.21
N LEU A 452 -39.83 -13.37 -50.40
CA LEU A 452 -39.43 -14.00 -49.15
C LEU A 452 -38.49 -15.16 -49.45
N ASP A 453 -37.19 -14.98 -49.18
CA ASP A 453 -36.17 -15.89 -49.67
C ASP A 453 -35.12 -16.11 -48.59
N SER A 454 -34.15 -16.95 -48.90
CA SER A 454 -33.00 -17.22 -48.05
C SER A 454 -31.73 -16.86 -48.80
N LEU A 455 -30.83 -16.13 -48.14
CA LEU A 455 -29.59 -15.72 -48.76
C LEU A 455 -28.50 -16.77 -48.69
N GLY A 456 -28.44 -17.54 -47.60
CA GLY A 456 -27.41 -18.54 -47.43
C GLY A 456 -26.07 -17.92 -47.10
N VAL A 457 -25.03 -18.75 -47.21
CA VAL A 457 -23.65 -18.33 -46.99
C VAL A 457 -22.78 -18.93 -48.08
N THR A 458 -21.81 -18.16 -48.57
CA THR A 458 -20.94 -18.62 -49.63
C THR A 458 -19.61 -19.11 -49.08
N MET A 459 -18.70 -19.49 -49.98
CA MET A 459 -17.37 -19.93 -49.57
C MET A 459 -16.53 -18.77 -49.09
N ASP A 460 -16.75 -17.57 -49.65
CA ASP A 460 -15.95 -16.40 -49.27
C ASP A 460 -16.27 -15.91 -47.87
N ASN A 461 -17.47 -16.18 -47.36
CA ASN A 461 -17.81 -15.78 -46.00
C ASN A 461 -17.11 -16.64 -44.97
N PHE A 462 -16.88 -17.92 -45.27
CA PHE A 462 -16.12 -18.77 -44.37
C PHE A 462 -14.63 -18.46 -44.41
N ARG A 463 -14.14 -17.91 -45.52
CA ARG A 463 -12.74 -17.51 -45.59
C ARG A 463 -12.50 -16.23 -44.79
N PHE A 464 -13.51 -15.38 -44.65
CA PHE A 464 -13.37 -14.20 -43.81
C PHE A 464 -13.35 -14.56 -42.34
N ALA A 465 -14.21 -15.49 -41.93
CA ALA A 465 -14.22 -15.96 -40.55
C ALA A 465 -13.00 -16.81 -40.22
N LEU A 466 -12.37 -17.42 -41.23
CA LEU A 466 -11.14 -18.17 -41.02
C LEU A 466 -9.95 -17.25 -40.73
N GLY A 467 -10.02 -15.99 -41.14
CA GLY A 467 -8.98 -15.03 -40.85
C GLY A 467 -8.96 -14.65 -39.37
N ASN A 468 -10.08 -14.16 -38.88
CA ASN A 468 -10.23 -13.87 -37.45
C ASN A 468 -10.90 -15.04 -36.74
N SER A 469 -10.21 -16.18 -36.76
CA SER A 469 -10.72 -17.38 -36.11
C SER A 469 -10.66 -17.24 -34.60
N ASN A 470 -9.44 -17.01 -34.05
CA ASN A 470 -9.13 -16.77 -32.64
C ASN A 470 -9.69 -17.86 -31.72
N PRO A 471 -9.08 -19.03 -31.67
CA PRO A 471 -9.60 -20.10 -30.81
C PRO A 471 -9.45 -19.76 -29.32
N SER A 472 -10.22 -20.47 -28.51
CA SER A 472 -10.29 -20.18 -27.08
C SER A 472 -9.04 -20.60 -26.32
N ALA A 473 -8.18 -21.43 -26.93
CA ALA A 473 -6.95 -21.85 -26.25
C ALA A 473 -5.91 -20.73 -26.23
N LEU A 474 -5.93 -19.85 -27.22
CA LEU A 474 -4.93 -18.79 -27.35
C LEU A 474 -5.59 -17.44 -27.56
N ARG A 475 -6.75 -17.24 -26.91
CA ARG A 475 -7.42 -15.95 -26.97
C ARG A 475 -6.64 -14.88 -26.22
N GLU A 476 -5.95 -15.26 -25.15
CA GLU A 476 -5.04 -14.36 -24.45
C GLU A 476 -3.66 -14.30 -25.07
N THR A 477 -3.40 -15.07 -26.13
CA THR A 477 -2.10 -15.09 -26.76
C THR A 477 -2.28 -14.83 -28.26
N VAL A 478 -3.04 -13.80 -28.59
CA VAL A 478 -3.26 -13.40 -29.98
C VAL A 478 -2.08 -12.55 -30.43
N VAL A 479 -1.62 -12.78 -31.66
CA VAL A 479 -0.49 -12.07 -32.20
C VAL A 479 -0.98 -10.89 -33.02
N GLU A 480 -0.11 -9.90 -33.20
CA GLU A 480 -0.43 -8.75 -34.05
C GLU A 480 -0.37 -9.17 -35.52
N SER A 481 -1.50 -9.06 -36.21
CA SER A 481 -1.62 -9.55 -37.59
C SER A 481 -0.91 -8.58 -38.54
N VAL A 482 0.38 -8.82 -38.73
CA VAL A 482 1.16 -8.09 -39.72
C VAL A 482 1.17 -8.90 -41.02
N ASN A 483 0.91 -8.21 -42.14
CA ASN A 483 0.71 -8.89 -43.41
C ASN A 483 2.04 -9.35 -44.00
N VAL A 484 2.10 -10.62 -44.39
CA VAL A 484 3.23 -11.20 -45.10
C VAL A 484 2.70 -12.01 -46.27
N THR A 485 3.47 -12.03 -47.36
CA THR A 485 3.07 -12.74 -48.57
C THR A 485 4.23 -13.54 -49.17
N TRP A 486 5.13 -14.03 -48.30
CA TRP A 486 6.32 -14.83 -48.67
C TRP A 486 7.24 -14.11 -49.65
N ASP A 487 7.27 -12.78 -49.62
CA ASP A 487 8.14 -12.03 -50.52
C ASP A 487 8.84 -10.87 -49.83
N ASP A 488 8.69 -10.71 -48.52
CA ASP A 488 9.45 -9.71 -47.79
C ASP A 488 10.91 -10.12 -47.64
N VAL A 489 11.20 -11.41 -47.73
CA VAL A 489 12.57 -11.92 -47.73
C VAL A 489 12.93 -12.35 -49.15
N GLY A 490 14.04 -11.83 -49.66
CA GLY A 490 14.46 -12.14 -51.02
C GLY A 490 15.75 -12.90 -51.13
N GLY A 491 16.68 -12.66 -50.20
CA GLY A 491 18.01 -13.26 -50.30
C GLY A 491 18.06 -14.72 -49.93
N LEU A 492 17.05 -15.23 -49.22
CA LEU A 492 17.04 -16.60 -48.74
C LEU A 492 16.13 -17.42 -49.66
N ASP A 493 16.74 -18.28 -50.47
CA ASP A 493 16.03 -19.06 -51.47
C ASP A 493 16.08 -20.56 -51.23
N GLU A 494 17.05 -21.04 -50.45
CA GLU A 494 17.10 -22.46 -50.12
C GLU A 494 16.78 -22.75 -48.67
N ILE A 495 16.85 -21.74 -47.79
CA ILE A 495 16.52 -21.94 -46.38
C ILE A 495 15.06 -21.60 -46.08
N LYS A 496 14.36 -20.92 -46.99
CA LYS A 496 12.96 -20.62 -46.78
C LYS A 496 12.07 -21.80 -47.16
N GLU A 497 12.35 -22.44 -48.29
CA GLU A 497 11.60 -23.61 -48.70
C GLU A 497 11.95 -24.84 -47.87
N GLU A 498 13.16 -24.90 -47.30
CA GLU A 498 13.47 -25.94 -46.34
C GLU A 498 12.72 -25.72 -45.03
N LEU A 499 12.41 -24.47 -44.70
CA LEU A 499 11.60 -24.18 -43.52
C LEU A 499 10.15 -24.58 -43.73
N LYS A 500 9.64 -24.45 -44.96
CA LYS A 500 8.23 -24.74 -45.21
C LYS A 500 7.95 -26.23 -45.31
N GLU A 501 8.91 -27.02 -45.77
CA GLU A 501 8.67 -28.46 -45.91
C GLU A 501 8.73 -29.19 -44.58
N THR A 502 9.50 -28.68 -43.61
CA THR A 502 9.60 -29.31 -42.31
C THR A 502 8.46 -28.92 -41.37
N VAL A 503 7.63 -27.96 -41.76
CA VAL A 503 6.47 -27.56 -40.96
C VAL A 503 5.15 -27.90 -41.63
N GLU A 504 5.17 -28.39 -42.86
CA GLU A 504 3.94 -28.76 -43.56
C GLU A 504 3.74 -30.26 -43.67
N TYR A 505 4.81 -31.02 -43.96
CA TYR A 505 4.78 -32.47 -44.14
C TYR A 505 4.21 -33.29 -42.96
N PRO A 506 4.47 -32.95 -41.68
CA PRO A 506 3.75 -33.69 -40.63
C PRO A 506 2.31 -33.24 -40.42
N VAL A 507 1.91 -32.07 -40.91
CA VAL A 507 0.57 -31.53 -40.63
C VAL A 507 -0.34 -31.58 -41.85
N LEU A 508 0.21 -31.47 -43.07
CA LEU A 508 -0.64 -31.50 -44.25
C LEU A 508 -0.91 -32.93 -44.71
N HIS A 509 0.11 -33.80 -44.64
CA HIS A 509 -0.02 -35.21 -45.00
C HIS A 509 0.48 -36.05 -43.83
N PRO A 510 -0.37 -36.28 -42.81
CA PRO A 510 0.02 -37.11 -41.66
C PRO A 510 -0.26 -38.60 -41.88
N ASP A 511 0.17 -39.13 -43.03
CA ASP A 511 -0.07 -40.52 -43.36
C ASP A 511 1.24 -41.21 -43.72
N GLN A 512 2.17 -40.47 -44.32
CA GLN A 512 3.47 -41.03 -44.67
C GLN A 512 4.36 -41.22 -43.45
N TYR A 513 4.20 -40.39 -42.42
CA TYR A 513 4.97 -40.57 -41.19
C TYR A 513 4.45 -41.76 -40.39
N THR A 514 3.15 -42.04 -40.47
CA THR A 514 2.58 -43.22 -39.84
C THR A 514 2.92 -44.50 -40.60
N LYS A 515 3.03 -44.42 -41.93
CA LYS A 515 3.39 -45.58 -42.73
C LYS A 515 4.84 -45.99 -42.51
N PHE A 516 5.75 -45.02 -42.47
CA PHE A 516 7.15 -45.32 -42.16
C PHE A 516 7.36 -45.65 -40.69
N GLY A 517 6.51 -45.13 -39.80
CA GLY A 517 6.66 -45.38 -38.38
C GLY A 517 7.71 -44.55 -37.69
N LEU A 518 8.17 -43.46 -38.32
CA LEU A 518 9.21 -42.62 -37.76
C LEU A 518 8.61 -41.36 -37.15
N SER A 519 9.36 -40.77 -36.22
CA SER A 519 8.92 -39.54 -35.57
C SER A 519 9.12 -38.34 -36.50
N PRO A 520 8.19 -37.39 -36.49
CA PRO A 520 8.35 -36.20 -37.34
C PRO A 520 9.43 -35.28 -36.80
N SER A 521 9.92 -34.41 -37.69
CA SER A 521 10.98 -33.47 -37.38
C SER A 521 10.37 -32.19 -36.85
N LYS A 522 10.83 -31.74 -35.68
CA LYS A 522 10.34 -30.53 -35.04
C LYS A 522 11.45 -29.87 -34.25
N GLY A 523 11.51 -28.54 -34.30
CA GLY A 523 12.50 -27.81 -33.54
C GLY A 523 13.65 -27.29 -34.38
N VAL A 524 13.75 -25.97 -34.51
CA VAL A 524 14.79 -25.35 -35.32
C VAL A 524 15.27 -24.08 -34.60
N LEU A 525 16.59 -23.89 -34.60
CA LEU A 525 17.21 -22.73 -33.98
C LEU A 525 17.81 -21.84 -35.04
N PHE A 526 17.74 -20.53 -34.81
CA PHE A 526 18.30 -19.52 -35.71
C PHE A 526 19.46 -18.83 -35.01
N TYR A 527 20.60 -18.78 -35.69
CA TYR A 527 21.78 -18.13 -35.13
C TYR A 527 22.61 -17.53 -36.27
N GLY A 528 23.28 -16.44 -35.95
CA GLY A 528 24.10 -15.73 -36.92
C GLY A 528 24.32 -14.28 -36.53
N PRO A 529 24.77 -13.47 -37.47
CA PRO A 529 24.95 -12.05 -37.19
C PRO A 529 23.61 -11.35 -37.13
N PRO A 530 23.50 -10.29 -36.32
CA PRO A 530 22.21 -9.59 -36.24
C PRO A 530 21.98 -8.68 -37.44
N GLY A 531 20.72 -8.61 -37.86
CA GLY A 531 20.35 -7.76 -38.97
C GLY A 531 20.06 -8.45 -40.28
N THR A 532 20.11 -9.79 -40.32
CA THR A 532 19.81 -10.55 -41.53
C THR A 532 18.77 -11.64 -41.22
N GLY A 533 17.50 -11.23 -41.25
CA GLY A 533 16.40 -12.16 -41.09
C GLY A 533 16.31 -12.74 -39.68
N LYS A 534 15.84 -13.99 -39.63
CA LYS A 534 15.83 -14.94 -38.52
C LYS A 534 14.90 -14.57 -37.37
N THR A 535 14.32 -13.37 -37.38
CA THR A 535 13.20 -13.06 -36.49
C THR A 535 12.05 -12.55 -37.34
N LEU A 536 12.38 -11.97 -38.49
CA LEU A 536 11.35 -11.52 -39.41
C LEU A 536 10.98 -12.61 -40.40
N LEU A 537 11.75 -13.71 -40.42
CA LEU A 537 11.25 -14.95 -41.00
C LEU A 537 10.15 -15.56 -40.14
N ALA A 538 10.21 -15.35 -38.83
CA ALA A 538 9.13 -15.76 -37.95
C ALA A 538 7.90 -14.88 -38.14
N LYS A 539 8.10 -13.65 -38.63
CA LYS A 539 6.98 -12.83 -39.05
C LYS A 539 6.30 -13.42 -40.28
N ALA A 540 7.06 -14.10 -41.13
CA ALA A 540 6.50 -14.66 -42.36
C ALA A 540 5.64 -15.89 -42.09
N VAL A 541 5.84 -16.57 -40.96
CA VAL A 541 5.05 -17.76 -40.65
C VAL A 541 3.99 -17.41 -39.61
N ALA A 542 3.71 -16.12 -39.45
CA ALA A 542 2.68 -15.71 -38.49
C ALA A 542 1.28 -15.92 -39.06
N THR A 543 1.06 -15.45 -40.30
CA THR A 543 -0.25 -15.54 -40.94
C THR A 543 -0.28 -16.48 -42.13
N GLU A 544 0.87 -16.95 -42.60
CA GLU A 544 0.91 -17.74 -43.82
C GLU A 544 0.69 -19.23 -43.57
N VAL A 545 1.34 -19.79 -42.55
CA VAL A 545 1.21 -21.21 -42.28
C VAL A 545 -0.14 -21.48 -41.63
N SER A 546 -0.65 -22.71 -41.82
CA SER A 546 -1.96 -23.06 -41.27
C SER A 546 -1.93 -23.28 -39.77
N ALA A 547 -0.76 -23.52 -39.19
CA ALA A 547 -0.64 -23.68 -37.75
C ALA A 547 -0.71 -22.32 -37.06
N ASN A 548 -1.24 -22.33 -35.83
CA ASN A 548 -1.38 -21.09 -35.07
C ASN A 548 -0.03 -20.63 -34.55
N PHE A 549 0.09 -19.33 -34.32
CA PHE A 549 1.34 -18.72 -33.88
C PHE A 549 1.25 -18.30 -32.43
N ILE A 550 2.34 -18.49 -31.69
CA ILE A 550 2.49 -18.01 -30.32
C ILE A 550 3.85 -17.35 -30.22
N SER A 551 3.87 -16.08 -29.85
CA SER A 551 5.10 -15.29 -29.81
C SER A 551 5.52 -15.05 -28.36
N VAL A 552 6.83 -15.18 -28.11
CA VAL A 552 7.41 -14.87 -26.81
C VAL A 552 8.55 -13.88 -27.05
N LYS A 553 8.44 -12.70 -26.44
CA LYS A 553 9.43 -11.64 -26.61
C LYS A 553 10.49 -11.71 -25.51
N GLY A 554 11.16 -12.86 -25.44
CA GLY A 554 12.21 -13.08 -24.48
C GLY A 554 11.67 -13.28 -23.07
N PRO A 555 12.12 -12.43 -22.12
CA PRO A 555 11.64 -12.51 -20.74
C PRO A 555 10.36 -11.70 -20.50
N GLU A 556 9.35 -11.90 -21.34
CA GLU A 556 8.06 -11.27 -21.15
C GLU A 556 7.14 -12.13 -20.28
N LEU A 557 7.36 -13.43 -20.28
CA LEU A 557 6.58 -14.36 -19.47
C LEU A 557 7.22 -14.62 -18.12
N LEU A 558 8.40 -14.07 -17.87
CA LEU A 558 9.03 -14.18 -16.57
C LEU A 558 8.30 -13.29 -15.56
N SER A 559 8.08 -13.82 -14.37
CA SER A 559 7.36 -13.12 -13.32
C SER A 559 8.27 -12.93 -12.11
N MET A 560 7.82 -12.10 -11.18
CA MET A 560 8.58 -11.78 -9.98
C MET A 560 8.24 -12.69 -8.80
N TRP A 561 7.20 -13.51 -8.92
CA TRP A 561 6.81 -14.37 -7.81
C TRP A 561 7.63 -15.65 -7.81
N TYR A 562 7.40 -16.49 -6.80
CA TYR A 562 8.26 -17.65 -6.59
C TYR A 562 7.97 -18.76 -7.60
N GLY A 563 6.74 -19.27 -7.60
CA GLY A 563 6.39 -20.37 -8.48
C GLY A 563 5.64 -19.93 -9.72
N GLU A 564 5.54 -18.62 -9.94
CA GLU A 564 4.79 -18.11 -11.09
C GLU A 564 5.61 -18.09 -12.36
N SER A 565 6.93 -17.91 -12.26
CA SER A 565 7.78 -17.86 -13.45
C SER A 565 7.88 -19.24 -14.12
N GLU A 566 7.87 -20.31 -13.33
CA GLU A 566 7.86 -21.65 -13.91
C GLU A 566 6.46 -22.09 -14.29
N SER A 567 5.43 -21.44 -13.74
CA SER A 567 4.05 -21.77 -14.10
C SER A 567 3.60 -21.00 -15.34
N ASN A 568 4.19 -19.83 -15.59
CA ASN A 568 3.86 -19.09 -16.80
C ASN A 568 4.52 -19.67 -18.04
N ILE A 569 5.50 -20.56 -17.86
CA ILE A 569 6.10 -21.29 -18.98
C ILE A 569 5.51 -22.68 -19.14
N ARG A 570 4.79 -23.19 -18.14
CA ARG A 570 4.19 -24.51 -18.21
C ARG A 570 2.83 -24.50 -18.92
N ASP A 571 2.12 -23.37 -18.90
CA ASP A 571 0.76 -23.31 -19.42
C ASP A 571 0.68 -22.80 -20.85
N ILE A 572 1.68 -22.05 -21.32
CA ILE A 572 1.72 -21.59 -22.70
C ILE A 572 1.97 -22.79 -23.59
N PHE A 573 2.83 -23.71 -23.14
CA PHE A 573 2.96 -25.01 -23.76
C PHE A 573 1.72 -25.87 -23.65
N ASP A 574 0.90 -25.67 -22.60
CA ASP A 574 -0.39 -26.33 -22.54
C ASP A 574 -1.41 -25.64 -23.42
N LYS A 575 -1.30 -24.32 -23.59
CA LYS A 575 -2.09 -23.62 -24.60
C LYS A 575 -1.65 -24.02 -26.00
N ALA A 576 -0.38 -24.36 -26.18
CA ALA A 576 0.08 -24.95 -27.43
C ALA A 576 -0.34 -26.41 -27.54
N ARG A 577 -0.64 -27.06 -26.41
CA ARG A 577 -1.10 -28.44 -26.45
C ARG A 577 -2.60 -28.52 -26.68
N ALA A 578 -3.36 -27.57 -26.13
CA ALA A 578 -4.80 -27.54 -26.38
C ALA A 578 -5.11 -27.14 -27.82
N ALA A 579 -4.31 -26.23 -28.38
CA ALA A 579 -4.38 -25.89 -29.79
C ALA A 579 -3.58 -26.86 -30.67
N ALA A 580 -4.26 -27.83 -31.30
CA ALA A 580 -3.67 -28.92 -32.08
C ALA A 580 -2.89 -28.35 -33.27
N PRO A 581 -1.93 -29.14 -33.89
CA PRO A 581 -0.53 -28.65 -34.09
C PRO A 581 -0.32 -27.17 -34.41
N THR A 582 0.58 -26.56 -33.64
CA THR A 582 0.85 -25.14 -33.69
C THR A 582 2.35 -24.90 -33.65
N VAL A 583 2.74 -23.66 -33.91
CA VAL A 583 4.13 -23.23 -33.84
C VAL A 583 4.25 -22.18 -32.73
N VAL A 584 5.35 -22.26 -31.98
CA VAL A 584 5.69 -21.24 -30.99
C VAL A 584 7.03 -20.64 -31.36
N PHE A 585 7.29 -19.44 -30.83
CA PHE A 585 8.49 -18.69 -31.16
C PHE A 585 9.12 -18.17 -29.88
N LEU A 586 10.43 -18.39 -29.76
CA LEU A 586 11.21 -17.94 -28.60
C LEU A 586 12.30 -17.02 -29.12
N ASP A 587 12.09 -15.71 -28.99
CA ASP A 587 13.06 -14.73 -29.44
C ASP A 587 14.06 -14.46 -28.33
N GLU A 588 15.34 -14.37 -28.69
CA GLU A 588 16.47 -14.09 -27.79
C GLU A 588 16.55 -15.15 -26.68
N LEU A 589 16.87 -16.38 -27.10
CA LEU A 589 17.06 -17.51 -26.19
C LEU A 589 18.25 -17.35 -25.25
N ASP A 590 19.14 -16.39 -25.51
CA ASP A 590 20.20 -16.06 -24.56
C ASP A 590 19.64 -15.54 -23.25
N SER A 591 18.50 -14.84 -23.30
CA SER A 591 17.81 -14.40 -22.10
C SER A 591 17.16 -15.53 -21.32
N ILE A 592 17.01 -16.71 -21.92
CA ILE A 592 16.39 -17.85 -21.26
C ILE A 592 17.44 -18.89 -20.84
N ALA A 593 18.43 -19.15 -21.69
CA ALA A 593 19.34 -20.27 -21.45
C ALA A 593 20.37 -19.97 -20.36
N LYS A 594 21.27 -19.01 -20.62
CA LYS A 594 22.36 -18.59 -19.71
C LYS A 594 23.29 -19.79 -19.39
N ALA A 595 23.38 -20.74 -20.34
CA ALA A 595 24.37 -21.81 -20.42
C ALA A 595 24.34 -22.83 -19.29
N ARG A 596 23.44 -22.68 -18.29
CA ARG A 596 23.18 -23.63 -17.20
C ARG A 596 24.42 -23.93 -16.34
N GLY A 597 25.42 -23.06 -16.38
CA GLY A 597 26.69 -23.34 -15.73
C GLY A 597 27.20 -22.16 -14.95
N GLY A 598 27.66 -22.45 -13.73
CA GLY A 598 28.31 -21.46 -12.89
C GLY A 598 27.41 -20.34 -12.39
N SER A 599 26.43 -20.69 -11.55
CA SER A 599 25.58 -19.68 -10.94
C SER A 599 26.38 -18.81 -9.97
N LEU A 600 26.88 -19.42 -8.88
CA LEU A 600 27.73 -18.78 -7.87
C LEU A 600 27.11 -17.51 -7.27
N GLY A 601 25.79 -17.50 -7.15
CA GLY A 601 25.07 -16.34 -6.66
C GLY A 601 24.72 -15.31 -7.70
N ASP A 602 25.31 -15.38 -8.90
CA ASP A 602 24.98 -14.44 -9.96
C ASP A 602 23.60 -14.70 -10.54
N ALA A 603 23.13 -15.95 -10.50
CA ALA A 603 21.75 -16.22 -10.86
C ALA A 603 20.78 -15.68 -9.80
N GLY A 604 21.07 -15.96 -8.53
CA GLY A 604 20.32 -15.37 -7.43
C GLY A 604 18.94 -15.98 -7.22
N GLY A 605 18.02 -15.71 -8.14
CA GLY A 605 16.66 -16.18 -8.01
C GLY A 605 16.38 -17.44 -8.79
N ALA A 606 17.35 -18.37 -8.75
CA ALA A 606 17.28 -19.68 -9.40
C ALA A 606 17.02 -19.55 -10.91
N SER A 607 17.92 -18.84 -11.58
CA SER A 607 17.79 -18.63 -13.02
C SER A 607 18.12 -19.88 -13.82
N ASP A 608 18.79 -20.86 -13.21
CA ASP A 608 19.04 -22.14 -13.86
C ASP A 608 17.91 -23.14 -13.61
N ARG A 609 17.00 -22.85 -12.69
CA ARG A 609 15.88 -23.74 -12.41
C ARG A 609 14.69 -23.50 -13.33
N VAL A 610 14.53 -22.29 -13.86
CA VAL A 610 13.50 -22.04 -14.86
C VAL A 610 13.89 -22.68 -16.19
N VAL A 611 15.19 -22.90 -16.41
CA VAL A 611 15.64 -23.61 -17.61
C VAL A 611 15.25 -25.08 -17.53
N ASN A 612 15.30 -25.67 -16.33
CA ASN A 612 15.02 -27.09 -16.15
C ASN A 612 13.55 -27.41 -16.37
N GLN A 613 12.67 -26.42 -16.22
CA GLN A 613 11.29 -26.60 -16.64
C GLN A 613 11.19 -26.69 -18.17
N LEU A 614 12.04 -25.95 -18.88
CA LEU A 614 12.08 -26.02 -20.33
C LEU A 614 12.82 -27.25 -20.83
N LEU A 615 13.63 -27.90 -19.97
CA LEU A 615 14.26 -29.17 -20.34
C LEU A 615 13.22 -30.26 -20.57
N THR A 616 12.21 -30.35 -19.70
CA THR A 616 11.26 -31.45 -19.75
C THR A 616 10.10 -31.20 -20.72
N GLU A 617 9.89 -29.95 -21.16
CA GLU A 617 8.77 -29.65 -22.04
C GLU A 617 9.10 -29.77 -23.52
N MET A 618 10.38 -29.72 -23.90
CA MET A 618 10.74 -29.84 -25.30
C MET A 618 10.70 -31.29 -25.75
N ASP A 619 11.31 -32.20 -24.99
CA ASP A 619 11.29 -33.61 -25.34
C ASP A 619 9.95 -34.24 -24.95
N GLY A 620 9.41 -33.87 -23.80
CA GLY A 620 8.09 -34.33 -23.39
C GLY A 620 8.07 -35.73 -22.80
N MET A 621 7.26 -35.92 -21.76
CA MET A 621 7.08 -37.24 -21.17
C MET A 621 6.02 -38.07 -21.89
N ASN A 622 5.19 -37.42 -22.72
CA ASN A 622 4.12 -38.08 -23.44
C ASN A 622 4.44 -38.12 -24.94
N ALA A 623 3.48 -38.61 -25.73
CA ALA A 623 3.64 -38.58 -27.17
C ALA A 623 3.50 -37.16 -27.70
N LYS A 624 4.20 -36.86 -28.79
CA LYS A 624 4.28 -35.49 -29.27
C LYS A 624 3.14 -35.20 -30.25
N LYS A 625 2.55 -34.01 -30.12
CA LYS A 625 1.39 -33.61 -30.90
C LYS A 625 1.75 -32.61 -32.00
N ASN A 626 2.94 -32.79 -32.58
CA ASN A 626 3.43 -32.03 -33.75
C ASN A 626 3.52 -30.52 -33.47
N VAL A 627 3.99 -30.17 -32.28
CA VAL A 627 4.24 -28.76 -31.99
C VAL A 627 5.63 -28.38 -32.50
N PHE A 628 5.80 -27.11 -32.86
CA PHE A 628 7.04 -26.62 -33.45
C PHE A 628 7.58 -25.48 -32.60
N VAL A 629 8.82 -25.63 -32.12
CA VAL A 629 9.51 -24.59 -31.36
C VAL A 629 10.57 -23.95 -32.26
N ILE A 630 10.61 -22.62 -32.26
CA ILE A 630 11.56 -21.86 -33.05
C ILE A 630 12.29 -20.90 -32.13
N GLY A 631 13.61 -21.04 -32.06
CA GLY A 631 14.46 -20.17 -31.27
C GLY A 631 15.30 -19.28 -32.18
N ALA A 632 15.37 -18.00 -31.82
CA ALA A 632 16.11 -17.02 -32.59
C ALA A 632 17.04 -16.25 -31.67
N THR A 633 18.32 -16.23 -32.01
CA THR A 633 19.32 -15.51 -31.23
C THR A 633 20.48 -15.14 -32.13
N ASN A 634 21.38 -14.30 -31.60
CA ASN A 634 22.55 -13.87 -32.35
C ASN A 634 23.84 -14.53 -31.87
N ARG A 635 23.85 -15.14 -30.70
CA ARG A 635 25.05 -15.76 -30.15
C ARG A 635 24.77 -17.21 -29.79
N PRO A 636 25.41 -18.18 -30.45
CA PRO A 636 25.19 -19.59 -30.13
C PRO A 636 26.11 -20.15 -29.05
N ASP A 637 27.04 -19.36 -28.53
CA ASP A 637 27.99 -19.84 -27.55
C ASP A 637 27.46 -19.81 -26.12
N GLN A 638 26.60 -18.85 -25.80
CA GLN A 638 26.03 -18.77 -24.46
C GLN A 638 24.83 -19.68 -24.26
N ILE A 639 24.40 -20.40 -25.31
CA ILE A 639 23.33 -21.37 -25.15
C ILE A 639 23.90 -22.63 -24.51
N ASP A 640 23.11 -23.25 -23.62
CA ASP A 640 23.50 -24.51 -23.01
C ASP A 640 23.57 -25.61 -24.06
N PRO A 641 24.58 -26.49 -24.00
CA PRO A 641 24.70 -27.56 -25.01
C PRO A 641 23.61 -28.63 -24.93
N ALA A 642 22.83 -28.70 -23.86
CA ALA A 642 21.71 -29.63 -23.83
C ALA A 642 20.53 -29.13 -24.63
N ILE A 643 20.50 -27.85 -25.00
CA ILE A 643 19.51 -27.36 -25.95
C ILE A 643 19.84 -27.86 -27.35
N LEU A 644 21.13 -28.05 -27.64
CA LEU A 644 21.57 -28.47 -28.97
C LEU A 644 21.70 -29.99 -29.02
N ARG A 645 20.55 -30.65 -28.98
CA ARG A 645 20.47 -32.09 -29.16
C ARG A 645 19.24 -32.41 -29.99
N PRO A 646 19.30 -33.45 -30.84
CA PRO A 646 18.20 -33.69 -31.80
C PRO A 646 16.88 -34.14 -31.18
N GLY A 647 16.83 -34.42 -29.88
CA GLY A 647 15.56 -34.71 -29.26
C GLY A 647 14.68 -33.48 -29.11
N ARG A 648 15.28 -32.30 -29.05
CA ARG A 648 14.55 -31.05 -28.90
C ARG A 648 14.70 -30.14 -30.13
N LEU A 649 15.93 -29.84 -30.52
CA LEU A 649 16.21 -29.04 -31.71
C LEU A 649 17.01 -29.88 -32.69
N ASP A 650 16.45 -30.14 -33.86
CA ASP A 650 17.05 -31.08 -34.80
C ASP A 650 18.28 -30.47 -35.48
N GLN A 651 18.07 -29.40 -36.23
CA GLN A 651 19.14 -28.76 -36.98
C GLN A 651 19.35 -27.33 -36.49
N LEU A 652 20.56 -26.83 -36.69
CA LEU A 652 20.95 -25.49 -36.28
C LEU A 652 21.34 -24.75 -37.55
N ILE A 653 20.38 -24.14 -38.22
CA ILE A 653 20.65 -23.48 -39.49
C ILE A 653 21.27 -22.11 -39.22
N TYR A 654 22.21 -21.72 -40.08
CA TYR A 654 22.94 -20.47 -39.95
C TYR A 654 22.64 -19.60 -41.16
N VAL A 655 22.03 -18.44 -40.94
CA VAL A 655 21.81 -17.48 -42.01
C VAL A 655 23.10 -16.69 -42.23
N PRO A 656 23.61 -16.65 -43.45
CA PRO A 656 24.85 -15.93 -43.72
C PRO A 656 24.59 -14.50 -44.17
N LEU A 657 25.69 -13.76 -44.32
CA LEU A 657 25.61 -12.44 -44.91
C LEU A 657 25.33 -12.58 -46.40
N PRO A 658 24.45 -11.76 -46.97
CA PRO A 658 24.10 -11.93 -48.39
C PRO A 658 25.20 -11.43 -49.32
N ASP A 659 25.42 -12.19 -50.39
CA ASP A 659 26.38 -11.83 -51.42
C ASP A 659 25.70 -10.93 -52.46
N GLU A 660 26.36 -10.70 -53.59
CA GLU A 660 25.82 -9.80 -54.60
C GLU A 660 24.61 -10.40 -55.33
N ASN A 661 24.55 -11.72 -55.50
CA ASN A 661 23.38 -12.33 -56.10
C ASN A 661 22.20 -12.37 -55.14
N ALA A 662 22.48 -12.49 -53.83
CA ALA A 662 21.40 -12.53 -52.86
C ALA A 662 20.87 -11.13 -52.55
N ARG A 663 21.77 -10.16 -52.37
CA ARG A 663 21.35 -8.82 -51.97
C ARG A 663 20.74 -8.01 -53.11
N LEU A 664 20.86 -8.48 -54.36
CA LEU A 664 20.15 -7.83 -55.45
C LEU A 664 18.64 -8.08 -55.34
N SER A 665 18.25 -9.31 -55.02
CA SER A 665 16.85 -9.63 -54.80
C SER A 665 16.35 -9.19 -53.43
N ILE A 666 17.26 -8.75 -52.54
CA ILE A 666 16.85 -8.15 -51.29
C ILE A 666 16.20 -6.79 -51.55
N LEU A 667 16.82 -5.97 -52.41
CA LEU A 667 16.25 -4.67 -52.75
C LEU A 667 14.99 -4.81 -53.59
N ASN A 668 14.85 -5.90 -54.33
CA ASN A 668 13.61 -6.17 -55.05
C ASN A 668 12.49 -6.60 -54.11
N ALA A 669 12.83 -7.12 -52.93
CA ALA A 669 11.81 -7.53 -51.97
C ALA A 669 11.19 -6.33 -51.27
N GLN A 670 11.99 -5.33 -50.90
CA GLN A 670 11.49 -4.16 -50.23
C GLN A 670 10.82 -3.17 -51.17
N LEU A 671 11.21 -3.16 -52.45
CA LEU A 671 10.62 -2.25 -53.43
C LEU A 671 9.48 -2.93 -54.19
N ARG A 672 8.48 -3.38 -53.42
CA ARG A 672 7.32 -4.05 -53.97
C ARG A 672 6.15 -3.12 -54.23
N LYS A 673 5.72 -2.36 -53.22
CA LYS A 673 4.64 -1.39 -53.37
C LYS A 673 5.25 0.00 -53.25
N THR A 674 5.74 0.50 -54.39
CA THR A 674 6.39 1.82 -54.47
C THR A 674 5.93 2.54 -55.72
N PRO A 675 5.63 3.85 -55.62
CA PRO A 675 5.40 4.65 -56.83
C PRO A 675 6.74 5.07 -57.41
N LEU A 676 7.31 4.16 -58.20
CA LEU A 676 8.69 4.25 -58.63
C LEU A 676 8.87 5.33 -59.71
N GLU A 677 10.11 5.80 -59.82
CA GLU A 677 10.53 6.74 -60.85
C GLU A 677 10.82 5.96 -62.13
N PRO A 678 11.25 6.63 -63.21
CA PRO A 678 11.99 5.93 -64.27
C PRO A 678 13.13 5.11 -63.72
N GLY A 679 13.22 3.87 -64.18
CA GLY A 679 13.99 2.86 -63.47
C GLY A 679 15.48 3.01 -63.62
N LEU A 680 16.19 2.64 -62.54
CA LEU A 680 17.64 2.60 -62.51
C LEU A 680 18.07 1.19 -62.13
N GLU A 681 19.32 0.85 -62.48
CA GLU A 681 19.82 -0.49 -62.19
C GLU A 681 20.13 -0.63 -60.70
N LEU A 682 19.76 -1.78 -60.14
CA LEU A 682 20.02 -2.09 -58.75
C LEU A 682 21.21 -3.02 -58.55
N THR A 683 21.82 -3.49 -59.65
CA THR A 683 23.01 -4.33 -59.54
C THR A 683 24.23 -3.52 -59.14
N ALA A 684 24.25 -2.22 -59.47
CA ALA A 684 25.36 -1.37 -59.07
C ALA A 684 25.33 -1.08 -57.59
N ILE A 685 24.14 -1.02 -56.98
CA ILE A 685 24.05 -0.86 -55.54
C ILE A 685 24.38 -2.16 -54.82
N ALA A 686 24.17 -3.30 -55.50
CA ALA A 686 24.48 -4.58 -54.90
C ALA A 686 25.98 -4.83 -54.86
N LYS A 687 26.70 -4.44 -55.91
CA LYS A 687 28.14 -4.65 -55.97
C LYS A 687 28.91 -3.63 -55.14
N ALA A 688 28.29 -2.53 -54.75
CA ALA A 688 28.94 -1.52 -53.92
C ALA A 688 28.72 -1.75 -52.43
N THR A 689 27.59 -2.35 -52.05
CA THR A 689 27.27 -2.61 -50.64
C THR A 689 27.67 -4.03 -50.26
N GLN A 690 28.96 -4.32 -50.41
CA GLN A 690 29.49 -5.64 -50.13
C GLN A 690 29.68 -5.84 -48.63
N GLY A 691 29.17 -6.95 -48.10
CA GLY A 691 29.37 -7.27 -46.70
C GLY A 691 28.43 -6.56 -45.75
N PHE A 692 27.19 -6.34 -46.16
CA PHE A 692 26.18 -5.72 -45.31
C PHE A 692 25.05 -6.70 -45.03
N SER A 693 24.39 -6.50 -43.89
CA SER A 693 23.30 -7.37 -43.49
C SER A 693 22.02 -7.01 -44.24
N GLY A 694 20.96 -7.76 -43.95
CA GLY A 694 19.67 -7.48 -44.56
C GLY A 694 19.03 -6.20 -44.06
N ALA A 695 19.26 -5.86 -42.78
CA ALA A 695 18.74 -4.62 -42.24
C ALA A 695 19.53 -3.39 -42.71
N ASP A 696 20.80 -3.58 -43.08
CA ASP A 696 21.61 -2.46 -43.54
C ASP A 696 21.11 -1.92 -44.88
N LEU A 697 20.60 -2.80 -45.74
CA LEU A 697 20.04 -2.35 -47.02
C LEU A 697 18.67 -1.71 -46.85
N LEU A 698 18.00 -1.93 -45.72
CA LEU A 698 16.75 -1.24 -45.44
C LEU A 698 17.02 0.22 -45.09
N TYR A 699 18.18 0.50 -44.50
CA TYR A 699 18.56 1.86 -44.12
C TYR A 699 18.86 2.70 -45.35
N ILE A 700 19.39 2.08 -46.40
CA ILE A 700 19.74 2.81 -47.61
C ILE A 700 18.49 3.21 -48.38
N VAL A 701 17.50 2.31 -48.45
CA VAL A 701 16.27 2.62 -49.15
C VAL A 701 15.38 3.55 -48.31
N GLN A 702 15.58 3.60 -47.00
CA GLN A 702 14.85 4.56 -46.17
C GLN A 702 15.46 5.96 -46.26
N ARG A 703 16.79 6.05 -46.37
CA ARG A 703 17.43 7.35 -46.56
C ARG A 703 17.15 7.92 -47.94
N ALA A 704 17.07 7.06 -48.95
CA ALA A 704 16.71 7.53 -50.28
C ALA A 704 15.23 7.93 -50.36
N ALA A 705 14.38 7.27 -49.58
CA ALA A 705 12.97 7.67 -49.53
C ALA A 705 12.77 8.95 -48.72
N LYS A 706 13.62 9.17 -47.71
CA LYS A 706 13.50 10.38 -46.90
C LYS A 706 13.90 11.62 -47.69
N TYR A 707 14.83 11.48 -48.63
CA TYR A 707 15.16 12.60 -49.51
C TYR A 707 14.07 12.82 -50.55
N ALA A 708 13.27 11.79 -50.85
CA ALA A 708 12.16 11.93 -51.78
C ALA A 708 10.96 12.63 -51.15
N ILE A 709 10.86 12.64 -49.82
CA ILE A 709 9.81 13.40 -49.15
C ILE A 709 10.24 14.86 -48.98
N LYS A 710 11.54 15.09 -48.81
CA LYS A 710 12.03 16.44 -48.49
C LYS A 710 11.90 17.38 -49.69
N ASP A 711 12.29 16.92 -50.88
CA ASP A 711 12.20 17.78 -52.06
C ASP A 711 10.77 17.94 -52.55
N SER A 712 9.86 17.06 -52.16
CA SER A 712 8.45 17.21 -52.55
C SER A 712 7.77 18.33 -51.79
N ILE A 713 8.13 18.53 -50.52
CA ILE A 713 7.58 19.65 -49.76
C ILE A 713 8.21 20.96 -50.21
N GLU A 714 9.49 20.93 -50.58
CA GLU A 714 10.14 22.12 -51.11
C GLU A 714 9.65 22.49 -52.50
N ALA A 715 9.14 21.52 -53.26
CA ALA A 715 8.53 21.85 -54.55
C ALA A 715 7.18 22.53 -54.38
N HIS A 716 6.43 22.15 -53.35
CA HIS A 716 5.14 22.77 -53.06
C HIS A 716 5.39 24.14 -52.44
N ARG A 717 4.99 25.20 -53.15
CA ARG A 717 5.13 26.61 -52.76
C ARG A 717 6.57 27.00 -52.42
N ASN B 209 -30.18 14.77 -20.82
CA ASN B 209 -30.86 13.75 -20.03
C ASN B 209 -30.53 12.35 -20.54
N GLU B 210 -29.91 12.29 -21.71
CA GLU B 210 -29.56 11.02 -22.34
C GLU B 210 -28.41 11.25 -23.31
N VAL B 211 -27.84 10.15 -23.79
CA VAL B 211 -26.84 10.17 -24.86
C VAL B 211 -27.31 9.22 -25.95
N GLY B 212 -26.88 9.48 -27.19
CA GLY B 212 -27.22 8.65 -28.31
C GLY B 212 -25.99 8.13 -29.04
N TYR B 213 -26.24 7.50 -30.18
CA TYR B 213 -25.15 7.02 -31.01
C TYR B 213 -24.44 8.16 -31.73
N ASP B 214 -25.10 9.28 -31.93
CA ASP B 214 -24.44 10.47 -32.48
C ASP B 214 -23.58 11.18 -31.44
N ASP B 215 -23.86 10.96 -30.15
CA ASP B 215 -23.06 11.55 -29.09
C ASP B 215 -21.80 10.77 -28.76
N ILE B 216 -21.55 9.67 -29.47
CA ILE B 216 -20.36 8.86 -29.28
C ILE B 216 -19.62 8.79 -30.62
N GLY B 217 -18.42 9.33 -30.66
CA GLY B 217 -17.58 9.30 -31.85
C GLY B 217 -16.39 8.39 -31.66
N GLY B 218 -15.53 8.38 -32.68
CA GLY B 218 -14.32 7.60 -32.61
C GLY B 218 -14.38 6.31 -33.39
N CYS B 219 -14.51 5.19 -32.67
CA CYS B 219 -14.52 3.88 -33.31
C CYS B 219 -15.86 3.59 -33.98
N ARG B 220 -16.04 4.11 -35.18
CA ARG B 220 -17.26 3.86 -35.94
C ARG B 220 -17.33 2.41 -36.43
N LYS B 221 -16.17 1.81 -36.74
CA LYS B 221 -16.15 0.41 -37.15
C LYS B 221 -16.45 -0.52 -35.99
N GLN B 222 -16.05 -0.15 -34.77
CA GLN B 222 -16.39 -0.93 -33.59
C GLN B 222 -17.77 -0.61 -33.05
N MET B 223 -18.35 0.52 -33.46
CA MET B 223 -19.72 0.85 -33.06
C MET B 223 -20.73 -0.03 -33.79
N ALA B 224 -20.49 -0.29 -35.08
CA ALA B 224 -21.45 -1.02 -35.89
C ALA B 224 -21.50 -2.50 -35.54
N GLN B 225 -20.38 -3.07 -35.09
CA GLN B 225 -20.37 -4.49 -34.75
C GLN B 225 -21.07 -4.78 -33.42
N ILE B 226 -21.27 -3.77 -32.57
CA ILE B 226 -22.07 -3.93 -31.37
C ILE B 226 -23.51 -3.45 -31.58
N ARG B 227 -23.79 -2.72 -32.65
CA ARG B 227 -25.14 -2.27 -32.94
C ARG B 227 -25.95 -3.36 -33.64
N GLU B 228 -25.30 -4.22 -34.42
CA GLU B 228 -25.96 -5.30 -35.12
C GLU B 228 -26.24 -6.51 -34.23
N MET B 229 -25.92 -6.44 -32.95
CA MET B 229 -26.02 -7.58 -32.05
C MET B 229 -26.98 -7.36 -30.89
N VAL B 230 -27.12 -6.13 -30.40
CA VAL B 230 -28.06 -5.84 -29.32
C VAL B 230 -29.30 -5.11 -29.81
N GLU B 231 -29.36 -4.71 -31.07
CA GLU B 231 -30.51 -4.04 -31.64
C GLU B 231 -31.11 -4.79 -32.82
N LEU B 232 -30.28 -5.27 -33.74
CA LEU B 232 -30.73 -5.98 -34.94
C LEU B 232 -31.38 -7.34 -34.66
N PRO B 233 -30.94 -8.18 -33.70
CA PRO B 233 -31.78 -9.33 -33.35
C PRO B 233 -33.08 -8.97 -32.66
N LEU B 234 -33.19 -7.78 -32.07
CA LEU B 234 -34.42 -7.38 -31.38
C LEU B 234 -35.37 -6.62 -32.29
N ARG B 235 -34.83 -5.78 -33.18
CA ARG B 235 -35.67 -5.02 -34.10
C ARG B 235 -36.01 -5.84 -35.34
N HIS B 236 -35.07 -6.66 -35.81
CA HIS B 236 -35.23 -7.47 -37.02
C HIS B 236 -35.07 -8.95 -36.65
N PRO B 237 -36.11 -9.57 -36.08
CA PRO B 237 -35.97 -10.96 -35.63
C PRO B 237 -36.28 -12.01 -36.69
N GLN B 238 -36.70 -11.62 -37.89
CA GLN B 238 -37.13 -12.59 -38.89
C GLN B 238 -36.03 -13.01 -39.85
N LEU B 239 -34.78 -12.60 -39.62
CA LEU B 239 -33.67 -13.10 -40.42
C LEU B 239 -33.08 -14.39 -39.87
N PHE B 240 -33.03 -14.54 -38.55
CA PHE B 240 -32.36 -15.68 -37.95
C PHE B 240 -33.18 -16.95 -38.07
N LYS B 241 -34.51 -16.85 -37.95
CA LYS B 241 -35.36 -18.02 -38.11
C LYS B 241 -35.57 -18.37 -39.59
N ALA B 242 -35.34 -17.43 -40.49
CA ALA B 242 -35.47 -17.72 -41.92
C ALA B 242 -34.23 -18.43 -42.45
N ILE B 243 -33.05 -17.99 -42.04
CA ILE B 243 -31.80 -18.58 -42.49
C ILE B 243 -30.75 -18.38 -41.40
N GLY B 244 -30.00 -19.44 -41.11
CA GLY B 244 -28.90 -19.37 -40.18
C GLY B 244 -29.27 -19.82 -38.78
N ILE B 245 -28.27 -19.80 -37.90
CA ILE B 245 -28.41 -20.20 -36.52
C ILE B 245 -29.00 -19.07 -35.70
N LYS B 246 -29.34 -19.36 -34.44
CA LYS B 246 -29.84 -18.36 -33.51
C LYS B 246 -28.82 -17.24 -33.30
N PRO B 247 -29.28 -16.03 -32.98
CA PRO B 247 -28.35 -14.92 -32.80
C PRO B 247 -27.49 -15.12 -31.56
N PRO B 248 -26.19 -14.83 -31.64
CA PRO B 248 -25.29 -15.13 -30.52
C PRO B 248 -25.44 -14.12 -29.39
N ARG B 249 -24.62 -14.31 -28.37
CA ARG B 249 -24.74 -13.56 -27.13
C ARG B 249 -23.81 -12.35 -27.16
N GLY B 250 -23.67 -11.68 -26.01
CA GLY B 250 -23.01 -10.39 -25.99
C GLY B 250 -21.49 -10.50 -26.05
N VAL B 251 -20.87 -9.36 -26.29
CA VAL B 251 -19.44 -9.26 -26.47
C VAL B 251 -18.80 -8.75 -25.19
N LEU B 252 -17.47 -8.89 -25.12
CA LEU B 252 -16.69 -8.36 -24.01
C LEU B 252 -15.90 -7.16 -24.49
N MET B 253 -16.29 -5.97 -24.03
CA MET B 253 -15.60 -4.73 -24.39
C MET B 253 -14.36 -4.57 -23.52
N TYR B 254 -13.25 -4.21 -24.16
CA TYR B 254 -12.00 -4.00 -23.43
C TYR B 254 -11.19 -2.94 -24.15
N GLY B 255 -10.08 -2.56 -23.53
CA GLY B 255 -9.19 -1.56 -24.07
C GLY B 255 -8.49 -0.75 -23.00
N PRO B 256 -7.85 0.35 -23.39
CA PRO B 256 -7.21 1.20 -22.40
C PRO B 256 -8.24 2.01 -21.64
N PRO B 257 -7.95 2.40 -20.39
CA PRO B 257 -8.91 3.19 -19.61
C PRO B 257 -9.00 4.61 -20.12
N GLY B 258 -10.23 5.11 -20.27
CA GLY B 258 -10.44 6.46 -20.76
C GLY B 258 -10.83 6.51 -22.21
N THR B 259 -11.75 5.65 -22.64
CA THR B 259 -12.09 5.54 -24.05
C THR B 259 -13.57 5.69 -24.38
N GLY B 260 -14.48 5.42 -23.46
CA GLY B 260 -15.86 5.25 -23.83
C GLY B 260 -16.32 3.82 -23.87
N LYS B 261 -15.62 2.93 -23.16
CA LYS B 261 -16.20 1.66 -22.78
C LYS B 261 -17.16 1.80 -21.61
N THR B 262 -17.05 2.86 -20.76
CA THR B 262 -18.11 2.91 -19.75
C THR B 262 -19.14 3.98 -20.07
N LEU B 263 -19.20 4.40 -21.33
CA LEU B 263 -20.22 5.33 -21.78
C LEU B 263 -20.80 4.94 -23.12
N MET B 264 -20.38 3.80 -23.67
CA MET B 264 -21.05 3.23 -24.83
C MET B 264 -22.37 2.55 -24.44
N ALA B 265 -22.39 1.88 -23.29
CA ALA B 265 -23.57 1.16 -22.84
C ALA B 265 -24.71 2.08 -22.41
N ARG B 266 -24.42 3.37 -22.21
CA ARG B 266 -25.46 4.34 -21.91
C ARG B 266 -26.29 4.68 -23.14
N ALA B 267 -25.72 4.53 -24.33
CA ALA B 267 -26.46 4.85 -25.55
C ALA B 267 -27.44 3.75 -25.92
N VAL B 268 -27.09 2.48 -25.64
CA VAL B 268 -27.98 1.37 -25.95
C VAL B 268 -29.03 1.14 -24.88
N ALA B 269 -29.03 1.93 -23.80
CA ALA B 269 -30.04 1.79 -22.76
C ALA B 269 -31.26 2.64 -23.01
N ASN B 270 -31.20 3.59 -23.95
CA ASN B 270 -32.32 4.47 -24.25
C ASN B 270 -32.93 4.24 -25.61
N GLU B 271 -32.10 4.19 -26.66
CA GLU B 271 -32.63 4.10 -28.02
C GLU B 271 -33.11 2.70 -28.38
N THR B 272 -32.64 1.66 -27.69
CA THR B 272 -33.10 0.31 -27.97
C THR B 272 -34.51 0.07 -27.43
N GLY B 273 -34.83 0.68 -26.28
CA GLY B 273 -36.15 0.55 -25.70
C GLY B 273 -36.39 -0.71 -24.90
N ALA B 274 -35.43 -1.63 -24.86
CA ALA B 274 -35.59 -2.86 -24.10
C ALA B 274 -35.37 -2.60 -22.61
N PHE B 275 -35.68 -3.61 -21.81
CA PHE B 275 -35.51 -3.53 -20.37
C PHE B 275 -34.02 -3.61 -20.03
N PHE B 276 -33.50 -2.59 -19.38
CA PHE B 276 -32.09 -2.53 -19.01
C PHE B 276 -31.93 -2.85 -17.53
N PHE B 277 -30.99 -3.74 -17.22
CA PHE B 277 -30.62 -4.06 -15.86
C PHE B 277 -29.13 -3.81 -15.68
N LEU B 278 -28.77 -3.10 -14.62
CA LEU B 278 -27.39 -2.76 -14.32
C LEU B 278 -26.86 -3.65 -13.20
N ILE B 279 -25.76 -4.34 -13.46
CA ILE B 279 -25.06 -5.13 -12.46
C ILE B 279 -23.61 -4.67 -12.45
N ASN B 280 -23.21 -4.00 -11.36
CA ASN B 280 -21.82 -3.62 -11.22
C ASN B 280 -20.98 -4.81 -10.79
N GLY B 281 -19.67 -4.61 -10.73
CA GLY B 281 -18.75 -5.69 -10.44
C GLY B 281 -18.82 -6.17 -9.00
N PRO B 282 -18.33 -5.37 -8.06
CA PRO B 282 -18.40 -5.76 -6.64
C PRO B 282 -19.70 -5.40 -5.93
N GLU B 283 -20.72 -4.94 -6.66
CA GLU B 283 -22.01 -4.66 -6.04
C GLU B 283 -22.73 -5.93 -5.61
N VAL B 284 -22.61 -7.00 -6.40
CA VAL B 284 -23.22 -8.28 -6.05
C VAL B 284 -22.22 -9.02 -5.15
N MET B 285 -22.22 -8.62 -3.88
CA MET B 285 -21.31 -9.15 -2.87
C MET B 285 -21.95 -8.94 -1.50
N SER B 286 -21.97 -10.00 -0.69
CA SER B 286 -22.52 -9.92 0.64
C SER B 286 -21.91 -11.01 1.52
N LYS B 287 -21.80 -10.73 2.81
CA LYS B 287 -21.05 -11.55 3.75
C LYS B 287 -21.67 -12.91 4.03
N MET B 288 -22.89 -13.18 3.54
CA MET B 288 -23.51 -14.48 3.72
C MET B 288 -22.85 -15.51 2.81
N ALA B 289 -23.13 -16.79 3.10
CA ALA B 289 -22.47 -17.87 2.38
C ALA B 289 -23.04 -18.03 0.98
N GLY B 290 -24.33 -17.82 0.82
CA GLY B 290 -24.97 -18.05 -0.46
C GLY B 290 -25.85 -16.94 -0.97
N GLU B 291 -25.46 -15.68 -0.72
CA GLU B 291 -26.22 -14.57 -1.26
C GLU B 291 -25.33 -13.80 -2.24
N SER B 292 -24.04 -14.11 -2.25
CA SER B 292 -23.15 -13.54 -3.25
C SER B 292 -23.41 -14.13 -4.63
N GLU B 293 -24.01 -15.32 -4.69
CA GLU B 293 -24.37 -15.95 -5.95
C GLU B 293 -25.87 -15.96 -6.20
N SER B 294 -26.68 -15.86 -5.14
CA SER B 294 -28.12 -15.80 -5.31
C SER B 294 -28.56 -14.42 -5.80
N ASN B 295 -27.87 -13.36 -5.39
CA ASN B 295 -28.18 -12.03 -5.92
C ASN B 295 -27.75 -11.91 -7.38
N LEU B 296 -26.76 -12.71 -7.79
CA LEU B 296 -26.33 -12.71 -9.19
C LEU B 296 -27.33 -13.46 -10.06
N ARG B 297 -27.92 -14.54 -9.53
CA ARG B 297 -28.84 -15.34 -10.33
C ARG B 297 -30.27 -14.84 -10.26
N LYS B 298 -30.62 -14.02 -9.26
CA LYS B 298 -31.96 -13.46 -9.21
C LYS B 298 -32.11 -12.25 -10.11
N ALA B 299 -31.00 -11.69 -10.61
CA ALA B 299 -31.05 -10.58 -11.55
C ALA B 299 -31.07 -11.04 -12.99
N PHE B 300 -30.40 -12.16 -13.30
CA PHE B 300 -30.46 -12.71 -14.65
C PHE B 300 -31.82 -13.33 -14.95
N GLU B 301 -32.46 -13.91 -13.94
CA GLU B 301 -33.83 -14.39 -14.11
C GLU B 301 -34.85 -13.26 -14.01
N GLU B 302 -34.45 -12.10 -13.47
CA GLU B 302 -35.30 -10.93 -13.51
C GLU B 302 -35.43 -10.39 -14.94
N ALA B 303 -34.33 -10.44 -15.70
CA ALA B 303 -34.38 -10.06 -17.10
C ALA B 303 -35.11 -11.09 -17.95
N GLU B 304 -35.21 -12.33 -17.47
CA GLU B 304 -35.96 -13.36 -18.18
C GLU B 304 -37.46 -13.21 -18.02
N LYS B 305 -37.92 -12.39 -17.06
CA LYS B 305 -39.35 -12.18 -16.88
C LYS B 305 -39.93 -11.33 -18.01
N ASN B 306 -39.16 -10.36 -18.50
CA ASN B 306 -39.59 -9.47 -19.58
C ASN B 306 -38.59 -9.57 -20.72
N ALA B 307 -38.82 -10.53 -21.61
CA ALA B 307 -37.99 -10.70 -22.80
C ALA B 307 -38.48 -9.76 -23.90
N PRO B 308 -37.57 -9.09 -24.63
CA PRO B 308 -36.12 -9.13 -24.48
C PRO B 308 -35.57 -8.14 -23.45
N ALA B 309 -34.36 -8.39 -22.97
CA ALA B 309 -33.71 -7.52 -22.00
C ALA B 309 -32.20 -7.68 -22.12
N ILE B 310 -31.47 -6.65 -21.68
CA ILE B 310 -30.02 -6.64 -21.73
C ILE B 310 -29.47 -6.37 -20.33
N ILE B 311 -28.29 -6.92 -20.07
CA ILE B 311 -27.63 -6.83 -18.77
C ILE B 311 -26.19 -6.40 -19.00
N PHE B 312 -25.79 -5.31 -18.36
CA PHE B 312 -24.43 -4.78 -18.45
C PHE B 312 -23.67 -5.14 -17.19
N ILE B 313 -22.58 -5.89 -17.35
CA ILE B 313 -21.71 -6.27 -16.24
C ILE B 313 -20.52 -5.33 -16.29
N ASP B 314 -20.60 -4.25 -15.52
CA ASP B 314 -19.49 -3.30 -15.43
C ASP B 314 -18.38 -3.87 -14.56
N GLU B 315 -17.14 -3.77 -15.07
CA GLU B 315 -15.92 -4.22 -14.39
C GLU B 315 -15.97 -5.71 -14.05
N ILE B 316 -16.00 -6.54 -15.10
CA ILE B 316 -16.10 -7.98 -14.93
C ILE B 316 -14.81 -8.62 -14.43
N ASP B 317 -13.70 -7.87 -14.42
CA ASP B 317 -12.43 -8.40 -13.95
C ASP B 317 -12.43 -8.65 -12.44
N SER B 318 -13.29 -7.97 -11.68
CA SER B 318 -13.29 -8.14 -10.23
C SER B 318 -13.94 -9.46 -9.82
N ILE B 319 -15.05 -9.82 -10.44
CA ILE B 319 -15.81 -11.00 -10.03
C ILE B 319 -15.62 -12.16 -11.00
N ALA B 320 -14.61 -12.10 -11.86
CA ALA B 320 -14.28 -13.21 -12.74
C ALA B 320 -12.78 -13.27 -12.98
N PRO B 321 -12.01 -13.79 -12.01
CA PRO B 321 -10.59 -14.03 -12.27
C PRO B 321 -10.35 -15.44 -12.80
N LYS B 322 -9.10 -15.81 -13.00
CA LYS B 322 -8.80 -17.20 -13.34
C LYS B 322 -8.93 -18.07 -12.09
N ARG B 323 -9.61 -19.20 -12.22
CA ARG B 323 -9.94 -20.04 -11.08
C ARG B 323 -8.74 -20.81 -10.54
N ASP B 324 -7.70 -21.00 -11.35
CA ASP B 324 -6.52 -21.74 -10.90
C ASP B 324 -5.57 -20.88 -10.07
N LYS B 325 -5.72 -19.56 -10.12
CA LYS B 325 -4.84 -18.69 -9.35
C LYS B 325 -5.32 -18.53 -7.91
N THR B 326 -6.62 -18.55 -7.71
CA THR B 326 -7.18 -18.38 -6.37
C THR B 326 -7.26 -19.72 -5.65
N ASN B 327 -7.39 -19.64 -4.31
CA ASN B 327 -7.49 -20.84 -3.47
C ASN B 327 -8.17 -20.51 -2.16
N GLY B 328 -9.31 -21.14 -1.91
CA GLY B 328 -10.00 -21.03 -0.64
C GLY B 328 -10.71 -19.71 -0.41
N GLU B 329 -11.50 -19.26 -1.38
CA GLU B 329 -12.28 -18.03 -1.26
C GLU B 329 -13.66 -18.27 -1.83
N VAL B 330 -14.53 -17.25 -1.68
CA VAL B 330 -15.85 -17.27 -2.32
C VAL B 330 -15.77 -16.83 -3.78
N GLU B 331 -14.63 -16.28 -4.20
CA GLU B 331 -14.47 -15.79 -5.57
C GLU B 331 -14.37 -16.90 -6.58
N ARG B 332 -13.95 -18.11 -6.18
CA ARG B 332 -14.01 -19.25 -7.06
C ARG B 332 -15.42 -19.82 -7.19
N ARG B 333 -16.32 -19.43 -6.29
CA ARG B 333 -17.72 -19.83 -6.38
C ARG B 333 -18.55 -18.88 -7.22
N VAL B 334 -18.27 -17.57 -7.15
CA VAL B 334 -19.05 -16.59 -7.89
C VAL B 334 -18.74 -16.66 -9.39
N VAL B 335 -17.59 -17.19 -9.77
CA VAL B 335 -17.31 -17.40 -11.19
C VAL B 335 -17.95 -18.70 -11.69
N SER B 336 -18.02 -19.74 -10.85
CA SER B 336 -18.67 -20.98 -11.23
C SER B 336 -20.18 -20.85 -11.28
N GLN B 337 -20.74 -19.89 -10.54
CA GLN B 337 -22.15 -19.55 -10.71
C GLN B 337 -22.37 -18.86 -12.06
N LEU B 338 -21.42 -18.03 -12.48
CA LEU B 338 -21.51 -17.37 -13.78
C LEU B 338 -21.29 -18.35 -14.93
N LEU B 339 -20.70 -19.51 -14.69
CA LEU B 339 -20.54 -20.51 -15.73
C LEU B 339 -21.88 -21.13 -16.12
N THR B 340 -22.69 -21.50 -15.12
CA THR B 340 -23.98 -22.12 -15.37
C THR B 340 -25.11 -21.11 -15.56
N LEU B 341 -24.81 -19.82 -15.44
CA LEU B 341 -25.85 -18.80 -15.59
C LEU B 341 -25.98 -18.32 -17.02
N MET B 342 -24.87 -18.23 -17.76
CA MET B 342 -24.95 -17.79 -19.15
C MET B 342 -25.48 -18.88 -20.06
N ASP B 343 -24.79 -20.01 -20.12
CA ASP B 343 -25.22 -21.17 -20.90
C ASP B 343 -25.37 -22.36 -19.95
N GLY B 344 -26.54 -22.45 -19.33
CA GLY B 344 -26.87 -23.56 -18.45
C GLY B 344 -27.48 -24.71 -19.20
N MET B 345 -28.51 -25.30 -18.60
CA MET B 345 -29.25 -26.37 -19.28
C MET B 345 -30.28 -25.79 -20.23
N LYS B 346 -31.27 -25.07 -19.68
CA LYS B 346 -32.33 -24.46 -20.48
C LYS B 346 -32.53 -22.97 -20.22
N ALA B 347 -31.72 -22.34 -19.37
CA ALA B 347 -31.99 -20.99 -18.90
C ALA B 347 -31.27 -19.96 -19.77
N ARG B 348 -31.61 -19.97 -21.06
CA ARG B 348 -31.12 -18.95 -22.00
C ARG B 348 -32.12 -18.87 -23.15
N SER B 349 -32.94 -17.81 -23.15
CA SER B 349 -33.98 -17.67 -24.17
C SER B 349 -33.75 -16.47 -25.08
N ASN B 350 -33.73 -15.25 -24.54
CA ASN B 350 -33.63 -14.07 -25.39
C ASN B 350 -32.77 -12.94 -24.81
N VAL B 351 -32.16 -13.11 -23.66
CA VAL B 351 -31.41 -12.02 -23.02
C VAL B 351 -29.97 -12.03 -23.52
N VAL B 352 -29.41 -10.83 -23.67
CA VAL B 352 -28.06 -10.63 -24.18
C VAL B 352 -27.28 -9.83 -23.14
N VAL B 353 -26.21 -10.42 -22.63
CA VAL B 353 -25.43 -9.84 -21.54
C VAL B 353 -24.09 -9.34 -22.07
N ILE B 354 -23.77 -8.08 -21.79
CA ILE B 354 -22.53 -7.46 -22.24
C ILE B 354 -21.69 -7.12 -21.02
N ALA B 355 -20.42 -6.78 -21.27
CA ALA B 355 -19.50 -6.47 -20.20
C ALA B 355 -18.42 -5.51 -20.71
N ALA B 356 -17.79 -4.80 -19.77
CA ALA B 356 -16.74 -3.86 -20.09
C ALA B 356 -15.65 -3.94 -19.01
N THR B 357 -14.40 -3.98 -19.45
CA THR B 357 -13.26 -4.03 -18.55
C THR B 357 -12.07 -3.38 -19.23
N ASN B 358 -10.90 -3.51 -18.59
CA ASN B 358 -9.66 -3.01 -19.16
C ASN B 358 -8.51 -4.02 -19.08
N ARG B 359 -8.73 -5.19 -18.49
CA ARG B 359 -7.70 -6.22 -18.36
C ARG B 359 -8.30 -7.54 -18.82
N PRO B 360 -8.23 -7.85 -20.11
CA PRO B 360 -8.78 -9.12 -20.61
C PRO B 360 -7.93 -10.32 -20.29
N ASN B 361 -6.69 -10.14 -19.84
CA ASN B 361 -5.82 -11.27 -19.55
C ASN B 361 -6.14 -11.92 -18.21
N SER B 362 -6.66 -11.16 -17.25
CA SER B 362 -7.05 -11.72 -15.95
C SER B 362 -8.52 -12.13 -15.94
N ILE B 363 -8.94 -12.85 -16.98
CA ILE B 363 -10.25 -13.46 -17.08
C ILE B 363 -10.04 -14.94 -17.35
N ASP B 364 -10.90 -15.78 -16.80
CA ASP B 364 -10.81 -17.22 -17.04
C ASP B 364 -11.13 -17.52 -18.50
N PRO B 365 -10.35 -18.39 -19.16
CA PRO B 365 -10.58 -18.63 -20.60
C PRO B 365 -11.86 -19.38 -20.92
N ALA B 366 -12.48 -20.04 -19.95
CA ALA B 366 -13.77 -20.68 -20.17
C ALA B 366 -14.91 -19.68 -20.29
N LEU B 367 -14.73 -18.45 -19.81
CA LEU B 367 -15.74 -17.40 -19.88
C LEU B 367 -15.78 -16.71 -21.24
N ARG B 368 -14.76 -16.90 -22.08
CA ARG B 368 -14.74 -16.30 -23.40
C ARG B 368 -15.04 -17.34 -24.48
N ARG B 369 -15.78 -18.38 -24.10
CA ARG B 369 -16.26 -19.39 -25.03
C ARG B 369 -17.45 -18.85 -25.82
N PHE B 370 -17.90 -19.64 -26.80
CA PHE B 370 -19.00 -19.30 -27.69
C PHE B 370 -20.31 -19.05 -26.96
N GLY B 371 -20.52 -19.74 -25.84
CA GLY B 371 -21.76 -19.61 -25.10
C GLY B 371 -21.88 -18.34 -24.28
N ARG B 372 -20.76 -17.81 -23.80
CA ARG B 372 -20.77 -16.69 -22.87
C ARG B 372 -20.31 -15.38 -23.48
N PHE B 373 -19.17 -15.36 -24.17
CA PHE B 373 -18.68 -14.13 -24.76
C PHE B 373 -18.09 -14.43 -26.12
N ASP B 374 -18.75 -13.94 -27.17
CA ASP B 374 -18.45 -14.32 -28.55
C ASP B 374 -17.21 -13.61 -29.09
N ARG B 375 -17.26 -12.28 -29.17
CA ARG B 375 -16.15 -11.51 -29.71
C ARG B 375 -15.57 -10.61 -28.63
N GLU B 376 -14.28 -10.33 -28.76
CA GLU B 376 -13.57 -9.41 -27.89
C GLU B 376 -13.37 -8.11 -28.68
N VAL B 377 -14.39 -7.25 -28.65
CA VAL B 377 -14.34 -5.98 -29.36
C VAL B 377 -13.39 -5.04 -28.62
N ASP B 378 -12.48 -4.41 -29.35
CA ASP B 378 -11.43 -3.58 -28.77
C ASP B 378 -11.69 -2.12 -29.14
N ILE B 379 -12.10 -1.33 -28.14
CA ILE B 379 -12.20 0.12 -28.30
C ILE B 379 -10.78 0.66 -28.11
N GLY B 380 -10.11 0.93 -29.24
CA GLY B 380 -8.71 1.28 -29.21
C GLY B 380 -8.47 2.78 -29.23
N ILE B 381 -7.21 3.14 -29.44
CA ILE B 381 -6.79 4.54 -29.48
C ILE B 381 -7.22 5.14 -30.81
N PRO B 382 -7.92 6.28 -30.81
CA PRO B 382 -8.33 6.89 -32.08
C PRO B 382 -7.15 7.54 -32.78
N ASP B 383 -7.35 7.76 -34.08
CA ASP B 383 -6.35 8.31 -34.98
C ASP B 383 -6.86 9.62 -35.57
N ALA B 384 -6.15 10.12 -36.58
CA ALA B 384 -6.60 11.29 -37.34
C ALA B 384 -7.91 10.99 -38.05
N THR B 385 -8.84 11.96 -37.98
CA THR B 385 -10.25 11.84 -38.36
C THR B 385 -10.93 10.68 -37.60
N GLY B 386 -10.43 10.37 -36.41
CA GLY B 386 -11.08 9.45 -35.49
C GLY B 386 -11.17 10.16 -34.16
N ARG B 387 -10.35 11.20 -34.00
CA ARG B 387 -10.41 12.08 -32.85
C ARG B 387 -10.85 13.49 -33.22
N LEU B 388 -11.28 13.70 -34.47
CA LEU B 388 -11.76 15.02 -34.88
C LEU B 388 -13.25 15.18 -34.59
N GLU B 389 -14.05 14.14 -34.88
CA GLU B 389 -15.46 14.16 -34.51
C GLU B 389 -15.65 13.96 -33.01
N VAL B 390 -14.62 13.54 -32.29
CA VAL B 390 -14.63 13.54 -30.83
C VAL B 390 -14.76 14.95 -30.26
N LEU B 391 -13.94 15.90 -30.74
CA LEU B 391 -14.00 17.26 -30.24
C LEU B 391 -15.25 18.00 -30.71
N ARG B 392 -15.88 17.54 -31.79
CA ARG B 392 -17.08 18.21 -32.30
C ARG B 392 -18.27 17.98 -31.38
N ILE B 393 -18.41 16.77 -30.84
CA ILE B 393 -19.55 16.48 -29.98
C ILE B 393 -19.29 16.86 -28.53
N HIS B 394 -18.03 17.00 -28.13
CA HIS B 394 -17.71 17.58 -26.83
C HIS B 394 -17.63 19.11 -26.89
N THR B 395 -18.12 19.73 -27.97
CA THR B 395 -18.21 21.19 -28.09
C THR B 395 -19.52 21.63 -28.72
N LYS B 396 -20.54 20.77 -28.75
CA LYS B 396 -21.78 21.11 -29.43
C LYS B 396 -22.64 22.05 -28.61
N ASN B 397 -22.88 21.72 -27.34
CA ASN B 397 -23.74 22.53 -26.49
C ASN B 397 -23.05 23.76 -25.93
N MET B 398 -21.74 23.88 -26.11
CA MET B 398 -20.99 24.98 -25.52
C MET B 398 -21.00 26.20 -26.43
N LYS B 399 -21.03 27.38 -25.81
CA LYS B 399 -20.98 28.63 -26.56
C LYS B 399 -19.54 28.91 -27.00
N LEU B 400 -19.30 28.82 -28.29
CA LEU B 400 -17.98 29.01 -28.87
C LEU B 400 -17.95 30.24 -29.76
N ALA B 401 -16.75 30.74 -30.02
CA ALA B 401 -16.58 31.87 -30.91
C ALA B 401 -16.42 31.37 -32.35
N ASP B 402 -16.06 32.27 -33.25
CA ASP B 402 -15.90 31.95 -34.66
C ASP B 402 -14.45 31.74 -35.06
N ASP B 403 -13.50 32.04 -34.19
CA ASP B 403 -12.08 31.91 -34.51
C ASP B 403 -11.50 30.55 -34.11
N VAL B 404 -12.31 29.65 -33.56
CA VAL B 404 -11.83 28.35 -33.14
C VAL B 404 -11.72 27.43 -34.36
N ASP B 405 -10.64 26.66 -34.42
CA ASP B 405 -10.41 25.69 -35.48
C ASP B 405 -10.23 24.32 -34.85
N LEU B 406 -11.21 23.44 -35.06
CA LEU B 406 -11.18 22.11 -34.44
C LEU B 406 -10.21 21.17 -35.14
N GLU B 407 -9.87 21.42 -36.40
CA GLU B 407 -8.97 20.52 -37.12
C GLU B 407 -7.52 20.66 -36.68
N ALA B 408 -7.11 21.86 -36.26
CA ALA B 408 -5.74 22.05 -35.80
C ALA B 408 -5.53 21.48 -34.41
N LEU B 409 -6.59 21.41 -33.60
CA LEU B 409 -6.46 20.88 -32.26
C LEU B 409 -6.35 19.36 -32.26
N ALA B 410 -6.89 18.70 -33.28
CA ALA B 410 -6.83 17.25 -33.34
C ALA B 410 -5.46 16.75 -33.81
N ALA B 411 -4.67 17.60 -34.46
CA ALA B 411 -3.37 17.17 -34.96
C ALA B 411 -2.29 17.23 -33.88
N GLU B 412 -2.47 18.08 -32.87
CA GLU B 412 -1.49 18.22 -31.79
C GLU B 412 -1.91 17.48 -30.53
N THR B 413 -2.82 16.53 -30.65
CA THR B 413 -3.30 15.73 -29.52
C THR B 413 -3.09 14.25 -29.88
N HIS B 414 -2.09 13.61 -29.28
CA HIS B 414 -1.73 12.24 -29.62
C HIS B 414 -2.24 11.23 -28.60
N GLY B 415 -1.87 11.39 -27.33
CA GLY B 415 -2.37 10.51 -26.29
C GLY B 415 -3.76 10.81 -25.81
N TYR B 416 -4.36 11.89 -26.30
CA TYR B 416 -5.70 12.30 -25.93
C TYR B 416 -6.69 11.34 -26.59
N VAL B 417 -7.35 10.50 -25.80
CA VAL B 417 -8.13 9.42 -26.38
C VAL B 417 -9.65 9.62 -26.24
N GLY B 418 -10.17 9.54 -25.02
CA GLY B 418 -11.59 9.75 -24.81
C GLY B 418 -11.93 10.77 -23.75
N ALA B 419 -11.03 10.96 -22.79
CA ALA B 419 -11.28 11.79 -21.63
C ALA B 419 -10.27 12.91 -21.45
N ASP B 420 -9.02 12.73 -21.91
CA ASP B 420 -8.07 13.83 -21.90
C ASP B 420 -8.47 14.91 -22.90
N ILE B 421 -9.01 14.49 -24.05
CA ILE B 421 -9.59 15.43 -24.99
C ILE B 421 -10.90 16.01 -24.46
N ALA B 422 -11.59 15.27 -23.58
CA ALA B 422 -12.70 15.84 -22.83
C ALA B 422 -12.25 16.69 -21.67
N SER B 423 -11.01 16.50 -21.20
CA SER B 423 -10.42 17.43 -20.24
C SER B 423 -9.99 18.73 -20.91
N LEU B 424 -9.71 18.68 -22.22
CA LEU B 424 -9.27 19.87 -22.94
C LEU B 424 -10.40 20.89 -23.10
N CYS B 425 -11.62 20.42 -23.32
CA CYS B 425 -12.76 21.34 -23.39
C CYS B 425 -13.21 21.80 -22.02
N SER B 426 -12.79 21.12 -20.96
CA SER B 426 -13.13 21.54 -19.60
C SER B 426 -12.11 22.52 -19.01
N GLU B 427 -10.82 22.28 -19.23
CA GLU B 427 -9.80 23.18 -18.67
C GLU B 427 -9.75 24.49 -19.44
N ALA B 428 -10.04 24.48 -20.74
CA ALA B 428 -10.11 25.72 -21.49
C ALA B 428 -11.34 26.54 -21.11
N ALA B 429 -12.44 25.86 -20.77
CA ALA B 429 -13.62 26.56 -20.29
C ALA B 429 -13.44 27.06 -18.87
N MET B 430 -12.65 26.34 -18.06
CA MET B 430 -12.37 26.79 -16.70
C MET B 430 -11.46 28.00 -16.70
N GLN B 431 -10.51 28.06 -17.65
CA GLN B 431 -9.66 29.23 -17.79
C GLN B 431 -10.45 30.43 -18.29
N GLN B 432 -11.46 30.21 -19.13
CA GLN B 432 -12.34 31.29 -19.56
C GLN B 432 -13.18 31.82 -18.41
N ILE B 433 -13.54 30.95 -17.46
CA ILE B 433 -14.27 31.40 -16.27
C ILE B 433 -13.33 32.18 -15.36
N ARG B 434 -12.06 31.76 -15.28
CA ARG B 434 -11.11 32.38 -14.36
C ARG B 434 -10.74 33.80 -14.80
N GLU B 435 -10.68 34.05 -16.11
CA GLU B 435 -10.37 35.38 -16.60
C GLU B 435 -11.60 36.30 -16.62
N LYS B 436 -12.80 35.75 -16.42
CA LYS B 436 -14.01 36.55 -16.43
C LYS B 436 -14.45 36.95 -15.03
N MET B 437 -13.62 36.74 -14.01
CA MET B 437 -13.96 37.11 -12.65
C MET B 437 -13.77 38.59 -12.36
N ASP B 438 -13.13 39.33 -13.27
CA ASP B 438 -12.90 40.76 -13.07
C ASP B 438 -14.18 41.55 -13.33
N LEU B 452 -26.45 36.59 -17.61
CA LEU B 452 -26.05 37.98 -17.40
C LEU B 452 -25.11 38.45 -18.52
N ASP B 453 -23.97 37.77 -18.64
CA ASP B 453 -22.98 38.09 -19.65
C ASP B 453 -22.55 36.82 -20.37
N SER B 454 -22.48 36.89 -21.70
CA SER B 454 -22.08 35.76 -22.51
C SER B 454 -20.57 35.69 -22.64
N LEU B 455 -20.04 34.47 -22.75
CA LEU B 455 -18.62 34.23 -22.82
C LEU B 455 -18.32 33.33 -24.03
N GLY B 456 -17.04 33.10 -24.27
CA GLY B 456 -16.62 32.25 -25.38
C GLY B 456 -15.13 32.05 -25.45
N VAL B 457 -14.72 30.82 -25.78
CA VAL B 457 -13.31 30.50 -25.92
C VAL B 457 -12.79 31.04 -27.25
N THR B 458 -11.50 31.37 -27.28
CA THR B 458 -10.89 32.04 -28.44
C THR B 458 -9.51 31.46 -28.76
N MET B 459 -9.32 30.17 -28.41
CA MET B 459 -8.12 29.38 -28.65
C MET B 459 -6.86 29.94 -27.99
N ASP B 460 -7.02 30.83 -27.02
CA ASP B 460 -5.90 31.25 -26.18
C ASP B 460 -5.81 30.39 -24.92
N ASN B 461 -6.95 30.06 -24.33
CA ASN B 461 -7.00 29.12 -23.22
C ASN B 461 -6.90 27.68 -23.68
N PHE B 462 -7.16 27.41 -24.96
CA PHE B 462 -6.98 26.06 -25.49
C PHE B 462 -5.50 25.69 -25.54
N ARG B 463 -4.65 26.66 -25.92
CA ARG B 463 -3.20 26.42 -25.87
C ARG B 463 -2.69 26.42 -24.44
N PHE B 464 -3.35 27.15 -23.54
CA PHE B 464 -2.96 27.12 -22.14
C PHE B 464 -3.36 25.80 -21.49
N ALA B 465 -4.51 25.25 -21.88
CA ALA B 465 -4.91 23.93 -21.40
C ALA B 465 -4.14 22.81 -22.08
N LEU B 466 -3.47 23.09 -23.20
CA LEU B 466 -2.67 22.08 -23.89
C LEU B 466 -1.33 21.84 -23.23
N GLY B 467 -0.97 22.63 -22.20
CA GLY B 467 0.30 22.42 -21.53
C GLY B 467 0.31 21.15 -20.69
N ASN B 468 -0.70 20.99 -19.82
CA ASN B 468 -0.81 19.80 -18.97
C ASN B 468 -2.23 19.25 -19.07
N SER B 469 -2.49 18.46 -20.12
CA SER B 469 -3.74 17.72 -20.20
C SER B 469 -3.60 16.33 -20.82
N ASN B 470 -2.40 15.90 -21.18
CA ASN B 470 -2.20 14.56 -21.74
C ASN B 470 -2.15 13.38 -20.75
N PRO B 471 -1.62 13.49 -19.50
CA PRO B 471 -1.10 12.25 -18.90
C PRO B 471 -2.15 11.38 -18.20
N SER B 472 -2.90 10.61 -18.98
CA SER B 472 -3.76 9.60 -18.37
C SER B 472 -2.99 8.30 -18.13
N ALA B 473 -2.41 7.74 -19.19
CA ALA B 473 -1.58 6.55 -19.05
C ALA B 473 -0.14 6.90 -18.70
N LEU B 474 0.37 8.02 -19.20
CA LEU B 474 1.76 8.44 -18.96
C LEU B 474 1.89 9.40 -17.78
N ARG B 475 1.00 9.30 -16.79
CA ARG B 475 1.09 10.12 -15.59
C ARG B 475 2.29 9.75 -14.73
N GLU B 476 2.72 8.49 -14.77
CA GLU B 476 3.84 8.07 -13.94
C GLU B 476 5.17 8.58 -14.46
N THR B 477 5.26 8.87 -15.75
CA THR B 477 6.53 9.27 -16.36
C THR B 477 6.45 10.69 -16.94
N VAL B 478 5.86 11.62 -16.18
CA VAL B 478 5.81 13.00 -16.64
C VAL B 478 7.17 13.66 -16.48
N VAL B 479 7.38 14.75 -17.24
CA VAL B 479 8.64 15.48 -17.22
C VAL B 479 8.33 16.98 -17.15
N GLU B 480 9.10 17.70 -16.33
CA GLU B 480 8.90 19.13 -16.12
C GLU B 480 10.21 19.74 -15.61
N SER B 481 10.49 20.99 -15.98
CA SER B 481 9.78 21.80 -16.97
C SER B 481 10.78 22.58 -17.81
N VAL B 482 11.99 22.04 -17.93
CA VAL B 482 13.08 22.76 -18.57
C VAL B 482 12.90 22.81 -20.08
N ASN B 483 13.21 23.97 -20.66
CA ASN B 483 13.09 24.18 -22.09
C ASN B 483 14.15 25.18 -22.54
N VAL B 484 14.66 24.96 -23.76
CA VAL B 484 15.66 25.84 -24.36
C VAL B 484 15.13 26.53 -25.61
N THR B 485 13.85 26.33 -25.96
CA THR B 485 13.07 26.83 -27.10
C THR B 485 13.85 26.92 -28.43
N TRP B 486 14.68 25.92 -28.70
CA TRP B 486 15.38 25.67 -29.97
C TRP B 486 16.35 26.77 -30.39
N ASP B 487 16.60 27.77 -29.55
CA ASP B 487 17.51 28.86 -29.90
C ASP B 487 18.67 29.01 -28.92
N ASP B 488 18.66 28.28 -27.81
CA ASP B 488 19.76 28.33 -26.85
C ASP B 488 20.94 27.45 -27.26
N VAL B 489 20.77 26.61 -28.27
CA VAL B 489 21.85 25.78 -28.79
C VAL B 489 22.37 26.41 -30.08
N GLY B 490 23.66 26.23 -30.35
CA GLY B 490 24.28 26.79 -31.53
C GLY B 490 25.36 25.88 -32.08
N GLY B 491 25.78 26.18 -33.31
CA GLY B 491 26.83 25.43 -33.96
C GLY B 491 26.34 24.22 -34.72
N LEU B 492 25.46 23.43 -34.10
CA LEU B 492 24.94 22.21 -34.71
C LEU B 492 23.72 22.53 -35.57
N ASP B 493 24.00 23.17 -36.71
CA ASP B 493 22.92 23.51 -37.64
C ASP B 493 22.47 22.29 -38.43
N GLU B 494 23.40 21.38 -38.74
CA GLU B 494 23.03 20.16 -39.46
C GLU B 494 22.42 19.12 -38.53
N ILE B 495 22.84 19.10 -37.26
CA ILE B 495 22.27 18.15 -36.30
C ILE B 495 20.85 18.57 -35.91
N LYS B 496 20.59 19.88 -35.86
CA LYS B 496 19.25 20.35 -35.50
C LYS B 496 18.23 20.05 -36.59
N GLU B 497 18.62 20.18 -37.85
CA GLU B 497 17.72 19.86 -38.94
C GLU B 497 17.57 18.35 -39.14
N GLU B 498 18.61 17.57 -38.86
CA GLU B 498 18.51 16.11 -39.00
C GLU B 498 17.60 15.51 -37.94
N LEU B 499 17.70 16.01 -36.70
CA LEU B 499 16.83 15.52 -35.65
C LEU B 499 15.39 16.01 -35.80
N LYS B 500 15.20 17.14 -36.51
CA LYS B 500 13.86 17.68 -36.66
C LYS B 500 13.04 16.89 -37.68
N GLU B 501 13.62 16.60 -38.85
CA GLU B 501 12.85 15.95 -39.90
C GLU B 501 12.66 14.45 -39.64
N THR B 502 13.36 13.89 -38.66
CA THR B 502 13.15 12.49 -38.30
C THR B 502 11.93 12.27 -37.43
N VAL B 503 11.37 13.34 -36.85
CA VAL B 503 10.18 13.23 -36.03
C VAL B 503 9.00 14.02 -36.61
N GLU B 504 9.25 15.01 -37.48
CA GLU B 504 8.15 15.78 -38.05
C GLU B 504 7.59 15.15 -39.32
N TYR B 505 8.39 14.37 -40.04
CA TYR B 505 7.88 13.72 -41.25
C TYR B 505 6.82 12.63 -41.01
N PRO B 506 6.93 11.69 -40.05
CA PRO B 506 5.83 10.74 -39.87
C PRO B 506 4.61 11.33 -39.19
N VAL B 507 4.71 12.51 -38.60
CA VAL B 507 3.57 13.11 -37.90
C VAL B 507 2.86 14.18 -38.73
N LEU B 508 3.58 15.15 -39.31
CA LEU B 508 2.95 16.20 -40.07
C LEU B 508 2.46 15.74 -41.44
N HIS B 509 3.19 14.85 -42.10
CA HIS B 509 2.79 14.29 -43.40
C HIS B 509 2.81 12.77 -43.31
N PRO B 510 1.76 12.17 -42.72
CA PRO B 510 1.72 10.70 -42.68
C PRO B 510 1.27 10.06 -43.98
N ASP B 511 0.59 10.81 -44.85
CA ASP B 511 0.12 10.24 -46.11
C ASP B 511 1.24 10.07 -47.13
N GLN B 512 2.37 10.76 -46.95
CA GLN B 512 3.49 10.60 -47.87
C GLN B 512 4.19 9.26 -47.67
N TYR B 513 4.23 8.75 -46.45
CA TYR B 513 4.87 7.47 -46.20
C TYR B 513 3.99 6.30 -46.64
N THR B 514 2.67 6.42 -46.49
CA THR B 514 1.78 5.36 -46.96
C THR B 514 1.68 5.37 -48.48
N LYS B 515 1.91 6.52 -49.11
CA LYS B 515 1.99 6.57 -50.57
C LYS B 515 3.24 5.86 -51.06
N PHE B 516 4.38 6.11 -50.41
CA PHE B 516 5.62 5.45 -50.77
C PHE B 516 5.67 4.01 -50.26
N GLY B 517 4.91 3.68 -49.23
CA GLY B 517 4.86 2.32 -48.74
C GLY B 517 6.09 1.86 -47.99
N LEU B 518 6.76 2.77 -47.28
CA LEU B 518 7.97 2.45 -46.55
C LEU B 518 7.89 3.02 -45.14
N SER B 519 8.40 2.26 -44.18
CA SER B 519 8.43 2.72 -42.81
C SER B 519 9.53 3.78 -42.63
N PRO B 520 9.31 4.78 -41.79
CA PRO B 520 10.33 5.82 -41.59
C PRO B 520 11.44 5.34 -40.65
N SER B 521 12.47 6.17 -40.54
CA SER B 521 13.58 5.92 -39.62
C SER B 521 13.28 6.55 -38.27
N LYS B 522 13.56 5.81 -37.20
CA LYS B 522 13.17 6.22 -35.86
C LYS B 522 14.36 6.45 -34.94
N GLY B 523 15.28 5.49 -34.83
CA GLY B 523 16.30 5.52 -33.80
C GLY B 523 17.46 6.44 -34.15
N VAL B 524 17.83 7.30 -33.20
CA VAL B 524 19.03 8.12 -33.31
C VAL B 524 19.91 7.84 -32.10
N LEU B 525 21.21 8.03 -32.26
CA LEU B 525 22.18 7.78 -31.21
C LEU B 525 23.25 8.86 -31.21
N PHE B 526 23.58 9.33 -30.01
CA PHE B 526 24.63 10.32 -29.82
C PHE B 526 25.80 9.65 -29.10
N TYR B 527 27.00 9.76 -29.67
CA TYR B 527 28.17 9.13 -29.08
C TYR B 527 29.37 10.07 -29.05
N GLY B 528 29.13 11.38 -28.92
CA GLY B 528 30.19 12.35 -28.94
C GLY B 528 30.97 12.38 -27.64
N PRO B 529 32.01 13.22 -27.62
CA PRO B 529 32.80 13.39 -26.39
C PRO B 529 32.03 14.15 -25.34
N PRO B 530 32.42 14.05 -24.06
CA PRO B 530 31.64 14.73 -23.01
C PRO B 530 31.77 16.24 -23.07
N GLY B 531 30.62 16.92 -23.17
CA GLY B 531 30.57 18.36 -23.10
C GLY B 531 30.06 19.09 -24.34
N THR B 532 29.67 18.37 -25.39
CA THR B 532 29.31 19.03 -26.64
C THR B 532 27.85 19.44 -26.74
N GLY B 533 26.95 18.84 -25.95
CA GLY B 533 25.55 19.18 -26.02
C GLY B 533 24.62 18.05 -26.42
N LYS B 534 24.98 16.80 -26.12
CA LYS B 534 24.11 15.68 -26.41
C LYS B 534 23.11 15.35 -25.30
N THR B 535 23.42 15.58 -24.00
CA THR B 535 22.44 15.07 -23.03
C THR B 535 21.32 16.06 -22.75
N LEU B 536 21.41 17.29 -23.26
CA LEU B 536 20.27 18.19 -23.22
C LEU B 536 19.85 18.66 -24.61
N LEU B 537 20.28 17.96 -25.66
CA LEU B 537 19.62 18.13 -26.96
C LEU B 537 18.27 17.43 -26.97
N ALA B 538 18.10 16.41 -26.13
CA ALA B 538 16.78 15.83 -25.90
C ALA B 538 15.87 16.79 -25.14
N LYS B 539 16.45 17.69 -24.35
CA LYS B 539 15.65 18.75 -23.73
C LYS B 539 15.18 19.77 -24.74
N ALA B 540 15.84 19.87 -25.90
CA ALA B 540 15.36 20.76 -26.95
C ALA B 540 14.14 20.19 -27.65
N VAL B 541 14.15 18.88 -27.92
CA VAL B 541 13.00 18.25 -28.57
C VAL B 541 11.90 17.88 -27.60
N ALA B 542 12.11 18.05 -26.30
CA ALA B 542 11.08 17.73 -25.31
C ALA B 542 9.99 18.78 -25.25
N THR B 543 10.24 19.99 -25.72
CA THR B 543 9.28 21.07 -25.66
C THR B 543 8.99 21.73 -27.01
N GLU B 544 9.65 21.29 -28.08
CA GLU B 544 9.48 21.90 -29.39
C GLU B 544 8.52 21.11 -30.28
N VAL B 545 8.81 19.83 -30.49
CA VAL B 545 7.96 19.01 -31.36
C VAL B 545 6.70 18.63 -30.61
N SER B 546 5.65 18.31 -31.36
CA SER B 546 4.36 17.92 -30.78
C SER B 546 4.32 16.40 -30.67
N ALA B 547 4.92 15.88 -29.60
CA ALA B 547 4.94 14.45 -29.36
C ALA B 547 5.10 14.21 -27.86
N ASN B 548 4.67 13.04 -27.41
CA ASN B 548 4.84 12.67 -26.02
C ASN B 548 6.29 12.33 -25.74
N PHE B 549 6.81 12.83 -24.62
CA PHE B 549 8.21 12.67 -24.25
C PHE B 549 8.32 11.77 -23.04
N ILE B 550 9.11 10.71 -23.16
CA ILE B 550 9.41 9.80 -22.06
C ILE B 550 10.90 9.87 -21.79
N SER B 551 11.26 10.17 -20.54
CA SER B 551 12.65 10.35 -20.14
C SER B 551 13.07 9.22 -19.22
N VAL B 552 14.21 8.60 -19.52
CA VAL B 552 14.81 7.58 -18.68
C VAL B 552 16.21 8.05 -18.33
N LYS B 553 16.44 8.36 -17.06
CA LYS B 553 17.71 8.91 -16.60
C LYS B 553 18.61 7.77 -16.15
N GLY B 554 19.35 7.20 -17.09
CA GLY B 554 20.28 6.13 -16.80
C GLY B 554 19.57 4.84 -16.43
N PRO B 555 20.15 4.10 -15.47
CA PRO B 555 19.49 2.88 -14.97
C PRO B 555 18.47 3.19 -13.87
N GLU B 556 17.44 3.95 -14.21
CA GLU B 556 16.41 4.34 -13.28
C GLU B 556 15.25 3.36 -13.23
N LEU B 557 15.31 2.27 -13.99
CA LEU B 557 14.24 1.29 -14.05
C LEU B 557 14.64 -0.08 -13.54
N LEU B 558 15.84 -0.25 -13.02
CA LEU B 558 16.30 -1.55 -12.58
C LEU B 558 15.78 -1.88 -11.19
N SER B 559 15.50 -3.17 -10.97
CA SER B 559 15.02 -3.68 -9.70
C SER B 559 15.74 -4.98 -9.38
N MET B 560 15.51 -5.48 -8.17
CA MET B 560 16.27 -6.59 -7.61
C MET B 560 15.45 -7.85 -7.39
N TRP B 561 14.30 -7.99 -8.05
CA TRP B 561 13.31 -8.98 -7.64
C TRP B 561 13.20 -10.17 -8.58
N TYR B 562 14.07 -10.25 -9.60
CA TYR B 562 14.01 -11.28 -10.65
C TYR B 562 12.64 -11.25 -11.33
N GLY B 563 12.37 -10.17 -12.05
CA GLY B 563 11.02 -9.68 -12.19
C GLY B 563 10.98 -8.28 -12.77
N GLU B 564 10.38 -7.33 -12.02
CA GLU B 564 10.06 -5.96 -12.37
C GLU B 564 11.13 -5.19 -13.15
N SER B 565 12.41 -5.55 -12.93
CA SER B 565 13.51 -5.01 -13.73
C SER B 565 13.36 -5.34 -15.22
N GLU B 566 12.71 -6.46 -15.54
CA GLU B 566 12.45 -6.81 -16.93
C GLU B 566 11.11 -6.28 -17.42
N SER B 567 10.14 -6.13 -16.51
CA SER B 567 8.84 -5.58 -16.86
C SER B 567 8.85 -4.06 -16.96
N ASN B 568 9.88 -3.39 -16.43
CA ASN B 568 9.91 -1.93 -16.49
C ASN B 568 10.17 -1.43 -17.90
N ILE B 569 10.88 -2.20 -18.71
CA ILE B 569 10.99 -1.90 -20.14
C ILE B 569 9.67 -2.24 -20.84
N ARG B 570 8.98 -3.28 -20.36
CA ARG B 570 7.76 -3.73 -21.01
C ARG B 570 6.60 -2.75 -20.81
N ASP B 571 6.45 -2.20 -19.61
CA ASP B 571 5.33 -1.30 -19.38
C ASP B 571 5.63 0.13 -19.80
N ILE B 572 6.86 0.43 -20.21
CA ILE B 572 7.21 1.78 -20.67
C ILE B 572 7.09 1.91 -22.19
N PHE B 573 7.00 0.81 -22.92
CA PHE B 573 6.92 0.85 -24.38
C PHE B 573 5.50 0.73 -24.91
N ASP B 574 4.69 -0.18 -24.33
CA ASP B 574 3.30 -0.30 -24.78
C ASP B 574 2.47 0.90 -24.31
N LYS B 575 2.82 1.47 -23.17
CA LYS B 575 2.23 2.74 -22.76
C LYS B 575 2.64 3.85 -23.70
N ALA B 576 3.90 3.84 -24.16
CA ALA B 576 4.32 4.76 -25.20
C ALA B 576 3.68 4.43 -26.54
N ARG B 577 3.43 3.13 -26.81
CA ARG B 577 2.74 2.75 -28.03
C ARG B 577 1.26 3.10 -27.96
N ALA B 578 0.69 3.14 -26.76
CA ALA B 578 -0.70 3.59 -26.62
C ALA B 578 -0.82 5.08 -26.87
N ALA B 579 0.18 5.85 -26.46
CA ALA B 579 0.23 7.28 -26.74
C ALA B 579 1.03 7.56 -28.02
N ALA B 580 0.66 6.89 -29.11
CA ALA B 580 1.37 7.04 -30.37
C ALA B 580 0.88 8.29 -31.10
N PRO B 581 1.80 9.07 -31.70
CA PRO B 581 3.25 8.89 -31.71
C PRO B 581 3.93 9.49 -30.49
N THR B 582 5.17 9.09 -30.23
CA THR B 582 5.90 9.57 -29.07
C THR B 582 7.39 9.53 -29.35
N VAL B 583 8.15 10.22 -28.50
CA VAL B 583 9.60 10.27 -28.58
C VAL B 583 10.14 9.88 -27.20
N VAL B 584 10.71 8.69 -27.10
CA VAL B 584 11.32 8.25 -25.84
C VAL B 584 12.80 8.64 -25.87
N PHE B 585 13.40 8.69 -24.68
CA PHE B 585 14.79 9.08 -24.53
C PHE B 585 15.48 8.14 -23.55
N LEU B 586 16.55 7.51 -24.01
CA LEU B 586 17.36 6.60 -23.19
C LEU B 586 18.73 7.23 -23.00
N ASP B 587 18.98 7.76 -21.82
CA ASP B 587 20.24 8.42 -21.51
C ASP B 587 21.20 7.45 -20.85
N GLU B 588 22.48 7.55 -21.23
CA GLU B 588 23.61 6.81 -20.65
C GLU B 588 23.41 5.29 -20.77
N LEU B 589 23.43 4.84 -22.02
CA LEU B 589 23.21 3.43 -22.35
C LEU B 589 24.43 2.55 -22.10
N ASP B 590 25.49 3.07 -21.47
CA ASP B 590 26.62 2.22 -21.11
C ASP B 590 26.25 1.27 -19.98
N SER B 591 25.41 1.72 -19.05
CA SER B 591 24.97 0.86 -17.95
C SER B 591 23.80 -0.03 -18.35
N ILE B 592 23.13 0.27 -19.45
CA ILE B 592 21.99 -0.52 -19.88
C ILE B 592 22.41 -1.66 -20.79
N ALA B 593 23.34 -1.40 -21.71
CA ALA B 593 23.67 -2.33 -22.80
C ALA B 593 24.90 -3.19 -22.49
N LYS B 594 25.08 -3.60 -21.24
CA LYS B 594 26.17 -4.50 -20.87
C LYS B 594 25.63 -5.94 -20.94
N ALA B 595 25.79 -6.57 -22.10
CA ALA B 595 25.27 -7.91 -22.33
C ALA B 595 26.32 -8.90 -22.78
N ARG B 596 27.26 -8.49 -23.62
CA ARG B 596 28.21 -9.41 -24.22
C ARG B 596 29.29 -9.89 -23.26
N GLY B 597 29.44 -9.24 -22.11
CA GLY B 597 30.35 -9.73 -21.09
C GLY B 597 29.62 -10.03 -19.80
N GLY B 598 29.54 -11.32 -19.46
CA GLY B 598 28.84 -11.73 -18.26
C GLY B 598 28.94 -13.22 -17.99
N SER B 599 29.24 -13.62 -16.75
CA SER B 599 29.53 -12.70 -15.65
C SER B 599 31.02 -12.40 -15.58
N LEU B 600 31.36 -11.12 -15.54
CA LEU B 600 32.76 -10.67 -15.51
C LEU B 600 33.24 -10.49 -14.07
N GLY B 601 33.19 -11.58 -13.30
CA GLY B 601 33.69 -11.58 -11.95
C GLY B 601 32.81 -10.87 -10.94
N ASP B 602 32.74 -9.54 -11.03
CA ASP B 602 31.93 -8.73 -10.13
C ASP B 602 30.87 -7.92 -10.86
N ALA B 603 30.72 -8.08 -12.17
CA ALA B 603 29.70 -7.34 -12.91
C ALA B 603 28.31 -7.88 -12.63
N GLY B 604 28.20 -9.15 -12.25
CA GLY B 604 26.92 -9.74 -11.94
C GLY B 604 26.27 -10.42 -13.13
N GLY B 605 25.95 -11.70 -12.98
CA GLY B 605 25.27 -12.43 -14.03
C GLY B 605 23.80 -12.06 -14.13
N ALA B 606 23.16 -12.65 -15.14
CA ALA B 606 21.76 -12.39 -15.53
C ALA B 606 21.51 -10.91 -15.79
N SER B 607 22.51 -10.20 -16.31
CA SER B 607 22.37 -8.80 -16.67
C SER B 607 22.28 -8.58 -18.18
N ASP B 608 22.27 -9.65 -18.97
CA ASP B 608 22.05 -9.56 -20.40
C ASP B 608 20.58 -9.72 -20.76
N ARG B 609 19.73 -10.10 -19.80
CA ARG B 609 18.31 -10.22 -20.06
C ARG B 609 17.64 -8.86 -20.15
N VAL B 610 18.21 -7.83 -19.50
CA VAL B 610 17.68 -6.48 -19.60
C VAL B 610 17.93 -5.87 -20.98
N VAL B 611 18.87 -6.41 -21.74
CA VAL B 611 19.10 -5.96 -23.12
C VAL B 611 18.23 -6.74 -24.09
N ASN B 612 18.08 -8.04 -23.88
CA ASN B 612 17.28 -8.88 -24.78
C ASN B 612 15.80 -8.53 -24.71
N GLN B 613 15.35 -7.99 -23.56
CA GLN B 613 14.01 -7.42 -23.50
C GLN B 613 13.95 -6.11 -24.29
N LEU B 614 15.03 -5.33 -24.28
CA LEU B 614 15.07 -4.08 -25.06
C LEU B 614 15.16 -4.37 -26.55
N LEU B 615 15.79 -5.49 -26.93
CA LEU B 615 15.88 -5.84 -28.35
C LEU B 615 14.57 -6.34 -28.92
N THR B 616 13.66 -6.81 -28.07
CA THR B 616 12.34 -7.26 -28.50
C THR B 616 11.29 -6.15 -28.45
N GLU B 617 11.66 -4.94 -28.04
CA GLU B 617 10.74 -3.82 -28.03
C GLU B 617 11.04 -2.80 -29.12
N MET B 618 12.29 -2.73 -29.58
CA MET B 618 12.63 -1.79 -30.65
C MET B 618 12.15 -2.29 -32.00
N ASP B 619 12.43 -3.55 -32.31
CA ASP B 619 11.88 -4.19 -33.50
C ASP B 619 10.91 -5.32 -33.13
N GLY B 620 11.39 -6.34 -32.42
CA GLY B 620 10.61 -7.46 -31.89
C GLY B 620 9.65 -8.14 -32.85
N MET B 621 8.44 -8.41 -32.36
CA MET B 621 7.30 -8.80 -33.20
C MET B 621 6.14 -7.90 -32.79
N ASN B 622 6.09 -6.70 -33.39
CA ASN B 622 5.09 -5.70 -33.05
C ASN B 622 4.77 -4.90 -34.31
N ALA B 623 3.78 -4.01 -34.17
CA ALA B 623 3.40 -3.11 -35.26
C ALA B 623 4.18 -1.80 -35.14
N LYS B 624 4.33 -1.13 -36.28
CA LYS B 624 5.03 0.15 -36.32
C LYS B 624 4.12 1.24 -35.74
N LYS B 625 4.45 1.70 -34.54
CA LYS B 625 3.65 2.71 -33.84
C LYS B 625 4.35 4.06 -33.78
N ASN B 626 5.32 4.29 -34.67
CA ASN B 626 6.07 5.56 -34.81
C ASN B 626 6.78 5.94 -33.51
N VAL B 627 7.34 4.96 -32.82
CA VAL B 627 8.08 5.20 -31.59
C VAL B 627 9.51 5.58 -31.94
N PHE B 628 9.90 6.80 -31.58
CA PHE B 628 11.24 7.31 -31.86
C PHE B 628 12.10 7.17 -30.62
N VAL B 629 13.23 6.48 -30.76
CA VAL B 629 14.15 6.24 -29.66
C VAL B 629 15.35 7.15 -29.83
N ILE B 630 15.62 7.98 -28.83
CA ILE B 630 16.79 8.85 -28.80
C ILE B 630 17.73 8.31 -27.73
N GLY B 631 18.97 8.05 -28.12
CA GLY B 631 19.99 7.56 -27.20
C GLY B 631 21.15 8.52 -27.11
N ALA B 632 21.64 8.72 -25.89
CA ALA B 632 22.77 9.60 -25.64
C ALA B 632 23.76 8.90 -24.72
N THR B 633 24.99 8.72 -25.20
CA THR B 633 26.02 8.06 -24.42
C THR B 633 27.37 8.65 -24.77
N ASN B 634 28.34 8.44 -23.88
CA ASN B 634 29.68 8.97 -24.08
C ASN B 634 30.70 7.90 -24.47
N ARG B 635 30.38 6.62 -24.30
CA ARG B 635 31.27 5.55 -24.73
C ARG B 635 30.59 4.74 -25.82
N PRO B 636 30.99 4.88 -27.10
CA PRO B 636 30.34 4.11 -28.17
C PRO B 636 30.79 2.66 -28.25
N ASP B 637 31.83 2.26 -27.52
CA ASP B 637 32.35 0.90 -27.61
C ASP B 637 31.72 -0.04 -26.59
N GLN B 638 31.04 0.49 -25.57
CA GLN B 638 30.44 -0.34 -24.53
C GLN B 638 28.95 -0.58 -24.77
N ILE B 639 28.43 -0.17 -25.92
CA ILE B 639 27.04 -0.43 -26.27
C ILE B 639 27.00 -1.78 -26.97
N ASP B 640 25.89 -2.50 -26.81
CA ASP B 640 25.67 -3.77 -27.49
C ASP B 640 25.58 -3.54 -28.99
N PRO B 641 26.40 -4.22 -29.81
CA PRO B 641 26.27 -4.08 -31.27
C PRO B 641 24.99 -4.68 -31.84
N ALA B 642 24.25 -5.48 -31.07
CA ALA B 642 22.92 -5.92 -31.52
C ALA B 642 21.95 -4.76 -31.56
N ILE B 643 22.12 -3.77 -30.67
CA ILE B 643 21.34 -2.54 -30.79
C ILE B 643 21.88 -1.67 -31.91
N LEU B 644 23.18 -1.76 -32.21
CA LEU B 644 23.81 -0.98 -33.28
C LEU B 644 23.51 -1.65 -34.63
N ARG B 645 22.27 -1.48 -35.08
CA ARG B 645 21.81 -1.99 -36.35
C ARG B 645 20.59 -1.20 -36.78
N PRO B 646 20.29 -1.14 -38.07
CA PRO B 646 19.04 -0.48 -38.50
C PRO B 646 17.80 -1.25 -38.06
N GLY B 647 16.70 -0.51 -37.94
CA GLY B 647 15.49 -0.99 -37.33
C GLY B 647 15.40 -0.67 -35.85
N ARG B 648 16.53 -0.61 -35.16
CA ARG B 648 16.60 -0.21 -33.77
C ARG B 648 17.32 1.12 -33.59
N LEU B 649 18.55 1.23 -34.10
CA LEU B 649 19.33 2.48 -34.03
C LEU B 649 20.15 2.57 -35.32
N ASP B 650 19.60 3.26 -36.31
CA ASP B 650 20.26 3.39 -37.60
C ASP B 650 20.98 4.72 -37.79
N GLN B 651 20.39 5.83 -37.36
CA GLN B 651 20.99 7.14 -37.55
C GLN B 651 22.12 7.31 -36.53
N LEU B 652 23.35 7.11 -36.98
CA LEU B 652 24.54 7.22 -36.13
C LEU B 652 25.25 8.51 -36.51
N ILE B 653 25.09 9.54 -35.68
CA ILE B 653 25.70 10.85 -35.90
C ILE B 653 26.71 11.10 -34.79
N TYR B 654 27.87 11.65 -35.17
CA TYR B 654 28.94 11.96 -34.24
C TYR B 654 29.04 13.47 -34.09
N VAL B 655 28.68 13.97 -32.92
CA VAL B 655 28.81 15.40 -32.63
C VAL B 655 30.24 15.72 -32.25
N PRO B 656 30.93 16.60 -32.99
CA PRO B 656 32.33 16.90 -32.68
C PRO B 656 32.47 18.07 -31.72
N LEU B 657 33.72 18.45 -31.42
CA LEU B 657 33.97 19.69 -30.73
C LEU B 657 33.69 20.87 -31.67
N PRO B 658 33.25 22.02 -31.14
CA PRO B 658 33.01 23.18 -32.00
C PRO B 658 34.33 23.78 -32.48
N ASP B 659 34.36 24.15 -33.75
CA ASP B 659 35.52 24.81 -34.34
C ASP B 659 35.36 26.33 -34.18
N GLU B 660 36.18 27.09 -34.88
CA GLU B 660 36.13 28.55 -34.80
C GLU B 660 34.87 29.13 -35.45
N ASN B 661 34.21 28.37 -36.33
CA ASN B 661 32.97 28.81 -36.95
C ASN B 661 31.77 28.57 -36.05
N ALA B 662 31.72 27.42 -35.38
CA ALA B 662 30.61 27.09 -34.50
C ALA B 662 30.63 27.86 -33.18
N ARG B 663 31.80 28.28 -32.71
CA ARG B 663 31.89 28.87 -31.39
C ARG B 663 31.34 30.29 -31.33
N LEU B 664 31.34 31.01 -32.46
CA LEU B 664 30.78 32.36 -32.46
C LEU B 664 29.26 32.32 -32.47
N SER B 665 28.66 31.29 -33.05
CA SER B 665 27.22 31.06 -32.94
C SER B 665 26.86 30.37 -31.62
N ILE B 666 27.85 29.89 -30.88
CA ILE B 666 27.64 29.28 -29.57
C ILE B 666 27.65 30.29 -28.43
N LEU B 667 28.48 31.34 -28.49
CA LEU B 667 28.60 32.25 -27.36
C LEU B 667 27.41 33.19 -27.24
N ASN B 668 26.88 33.66 -28.37
CA ASN B 668 25.73 34.56 -28.33
C ASN B 668 24.44 33.80 -28.05
N ALA B 669 24.34 32.55 -28.50
CA ALA B 669 23.14 31.76 -28.26
C ALA B 669 23.05 31.25 -26.83
N GLN B 670 24.17 31.23 -26.11
CA GLN B 670 24.14 30.77 -24.72
C GLN B 670 23.53 31.82 -23.79
N LEU B 671 23.87 33.09 -24.00
CA LEU B 671 23.44 34.12 -23.07
C LEU B 671 22.01 34.56 -23.32
N ARG B 672 21.76 35.21 -24.47
CA ARG B 672 20.45 35.50 -25.06
C ARG B 672 19.60 36.47 -24.23
N LYS B 673 20.05 36.89 -23.05
CA LYS B 673 19.22 37.69 -22.14
C LYS B 673 19.99 38.77 -21.41
N THR B 674 21.28 38.98 -21.71
CA THR B 674 22.13 39.86 -20.94
C THR B 674 22.63 41.01 -21.80
N PRO B 675 22.67 42.23 -21.27
CA PRO B 675 23.39 43.31 -21.96
C PRO B 675 24.88 42.98 -22.02
N LEU B 676 25.47 43.19 -23.20
CA LEU B 676 26.78 42.64 -23.50
C LEU B 676 27.82 43.73 -23.74
N GLU B 677 27.59 44.94 -23.19
CA GLU B 677 28.41 46.14 -23.36
C GLU B 677 28.63 46.44 -24.84
N PRO B 678 27.63 47.02 -25.52
CA PRO B 678 27.67 47.14 -26.99
C PRO B 678 28.86 47.95 -27.49
N GLY B 679 29.68 47.30 -28.32
CA GLY B 679 31.02 47.76 -28.65
C GLY B 679 32.08 46.69 -28.45
N LEU B 680 31.73 45.55 -27.87
CA LEU B 680 32.66 44.44 -27.69
C LEU B 680 32.64 43.52 -28.91
N GLU B 681 33.59 42.58 -28.92
CA GLU B 681 33.70 41.60 -30.00
C GLU B 681 33.91 40.22 -29.38
N LEU B 682 32.95 39.33 -29.61
CA LEU B 682 33.05 37.95 -29.15
C LEU B 682 33.78 37.05 -30.13
N THR B 683 34.26 37.61 -31.26
CA THR B 683 34.97 36.80 -32.23
C THR B 683 36.39 36.48 -31.77
N ALA B 684 36.94 37.29 -30.86
CA ALA B 684 38.28 37.02 -30.35
C ALA B 684 38.30 35.81 -29.43
N ILE B 685 37.18 35.55 -28.74
CA ILE B 685 37.09 34.34 -27.91
C ILE B 685 36.88 33.11 -28.79
N ALA B 686 36.20 33.27 -29.92
CA ALA B 686 35.91 32.13 -30.79
C ALA B 686 37.16 31.66 -31.52
N LYS B 687 38.03 32.59 -31.93
CA LYS B 687 39.27 32.20 -32.59
C LYS B 687 40.29 31.65 -31.59
N ALA B 688 40.19 32.06 -30.33
CA ALA B 688 41.04 31.54 -29.27
C ALA B 688 40.33 30.36 -28.59
N THR B 689 40.88 29.95 -27.44
CA THR B 689 40.49 28.79 -26.60
C THR B 689 40.06 27.57 -27.43
N GLN B 690 40.98 27.13 -28.28
CA GLN B 690 40.71 26.01 -29.18
C GLN B 690 40.67 24.70 -28.42
N GLY B 691 39.99 23.72 -29.01
CA GLY B 691 39.88 22.40 -28.41
C GLY B 691 38.99 22.35 -27.17
N PHE B 692 37.99 23.21 -27.10
CA PHE B 692 37.11 23.31 -25.95
C PHE B 692 35.71 22.84 -26.34
N SER B 693 35.01 22.24 -25.37
CA SER B 693 33.67 21.74 -25.61
C SER B 693 32.65 22.88 -25.53
N GLY B 694 31.38 22.53 -25.75
CA GLY B 694 30.32 23.52 -25.67
C GLY B 694 30.03 23.98 -24.26
N ALA B 695 30.01 23.04 -23.30
CA ALA B 695 29.78 23.41 -21.91
C ALA B 695 31.06 23.91 -21.24
N ASP B 696 32.21 23.75 -21.91
CA ASP B 696 33.43 24.42 -21.45
C ASP B 696 33.32 25.92 -21.62
N LEU B 697 32.56 26.37 -22.64
CA LEU B 697 32.31 27.80 -22.80
C LEU B 697 31.18 28.27 -21.88
N LEU B 698 30.35 27.36 -21.36
CA LEU B 698 29.42 27.71 -20.30
C LEU B 698 30.14 28.09 -19.02
N TYR B 699 31.31 27.49 -18.76
CA TYR B 699 32.08 27.83 -17.57
C TYR B 699 32.66 29.23 -17.64
N ILE B 700 32.98 29.70 -18.86
CA ILE B 700 33.58 31.02 -19.00
C ILE B 700 32.56 32.11 -18.76
N VAL B 701 31.35 31.97 -19.32
CA VAL B 701 30.32 32.97 -19.12
C VAL B 701 29.72 32.89 -17.72
N GLN B 702 29.81 31.73 -17.06
CA GLN B 702 29.38 31.66 -15.66
C GLN B 702 30.42 32.25 -14.73
N ARG B 703 31.71 32.12 -15.06
CA ARG B 703 32.76 32.75 -14.28
C ARG B 703 32.77 34.26 -14.49
N ALA B 704 32.43 34.71 -15.72
CA ALA B 704 32.36 36.14 -15.98
C ALA B 704 31.16 36.77 -15.28
N ALA B 705 30.06 36.03 -15.17
CA ALA B 705 28.92 36.51 -14.39
C ALA B 705 29.20 36.40 -12.90
N LYS B 706 30.09 35.50 -12.50
CA LYS B 706 30.49 35.39 -11.11
C LYS B 706 31.32 36.61 -10.68
N TYR B 707 32.23 37.06 -11.54
CA TYR B 707 32.99 38.27 -11.28
C TYR B 707 32.18 39.54 -11.52
N ALA B 708 31.08 39.45 -12.27
CA ALA B 708 30.24 40.62 -12.49
C ALA B 708 29.44 40.96 -11.23
N ILE B 709 28.88 39.95 -10.57
CA ILE B 709 28.18 40.20 -9.32
C ILE B 709 29.13 40.37 -8.15
N LYS B 710 30.39 39.94 -8.30
CA LYS B 710 31.39 40.19 -7.26
C LYS B 710 31.75 41.66 -7.18
N ASP B 711 31.68 42.37 -8.31
CA ASP B 711 31.87 43.81 -8.35
C ASP B 711 30.56 44.58 -8.17
N SER B 712 29.53 43.94 -7.64
CA SER B 712 28.24 44.60 -7.44
C SER B 712 27.60 44.30 -6.09
N ILE B 713 28.11 43.35 -5.30
CA ILE B 713 27.50 43.03 -4.01
C ILE B 713 28.04 43.88 -2.88
N GLU B 714 28.82 44.91 -3.16
CA GLU B 714 29.37 45.79 -2.14
C GLU B 714 28.31 46.82 -1.73
N ALA B 715 28.72 47.79 -0.91
CA ALA B 715 27.81 48.83 -0.47
C ALA B 715 27.50 49.78 -1.63
N HIS B 716 26.22 49.87 -1.99
CA HIS B 716 25.81 50.71 -3.11
C HIS B 716 25.83 52.20 -2.76
N ARG B 717 25.90 52.54 -1.48
CA ARG B 717 25.95 53.93 -1.05
C ARG B 717 27.28 54.57 -1.39
N VAL B 747 30.25 49.88 -8.21
CA VAL B 747 28.82 50.08 -8.01
C VAL B 747 28.14 50.51 -9.31
N ASP B 748 27.02 49.86 -9.62
CA ASP B 748 26.25 50.15 -10.83
C ASP B 748 24.81 49.68 -10.65
N PRO B 749 23.82 50.55 -10.91
CA PRO B 749 22.41 50.12 -10.94
C PRO B 749 21.96 49.59 -12.29
N VAL B 750 22.78 48.72 -12.89
CA VAL B 750 22.55 48.20 -14.24
C VAL B 750 23.34 46.90 -14.40
N PRO B 751 22.75 45.85 -15.00
CA PRO B 751 23.54 44.64 -15.30
C PRO B 751 24.47 44.84 -16.50
N TYR B 752 25.54 45.59 -16.28
CA TYR B 752 26.47 45.96 -17.34
C TYR B 752 27.78 45.21 -17.12
N ILE B 753 27.84 44.00 -17.66
CA ILE B 753 29.04 43.18 -17.57
C ILE B 753 30.02 43.64 -18.66
N THR B 754 31.28 43.84 -18.27
CA THR B 754 32.29 44.41 -19.13
C THR B 754 33.38 43.37 -19.44
N LYS B 755 34.41 43.83 -20.15
CA LYS B 755 35.54 42.98 -20.51
C LYS B 755 36.43 42.66 -19.32
N GLU B 756 36.38 43.47 -18.27
CA GLU B 756 37.20 43.21 -17.08
C GLU B 756 36.74 41.97 -16.34
N HIS B 757 35.45 41.63 -16.41
CA HIS B 757 34.98 40.37 -15.86
C HIS B 757 35.37 39.18 -16.72
N PHE B 758 35.61 39.39 -18.01
CA PHE B 758 36.07 38.32 -18.89
C PHE B 758 37.58 38.15 -18.85
N ALA B 759 38.30 39.04 -18.17
CA ALA B 759 39.76 38.93 -18.11
C ALA B 759 40.19 37.80 -17.19
N GLU B 760 39.68 37.77 -15.96
CA GLU B 760 40.02 36.69 -15.04
C GLU B 760 39.24 35.41 -15.31
N ALA B 761 38.19 35.48 -16.13
CA ALA B 761 37.44 34.28 -16.47
C ALA B 761 38.21 33.38 -17.42
N MET B 762 39.04 33.97 -18.30
CA MET B 762 39.86 33.18 -19.21
C MET B 762 41.08 32.58 -18.53
N LYS B 763 41.43 33.06 -17.33
CA LYS B 763 42.58 32.53 -16.62
C LYS B 763 42.28 31.16 -16.03
N THR B 764 41.13 31.03 -15.38
CA THR B 764 40.73 29.78 -14.76
C THR B 764 40.02 28.83 -15.71
N ALA B 765 39.81 29.23 -16.96
CA ALA B 765 39.16 28.37 -17.93
C ALA B 765 40.11 27.25 -18.36
N LYS B 766 39.72 26.01 -18.11
CA LYS B 766 40.56 24.86 -18.38
C LYS B 766 39.86 23.91 -19.35
N ARG B 767 40.65 23.10 -20.03
CA ARG B 767 40.13 22.14 -21.00
C ARG B 767 39.70 20.87 -20.30
N SER B 768 38.51 20.38 -20.63
CA SER B 768 37.97 19.17 -20.01
C SER B 768 38.38 17.92 -20.79
N VAL B 769 38.12 17.90 -22.09
CA VAL B 769 38.45 16.74 -22.92
C VAL B 769 39.93 16.78 -23.24
N SER B 770 40.65 15.74 -22.83
CA SER B 770 42.08 15.66 -23.09
C SER B 770 42.34 15.23 -24.54
N ASP B 771 43.60 15.32 -24.95
CA ASP B 771 43.98 14.93 -26.30
C ASP B 771 44.00 13.41 -26.44
N ALA B 772 44.30 12.69 -25.36
CA ALA B 772 44.30 11.22 -25.41
C ALA B 772 42.88 10.68 -25.45
N GLU B 773 41.94 11.34 -24.76
CA GLU B 773 40.54 10.92 -24.81
C GLU B 773 39.86 11.33 -26.10
N LEU B 774 40.43 12.30 -26.83
CA LEU B 774 39.85 12.73 -28.10
C LEU B 774 40.08 11.70 -29.19
N ARG B 775 41.21 10.98 -29.15
CA ARG B 775 41.56 10.05 -30.21
C ARG B 775 40.72 8.79 -30.20
N ARG B 776 40.04 8.48 -29.09
CA ARG B 776 39.16 7.32 -29.07
C ARG B 776 37.88 7.57 -29.86
N TYR B 777 37.48 8.84 -30.02
CA TYR B 777 36.33 9.16 -30.84
C TYR B 777 36.70 9.29 -32.32
N GLU B 778 37.93 9.71 -32.60
CA GLU B 778 38.42 9.79 -33.96
C GLU B 778 38.93 8.46 -34.50
N ALA B 779 38.99 7.42 -33.66
CA ALA B 779 39.48 6.12 -34.09
C ALA B 779 38.49 5.37 -34.96
N TYR B 780 37.22 5.78 -35.00
CA TYR B 780 36.24 5.07 -35.81
C TYR B 780 36.34 5.50 -37.28
N SER B 781 36.08 6.79 -37.55
CA SER B 781 36.17 7.41 -38.88
C SER B 781 35.28 6.69 -39.90
N GLN B 782 34.10 6.28 -39.47
CA GLN B 782 33.18 5.56 -40.34
C GLN B 782 32.42 6.51 -41.26
N ASN C 209 -11.39 28.17 17.14
CA ASN C 209 -11.66 26.78 17.50
C ASN C 209 -11.53 25.85 16.29
N GLU C 210 -11.79 26.41 15.10
CA GLU C 210 -11.73 25.66 13.86
C GLU C 210 -10.82 26.37 12.87
N VAL C 211 -10.31 25.61 11.90
CA VAL C 211 -9.41 26.16 10.90
C VAL C 211 -10.23 26.79 9.76
N GLY C 212 -9.56 27.62 8.97
CA GLY C 212 -10.23 28.31 7.89
C GLY C 212 -9.34 28.66 6.71
N TYR C 213 -9.77 29.63 5.90
CA TYR C 213 -8.96 30.03 4.75
C TYR C 213 -7.76 30.86 5.15
N ASP C 214 -7.85 31.60 6.26
CA ASP C 214 -6.71 32.36 6.73
C ASP C 214 -5.72 31.49 7.49
N ASP C 215 -6.21 30.46 8.19
CA ASP C 215 -5.35 29.54 8.91
C ASP C 215 -4.59 28.61 7.96
N ILE C 216 -5.09 28.41 6.75
CA ILE C 216 -4.43 27.57 5.76
C ILE C 216 -3.50 28.41 4.87
N GLY C 217 -3.47 29.73 5.11
CA GLY C 217 -2.71 30.62 4.26
C GLY C 217 -1.21 30.47 4.44
N GLY C 218 -0.54 30.48 3.30
CA GLY C 218 0.84 30.05 3.17
C GLY C 218 1.13 29.42 1.82
N CYS C 219 0.10 29.18 1.03
CA CYS C 219 0.21 28.82 -0.37
C CYS C 219 -0.75 29.70 -1.15
N ARG C 220 -0.33 30.15 -2.32
CA ARG C 220 -1.13 31.11 -3.08
C ARG C 220 -1.61 30.57 -4.42
N LYS C 221 -0.71 30.00 -5.23
CA LYS C 221 -1.10 29.53 -6.56
C LYS C 221 -1.91 28.25 -6.48
N GLN C 222 -1.52 27.33 -5.60
CA GLN C 222 -2.26 26.09 -5.44
C GLN C 222 -3.48 26.23 -4.54
N MET C 223 -3.65 27.37 -3.88
CA MET C 223 -4.84 27.61 -3.07
C MET C 223 -6.02 28.04 -3.91
N ALA C 224 -5.79 28.91 -4.90
CA ALA C 224 -6.87 29.38 -5.76
C ALA C 224 -7.37 28.32 -6.72
N GLN C 225 -6.56 27.29 -6.99
CA GLN C 225 -7.01 26.21 -7.86
C GLN C 225 -7.98 25.29 -7.14
N ILE C 226 -7.76 25.05 -5.85
CA ILE C 226 -8.63 24.17 -5.07
C ILE C 226 -9.83 24.92 -4.49
N ARG C 227 -9.76 26.25 -4.40
CA ARG C 227 -10.88 27.00 -3.82
C ARG C 227 -11.99 27.19 -4.85
N GLU C 228 -11.63 27.59 -6.07
CA GLU C 228 -12.62 27.79 -7.13
C GLU C 228 -13.14 26.49 -7.70
N MET C 229 -12.57 25.34 -7.32
CA MET C 229 -13.06 24.06 -7.80
C MET C 229 -14.32 23.62 -7.07
N VAL C 230 -14.49 24.04 -5.81
CA VAL C 230 -15.64 23.59 -5.02
C VAL C 230 -16.51 24.73 -4.53
N GLU C 231 -16.02 25.97 -4.49
CA GLU C 231 -16.82 27.08 -4.00
C GLU C 231 -17.47 27.88 -5.13
N LEU C 232 -16.76 28.05 -6.25
CA LEU C 232 -17.30 28.80 -7.38
C LEU C 232 -18.51 28.15 -8.06
N PRO C 233 -18.64 26.82 -8.21
CA PRO C 233 -19.94 26.28 -8.66
C PRO C 233 -21.06 26.41 -7.62
N LEU C 234 -20.76 26.71 -6.36
CA LEU C 234 -21.78 26.86 -5.33
C LEU C 234 -22.15 28.31 -5.08
N ARG C 235 -21.17 29.21 -4.98
CA ARG C 235 -21.45 30.62 -4.81
C ARG C 235 -22.00 31.26 -6.07
N HIS C 236 -21.62 30.76 -7.25
CA HIS C 236 -22.13 31.25 -8.52
C HIS C 236 -22.44 30.08 -9.43
N PRO C 237 -23.62 29.46 -9.27
CA PRO C 237 -23.99 28.34 -10.14
C PRO C 237 -24.60 28.74 -11.46
N GLN C 238 -24.93 30.02 -11.66
CA GLN C 238 -25.61 30.44 -12.87
C GLN C 238 -24.68 30.56 -14.07
N LEU C 239 -23.37 30.69 -13.85
CA LEU C 239 -22.44 30.72 -14.98
C LEU C 239 -22.11 29.32 -15.46
N PHE C 240 -22.22 28.30 -14.65
CA PHE C 240 -21.95 27.08 -15.42
C PHE C 240 -23.19 26.77 -16.25
N LYS C 241 -24.35 27.04 -15.68
CA LYS C 241 -25.48 26.66 -16.50
C LYS C 241 -25.43 27.42 -17.81
N ALA C 242 -25.96 26.79 -18.87
CA ALA C 242 -25.93 27.28 -20.25
C ALA C 242 -24.51 27.56 -20.74
N ILE C 243 -23.56 26.71 -20.33
CA ILE C 243 -22.18 26.81 -20.78
C ILE C 243 -21.72 25.51 -21.45
N GLY C 244 -22.42 24.40 -21.24
CA GLY C 244 -22.15 23.16 -21.95
C GLY C 244 -21.19 22.21 -21.27
N ILE C 245 -20.45 22.66 -20.26
CA ILE C 245 -19.44 21.84 -19.60
C ILE C 245 -19.84 21.62 -18.15
N LYS C 246 -19.68 20.38 -17.69
CA LYS C 246 -19.85 20.08 -16.28
C LYS C 246 -18.66 20.61 -15.49
N PRO C 247 -18.84 20.97 -14.22
CA PRO C 247 -17.69 21.37 -13.40
C PRO C 247 -16.78 20.18 -13.11
N PRO C 248 -15.52 20.42 -12.76
CA PRO C 248 -14.64 19.31 -12.38
C PRO C 248 -15.09 18.71 -11.05
N ARG C 249 -14.95 17.39 -10.93
CA ARG C 249 -15.63 16.63 -9.89
C ARG C 249 -14.71 15.87 -8.94
N GLY C 250 -13.39 15.93 -9.12
CA GLY C 250 -12.51 15.20 -8.23
C GLY C 250 -11.16 15.83 -8.01
N VAL C 251 -10.79 16.06 -6.76
CA VAL C 251 -9.55 16.73 -6.40
C VAL C 251 -8.55 15.67 -5.94
N LEU C 252 -7.32 15.77 -6.45
CA LEU C 252 -6.25 14.86 -6.05
C LEU C 252 -4.99 15.70 -5.80
N MET C 253 -4.73 16.01 -4.54
CA MET C 253 -3.57 16.80 -4.17
C MET C 253 -2.48 15.90 -3.62
N TYR C 254 -1.27 16.06 -4.15
CA TYR C 254 -0.13 15.23 -3.79
C TYR C 254 1.06 16.11 -3.47
N GLY C 255 2.13 15.49 -2.97
CA GLY C 255 3.33 16.21 -2.63
C GLY C 255 4.16 15.49 -1.59
N PRO C 256 5.18 16.19 -1.04
CA PRO C 256 6.00 15.58 0.00
C PRO C 256 5.22 15.51 1.30
N PRO C 257 5.58 14.58 2.20
CA PRO C 257 4.83 14.45 3.45
C PRO C 257 5.11 15.60 4.41
N GLY C 258 4.04 16.08 5.05
CA GLY C 258 4.13 17.17 6.01
C GLY C 258 3.79 18.53 5.46
N THR C 259 2.70 18.67 4.73
CA THR C 259 2.46 19.91 4.00
C THR C 259 1.11 20.55 4.29
N GLY C 260 0.10 19.80 4.71
CA GLY C 260 -1.23 20.37 4.68
C GLY C 260 -2.11 19.76 3.62
N LYS C 261 -1.78 18.55 3.21
CA LYS C 261 -2.75 17.71 2.53
C LYS C 261 -3.65 16.96 3.50
N THR C 262 -3.41 16.97 4.83
CA THR C 262 -4.56 16.52 5.64
C THR C 262 -5.32 17.69 6.24
N LEU C 263 -4.79 18.92 6.13
CA LEU C 263 -5.43 20.03 6.79
C LEU C 263 -5.99 21.05 5.79
N MET C 264 -5.78 20.86 4.49
CA MET C 264 -6.50 21.64 3.50
C MET C 264 -7.97 21.25 3.44
N ALA C 265 -8.26 19.96 3.55
CA ALA C 265 -9.64 19.47 3.43
C ALA C 265 -10.48 19.89 4.62
N ARG C 266 -9.90 19.97 5.81
CA ARG C 266 -10.62 20.50 6.96
C ARG C 266 -10.76 22.01 6.88
N ALA C 267 -9.84 22.67 6.16
CA ALA C 267 -9.94 24.12 5.98
C ALA C 267 -11.04 24.50 5.00
N VAL C 268 -11.27 23.70 4.02
CA VAL C 268 -12.45 24.11 3.32
C VAL C 268 -13.37 22.99 3.74
N ALA C 269 -13.65 23.01 5.02
CA ALA C 269 -14.52 22.13 5.66
C ALA C 269 -14.77 22.91 6.86
N ASN C 270 -14.91 24.12 6.58
CA ASN C 270 -15.52 25.08 7.50
C ASN C 270 -15.95 26.37 6.80
N GLU C 271 -15.20 26.81 5.80
CA GLU C 271 -15.45 28.11 5.18
C GLU C 271 -16.57 28.07 4.14
N THR C 272 -16.80 26.93 3.50
CA THR C 272 -17.87 26.85 2.51
C THR C 272 -19.25 26.81 3.17
N GLY C 273 -19.35 26.25 4.37
CA GLY C 273 -20.63 26.14 5.03
C GLY C 273 -21.55 25.10 4.43
N ALA C 274 -20.98 24.07 3.80
CA ALA C 274 -21.75 23.03 3.15
C ALA C 274 -21.53 21.70 3.85
N PHE C 275 -22.02 20.61 3.22
CA PHE C 275 -22.13 19.29 3.91
C PHE C 275 -20.86 18.45 3.91
N PHE C 276 -19.84 18.80 4.70
CA PHE C 276 -18.59 18.03 4.72
C PHE C 276 -18.75 16.57 5.18
N PHE C 277 -17.74 15.74 4.86
CA PHE C 277 -17.71 14.32 5.23
C PHE C 277 -16.24 13.96 5.48
N LEU C 278 -15.89 12.68 5.55
CA LEU C 278 -14.49 12.33 5.71
C LEU C 278 -14.37 10.82 5.89
N ILE C 279 -13.50 10.20 5.09
CA ILE C 279 -13.23 8.77 5.16
C ILE C 279 -11.75 8.56 5.41
N ASN C 280 -11.42 7.75 6.40
CA ASN C 280 -10.03 7.38 6.64
C ASN C 280 -9.63 6.26 5.69
N GLY C 281 -8.33 5.96 5.67
CA GLY C 281 -7.77 5.06 4.69
C GLY C 281 -8.14 3.60 4.83
N PRO C 282 -7.59 2.91 5.85
CA PRO C 282 -7.80 1.46 5.97
C PRO C 282 -8.90 1.01 6.93
N GLU C 283 -9.68 1.94 7.49
CA GLU C 283 -10.77 1.53 8.38
C GLU C 283 -11.94 0.93 7.63
N VAL C 284 -12.02 1.17 6.32
CA VAL C 284 -13.11 0.61 5.52
C VAL C 284 -12.83 -0.87 5.21
N MET C 285 -11.60 -1.33 5.39
CA MET C 285 -11.21 -2.70 5.08
C MET C 285 -11.45 -3.57 6.31
N SER C 286 -12.60 -4.23 6.36
CA SER C 286 -12.96 -5.17 7.42
C SER C 286 -13.14 -6.55 6.84
N LYS C 287 -12.96 -7.59 7.65
CA LYS C 287 -12.97 -8.97 7.15
C LYS C 287 -14.40 -9.48 7.04
N MET C 288 -14.97 -9.32 5.85
CA MET C 288 -16.18 -10.02 5.43
C MET C 288 -16.02 -10.29 3.94
N ALA C 289 -16.70 -11.33 3.44
CA ALA C 289 -16.75 -11.56 2.00
C ALA C 289 -17.77 -10.61 1.40
N GLY C 290 -17.39 -9.34 1.28
CA GLY C 290 -18.35 -8.26 1.13
C GLY C 290 -18.10 -7.22 2.20
N GLU C 291 -18.82 -6.08 2.12
CA GLU C 291 -18.83 -4.98 3.08
C GLU C 291 -17.51 -4.21 3.14
N SER C 292 -16.45 -4.72 2.51
CA SER C 292 -15.29 -3.88 2.22
C SER C 292 -15.56 -3.02 1.00
N GLU C 293 -16.54 -3.43 0.19
CA GLU C 293 -17.01 -2.61 -0.92
C GLU C 293 -18.35 -1.95 -0.60
N SER C 294 -19.08 -2.46 0.39
CA SER C 294 -20.39 -1.91 0.69
C SER C 294 -20.31 -0.79 1.72
N ASN C 295 -19.31 -0.82 2.60
CA ASN C 295 -19.06 0.34 3.46
C ASN C 295 -18.55 1.52 2.66
N LEU C 296 -17.85 1.25 1.55
CA LEU C 296 -17.59 2.28 0.56
C LEU C 296 -18.88 2.76 -0.10
N ARG C 297 -19.84 1.85 -0.32
CA ARG C 297 -21.12 2.23 -0.87
C ARG C 297 -21.99 2.97 0.14
N LYS C 298 -21.85 2.64 1.43
CA LYS C 298 -22.61 3.36 2.46
C LYS C 298 -22.11 4.79 2.63
N ALA C 299 -20.85 5.05 2.30
CA ALA C 299 -20.30 6.40 2.39
C ALA C 299 -20.65 7.26 1.17
N PHE C 300 -21.07 6.65 0.06
CA PHE C 300 -21.44 7.38 -1.13
C PHE C 300 -22.95 7.52 -1.30
N GLU C 301 -23.73 6.50 -0.95
CA GLU C 301 -25.18 6.61 -1.07
C GLU C 301 -25.79 7.47 0.03
N GLU C 302 -25.07 7.65 1.14
CA GLU C 302 -25.49 8.63 2.14
C GLU C 302 -25.18 10.05 1.66
N ALA C 303 -24.07 10.21 0.94
CA ALA C 303 -23.65 11.51 0.44
C ALA C 303 -24.33 11.89 -0.87
N GLU C 304 -25.29 11.09 -1.36
CA GLU C 304 -25.93 11.38 -2.63
C GLU C 304 -26.97 12.49 -2.49
N LYS C 305 -27.84 12.38 -1.48
CA LYS C 305 -28.97 13.28 -1.34
C LYS C 305 -28.53 14.62 -0.73
N ASN C 306 -29.44 15.60 -0.79
CA ASN C 306 -29.32 16.92 -0.18
C ASN C 306 -28.11 17.68 -0.73
N ALA C 307 -28.24 18.09 -1.99
CA ALA C 307 -27.21 18.87 -2.66
C ALA C 307 -26.99 20.21 -1.94
N PRO C 308 -25.74 20.74 -1.91
CA PRO C 308 -24.50 20.26 -2.51
C PRO C 308 -23.80 19.14 -1.75
N ALA C 309 -22.55 18.84 -2.11
CA ALA C 309 -21.87 17.66 -1.59
C ALA C 309 -20.36 17.84 -1.66
N ILE C 310 -19.68 17.59 -0.55
CA ILE C 310 -18.22 17.53 -0.48
C ILE C 310 -17.85 16.31 0.34
N ILE C 311 -17.07 15.40 -0.26
CA ILE C 311 -16.61 14.19 0.42
C ILE C 311 -15.09 14.10 0.26
N PHE C 312 -14.40 13.73 1.33
CA PHE C 312 -12.94 13.66 1.36
C PHE C 312 -12.52 12.23 1.66
N ILE C 313 -11.81 11.60 0.73
CA ILE C 313 -11.23 10.29 0.93
C ILE C 313 -9.73 10.45 1.17
N ASP C 314 -9.21 9.77 2.19
CA ASP C 314 -7.81 9.88 2.58
C ASP C 314 -7.09 8.55 2.36
N GLU C 315 -5.77 8.67 2.16
CA GLU C 315 -4.84 7.53 2.02
C GLU C 315 -5.23 6.60 0.87
N ILE C 316 -5.14 7.14 -0.34
CA ILE C 316 -5.48 6.39 -1.54
C ILE C 316 -4.24 5.70 -2.11
N ASP C 317 -3.14 5.73 -1.36
CA ASP C 317 -1.94 5.01 -1.77
C ASP C 317 -1.87 3.62 -1.14
N SER C 318 -2.37 3.46 0.08
CA SER C 318 -2.43 2.15 0.70
C SER C 318 -3.59 1.33 0.14
N ILE C 319 -4.81 1.81 0.34
CA ILE C 319 -5.96 1.20 -0.34
C ILE C 319 -5.97 1.67 -1.79
N ALA C 320 -6.69 0.90 -2.62
CA ALA C 320 -6.77 1.01 -4.08
C ALA C 320 -5.40 1.05 -4.74
N PRO C 321 -4.64 -0.05 -4.76
CA PRO C 321 -3.34 -0.04 -5.43
C PRO C 321 -3.46 -0.31 -6.92
N LYS C 322 -2.33 -0.48 -7.60
CA LYS C 322 -2.35 -0.93 -8.99
C LYS C 322 -2.88 -2.36 -9.07
N ARG C 323 -3.58 -2.65 -10.17
CA ARG C 323 -4.28 -3.92 -10.29
C ARG C 323 -3.31 -5.09 -10.52
N ASP C 324 -2.46 -4.97 -11.53
CA ASP C 324 -1.58 -6.07 -11.90
C ASP C 324 -0.29 -6.13 -11.08
N LYS C 325 -0.13 -5.28 -10.06
CA LYS C 325 1.08 -5.25 -9.26
C LYS C 325 0.89 -5.79 -7.85
N THR C 326 -0.30 -6.28 -7.51
CA THR C 326 -0.58 -6.86 -6.21
C THR C 326 -1.32 -8.19 -6.40
N ASN C 327 -1.30 -9.00 -5.35
CA ASN C 327 -1.95 -10.32 -5.37
C ASN C 327 -2.81 -10.43 -4.09
N GLY C 328 -4.05 -9.96 -4.19
CA GLY C 328 -5.02 -10.08 -3.12
C GLY C 328 -6.42 -9.91 -3.68
N GLU C 329 -7.31 -10.85 -3.40
CA GLU C 329 -8.61 -10.89 -4.07
C GLU C 329 -9.54 -9.78 -3.58
N VAL C 330 -9.30 -9.29 -2.36
CA VAL C 330 -10.05 -8.11 -1.91
C VAL C 330 -9.59 -6.88 -2.67
N GLU C 331 -8.31 -6.82 -3.04
CA GLU C 331 -7.76 -5.64 -3.69
C GLU C 331 -8.23 -5.52 -5.15
N ARG C 332 -8.70 -6.61 -5.75
CA ARG C 332 -9.29 -6.51 -7.08
C ARG C 332 -10.70 -5.93 -7.03
N ARG C 333 -11.39 -6.03 -5.89
CA ARG C 333 -12.75 -5.55 -5.77
C ARG C 333 -12.84 -4.16 -5.14
N VAL C 334 -11.84 -3.75 -4.38
CA VAL C 334 -11.84 -2.41 -3.81
C VAL C 334 -11.54 -1.37 -4.88
N VAL C 335 -10.72 -1.73 -5.87
CA VAL C 335 -10.32 -0.76 -6.90
C VAL C 335 -11.49 -0.43 -7.82
N SER C 336 -12.33 -1.42 -8.14
CA SER C 336 -13.35 -1.21 -9.16
C SER C 336 -14.64 -0.69 -8.54
N GLN C 337 -14.92 -1.04 -7.29
CA GLN C 337 -16.00 -0.39 -6.57
C GLN C 337 -15.70 1.08 -6.33
N LEU C 338 -14.42 1.42 -6.17
CA LEU C 338 -14.03 2.83 -6.15
C LEU C 338 -14.21 3.48 -7.52
N LEU C 339 -14.05 2.71 -8.60
CA LEU C 339 -14.28 3.26 -9.93
C LEU C 339 -15.77 3.45 -10.21
N THR C 340 -16.57 2.43 -9.86
CA THR C 340 -17.96 2.38 -10.31
C THR C 340 -18.82 3.43 -9.59
N LEU C 341 -18.50 3.76 -8.35
CA LEU C 341 -19.21 4.83 -7.66
C LEU C 341 -18.77 6.21 -8.11
N MET C 342 -17.68 6.31 -8.87
CA MET C 342 -17.25 7.58 -9.44
C MET C 342 -17.74 7.78 -10.88
N ASP C 343 -17.92 6.70 -11.63
CA ASP C 343 -18.71 6.71 -12.86
C ASP C 343 -19.40 5.36 -13.05
N GLY C 344 -20.73 5.36 -12.89
CA GLY C 344 -21.49 4.14 -13.04
C GLY C 344 -22.43 4.23 -14.22
N MET C 345 -23.73 4.30 -13.94
CA MET C 345 -24.75 4.48 -14.97
C MET C 345 -25.43 5.82 -14.66
N LYS C 346 -24.89 6.89 -15.27
CA LYS C 346 -25.18 8.28 -14.90
C LYS C 346 -25.01 8.51 -13.40
N ALA C 347 -23.83 8.19 -12.91
CA ALA C 347 -23.42 8.59 -11.58
C ALA C 347 -22.73 9.95 -11.67
N ARG C 348 -22.11 10.38 -10.56
CA ARG C 348 -21.39 11.65 -10.45
C ARG C 348 -22.30 12.84 -10.79
N SER C 349 -23.35 12.99 -9.98
CA SER C 349 -24.32 14.05 -10.14
C SER C 349 -24.30 15.08 -9.03
N ASN C 350 -23.88 14.69 -7.84
CA ASN C 350 -23.83 15.59 -6.68
C ASN C 350 -22.47 15.64 -6.01
N VAL C 351 -21.81 14.49 -5.85
CA VAL C 351 -20.65 14.39 -4.98
C VAL C 351 -19.42 14.98 -5.66
N VAL C 352 -18.49 15.47 -4.83
CA VAL C 352 -17.18 15.95 -5.26
C VAL C 352 -16.16 15.28 -4.34
N VAL C 353 -15.36 14.38 -4.90
CA VAL C 353 -14.39 13.64 -4.11
C VAL C 353 -13.10 14.45 -4.01
N ILE C 354 -12.42 14.32 -2.88
CA ILE C 354 -11.13 14.97 -2.64
C ILE C 354 -10.18 13.92 -2.09
N ALA C 355 -9.04 13.74 -2.75
CA ALA C 355 -8.05 12.76 -2.35
C ALA C 355 -6.83 13.44 -1.74
N ALA C 356 -6.03 12.65 -1.04
CA ALA C 356 -4.83 13.16 -0.39
C ALA C 356 -3.85 12.01 -0.21
N THR C 357 -2.69 12.12 -0.85
CA THR C 357 -1.67 11.08 -0.79
C THR C 357 -0.30 11.69 -1.03
N ASN C 358 0.73 10.91 -0.74
CA ASN C 358 2.10 11.30 -1.01
C ASN C 358 2.78 10.42 -2.06
N ARG C 359 2.16 9.31 -2.46
CA ARG C 359 2.70 8.41 -3.47
C ARG C 359 1.70 8.31 -4.62
N PRO C 360 1.77 9.22 -5.60
CA PRO C 360 0.83 9.13 -6.74
C PRO C 360 1.17 8.04 -7.72
N ASN C 361 2.38 7.48 -7.67
CA ASN C 361 2.75 6.41 -8.59
C ASN C 361 2.26 5.04 -8.13
N SER C 362 1.87 4.90 -6.87
CA SER C 362 1.40 3.63 -6.36
C SER C 362 -0.09 3.40 -6.58
N ILE C 363 -0.84 4.43 -6.96
CA ILE C 363 -2.28 4.30 -7.19
C ILE C 363 -2.50 3.69 -8.57
N ASP C 364 -3.74 3.29 -8.84
CA ASP C 364 -4.08 2.66 -10.11
C ASP C 364 -4.00 3.68 -11.25
N PRO C 365 -3.49 3.30 -12.42
CA PRO C 365 -3.44 4.24 -13.55
C PRO C 365 -4.80 4.57 -14.13
N ALA C 366 -5.82 3.76 -13.88
CA ALA C 366 -7.17 4.05 -14.32
C ALA C 366 -7.91 4.98 -13.37
N LEU C 367 -7.28 5.40 -12.27
CA LEU C 367 -7.94 6.24 -11.28
C LEU C 367 -7.80 7.72 -11.59
N ARG C 368 -6.89 8.11 -12.48
CA ARG C 368 -6.61 9.52 -12.70
C ARG C 368 -7.24 10.02 -14.00
N ARG C 369 -8.45 9.53 -14.28
CA ARG C 369 -9.20 9.93 -15.46
C ARG C 369 -9.99 11.21 -15.18
N PHE C 370 -10.52 11.82 -16.26
CA PHE C 370 -11.30 13.05 -16.18
C PHE C 370 -12.55 12.92 -15.32
N GLY C 371 -13.23 11.78 -15.36
CA GLY C 371 -14.50 11.67 -14.65
C GLY C 371 -14.33 11.50 -13.15
N ARG C 372 -13.17 11.02 -12.71
CA ARG C 372 -12.96 10.67 -11.32
C ARG C 372 -11.87 11.51 -10.64
N PHE C 373 -10.70 11.67 -11.25
CA PHE C 373 -9.64 12.45 -10.63
C PHE C 373 -8.82 13.19 -11.68
N ASP C 374 -9.20 14.44 -11.96
CA ASP C 374 -8.47 15.29 -12.88
C ASP C 374 -8.33 16.67 -12.25
N ARG C 375 -7.62 17.54 -12.97
CA ARG C 375 -7.17 18.86 -12.48
C ARG C 375 -6.46 18.70 -11.14
N GLU C 376 -5.52 17.75 -11.12
CA GLU C 376 -4.79 17.44 -9.91
C GLU C 376 -3.78 18.55 -9.63
N VAL C 377 -3.67 18.92 -8.35
CA VAL C 377 -2.89 20.08 -7.94
C VAL C 377 -1.66 19.60 -7.16
N ASP C 378 -0.52 20.19 -7.47
CA ASP C 378 0.74 19.84 -6.84
C ASP C 378 1.02 20.77 -5.67
N ILE C 379 1.19 20.19 -4.49
CA ILE C 379 1.46 20.95 -3.27
C ILE C 379 2.92 20.71 -2.93
N GLY C 380 3.80 21.60 -3.41
CA GLY C 380 5.22 21.43 -3.25
C GLY C 380 5.78 22.15 -2.02
N ILE C 381 7.10 22.18 -1.94
CA ILE C 381 7.82 22.79 -0.83
C ILE C 381 7.80 24.31 -1.00
N PRO C 382 7.16 25.05 -0.10
CA PRO C 382 7.10 26.51 -0.24
C PRO C 382 8.34 27.18 0.32
N ASP C 383 9.12 27.81 -0.56
CA ASP C 383 10.31 28.54 -0.15
C ASP C 383 10.41 29.96 -0.70
N ALA C 384 9.91 30.21 -1.92
CA ALA C 384 10.00 31.54 -2.52
C ALA C 384 8.84 32.39 -2.00
N THR C 385 9.04 32.95 -0.80
CA THR C 385 8.08 33.74 -0.03
C THR C 385 6.78 32.97 0.20
N GLY C 386 6.88 31.66 0.37
CA GLY C 386 5.75 30.83 0.77
C GLY C 386 6.03 30.28 2.15
N ARG C 387 7.32 30.26 2.51
CA ARG C 387 7.72 29.86 3.85
C ARG C 387 7.39 30.94 4.86
N LEU C 388 7.54 32.22 4.48
CA LEU C 388 7.33 33.33 5.40
C LEU C 388 5.86 33.48 5.77
N GLU C 389 4.94 33.12 4.87
CA GLU C 389 3.52 33.23 5.17
C GLU C 389 3.06 32.17 6.17
N VAL C 390 3.85 31.11 6.36
CA VAL C 390 3.51 30.09 7.36
C VAL C 390 3.81 30.61 8.76
N LEU C 391 4.82 31.48 8.89
CA LEU C 391 5.22 31.99 10.20
C LEU C 391 4.16 32.89 10.81
N ARG C 392 3.47 33.67 9.98
CA ARG C 392 2.50 34.65 10.48
C ARG C 392 1.15 34.04 10.85
N ILE C 393 1.01 32.72 10.80
CA ILE C 393 -0.27 32.07 11.09
C ILE C 393 -0.26 31.51 12.51
N HIS C 394 0.71 30.65 12.81
CA HIS C 394 0.79 30.02 14.12
C HIS C 394 1.70 30.79 15.09
N THR C 395 1.81 32.10 14.89
CA THR C 395 2.46 32.97 15.86
C THR C 395 1.59 34.11 16.35
N LYS C 396 0.50 34.44 15.64
CA LYS C 396 -0.42 35.45 16.12
C LYS C 396 -1.25 34.97 17.31
N ASN C 397 -1.37 33.65 17.50
CA ASN C 397 -1.99 33.10 18.69
C ASN C 397 -1.02 33.02 19.86
N MET C 398 0.28 32.94 19.58
CA MET C 398 1.29 32.92 20.63
C MET C 398 1.66 34.33 21.06
N LYS C 399 2.18 34.44 22.28
CA LYS C 399 2.66 35.72 22.78
C LYS C 399 4.10 35.93 22.35
N LEU C 400 4.34 37.01 21.61
CA LEU C 400 5.67 37.31 21.07
C LEU C 400 6.10 38.68 21.54
N ALA C 401 7.18 38.72 22.33
CA ALA C 401 7.78 39.99 22.73
C ALA C 401 8.61 40.52 21.58
N ASP C 402 8.33 41.76 21.17
CA ASP C 402 8.98 42.36 20.00
C ASP C 402 10.41 42.76 20.35
N ASP C 403 11.37 41.92 19.97
CA ASP C 403 12.79 42.22 20.12
C ASP C 403 13.59 41.90 18.88
N VAL C 404 12.98 41.24 17.89
CA VAL C 404 13.67 40.81 16.68
C VAL C 404 12.71 40.99 15.51
N ASP C 405 13.23 40.80 14.30
CA ASP C 405 12.40 40.71 13.11
C ASP C 405 12.14 39.26 12.75
N LEU C 406 11.04 39.01 12.04
CA LEU C 406 10.69 37.67 11.60
C LEU C 406 11.12 37.38 10.17
N GLU C 407 11.57 38.38 9.43
CA GLU C 407 11.97 38.20 8.04
C GLU C 407 13.35 37.55 7.89
N ALA C 408 14.18 37.61 8.93
CA ALA C 408 15.48 36.95 8.86
C ALA C 408 15.36 35.45 9.00
N LEU C 409 14.27 34.97 9.60
CA LEU C 409 14.02 33.54 9.74
C LEU C 409 13.52 32.89 8.45
N ALA C 410 13.14 33.69 7.45
CA ALA C 410 12.65 33.14 6.20
C ALA C 410 13.76 32.53 5.35
N ALA C 411 15.01 32.92 5.58
CA ALA C 411 16.14 32.42 4.81
C ALA C 411 17.17 31.69 5.66
N GLU C 412 16.83 31.31 6.89
CA GLU C 412 17.79 30.60 7.74
C GLU C 412 17.89 29.14 7.34
N THR C 413 16.77 28.43 7.34
CA THR C 413 16.71 27.08 6.81
C THR C 413 15.75 27.03 5.63
N HIS C 414 15.92 26.02 4.78
CA HIS C 414 15.23 25.97 3.50
C HIS C 414 14.45 24.68 3.26
N GLY C 415 14.76 23.61 3.98
CA GLY C 415 14.07 22.36 3.78
C GLY C 415 12.80 22.22 4.61
N TYR C 416 12.33 23.33 5.16
CA TYR C 416 11.12 23.32 5.97
C TYR C 416 9.89 23.32 5.09
N VAL C 417 8.91 22.49 5.43
CA VAL C 417 7.76 22.23 4.58
C VAL C 417 6.45 22.67 5.24
N GLY C 418 6.52 23.61 6.18
CA GLY C 418 5.33 24.06 6.87
C GLY C 418 5.09 23.32 8.17
N ALA C 419 5.08 21.99 8.12
CA ALA C 419 4.94 21.20 9.34
C ALA C 419 6.22 21.25 10.17
N ASP C 420 7.38 21.42 9.53
CA ASP C 420 8.61 21.59 10.27
C ASP C 420 8.71 22.98 10.88
N ILE C 421 8.00 23.96 10.30
CA ILE C 421 7.95 25.29 10.89
C ILE C 421 7.14 25.29 12.16
N ALA C 422 6.04 24.50 12.19
CA ALA C 422 5.26 24.38 13.40
C ALA C 422 6.02 23.61 14.48
N SER C 423 6.94 22.73 14.09
CA SER C 423 7.85 22.13 15.05
C SER C 423 8.97 23.07 15.46
N LEU C 424 9.27 24.07 14.64
CA LEU C 424 10.28 25.05 15.02
C LEU C 424 9.76 25.99 16.10
N CYS C 425 8.51 26.44 15.98
CA CYS C 425 7.91 27.29 17.00
C CYS C 425 7.49 26.52 18.23
N SER C 426 7.31 25.19 18.11
CA SER C 426 7.03 24.37 19.28
C SER C 426 8.29 24.06 20.07
N GLU C 427 9.44 23.98 19.39
CA GLU C 427 10.71 23.79 20.10
C GLU C 427 11.10 25.05 20.88
N ALA C 428 10.77 26.23 20.35
CA ALA C 428 11.03 27.46 21.08
C ALA C 428 10.06 27.65 22.24
N ALA C 429 8.90 27.01 22.20
CA ALA C 429 7.98 27.10 23.33
C ALA C 429 8.46 26.26 24.51
N MET C 430 8.99 25.07 24.23
CA MET C 430 9.51 24.22 25.30
C MET C 430 10.85 24.72 25.83
N GLN C 431 11.63 25.41 24.98
CA GLN C 431 12.88 26.00 25.46
C GLN C 431 12.62 27.23 26.32
N GLN C 432 11.51 27.93 26.06
CA GLN C 432 11.18 29.13 26.84
C GLN C 432 10.76 28.76 28.26
N ILE C 433 9.93 27.72 28.40
CA ILE C 433 9.40 27.37 29.72
C ILE C 433 10.41 26.58 30.55
N ARG C 434 11.43 25.99 29.94
CA ARG C 434 12.40 25.21 30.69
C ARG C 434 13.53 26.06 31.26
N GLU C 435 13.67 27.30 30.83
CA GLU C 435 14.66 28.20 31.40
C GLU C 435 14.07 29.16 32.42
N LYS C 436 12.75 29.24 32.51
CA LYS C 436 12.08 30.03 33.55
C LYS C 436 11.67 29.18 34.74
N MET C 437 12.18 27.95 34.84
CA MET C 437 11.84 27.05 35.93
C MET C 437 12.58 27.44 37.21
N LEU C 455 4.97 35.71 29.94
CA LEU C 455 6.41 35.54 29.89
C LEU C 455 6.94 35.74 28.46
N GLY C 456 6.08 35.51 27.47
CA GLY C 456 6.43 35.73 26.09
C GLY C 456 7.39 34.68 25.55
N VAL C 457 8.13 35.09 24.52
CA VAL C 457 9.13 34.27 23.86
C VAL C 457 10.21 35.20 23.32
N THR C 458 11.42 34.67 23.17
CA THR C 458 12.57 35.46 22.73
C THR C 458 13.33 34.71 21.64
N MET C 459 14.39 35.34 21.14
CA MET C 459 15.18 34.78 20.05
C MET C 459 16.05 33.60 20.52
N ASP C 460 16.47 33.62 21.80
CA ASP C 460 17.36 32.58 22.34
C ASP C 460 16.72 31.21 22.36
N ASN C 461 15.39 31.14 22.49
CA ASN C 461 14.70 29.86 22.31
C ASN C 461 14.58 29.51 20.83
N PHE C 462 14.37 30.51 19.98
CA PHE C 462 14.29 30.26 18.54
C PHE C 462 15.66 29.96 17.95
N ARG C 463 16.71 30.59 18.48
CA ARG C 463 18.07 30.27 18.02
C ARG C 463 18.50 28.90 18.52
N PHE C 464 18.01 28.48 19.68
CA PHE C 464 18.18 27.09 20.09
C PHE C 464 17.32 26.16 19.25
N ALA C 465 16.17 26.65 18.78
CA ALA C 465 15.37 25.88 17.83
C ALA C 465 15.98 25.87 16.45
N LEU C 466 16.76 26.91 16.11
CA LEU C 466 17.48 26.91 14.84
C LEU C 466 18.60 25.87 14.86
N GLY C 467 19.25 25.69 16.01
CA GLY C 467 20.05 24.50 16.21
C GLY C 467 19.17 23.26 16.28
N ASN C 468 19.79 22.13 15.90
CA ASN C 468 19.16 20.81 15.65
C ASN C 468 17.78 20.92 14.99
N SER C 469 17.77 21.61 13.84
CA SER C 469 16.55 21.95 13.13
C SER C 469 15.85 20.70 12.60
N ASN C 470 16.59 19.88 11.83
CA ASN C 470 16.20 18.54 11.37
C ASN C 470 14.88 18.51 10.62
N PRO C 471 14.83 18.96 9.36
CA PRO C 471 13.59 18.85 8.58
C PRO C 471 13.22 17.39 8.32
N SER C 472 11.93 17.16 8.10
CA SER C 472 11.40 15.81 8.01
C SER C 472 11.86 15.06 6.78
N ALA C 473 12.27 15.76 5.73
CA ALA C 473 12.80 15.10 4.54
C ALA C 473 14.25 14.68 4.70
N LEU C 474 14.98 15.27 5.65
CA LEU C 474 16.39 14.97 5.86
C LEU C 474 16.65 14.35 7.23
N ARG C 475 15.66 13.67 7.80
CA ARG C 475 15.83 13.06 9.11
C ARG C 475 16.62 11.76 9.06
N GLU C 476 16.68 11.11 7.89
CA GLU C 476 17.41 9.85 7.79
C GLU C 476 18.92 10.06 7.80
N THR C 477 19.39 11.22 7.33
CA THR C 477 20.81 11.53 7.26
C THR C 477 21.06 12.80 8.07
N VAL C 478 21.68 12.66 9.23
CA VAL C 478 22.00 13.78 10.12
C VAL C 478 23.50 14.06 10.02
N VAL C 479 23.86 15.33 10.18
CA VAL C 479 25.26 15.74 10.11
C VAL C 479 25.67 16.68 11.24
N GLU C 480 24.73 17.30 11.96
CA GLU C 480 25.05 18.36 12.92
C GLU C 480 25.60 17.75 14.20
N SER C 481 26.87 17.35 14.14
CA SER C 481 27.56 16.82 15.32
C SER C 481 28.98 17.35 15.46
N VAL C 482 29.42 18.25 14.58
CA VAL C 482 30.79 18.77 14.61
C VAL C 482 30.84 20.06 15.42
N ASN C 483 32.06 20.55 15.61
CA ASN C 483 32.30 21.74 16.41
C ASN C 483 32.17 23.01 15.58
N VAL C 484 32.55 24.14 16.18
CA VAL C 484 32.52 25.41 15.47
C VAL C 484 33.70 25.48 14.50
N THR C 485 33.45 26.00 13.31
CA THR C 485 34.44 26.04 12.23
C THR C 485 34.55 27.49 11.76
N TRP C 486 35.18 27.67 10.60
CA TRP C 486 35.52 28.88 9.85
C TRP C 486 36.69 29.65 10.47
N ASP C 487 37.18 29.23 11.64
CA ASP C 487 38.39 29.80 12.21
C ASP C 487 39.46 28.74 12.45
N ASP C 488 39.15 27.47 12.24
CA ASP C 488 40.14 26.40 12.32
C ASP C 488 40.98 26.29 11.06
N VAL C 489 40.59 26.96 9.99
CA VAL C 489 41.34 26.95 8.74
C VAL C 489 41.95 28.33 8.53
N GLY C 490 43.12 28.36 7.89
CA GLY C 490 43.78 29.60 7.56
C GLY C 490 44.73 29.38 6.41
N GLY C 491 45.35 30.45 5.89
CA GLY C 491 46.32 30.35 4.83
C GLY C 491 45.74 30.16 3.45
N LEU C 492 44.77 29.25 3.31
CA LEU C 492 44.04 29.05 2.05
C LEU C 492 42.81 29.96 2.02
N ASP C 493 43.06 31.25 2.22
CA ASP C 493 41.98 32.24 2.25
C ASP C 493 41.38 32.45 0.87
N GLU C 494 42.19 32.31 -0.19
CA GLU C 494 41.67 32.38 -1.54
C GLU C 494 40.87 31.13 -1.90
N ILE C 495 41.10 30.02 -1.20
CA ILE C 495 40.25 28.85 -1.32
C ILE C 495 39.03 28.97 -0.41
N LYS C 496 39.19 29.60 0.76
CA LYS C 496 38.08 29.79 1.68
C LYS C 496 37.09 30.82 1.13
N GLU C 497 37.59 31.87 0.48
CA GLU C 497 36.70 32.86 -0.13
C GLU C 497 36.04 32.30 -1.39
N GLU C 498 36.71 31.36 -2.08
CA GLU C 498 36.14 30.78 -3.28
C GLU C 498 34.95 29.87 -2.96
N LEU C 499 35.00 29.17 -1.84
CA LEU C 499 33.85 28.37 -1.43
C LEU C 499 32.71 29.25 -0.93
N LYS C 500 33.04 30.44 -0.42
CA LYS C 500 32.00 31.37 -0.04
C LYS C 500 31.38 32.04 -1.26
N GLU C 501 32.10 32.08 -2.38
CA GLU C 501 31.59 32.70 -3.59
C GLU C 501 30.67 31.80 -4.40
N THR C 502 30.52 30.52 -4.03
CA THR C 502 29.79 29.59 -4.86
C THR C 502 28.53 29.03 -4.21
N VAL C 503 28.39 29.14 -2.89
CA VAL C 503 27.20 28.64 -2.21
C VAL C 503 26.47 29.73 -1.43
N GLU C 504 27.12 30.85 -1.12
CA GLU C 504 26.49 31.96 -0.43
C GLU C 504 25.91 32.99 -1.39
N TYR C 505 26.40 33.03 -2.64
CA TYR C 505 25.95 34.04 -3.59
C TYR C 505 24.50 33.84 -4.06
N PRO C 506 24.06 32.62 -4.51
CA PRO C 506 22.64 32.52 -4.94
C PRO C 506 21.67 32.51 -3.77
N VAL C 507 22.15 32.07 -2.59
CA VAL C 507 21.29 32.04 -1.41
C VAL C 507 20.98 33.42 -0.87
N LEU C 508 21.99 34.28 -0.73
CA LEU C 508 21.78 35.64 -0.22
C LEU C 508 21.32 36.62 -1.29
N HIS C 509 21.79 36.48 -2.53
CA HIS C 509 21.41 37.37 -3.63
C HIS C 509 20.88 36.54 -4.79
N PRO C 510 19.59 36.15 -4.75
CA PRO C 510 19.02 35.42 -5.89
C PRO C 510 18.58 36.32 -7.04
N ASP C 511 18.38 37.62 -6.78
CA ASP C 511 17.90 38.53 -7.82
C ASP C 511 18.99 38.92 -8.80
N GLN C 512 20.27 38.84 -8.40
CA GLN C 512 21.35 39.23 -9.27
C GLN C 512 21.60 38.21 -10.38
N TYR C 513 21.26 36.93 -10.14
CA TYR C 513 21.43 35.92 -11.18
C TYR C 513 20.34 36.02 -12.23
N THR C 514 19.10 36.31 -11.82
CA THR C 514 18.02 36.51 -12.77
C THR C 514 18.10 37.86 -13.47
N LYS C 515 18.84 38.82 -12.90
CA LYS C 515 19.06 40.09 -13.57
C LYS C 515 19.99 39.91 -14.77
N PHE C 516 21.05 39.12 -14.61
CA PHE C 516 21.90 38.76 -15.74
C PHE C 516 21.30 37.61 -16.55
N GLY C 517 20.35 36.87 -15.98
CA GLY C 517 19.67 35.82 -16.71
C GLY C 517 20.50 34.58 -16.96
N LEU C 518 21.42 34.26 -16.06
CA LEU C 518 22.30 33.10 -16.23
C LEU C 518 22.19 32.18 -15.03
N SER C 519 22.50 30.91 -15.26
CA SER C 519 22.47 29.92 -14.19
C SER C 519 23.69 30.09 -13.29
N PRO C 520 23.57 29.83 -11.99
CA PRO C 520 24.73 29.94 -11.10
C PRO C 520 25.72 28.81 -11.31
N SER C 521 26.92 29.02 -10.79
CA SER C 521 27.99 28.04 -10.93
C SER C 521 27.76 26.86 -9.99
N LYS C 522 28.46 25.77 -10.28
CA LYS C 522 28.35 24.54 -9.49
C LYS C 522 29.47 24.53 -8.46
N GLY C 523 29.58 23.43 -7.71
CA GLY C 523 30.45 23.37 -6.55
C GLY C 523 31.92 23.19 -6.89
N VAL C 524 32.68 22.81 -5.86
CA VAL C 524 34.13 22.77 -5.90
C VAL C 524 34.60 21.34 -5.67
N LEU C 525 35.50 20.87 -6.54
CA LEU C 525 36.15 19.58 -6.38
C LEU C 525 37.53 19.78 -5.79
N PHE C 526 37.87 18.98 -4.79
CA PHE C 526 39.14 19.08 -4.09
C PHE C 526 40.06 17.92 -4.48
N TYR C 527 41.32 18.23 -4.72
CA TYR C 527 42.35 17.22 -4.96
C TYR C 527 43.70 17.79 -4.55
N GLY C 528 44.55 16.93 -4.00
CA GLY C 528 45.86 17.35 -3.57
C GLY C 528 46.54 16.34 -2.66
N PRO C 529 47.49 16.80 -1.86
CA PRO C 529 48.20 15.88 -0.97
C PRO C 529 47.34 15.52 0.23
N PRO C 530 47.54 14.33 0.82
CA PRO C 530 46.77 13.98 2.01
C PRO C 530 47.25 14.74 3.24
N GLY C 531 46.29 15.20 4.03
CA GLY C 531 46.61 15.98 5.20
C GLY C 531 46.60 17.47 4.99
N THR C 532 46.02 17.96 3.89
CA THR C 532 45.98 19.38 3.59
C THR C 532 44.83 20.10 4.28
N GLY C 533 43.69 19.43 4.46
CA GLY C 533 42.53 20.04 5.07
C GLY C 533 41.23 19.87 4.31
N LYS C 534 41.19 18.97 3.32
CA LYS C 534 39.99 18.82 2.51
C LYS C 534 38.89 18.01 3.20
N THR C 535 39.17 17.31 4.32
CA THR C 535 37.97 16.92 5.09
C THR C 535 37.59 17.98 6.12
N LEU C 536 38.42 19.00 6.34
CA LEU C 536 38.03 20.11 7.20
C LEU C 536 37.29 21.20 6.45
N LEU C 537 37.57 21.38 5.16
CA LEU C 537 36.82 22.34 4.36
C LEU C 537 35.38 21.88 4.15
N ALA C 538 35.15 20.57 4.15
CA ALA C 538 33.78 20.07 4.17
C ALA C 538 33.13 20.29 5.52
N LYS C 539 33.89 20.22 6.60
CA LYS C 539 33.37 20.54 7.92
C LYS C 539 33.18 22.04 8.12
N ALA C 540 33.86 22.86 7.33
CA ALA C 540 33.71 24.31 7.45
C ALA C 540 32.38 24.79 6.88
N VAL C 541 31.96 24.24 5.73
CA VAL C 541 30.71 24.65 5.13
C VAL C 541 29.51 23.99 5.77
N ALA C 542 29.72 22.95 6.59
CA ALA C 542 28.60 22.24 7.19
C ALA C 542 27.99 22.99 8.38
N THR C 543 28.72 23.92 8.98
CA THR C 543 28.25 24.60 10.18
C THR C 543 28.06 26.10 10.01
N GLU C 544 28.51 26.68 8.89
CA GLU C 544 28.51 28.13 8.74
C GLU C 544 27.45 28.64 7.78
N VAL C 545 27.32 28.03 6.60
CA VAL C 545 26.36 28.52 5.61
C VAL C 545 24.96 28.09 6.01
N SER C 546 23.96 28.77 5.44
CA SER C 546 22.57 28.54 5.82
C SER C 546 21.95 27.33 5.13
N ALA C 547 22.61 26.77 4.12
CA ALA C 547 22.05 25.64 3.40
C ALA C 547 22.19 24.35 4.22
N ASN C 548 21.38 23.37 3.86
CA ASN C 548 21.44 22.06 4.51
C ASN C 548 22.68 21.31 4.03
N PHE C 549 23.09 20.32 4.83
CA PHE C 549 24.27 19.52 4.55
C PHE C 549 23.92 18.04 4.63
N ILE C 550 24.38 17.28 3.64
CA ILE C 550 24.23 15.83 3.62
C ILE C 550 25.60 15.22 3.39
N SER C 551 26.09 14.46 4.35
CA SER C 551 27.42 13.86 4.29
C SER C 551 27.30 12.41 3.84
N VAL C 552 28.15 12.00 2.91
CA VAL C 552 28.22 10.63 2.44
C VAL C 552 29.56 10.08 2.88
N LYS C 553 29.55 9.15 3.84
CA LYS C 553 30.76 8.64 4.47
C LYS C 553 31.45 7.66 3.53
N GLY C 554 32.19 8.22 2.58
CA GLY C 554 32.90 7.44 1.59
C GLY C 554 31.96 6.76 0.63
N PRO C 555 32.21 5.49 0.33
CA PRO C 555 31.24 4.67 -0.43
C PRO C 555 30.17 4.07 0.49
N GLU C 556 29.39 4.95 1.12
CA GLU C 556 28.41 4.50 2.10
C GLU C 556 27.16 3.92 1.42
N LEU C 557 26.71 4.56 0.35
CA LEU C 557 25.46 4.19 -0.31
C LEU C 557 25.58 3.00 -1.24
N LEU C 558 26.77 2.40 -1.36
CA LEU C 558 26.92 1.21 -2.17
C LEU C 558 26.43 -0.01 -1.42
N SER C 559 25.65 -0.85 -2.10
CA SER C 559 24.99 -1.98 -1.45
C SER C 559 25.17 -3.23 -2.30
N MET C 560 24.71 -4.36 -1.75
CA MET C 560 24.90 -5.64 -2.43
C MET C 560 23.79 -5.93 -3.43
N TRP C 561 22.63 -5.29 -3.26
CA TRP C 561 21.49 -5.58 -4.10
C TRP C 561 21.67 -4.98 -5.49
N TYR C 562 21.09 -5.64 -6.49
CA TYR C 562 21.23 -5.20 -7.87
C TYR C 562 20.40 -3.95 -8.14
N GLY C 563 19.15 -3.95 -7.71
CA GLY C 563 18.30 -2.79 -7.92
C GLY C 563 18.70 -1.61 -7.05
N GLU C 564 19.25 -1.88 -5.87
CA GLU C 564 19.75 -0.81 -5.03
C GLU C 564 21.13 -0.37 -5.50
N SER C 565 21.65 0.67 -4.82
CA SER C 565 22.78 1.52 -5.21
C SER C 565 22.54 2.29 -6.51
N GLU C 566 21.31 2.30 -7.00
CA GLU C 566 20.83 3.19 -8.05
C GLU C 566 19.69 4.08 -7.58
N SER C 567 18.78 3.51 -6.80
CA SER C 567 17.81 4.30 -6.06
C SER C 567 18.40 4.85 -4.77
N ASN C 568 19.47 4.23 -4.26
CA ASN C 568 20.13 4.73 -3.06
C ASN C 568 20.94 5.99 -3.35
N ILE C 569 21.43 6.12 -4.58
CA ILE C 569 22.04 7.38 -5.00
C ILE C 569 21.00 8.35 -5.54
N ARG C 570 19.76 7.91 -5.73
CA ARG C 570 18.71 8.74 -6.29
C ARG C 570 17.95 9.52 -5.21
N ASP C 571 17.62 8.85 -4.10
CA ASP C 571 16.83 9.52 -3.06
C ASP C 571 17.65 10.55 -2.30
N ILE C 572 18.99 10.44 -2.32
CA ILE C 572 19.83 11.50 -1.80
C ILE C 572 19.71 12.75 -2.66
N PHE C 573 19.76 12.57 -3.99
CA PHE C 573 19.55 13.68 -4.91
C PHE C 573 18.09 14.08 -4.99
N ASP C 574 17.16 13.17 -4.70
CA ASP C 574 15.76 13.56 -4.62
C ASP C 574 15.48 14.40 -3.38
N LYS C 575 16.12 14.08 -2.26
CA LYS C 575 16.06 14.92 -1.07
C LYS C 575 16.86 16.20 -1.24
N ALA C 576 17.87 16.20 -2.11
CA ALA C 576 18.65 17.42 -2.34
C ALA C 576 17.85 18.44 -3.13
N ARG C 577 17.13 18.01 -4.15
CA ARG C 577 16.27 18.92 -4.89
C ARG C 577 15.03 19.31 -4.10
N ALA C 578 14.62 18.48 -3.12
CA ALA C 578 13.51 18.83 -2.27
C ALA C 578 13.90 19.80 -1.15
N ALA C 579 15.19 19.97 -0.91
CA ALA C 579 15.63 20.93 0.11
C ALA C 579 15.51 22.36 -0.41
N ALA C 580 16.11 22.65 -1.57
CA ALA C 580 16.01 23.88 -2.34
C ALA C 580 16.36 25.14 -1.54
N PRO C 581 17.65 25.42 -1.28
CA PRO C 581 18.83 24.68 -1.71
C PRO C 581 19.52 23.89 -0.61
N THR C 582 20.59 23.19 -0.97
CA THR C 582 21.42 22.45 -0.03
C THR C 582 22.79 22.24 -0.68
N VAL C 583 23.63 21.46 0.01
CA VAL C 583 24.91 21.02 -0.53
C VAL C 583 25.19 19.62 0.00
N VAL C 584 25.68 18.75 -0.88
CA VAL C 584 26.04 17.39 -0.50
C VAL C 584 27.54 17.24 -0.64
N PHE C 585 28.09 16.26 0.08
CA PHE C 585 29.53 16.02 0.10
C PHE C 585 29.81 14.56 -0.22
N LEU C 586 30.74 14.32 -1.14
CA LEU C 586 31.12 12.98 -1.56
C LEU C 586 32.62 12.82 -1.31
N ASP C 587 32.97 12.14 -0.23
CA ASP C 587 34.37 11.96 0.13
C ASP C 587 34.96 10.75 -0.59
N GLU C 588 36.24 10.87 -0.94
CA GLU C 588 37.04 9.83 -1.61
C GLU C 588 36.38 9.39 -2.93
N LEU C 589 36.40 10.31 -3.88
CA LEU C 589 35.79 10.14 -5.19
C LEU C 589 36.46 9.04 -6.03
N ASP C 590 37.64 8.55 -5.62
CA ASP C 590 38.23 7.38 -6.27
C ASP C 590 37.36 6.14 -6.12
N SER C 591 36.63 6.02 -5.02
CA SER C 591 35.85 4.81 -4.77
C SER C 591 34.49 4.84 -5.45
N ILE C 592 33.90 6.02 -5.63
CA ILE C 592 32.54 6.10 -6.15
C ILE C 592 32.52 6.35 -7.65
N ALA C 593 33.58 6.91 -8.22
CA ALA C 593 33.60 7.15 -9.66
C ALA C 593 33.99 5.88 -10.41
N LYS C 594 35.23 5.43 -10.22
CA LYS C 594 35.82 4.25 -10.87
C LYS C 594 35.68 4.35 -12.39
N ALA C 595 36.45 5.29 -12.94
CA ALA C 595 36.23 6.08 -14.16
C ALA C 595 35.49 5.39 -15.31
N ARG C 596 35.95 4.23 -15.74
CA ARG C 596 35.27 3.49 -16.79
C ARG C 596 35.58 2.01 -16.65
N GLY C 597 34.55 1.21 -16.37
CA GLY C 597 34.72 -0.23 -16.27
C GLY C 597 34.90 -0.92 -17.60
N GLY C 598 34.60 -0.24 -18.70
CA GLY C 598 34.88 -0.80 -20.01
C GLY C 598 36.36 -0.89 -20.31
N SER C 599 37.13 0.09 -19.85
CA SER C 599 38.59 0.06 -19.94
C SER C 599 39.23 -0.63 -18.74
N LEU C 600 38.43 -1.09 -17.79
CA LEU C 600 38.90 -1.76 -16.57
C LEU C 600 38.66 -3.26 -16.73
N GLY C 601 39.75 -4.01 -16.85
CA GLY C 601 39.65 -5.45 -16.99
C GLY C 601 40.50 -6.19 -15.98
N ASP C 602 41.47 -5.51 -15.37
CA ASP C 602 42.34 -6.13 -14.40
C ASP C 602 41.69 -6.22 -13.02
N ALA C 603 40.82 -5.27 -12.67
CA ALA C 603 40.10 -5.37 -11.40
C ALA C 603 38.91 -6.32 -11.49
N GLY C 604 38.20 -6.31 -12.61
CA GLY C 604 37.06 -7.18 -12.77
C GLY C 604 35.79 -6.68 -12.12
N GLY C 605 35.71 -5.39 -11.81
CA GLY C 605 34.51 -4.84 -11.21
C GLY C 605 33.38 -4.68 -12.21
N ALA C 606 33.58 -3.79 -13.19
CA ALA C 606 32.64 -3.50 -14.27
C ALA C 606 31.27 -3.05 -13.76
N SER C 607 31.27 -2.30 -12.67
CA SER C 607 30.03 -1.76 -12.09
C SER C 607 29.84 -0.32 -12.58
N ASP C 608 29.45 -0.21 -13.84
CA ASP C 608 29.24 1.08 -14.47
C ASP C 608 27.84 1.64 -14.23
N ARG C 609 27.02 0.94 -13.44
CA ARG C 609 25.69 1.44 -13.14
C ARG C 609 25.75 2.58 -12.13
N VAL C 610 26.63 2.48 -11.13
CA VAL C 610 26.70 3.49 -10.08
C VAL C 610 27.38 4.77 -10.55
N VAL C 611 28.14 4.73 -11.64
CA VAL C 611 28.76 5.95 -12.14
C VAL C 611 27.87 6.64 -13.17
N ASN C 612 27.02 5.89 -13.88
CA ASN C 612 26.15 6.50 -14.88
C ASN C 612 24.91 7.11 -14.26
N GLN C 613 24.39 6.52 -13.19
CA GLN C 613 23.26 7.12 -12.48
C GLN C 613 23.71 8.38 -11.76
N LEU C 614 24.94 8.40 -11.26
CA LEU C 614 25.52 9.64 -10.72
C LEU C 614 25.76 10.66 -11.83
N LEU C 615 26.01 10.18 -13.06
CA LEU C 615 26.28 11.08 -14.18
C LEU C 615 25.01 11.80 -14.64
N THR C 616 23.84 11.19 -14.44
CA THR C 616 22.57 11.78 -14.89
C THR C 616 21.75 12.34 -13.73
N GLU C 617 22.33 12.50 -12.55
CA GLU C 617 21.62 13.09 -11.43
C GLU C 617 22.03 14.51 -11.11
N MET C 618 23.23 14.92 -11.53
CA MET C 618 23.74 16.25 -11.21
C MET C 618 23.28 17.28 -12.23
N ASP C 619 23.61 17.07 -13.51
CA ASP C 619 23.01 17.86 -14.58
C ASP C 619 21.80 17.13 -15.16
N GLY C 620 22.04 15.98 -15.78
CA GLY C 620 21.00 15.02 -16.13
C GLY C 620 19.98 15.54 -17.11
N MET C 621 18.72 15.18 -16.87
CA MET C 621 17.59 15.61 -17.69
C MET C 621 16.66 16.59 -16.98
N ASN C 622 16.63 16.56 -15.65
CA ASN C 622 15.74 17.43 -14.89
C ASN C 622 16.30 18.85 -14.82
N ALA C 623 15.44 19.77 -14.42
CA ALA C 623 15.84 21.17 -14.26
C ALA C 623 16.65 21.34 -12.98
N LYS C 624 17.34 22.47 -12.89
CA LYS C 624 18.16 22.76 -11.72
C LYS C 624 17.31 23.36 -10.60
N LYS C 625 17.66 23.02 -9.36
CA LYS C 625 17.03 23.60 -8.18
C LYS C 625 18.10 24.02 -7.18
N ASN C 626 19.21 24.58 -7.70
CA ASN C 626 20.31 25.17 -6.93
C ASN C 626 20.98 24.15 -5.99
N VAL C 627 21.31 22.99 -6.55
CA VAL C 627 22.04 21.96 -5.84
C VAL C 627 23.53 22.19 -6.03
N PHE C 628 24.31 21.83 -5.02
CA PHE C 628 25.76 21.97 -5.05
C PHE C 628 26.41 20.70 -4.54
N VAL C 629 27.54 20.33 -5.15
CA VAL C 629 28.29 19.14 -4.76
C VAL C 629 29.70 19.57 -4.36
N ILE C 630 30.28 18.83 -3.42
CA ILE C 630 31.67 19.01 -3.02
C ILE C 630 32.32 17.62 -2.98
N GLY C 631 33.48 17.50 -3.64
CA GLY C 631 34.18 16.24 -3.64
C GLY C 631 35.62 16.38 -3.19
N ALA C 632 36.06 15.47 -2.32
CA ALA C 632 37.40 15.53 -1.76
C ALA C 632 38.11 14.19 -2.01
N THR C 633 39.16 14.23 -2.82
CA THR C 633 39.99 13.07 -3.07
C THR C 633 41.45 13.54 -3.10
N ASN C 634 42.35 12.62 -3.45
CA ASN C 634 43.77 12.96 -3.53
C ASN C 634 44.31 12.93 -4.95
N ARG C 635 43.96 11.91 -5.74
CA ARG C 635 44.43 11.82 -7.11
C ARG C 635 43.26 11.80 -8.08
N PRO C 636 43.23 12.68 -9.07
CA PRO C 636 42.18 12.66 -10.10
C PRO C 636 42.46 11.77 -11.30
N ASP C 637 43.44 10.86 -11.21
CA ASP C 637 43.73 9.97 -12.33
C ASP C 637 42.66 8.90 -12.52
N GLN C 638 42.04 8.45 -11.42
CA GLN C 638 41.06 7.38 -11.48
C GLN C 638 39.63 7.89 -11.63
N ILE C 639 39.44 9.15 -11.97
CA ILE C 639 38.12 9.75 -12.06
C ILE C 639 37.72 9.90 -13.52
N ASP C 640 36.43 9.72 -13.80
CA ASP C 640 35.89 9.89 -15.14
C ASP C 640 36.00 11.35 -15.56
N PRO C 641 36.54 11.63 -16.76
CA PRO C 641 36.47 13.01 -17.28
C PRO C 641 35.06 13.50 -17.58
N ALA C 642 34.07 12.61 -17.67
CA ALA C 642 32.69 13.03 -17.87
C ALA C 642 32.12 13.71 -16.63
N ILE C 643 32.58 13.30 -15.43
CA ILE C 643 32.16 13.96 -14.20
C ILE C 643 33.03 15.16 -13.89
N LEU C 644 34.16 15.32 -14.56
CA LEU C 644 34.98 16.53 -14.49
C LEU C 644 34.51 17.61 -15.45
N ARG C 645 33.34 17.44 -16.06
CA ARG C 645 32.82 18.44 -16.98
C ARG C 645 32.21 19.62 -16.24
N PRO C 646 32.48 20.84 -16.73
CA PRO C 646 31.93 22.03 -16.07
C PRO C 646 30.40 22.08 -16.14
N GLY C 647 29.80 22.12 -14.96
CA GLY C 647 28.36 21.96 -14.82
C GLY C 647 28.07 20.86 -13.82
N ARG C 648 28.90 19.81 -13.86
CA ARG C 648 28.91 18.82 -12.79
C ARG C 648 29.91 19.23 -11.71
N LEU C 649 31.17 19.39 -12.11
CA LEU C 649 32.24 19.90 -11.25
C LEU C 649 33.04 20.89 -12.11
N ASP C 650 32.73 22.17 -11.96
CA ASP C 650 33.40 23.19 -12.77
C ASP C 650 34.67 23.69 -12.11
N GLN C 651 34.68 23.75 -10.78
CA GLN C 651 35.85 24.19 -10.04
C GLN C 651 36.73 22.99 -9.70
N LEU C 652 37.97 23.01 -10.17
CA LEU C 652 38.94 21.95 -9.95
C LEU C 652 40.21 22.51 -9.33
N ILE C 653 40.05 23.33 -8.29
CA ILE C 653 41.19 24.00 -7.70
C ILE C 653 42.02 23.02 -6.88
N TYR C 654 43.33 23.20 -6.93
CA TYR C 654 44.29 22.33 -6.26
C TYR C 654 44.73 22.96 -4.95
N VAL C 655 44.66 22.19 -3.87
CA VAL C 655 45.11 22.65 -2.55
C VAL C 655 46.61 22.46 -2.47
N PRO C 656 47.39 23.50 -2.17
CA PRO C 656 48.84 23.37 -2.10
C PRO C 656 49.32 23.05 -0.69
N LEU C 657 50.61 22.73 -0.60
CA LEU C 657 51.23 22.55 0.70
C LEU C 657 51.58 23.91 1.32
N PRO C 658 51.42 24.05 2.63
CA PRO C 658 51.75 25.32 3.27
C PRO C 658 53.25 25.56 3.33
N ASP C 659 53.65 26.78 2.96
CA ASP C 659 55.07 27.15 2.87
C ASP C 659 55.25 28.56 3.44
N GLU C 660 55.65 28.62 4.72
CA GLU C 660 56.23 29.78 5.42
C GLU C 660 55.22 30.90 5.70
N ASN C 661 54.03 30.81 5.13
CA ASN C 661 52.98 31.80 5.37
C ASN C 661 51.67 31.17 5.78
N ALA C 662 51.33 30.02 5.21
CA ALA C 662 50.15 29.28 5.65
C ALA C 662 50.47 28.32 6.80
N ARG C 663 51.76 28.07 7.07
CA ARG C 663 52.13 27.27 8.23
C ARG C 663 51.96 28.07 9.52
N LEU C 664 52.19 29.37 9.46
CA LEU C 664 52.07 30.21 10.65
C LEU C 664 50.61 30.53 10.98
N SER C 665 49.79 30.74 9.94
CA SER C 665 48.44 31.25 10.16
C SER C 665 47.51 30.18 10.74
N ILE C 666 47.81 28.90 10.52
CA ILE C 666 46.94 27.86 11.07
C ILE C 666 47.49 27.25 12.36
N LEU C 667 48.74 27.52 12.70
CA LEU C 667 49.22 27.19 14.04
C LEU C 667 48.54 28.07 15.10
N ASN C 668 48.18 29.30 14.72
CA ASN C 668 47.34 30.13 15.57
C ASN C 668 45.90 29.65 15.59
N ALA C 669 45.47 28.92 14.55
CA ALA C 669 44.11 28.39 14.53
C ALA C 669 43.98 27.20 15.47
N GLN C 670 45.03 26.39 15.59
CA GLN C 670 45.04 25.32 16.57
C GLN C 670 45.22 25.84 18.00
N LEU C 671 45.91 26.98 18.16
CA LEU C 671 46.14 27.58 19.46
C LEU C 671 45.17 28.73 19.74
N ARG C 672 43.94 28.64 19.22
CA ARG C 672 42.95 29.69 19.45
C ARG C 672 42.37 29.60 20.85
N LYS C 673 41.82 28.44 21.21
CA LYS C 673 41.27 28.21 22.54
C LYS C 673 42.27 27.55 23.47
N THR C 674 43.56 27.79 23.28
CA THR C 674 44.64 27.17 24.02
C THR C 674 45.35 28.19 24.91
N PRO C 675 45.56 27.88 26.18
CA PRO C 675 46.40 28.75 27.03
C PRO C 675 47.86 28.69 26.58
N LEU C 676 48.53 29.84 26.68
CA LEU C 676 49.89 29.96 26.17
C LEU C 676 50.74 30.75 27.15
N GLU C 677 52.05 30.67 26.94
CA GLU C 677 53.03 31.36 27.76
C GLU C 677 53.16 32.80 27.28
N PRO C 678 53.99 33.62 27.94
CA PRO C 678 54.49 34.84 27.29
C PRO C 678 55.16 34.54 25.95
N GLY C 679 55.09 35.53 25.05
CA GLY C 679 55.23 35.39 23.60
C GLY C 679 56.30 34.49 23.02
N LEU C 680 55.85 33.45 22.32
CA LEU C 680 56.72 32.47 21.69
C LEU C 680 56.55 32.55 20.18
N GLU C 681 57.66 32.73 19.47
CA GLU C 681 57.62 32.89 18.02
C GLU C 681 57.40 31.53 17.37
N LEU C 682 56.34 31.43 16.57
CA LEU C 682 56.01 30.18 15.89
C LEU C 682 56.62 30.10 14.49
N THR C 683 57.28 31.16 14.01
CA THR C 683 57.92 31.10 12.71
C THR C 683 59.21 30.28 12.74
N ALA C 684 59.79 30.08 13.93
CA ALA C 684 60.94 29.21 14.05
C ALA C 684 60.57 27.75 13.82
N ILE C 685 59.33 27.37 14.14
CA ILE C 685 58.84 26.05 13.79
C ILE C 685 58.57 25.94 12.30
N ALA C 686 58.23 27.07 11.66
CA ALA C 686 57.97 27.05 10.22
C ALA C 686 59.25 26.92 9.40
N LYS C 687 60.39 27.35 9.96
CA LYS C 687 61.65 27.18 9.25
C LYS C 687 62.13 25.74 9.30
N ALA C 688 61.87 25.04 10.41
CA ALA C 688 62.28 23.65 10.54
C ALA C 688 61.36 22.73 9.75
N THR C 689 60.06 22.99 9.77
CA THR C 689 59.10 22.17 9.05
C THR C 689 59.13 22.54 7.57
N GLN C 690 59.55 21.60 6.73
CA GLN C 690 59.59 21.78 5.28
C GLN C 690 58.93 20.60 4.62
N GLY C 691 57.98 20.87 3.72
CA GLY C 691 57.19 19.81 3.14
C GLY C 691 56.17 19.23 4.08
N PHE C 692 55.74 20.02 5.07
CA PHE C 692 54.78 19.57 6.08
C PHE C 692 53.40 20.07 5.71
N SER C 693 52.44 19.15 5.65
CA SER C 693 51.05 19.50 5.35
C SER C 693 50.35 20.03 6.60
N GLY C 694 49.04 20.27 6.47
CA GLY C 694 48.27 20.80 7.59
C GLY C 694 48.08 19.79 8.71
N ALA C 695 47.91 18.51 8.37
CA ALA C 695 47.89 17.47 9.39
C ALA C 695 49.28 17.12 9.89
N ASP C 696 50.33 17.46 9.13
CA ASP C 696 51.68 17.28 9.62
C ASP C 696 52.04 18.29 10.69
N LEU C 697 51.40 19.46 10.67
CA LEU C 697 51.55 20.40 11.77
C LEU C 697 50.84 19.91 13.03
N LEU C 698 49.82 19.06 12.87
CA LEU C 698 49.28 18.33 14.00
C LEU C 698 50.28 17.26 14.43
N TYR C 699 50.17 16.88 15.72
CA TYR C 699 51.11 16.07 16.51
C TYR C 699 52.45 16.76 16.76
N ILE C 700 52.59 18.02 16.36
CA ILE C 700 53.70 18.84 16.85
C ILE C 700 53.26 19.62 18.09
N VAL C 701 52.03 20.15 18.06
CA VAL C 701 51.43 20.76 19.25
C VAL C 701 50.51 19.81 19.99
N GLN C 702 50.11 18.69 19.37
CA GLN C 702 49.33 17.69 20.10
C GLN C 702 50.22 16.84 20.99
N ARG C 703 51.41 16.48 20.50
CA ARG C 703 52.40 15.83 21.37
C ARG C 703 52.97 16.81 22.39
N ALA C 704 52.95 18.11 22.08
CA ALA C 704 53.31 19.10 23.09
C ALA C 704 52.26 19.17 24.19
N ALA C 705 50.99 18.89 23.86
CA ALA C 705 49.96 18.80 24.88
C ALA C 705 50.02 17.49 25.66
N LYS C 706 50.74 16.49 25.15
CA LYS C 706 50.90 15.25 25.88
C LYS C 706 51.84 15.42 27.07
N TYR C 707 52.97 16.09 26.86
CA TYR C 707 53.90 16.36 27.94
C TYR C 707 53.50 17.58 28.77
N ALA C 708 52.50 18.35 28.32
CA ALA C 708 51.97 19.44 29.12
C ALA C 708 51.02 18.96 30.21
N ILE C 709 50.55 17.71 30.13
CA ILE C 709 49.76 17.12 31.20
C ILE C 709 50.57 16.13 32.03
N LYS C 710 51.84 15.92 31.69
CA LYS C 710 52.69 15.01 32.44
C LYS C 710 53.04 15.58 33.82
N ASP C 711 53.27 16.88 33.89
CA ASP C 711 53.48 17.53 35.19
C ASP C 711 52.18 17.76 35.96
N SER C 712 51.03 17.62 35.31
CA SER C 712 49.76 17.66 36.02
C SER C 712 49.52 16.40 36.85
N ILE C 713 50.20 15.30 36.51
CA ILE C 713 50.15 14.11 37.35
C ILE C 713 50.94 14.34 38.64
N GLU C 714 51.93 15.25 38.61
CA GLU C 714 52.72 15.61 39.77
C GLU C 714 52.04 16.65 40.67
N ALA C 715 50.73 16.84 40.53
CA ALA C 715 49.97 17.76 41.38
C ALA C 715 49.69 17.18 42.76
N HIS C 716 50.00 15.91 42.99
CA HIS C 716 49.76 15.28 44.28
C HIS C 716 50.79 15.74 45.31
N ARG C 717 50.55 15.34 46.56
CA ARG C 717 51.43 15.70 47.65
C ARG C 717 52.60 14.72 47.76
N VAL C 747 47.63 20.51 43.14
CA VAL C 747 47.46 21.67 42.28
C VAL C 747 48.57 21.72 41.23
N ASP C 748 48.25 22.33 40.09
CA ASP C 748 49.19 22.45 38.99
C ASP C 748 49.54 23.92 38.78
N PRO C 749 50.70 24.40 39.23
CA PRO C 749 50.99 25.84 39.14
C PRO C 749 51.54 26.27 37.79
N VAL C 750 50.96 25.77 36.70
CA VAL C 750 51.27 26.20 35.33
C VAL C 750 50.06 25.92 34.45
N PRO C 751 49.06 26.82 34.43
CA PRO C 751 47.89 26.60 33.58
C PRO C 751 48.06 27.14 32.17
N TYR C 752 49.21 26.89 31.55
CA TYR C 752 49.50 27.34 30.20
C TYR C 752 50.64 26.50 29.65
N ILE C 753 50.76 26.49 28.32
CA ILE C 753 51.80 25.74 27.66
C ILE C 753 53.05 26.62 27.55
N THR C 754 54.11 26.22 28.24
CA THR C 754 55.43 26.83 28.08
C THR C 754 56.12 26.20 26.88
N LYS C 755 57.43 26.42 26.72
CA LYS C 755 58.13 25.81 25.60
C LYS C 755 58.19 24.30 25.73
N GLU C 756 59.04 23.77 26.62
CA GLU C 756 58.92 22.47 27.30
C GLU C 756 58.92 21.22 26.40
N HIS C 757 58.75 21.38 25.10
CA HIS C 757 58.42 20.25 24.24
C HIS C 757 59.27 20.18 22.97
N PHE C 758 59.59 21.34 22.37
CA PHE C 758 60.17 21.38 21.04
C PHE C 758 61.61 20.90 20.99
N ALA C 759 62.24 20.65 22.14
CA ALA C 759 63.51 19.93 22.15
C ALA C 759 63.30 18.42 21.98
N GLU C 760 62.09 17.93 22.24
CA GLU C 760 61.78 16.52 22.10
C GLU C 760 60.58 16.22 21.20
N ALA C 761 59.77 17.22 20.86
CA ALA C 761 58.65 17.03 19.95
C ALA C 761 58.96 17.44 18.53
N MET C 762 59.69 18.53 18.34
CA MET C 762 60.11 18.96 17.01
C MET C 762 61.27 18.15 16.45
N LYS C 763 61.94 17.35 17.29
CA LYS C 763 63.03 16.51 16.81
C LYS C 763 62.52 15.33 16.00
N THR C 764 61.25 14.98 16.12
CA THR C 764 60.64 13.92 15.31
C THR C 764 59.89 14.62 14.17
N ALA C 765 60.66 15.08 13.19
CA ALA C 765 60.10 15.76 12.01
C ALA C 765 59.58 14.68 11.05
N LYS C 766 58.38 14.18 11.35
CA LYS C 766 57.80 13.10 10.58
C LYS C 766 57.20 13.65 9.29
N ARG C 767 57.64 13.08 8.16
CA ARG C 767 57.13 13.45 6.85
C ARG C 767 56.14 12.37 6.43
N SER C 768 54.85 12.67 6.58
CA SER C 768 53.80 11.71 6.23
C SER C 768 53.70 11.47 4.73
N VAL C 769 53.93 12.49 3.91
CA VAL C 769 53.94 12.35 2.46
C VAL C 769 55.38 12.10 2.01
N SER C 770 55.57 11.10 1.16
CA SER C 770 56.90 10.72 0.71
C SER C 770 57.38 11.68 -0.38
N ASP C 771 58.65 11.52 -0.76
CA ASP C 771 59.20 12.35 -1.82
C ASP C 771 58.70 11.90 -3.19
N ALA C 772 58.58 10.59 -3.41
CA ALA C 772 58.20 10.09 -4.72
C ALA C 772 56.72 10.26 -5.01
N GLU C 773 55.86 10.19 -3.99
CA GLU C 773 54.44 10.35 -4.21
C GLU C 773 54.04 11.82 -4.34
N LEU C 774 54.91 12.75 -3.96
CA LEU C 774 54.63 14.16 -4.14
C LEU C 774 54.76 14.58 -5.60
N ARG C 775 55.52 13.82 -6.41
CA ARG C 775 55.67 14.15 -7.82
C ARG C 775 54.40 13.91 -8.62
N ARG C 776 53.51 13.05 -8.13
CA ARG C 776 52.24 12.82 -8.82
C ARG C 776 51.29 14.02 -8.67
N TYR C 777 51.37 14.72 -7.54
CA TYR C 777 50.53 15.90 -7.35
C TYR C 777 51.08 17.09 -8.15
N GLU C 778 52.40 17.23 -8.21
CA GLU C 778 53.03 18.27 -9.02
C GLU C 778 53.38 17.75 -10.42
N ALA C 779 52.38 17.18 -11.08
CA ALA C 779 52.53 16.68 -12.45
C ALA C 779 51.51 17.23 -13.42
N TYR C 780 50.38 17.77 -12.94
CA TYR C 780 49.37 18.33 -13.83
C TYR C 780 49.76 19.73 -14.29
N SER C 781 49.85 20.66 -13.34
CA SER C 781 50.21 22.08 -13.66
C SER C 781 49.23 22.62 -14.71
N GLN C 782 48.46 23.65 -14.35
CA GLN C 782 47.48 24.26 -15.27
C GLN C 782 48.15 24.59 -16.61
N GLN C 783 47.67 23.99 -17.70
CA GLN C 783 48.22 24.26 -19.06
C GLN C 783 47.70 25.61 -19.55
N MET C 784 46.39 25.72 -19.78
CA MET C 784 45.77 26.98 -20.24
C MET C 784 46.22 28.14 -19.34
N LYS C 785 46.73 29.22 -19.93
CA LYS C 785 47.20 30.36 -19.17
C LYS C 785 46.31 31.58 -19.44
N ALA C 786 46.66 32.69 -18.80
CA ALA C 786 45.91 33.93 -18.90
C ALA C 786 46.42 34.76 -20.07
N SER C 787 46.01 36.04 -20.11
CA SER C 787 46.40 37.04 -21.11
C SER C 787 46.03 36.60 -22.53
N ARG C 788 44.73 36.34 -22.72
CA ARG C 788 44.19 35.96 -24.01
C ARG C 788 42.92 36.74 -24.34
N GLY C 789 42.83 37.97 -23.84
CA GLY C 789 41.67 38.81 -24.07
C GLY C 789 41.68 39.45 -25.45
N GLN C 790 40.61 40.18 -25.73
CA GLN C 790 40.47 40.87 -27.00
C GLN C 790 41.35 42.13 -27.03
N PHE C 791 41.54 42.65 -28.23
CA PHE C 791 42.34 43.86 -28.42
C PHE C 791 41.73 44.76 -29.48
N ASN D 209 4.97 -0.71 46.52
CA ASN D 209 4.63 -1.82 45.62
C ASN D 209 4.98 -1.46 44.18
N GLU D 210 4.96 -0.17 43.87
CA GLU D 210 5.27 0.32 42.54
C GLU D 210 6.57 1.13 42.56
N VAL D 211 7.08 1.41 41.36
CA VAL D 211 8.37 2.06 41.18
C VAL D 211 8.18 3.24 40.22
N GLY D 212 8.80 4.37 40.55
CA GLY D 212 8.72 5.55 39.71
C GLY D 212 9.90 6.48 39.84
N TYR D 213 10.51 6.83 38.70
CA TYR D 213 11.62 7.78 38.55
C TYR D 213 12.88 7.36 39.31
N ASP D 214 13.02 6.09 39.68
CA ASP D 214 14.23 5.61 40.33
C ASP D 214 14.58 4.19 39.92
N ASP D 215 14.19 3.78 38.72
CA ASP D 215 14.37 2.39 38.30
C ASP D 215 15.77 2.17 37.73
N ILE D 216 16.22 3.08 36.87
CA ILE D 216 17.58 3.10 36.35
C ILE D 216 18.23 4.42 36.76
N GLY D 217 19.52 4.36 37.02
CA GLY D 217 20.34 5.56 37.08
C GLY D 217 20.99 5.80 35.73
N GLY D 218 21.97 6.71 35.73
CA GLY D 218 22.72 6.97 34.52
C GLY D 218 22.02 7.95 33.60
N CYS D 219 21.35 7.43 32.58
CA CYS D 219 20.64 8.28 31.63
C CYS D 219 19.34 8.84 32.23
N ARG D 220 19.49 9.88 33.05
CA ARG D 220 18.35 10.55 33.67
C ARG D 220 18.05 11.91 33.08
N LYS D 221 18.98 12.51 32.33
CA LYS D 221 18.64 13.73 31.60
C LYS D 221 17.78 13.42 30.38
N GLN D 222 17.86 12.20 29.86
CA GLN D 222 16.94 11.76 28.83
C GLN D 222 15.55 11.49 29.39
N MET D 223 15.50 10.95 30.61
CA MET D 223 14.22 10.76 31.28
C MET D 223 13.64 12.08 31.77
N ALA D 224 14.49 13.08 32.01
CA ALA D 224 13.99 14.41 32.35
C ALA D 224 13.37 15.09 31.14
N GLN D 225 13.79 14.71 29.94
CA GLN D 225 13.16 15.23 28.73
C GLN D 225 11.76 14.66 28.55
N ILE D 226 11.52 13.44 29.03
CA ILE D 226 10.18 12.89 29.03
C ILE D 226 9.38 13.48 30.21
N ARG D 227 10.08 13.87 31.29
CA ARG D 227 9.42 14.47 32.44
C ARG D 227 8.83 15.84 32.11
N GLU D 228 9.48 16.59 31.21
CA GLU D 228 8.94 17.85 30.74
C GLU D 228 8.02 17.69 29.54
N MET D 229 7.66 16.46 29.18
CA MET D 229 6.81 16.18 28.04
C MET D 229 5.42 15.67 28.44
N VAL D 230 5.33 14.84 29.48
CA VAL D 230 4.05 14.32 29.95
C VAL D 230 3.61 14.99 31.24
N GLU D 231 4.47 14.97 32.27
CA GLU D 231 4.10 15.45 33.60
C GLU D 231 3.91 16.96 33.62
N LEU D 232 4.84 17.70 33.01
CA LEU D 232 4.83 19.15 33.00
C LEU D 232 3.64 19.78 32.26
N PRO D 233 3.07 19.16 31.20
CA PRO D 233 1.74 19.62 30.78
C PRO D 233 0.65 19.38 31.82
N LEU D 234 0.56 18.18 32.40
CA LEU D 234 -0.54 17.88 33.31
C LEU D 234 -0.36 18.47 34.70
N ARG D 235 0.87 18.86 35.07
CA ARG D 235 1.06 19.50 36.37
C ARG D 235 0.59 20.95 36.33
N HIS D 236 0.93 21.68 35.27
CA HIS D 236 0.49 23.06 35.07
C HIS D 236 -0.18 23.17 33.72
N PRO D 237 -1.47 22.80 33.63
CA PRO D 237 -2.20 23.02 32.37
C PRO D 237 -2.66 24.45 32.18
N GLN D 238 -2.68 25.27 33.24
CA GLN D 238 -2.99 26.68 33.12
C GLN D 238 -1.87 27.47 32.47
N LEU D 239 -0.65 26.94 32.46
CA LEU D 239 0.45 27.61 31.77
C LEU D 239 0.43 27.34 30.27
N PHE D 240 -0.24 26.25 29.84
CA PHE D 240 -0.25 25.87 28.43
C PHE D 240 -1.47 26.38 27.67
N LYS D 241 -2.47 26.93 28.35
CA LYS D 241 -3.51 27.70 27.67
C LYS D 241 -3.09 29.17 27.63
N ALA D 242 -3.50 29.88 26.57
CA ALA D 242 -3.05 31.23 26.22
C ALA D 242 -1.52 31.30 26.08
N ILE D 243 -0.94 30.24 25.53
CA ILE D 243 0.45 30.25 25.08
C ILE D 243 0.56 29.95 23.59
N GLY D 244 -0.47 29.35 22.98
CA GLY D 244 -0.46 29.08 21.55
C GLY D 244 -0.26 27.63 21.17
N ILE D 245 0.93 27.31 20.69
CA ILE D 245 1.22 25.99 20.14
C ILE D 245 1.43 24.99 21.26
N LYS D 246 0.73 23.83 21.15
CA LYS D 246 0.76 22.66 22.00
C LYS D 246 2.09 21.94 21.89
N PRO D 247 2.53 21.26 22.94
CA PRO D 247 3.77 20.45 22.86
C PRO D 247 3.57 19.23 21.97
N PRO D 248 4.65 18.65 21.45
CA PRO D 248 4.50 17.47 20.59
C PRO D 248 4.00 16.25 21.35
N ARG D 249 3.44 15.30 20.59
CA ARG D 249 2.71 14.18 21.14
C ARG D 249 3.34 12.82 20.81
N GLY D 250 4.66 12.77 20.64
CA GLY D 250 5.29 11.51 20.31
C GLY D 250 6.81 11.51 20.38
N VAL D 251 7.37 10.51 21.05
CA VAL D 251 8.82 10.34 21.20
C VAL D 251 9.22 8.99 20.63
N LEU D 252 10.18 8.99 19.72
CA LEU D 252 10.78 7.76 19.20
C LEU D 252 12.09 7.51 19.95
N MET D 253 12.08 6.51 20.81
CA MET D 253 13.27 6.13 21.57
C MET D 253 14.01 5.04 20.81
N TYR D 254 15.20 5.36 20.30
CA TYR D 254 15.99 4.40 19.55
C TYR D 254 17.26 4.05 20.29
N GLY D 255 17.84 2.91 19.92
CA GLY D 255 19.01 2.39 20.57
C GLY D 255 19.04 0.88 20.55
N PRO D 256 19.97 0.28 21.29
CA PRO D 256 20.04 -1.18 21.36
C PRO D 256 18.90 -1.73 22.19
N PRO D 257 18.24 -2.82 21.74
CA PRO D 257 17.07 -3.36 22.43
C PRO D 257 17.42 -4.32 23.58
N GLY D 258 18.39 -3.93 24.39
CA GLY D 258 18.71 -4.68 25.60
C GLY D 258 17.99 -4.07 26.79
N THR D 259 17.84 -2.75 26.75
CA THR D 259 17.16 -2.04 27.84
C THR D 259 15.66 -2.30 27.81
N GLY D 260 15.08 -2.52 26.63
CA GLY D 260 13.69 -2.89 26.50
C GLY D 260 12.70 -1.74 26.48
N LYS D 261 12.97 -0.67 27.24
CA LYS D 261 12.21 0.58 27.38
C LYS D 261 10.86 0.41 28.08
N THR D 262 10.41 -0.82 28.36
CA THR D 262 9.15 -1.01 29.07
C THR D 262 9.30 -0.73 30.55
N LEU D 263 10.54 -0.71 31.05
CA LEU D 263 10.79 -0.46 32.46
C LEU D 263 10.95 1.03 32.71
N MET D 264 11.27 1.80 31.67
CA MET D 264 11.33 3.25 31.79
C MET D 264 9.96 3.88 31.57
N ALA D 265 9.16 3.33 30.65
CA ALA D 265 7.84 3.88 30.36
C ALA D 265 6.87 3.68 31.51
N ARG D 266 7.05 2.62 32.30
CA ARG D 266 6.24 2.43 33.49
C ARG D 266 6.66 3.35 34.63
N ALA D 267 7.91 3.83 34.62
CA ALA D 267 8.34 4.78 35.63
C ALA D 267 7.74 6.17 35.40
N VAL D 268 7.58 6.56 34.13
CA VAL D 268 6.94 7.82 33.82
C VAL D 268 5.44 7.77 34.04
N ALA D 269 4.78 6.69 33.62
CA ALA D 269 3.33 6.56 33.73
C ALA D 269 2.84 6.42 35.16
N ASN D 270 3.66 5.85 36.06
CA ASN D 270 3.24 5.71 37.45
C ASN D 270 3.35 7.01 38.21
N GLU D 271 4.30 7.88 37.84
CA GLU D 271 4.46 9.15 38.53
C GLU D 271 3.35 10.15 38.18
N THR D 272 2.87 10.12 36.94
CA THR D 272 1.79 11.01 36.53
C THR D 272 0.41 10.44 36.81
N GLY D 273 0.31 9.13 37.06
CA GLY D 273 -0.98 8.50 37.31
C GLY D 273 -1.74 8.09 36.07
N ALA D 274 -1.14 8.22 34.89
CA ALA D 274 -1.81 7.84 33.66
C ALA D 274 -1.82 6.32 33.50
N PHE D 275 -2.69 5.85 32.62
CA PHE D 275 -2.84 4.42 32.39
C PHE D 275 -1.72 3.91 31.47
N PHE D 276 -1.32 2.67 31.70
CA PHE D 276 -0.30 2.00 30.90
C PHE D 276 -0.93 0.80 30.23
N PHE D 277 -1.21 0.92 28.93
CA PHE D 277 -1.86 -0.13 28.15
C PHE D 277 -0.89 -0.57 27.06
N LEU D 278 -0.02 -1.53 27.39
CA LEU D 278 1.03 -1.97 26.49
C LEU D 278 0.44 -2.81 25.37
N ILE D 279 0.90 -2.55 24.15
CA ILE D 279 0.53 -3.31 22.97
C ILE D 279 1.81 -3.81 22.30
N ASN D 280 1.94 -5.12 22.18
CA ASN D 280 3.14 -5.72 21.59
C ASN D 280 3.16 -5.50 20.08
N GLY D 281 4.34 -5.61 19.50
CA GLY D 281 4.56 -5.33 18.10
C GLY D 281 3.95 -6.31 17.12
N PRO D 282 4.48 -7.54 17.05
CA PRO D 282 4.00 -8.48 16.03
C PRO D 282 2.68 -9.17 16.36
N GLU D 283 1.98 -8.77 17.42
CA GLU D 283 0.69 -9.40 17.71
C GLU D 283 -0.46 -8.73 16.98
N VAL D 284 -0.31 -7.47 16.55
CA VAL D 284 -1.38 -6.81 15.81
C VAL D 284 -1.38 -7.21 14.34
N MET D 285 -0.33 -7.87 13.86
CA MET D 285 -0.27 -8.32 12.48
C MET D 285 -0.73 -9.77 12.40
N SER D 286 -1.76 -10.00 11.58
CA SER D 286 -2.30 -11.34 11.40
C SER D 286 -2.46 -11.60 9.91
N LYS D 287 -2.83 -12.84 9.58
CA LYS D 287 -2.91 -13.28 8.20
C LYS D 287 -4.34 -13.29 7.67
N MET D 288 -5.27 -12.69 8.40
CA MET D 288 -6.67 -12.61 7.97
C MET D 288 -7.01 -11.25 7.38
N ALA D 289 -6.12 -10.26 7.53
CA ALA D 289 -6.08 -9.01 6.78
C ALA D 289 -7.24 -8.06 7.02
N GLY D 290 -8.15 -8.40 7.94
CA GLY D 290 -9.24 -7.48 8.24
C GLY D 290 -9.12 -6.87 9.62
N GLU D 291 -8.67 -7.66 10.60
CA GLU D 291 -8.53 -7.16 11.96
C GLU D 291 -7.17 -6.53 12.24
N SER D 292 -6.22 -6.65 11.31
CA SER D 292 -4.90 -6.08 11.52
C SER D 292 -4.92 -4.56 11.47
N GLU D 293 -5.87 -3.99 10.73
CA GLU D 293 -6.03 -2.54 10.68
C GLU D 293 -7.03 -2.02 11.69
N SER D 294 -7.64 -2.90 12.49
CA SER D 294 -8.54 -2.48 13.55
C SER D 294 -8.10 -2.95 14.93
N ASN D 295 -7.10 -3.83 15.01
CA ASN D 295 -6.52 -4.16 16.30
C ASN D 295 -5.72 -2.98 16.84
N LEU D 296 -5.07 -2.24 15.96
CA LEU D 296 -4.44 -0.99 16.35
C LEU D 296 -5.46 0.14 16.52
N ARG D 297 -6.52 0.15 15.71
CA ARG D 297 -7.52 1.21 15.79
C ARG D 297 -8.35 1.10 17.07
N LYS D 298 -8.56 -0.12 17.57
CA LYS D 298 -9.27 -0.28 18.83
C LYS D 298 -8.39 -0.01 20.05
N ALA D 299 -7.07 0.10 19.86
CA ALA D 299 -6.19 0.45 20.97
C ALA D 299 -6.33 1.92 21.34
N PHE D 300 -6.36 2.81 20.34
CA PHE D 300 -6.60 4.21 20.60
C PHE D 300 -8.04 4.49 20.98
N GLU D 301 -8.98 3.63 20.56
CA GLU D 301 -10.35 3.74 21.05
C GLU D 301 -10.46 3.30 22.50
N GLU D 302 -9.59 2.39 22.94
CA GLU D 302 -9.58 1.97 24.33
C GLU D 302 -8.86 2.98 25.23
N ALA D 303 -7.79 3.60 24.72
CA ALA D 303 -7.03 4.58 25.49
C ALA D 303 -7.67 5.97 25.48
N GLU D 304 -8.81 6.14 24.82
CA GLU D 304 -9.52 7.41 24.81
C GLU D 304 -10.37 7.61 26.06
N LYS D 305 -10.91 6.51 26.60
CA LYS D 305 -11.81 6.61 27.75
C LYS D 305 -11.05 6.91 29.04
N ASN D 306 -9.97 6.21 29.30
CA ASN D 306 -9.20 6.38 30.54
C ASN D 306 -8.09 7.41 30.33
N ALA D 307 -8.49 8.65 30.09
CA ALA D 307 -7.54 9.74 29.92
C ALA D 307 -7.07 10.24 31.28
N PRO D 308 -5.75 10.45 31.46
CA PRO D 308 -4.68 10.25 30.48
C PRO D 308 -4.15 8.81 30.45
N ALA D 309 -3.51 8.43 29.34
CA ALA D 309 -3.04 7.06 29.18
C ALA D 309 -1.82 7.06 28.27
N ILE D 310 -1.03 6.00 28.39
CA ILE D 310 0.18 5.79 27.58
C ILE D 310 -0.03 4.53 26.74
N ILE D 311 0.15 4.67 25.43
CA ILE D 311 -0.01 3.53 24.53
C ILE D 311 1.25 2.66 24.50
N PHE D 312 2.38 3.27 24.14
CA PHE D 312 3.72 2.67 24.17
C PHE D 312 3.80 1.42 23.28
N ILE D 313 3.66 1.67 21.98
CA ILE D 313 3.86 0.60 21.00
C ILE D 313 5.35 0.30 20.89
N ASP D 314 5.70 -0.99 20.86
CA ASP D 314 7.09 -1.42 20.88
C ASP D 314 7.40 -2.24 19.62
N GLU D 315 8.70 -2.27 19.30
CA GLU D 315 9.29 -3.04 18.21
C GLU D 315 8.65 -2.68 16.87
N ILE D 316 8.87 -1.44 16.46
CA ILE D 316 8.32 -0.94 15.20
C ILE D 316 9.34 -1.28 14.11
N ASP D 317 9.34 -2.55 13.72
CA ASP D 317 10.05 -3.03 12.55
C ASP D 317 9.14 -3.79 11.61
N SER D 318 8.37 -4.75 12.12
CA SER D 318 7.37 -5.42 11.30
C SER D 318 6.13 -4.55 11.16
N ILE D 319 5.69 -3.94 12.26
CA ILE D 319 4.63 -2.92 12.17
C ILE D 319 5.25 -1.63 11.68
N ALA D 320 4.46 -0.85 10.91
CA ALA D 320 4.76 0.42 10.25
C ALA D 320 6.13 0.46 9.55
N PRO D 321 6.37 -0.35 8.50
CA PRO D 321 7.69 -0.28 7.85
C PRO D 321 7.72 0.77 6.75
N LYS D 322 8.86 0.90 6.08
CA LYS D 322 8.97 1.82 4.96
C LYS D 322 8.26 1.27 3.74
N ARG D 323 7.63 2.16 2.98
CA ARG D 323 6.94 1.79 1.75
C ARG D 323 7.86 1.82 0.53
N ASP D 324 9.18 1.77 0.74
CA ASP D 324 10.11 1.72 -0.38
C ASP D 324 10.13 0.35 -1.03
N LYS D 325 9.71 -0.69 -0.31
CA LYS D 325 9.74 -2.03 -0.87
C LYS D 325 8.45 -2.38 -1.62
N THR D 326 7.31 -1.90 -1.15
CA THR D 326 5.97 -2.16 -1.70
C THR D 326 5.72 -3.67 -1.84
N ASN D 327 5.80 -4.35 -0.70
CA ASN D 327 5.65 -5.81 -0.63
C ASN D 327 4.72 -6.15 0.52
N GLY D 328 3.57 -6.73 0.18
CA GLY D 328 2.58 -7.08 1.20
C GLY D 328 1.56 -5.97 1.39
N GLU D 329 0.28 -6.31 1.20
CA GLU D 329 -0.77 -5.31 1.34
C GLU D 329 -1.05 -4.97 2.80
N VAL D 330 -0.88 -5.94 3.71
CA VAL D 330 -1.17 -5.67 5.12
C VAL D 330 -0.04 -4.86 5.75
N GLU D 331 1.13 -4.83 5.13
CA GLU D 331 2.23 -4.02 5.64
C GLU D 331 2.15 -2.58 5.15
N ARG D 332 1.43 -2.35 4.05
CA ARG D 332 1.27 -0.99 3.52
C ARG D 332 0.07 -0.27 4.11
N ARG D 333 -0.92 -1.01 4.64
CA ARG D 333 -2.10 -0.39 5.22
C ARG D 333 -1.93 -0.05 6.68
N VAL D 334 -1.08 -0.77 7.41
CA VAL D 334 -0.86 -0.46 8.82
C VAL D 334 -0.01 0.78 9.01
N VAL D 335 0.77 1.18 7.99
CA VAL D 335 1.39 2.49 8.02
C VAL D 335 0.34 3.60 7.93
N SER D 336 -0.62 3.47 7.02
CA SER D 336 -1.68 4.45 6.86
C SER D 336 -2.68 4.45 7.99
N GLN D 337 -2.88 3.32 8.68
CA GLN D 337 -3.75 3.31 9.84
C GLN D 337 -3.10 4.05 11.01
N LEU D 338 -1.78 3.93 11.17
CA LEU D 338 -1.07 4.75 12.14
C LEU D 338 -0.97 6.19 11.65
N LEU D 339 -1.10 6.42 10.34
CA LEU D 339 -1.10 7.77 9.81
C LEU D 339 -2.42 8.48 10.08
N THR D 340 -3.55 7.86 9.71
CA THR D 340 -4.79 8.58 9.52
C THR D 340 -5.51 8.97 10.82
N LEU D 341 -5.07 8.46 11.97
CA LEU D 341 -5.72 8.84 13.21
C LEU D 341 -4.93 9.83 14.04
N MET D 342 -3.60 9.76 13.99
CA MET D 342 -2.76 10.52 14.90
C MET D 342 -2.68 11.99 14.51
N ASP D 343 -3.01 12.33 13.26
CA ASP D 343 -3.20 13.73 12.89
C ASP D 343 -4.44 14.32 13.55
N GLY D 344 -5.51 13.55 13.66
CA GLY D 344 -6.72 14.02 14.30
C GLY D 344 -6.82 13.56 15.75
N MET D 345 -5.68 13.14 16.30
CA MET D 345 -5.63 12.71 17.69
C MET D 345 -5.80 13.93 18.62
N LYS D 346 -6.34 13.67 19.81
CA LYS D 346 -6.79 14.77 20.66
C LYS D 346 -5.60 15.44 21.36
N ALA D 347 -5.76 16.72 21.66
CA ALA D 347 -4.69 17.56 22.21
C ALA D 347 -4.67 17.44 23.73
N ARG D 348 -3.99 18.40 24.39
CA ARG D 348 -3.96 18.64 25.84
C ARG D 348 -3.41 17.44 26.65
N SER D 349 -2.60 16.61 25.98
CA SER D 349 -1.70 15.63 26.62
C SER D 349 -2.44 14.58 27.45
N ASN D 350 -3.27 13.79 26.77
CA ASN D 350 -3.95 12.67 27.40
C ASN D 350 -3.77 11.35 26.66
N VAL D 351 -3.53 11.39 25.36
CA VAL D 351 -3.43 10.16 24.56
C VAL D 351 -2.06 10.09 23.89
N VAL D 352 -1.03 10.54 24.61
CA VAL D 352 0.33 10.59 24.06
C VAL D 352 0.85 9.17 23.85
N VAL D 353 1.82 9.04 22.95
CA VAL D 353 2.37 7.75 22.54
C VAL D 353 3.89 7.82 22.59
N ILE D 354 4.50 6.77 23.11
CA ILE D 354 5.96 6.61 23.14
C ILE D 354 6.32 5.46 22.23
N ALA D 355 7.44 5.57 21.53
CA ALA D 355 7.88 4.55 20.58
C ALA D 355 9.18 3.91 21.03
N ALA D 356 9.28 2.60 20.89
CA ALA D 356 10.49 1.86 21.18
C ALA D 356 10.87 1.06 19.95
N THR D 357 11.99 1.43 19.32
CA THR D 357 12.40 0.85 18.06
C THR D 357 13.92 0.69 18.08
N ASN D 358 14.39 -0.48 17.64
CA ASN D 358 15.82 -0.77 17.74
C ASN D 358 16.63 -0.17 16.60
N ARG D 359 16.00 0.17 15.48
CA ARG D 359 16.69 0.83 14.37
C ARG D 359 15.90 2.05 13.92
N PRO D 360 16.47 3.25 14.02
CA PRO D 360 15.73 4.47 13.67
C PRO D 360 15.72 4.82 12.19
N ASN D 361 16.32 4.00 11.34
CA ASN D 361 16.40 4.28 9.90
C ASN D 361 15.59 3.28 9.08
N SER D 362 14.71 2.51 9.71
CA SER D 362 13.87 1.55 9.02
C SER D 362 12.40 1.91 9.02
N ILE D 363 11.97 2.87 9.83
CA ILE D 363 10.58 3.30 9.86
C ILE D 363 10.32 4.24 8.68
N ASP D 364 9.06 4.52 8.42
CA ASP D 364 8.68 5.39 7.31
C ASP D 364 9.03 6.83 7.62
N PRO D 365 9.78 7.53 6.75
CA PRO D 365 10.03 8.96 6.97
C PRO D 365 8.80 9.83 6.72
N ALA D 366 7.79 9.33 6.01
CA ALA D 366 6.54 10.05 5.83
C ALA D 366 5.65 10.01 7.07
N LEU D 367 6.00 9.20 8.07
CA LEU D 367 5.23 9.13 9.30
C LEU D 367 5.40 10.38 10.14
N ARG D 368 6.56 11.03 10.06
CA ARG D 368 6.91 12.10 11.00
C ARG D 368 6.60 13.48 10.39
N ARG D 369 5.36 13.94 10.60
CA ARG D 369 4.97 15.29 10.27
C ARG D 369 4.43 16.00 11.51
N PHE D 370 5.35 16.51 12.34
CA PHE D 370 5.11 17.45 13.43
C PHE D 370 4.35 16.86 14.63
N GLY D 371 3.71 15.70 14.49
CA GLY D 371 2.84 15.24 15.55
C GLY D 371 2.78 13.74 15.83
N ARG D 372 3.49 12.92 15.05
CA ARG D 372 3.42 11.49 15.28
C ARG D 372 4.57 11.02 16.17
N PHE D 373 5.80 11.15 15.69
CA PHE D 373 6.99 10.98 16.51
C PHE D 373 8.03 12.01 16.07
N ASP D 374 8.01 13.18 16.68
CA ASP D 374 8.83 14.31 16.21
C ASP D 374 9.58 14.94 17.36
N ARG D 375 9.94 14.12 18.35
CA ARG D 375 10.81 14.55 19.46
C ARG D 375 11.81 13.41 19.66
N GLU D 376 12.92 13.46 18.93
CA GLU D 376 13.86 12.36 18.89
C GLU D 376 14.79 12.42 20.10
N VAL D 377 15.03 11.25 20.70
CA VAL D 377 15.90 11.13 21.87
C VAL D 377 16.82 9.94 21.64
N ASP D 378 18.03 10.03 22.19
CA ASP D 378 19.06 9.03 21.99
C ASP D 378 19.30 8.25 23.28
N ILE D 379 19.33 6.92 23.16
CA ILE D 379 19.63 6.03 24.27
C ILE D 379 20.74 5.10 23.81
N GLY D 380 21.91 5.21 24.43
CA GLY D 380 23.06 4.42 24.07
C GLY D 380 23.56 3.57 25.23
N ILE D 381 24.82 3.15 25.09
CA ILE D 381 25.47 2.35 26.14
C ILE D 381 25.80 3.27 27.32
N PRO D 382 25.45 2.89 28.55
CA PRO D 382 25.81 3.74 29.70
C PRO D 382 27.32 3.72 29.95
N ASP D 383 27.85 4.90 30.23
CA ASP D 383 29.28 5.12 30.37
C ASP D 383 29.70 4.92 31.82
N ALA D 384 30.92 5.35 32.14
CA ALA D 384 31.40 5.34 33.52
C ALA D 384 30.60 6.32 34.36
N THR D 385 30.39 5.95 35.63
CA THR D 385 29.51 6.62 36.60
C THR D 385 28.08 6.76 36.08
N GLY D 386 27.64 5.85 35.21
CA GLY D 386 26.25 5.74 34.82
C GLY D 386 25.72 4.37 35.15
N ARG D 387 26.61 3.39 35.14
CA ARG D 387 26.27 2.03 35.53
C ARG D 387 26.37 1.81 37.04
N LEU D 388 27.02 2.74 37.75
CA LEU D 388 27.12 2.64 39.21
C LEU D 388 25.78 2.87 39.87
N GLU D 389 24.98 3.80 39.36
CA GLU D 389 23.65 4.06 39.92
C GLU D 389 22.65 2.98 39.52
N VAL D 390 22.96 2.22 38.48
CA VAL D 390 22.11 1.09 38.10
C VAL D 390 22.18 -0.02 39.15
N LEU D 391 23.40 -0.39 39.56
CA LEU D 391 23.56 -1.43 40.57
C LEU D 391 23.18 -0.94 41.97
N ARG D 392 23.09 0.37 42.18
CA ARG D 392 22.60 0.87 43.47
C ARG D 392 21.11 0.62 43.63
N ILE D 393 20.36 0.60 42.52
CA ILE D 393 18.92 0.38 42.60
C ILE D 393 18.62 -1.11 42.78
N HIS D 394 19.28 -1.96 41.99
CA HIS D 394 19.01 -3.39 42.03
C HIS D 394 19.54 -4.06 43.29
N THR D 395 20.39 -3.39 44.07
CA THR D 395 20.87 -3.91 45.35
C THR D 395 20.26 -3.17 46.53
N LYS D 396 19.08 -2.57 46.34
CA LYS D 396 18.40 -1.92 47.46
C LYS D 396 17.86 -2.94 48.45
N ASN D 397 17.41 -4.10 47.95
CA ASN D 397 17.03 -5.22 48.78
C ASN D 397 18.04 -6.35 48.60
N MET D 398 18.09 -7.25 49.59
CA MET D 398 19.08 -8.33 49.71
C MET D 398 20.50 -7.77 49.64
N LYS D 399 20.83 -7.03 50.70
CA LYS D 399 22.07 -6.26 50.74
C LYS D 399 23.31 -7.16 50.82
N LEU D 400 24.31 -6.81 50.02
CA LEU D 400 25.62 -7.43 50.00
C LEU D 400 26.38 -7.16 51.29
N ALA D 401 27.44 -7.94 51.50
CA ALA D 401 28.29 -7.82 52.68
C ALA D 401 29.34 -6.73 52.47
N ASP D 402 30.21 -6.57 53.46
CA ASP D 402 31.19 -5.49 53.45
C ASP D 402 32.42 -5.81 52.63
N ASP D 403 32.60 -7.08 52.22
CA ASP D 403 33.81 -7.47 51.52
C ASP D 403 33.82 -6.98 50.07
N VAL D 404 32.67 -7.01 49.41
CA VAL D 404 32.56 -6.60 48.01
C VAL D 404 32.41 -5.08 47.93
N ASP D 405 33.14 -4.47 47.00
CA ASP D 405 33.08 -3.03 46.75
C ASP D 405 32.31 -2.77 45.46
N LEU D 406 31.46 -1.75 45.48
CA LEU D 406 30.62 -1.45 44.34
C LEU D 406 31.36 -0.63 43.29
N GLU D 407 32.37 0.14 43.69
CA GLU D 407 33.12 0.94 42.72
C GLU D 407 34.06 0.07 41.89
N ALA D 408 34.60 -1.00 42.48
CA ALA D 408 35.38 -1.95 41.69
C ALA D 408 34.48 -2.81 40.83
N LEU D 409 33.21 -2.94 41.21
CA LEU D 409 32.24 -3.65 40.38
C LEU D 409 31.91 -2.89 39.11
N ALA D 410 31.94 -1.56 39.16
CA ALA D 410 31.62 -0.75 37.99
C ALA D 410 32.78 -0.72 37.00
N ALA D 411 34.00 -0.95 37.47
CA ALA D 411 35.15 -1.02 36.57
C ALA D 411 35.19 -2.32 35.78
N GLU D 412 34.51 -3.36 36.26
CA GLU D 412 34.50 -4.63 35.53
C GLU D 412 33.54 -4.58 34.34
N THR D 413 32.40 -3.91 34.49
CA THR D 413 31.47 -3.71 33.38
C THR D 413 31.99 -2.58 32.48
N HIS D 414 32.18 -2.88 31.20
CA HIS D 414 32.76 -1.91 30.27
C HIS D 414 31.72 -1.33 29.33
N GLY D 415 31.06 -2.18 28.54
CA GLY D 415 30.13 -1.72 27.53
C GLY D 415 28.80 -2.45 27.57
N TYR D 416 28.33 -2.74 28.77
CA TYR D 416 27.11 -3.52 28.95
C TYR D 416 25.88 -2.68 28.62
N VAL D 417 24.75 -3.36 28.42
CA VAL D 417 23.54 -2.72 27.92
C VAL D 417 22.69 -2.14 29.04
N GLY D 418 23.15 -2.22 30.29
CA GLY D 418 22.41 -1.64 31.39
C GLY D 418 21.45 -2.61 32.05
N ALA D 419 20.63 -3.29 31.25
CA ALA D 419 19.78 -4.34 31.79
C ALA D 419 20.48 -5.67 31.93
N ASP D 420 21.70 -5.81 31.38
CA ASP D 420 22.47 -7.03 31.56
C ASP D 420 23.09 -7.09 32.95
N ILE D 421 23.53 -5.94 33.48
CA ILE D 421 24.08 -5.91 34.84
C ILE D 421 22.99 -5.90 35.89
N ALA D 422 21.74 -5.65 35.51
CA ALA D 422 20.63 -5.85 36.43
C ALA D 422 20.29 -7.32 36.58
N SER D 423 20.39 -8.07 35.48
CA SER D 423 20.25 -9.53 35.54
C SER D 423 21.50 -10.21 36.11
N LEU D 424 22.63 -9.50 36.13
CA LEU D 424 23.83 -10.05 36.76
C LEU D 424 23.69 -10.11 38.27
N CYS D 425 22.90 -9.20 38.85
CA CYS D 425 22.66 -9.23 40.29
C CYS D 425 21.75 -10.38 40.68
N SER D 426 20.76 -10.70 39.83
CA SER D 426 19.88 -11.82 40.10
C SER D 426 20.58 -13.15 39.86
N GLU D 427 21.60 -13.16 38.99
CA GLU D 427 22.38 -14.38 38.77
C GLU D 427 23.35 -14.63 39.92
N ALA D 428 23.99 -13.56 40.43
CA ALA D 428 24.93 -13.72 41.53
C ALA D 428 24.22 -14.02 42.84
N ALA D 429 22.98 -13.55 42.98
CA ALA D 429 22.19 -13.91 44.15
C ALA D 429 21.74 -15.37 44.13
N MET D 430 21.65 -15.97 42.93
CA MET D 430 21.34 -17.39 42.84
C MET D 430 22.54 -18.26 43.26
N GLN D 431 23.75 -17.69 43.19
CA GLN D 431 24.92 -18.44 43.64
C GLN D 431 25.01 -18.48 45.16
N GLN D 432 24.41 -17.50 45.84
CA GLN D 432 24.43 -17.50 47.30
C GLN D 432 23.47 -18.54 47.86
N ILE D 433 22.30 -18.71 47.23
CA ILE D 433 21.40 -19.78 47.65
C ILE D 433 21.91 -21.14 47.17
N ARG D 434 22.74 -21.15 46.12
CA ARG D 434 23.41 -22.39 45.72
C ARG D 434 24.57 -22.74 46.65
N GLU D 435 25.14 -21.74 47.32
CA GLU D 435 26.24 -21.99 48.25
C GLU D 435 25.74 -22.62 49.54
N LYS D 436 24.50 -22.35 49.92
CA LYS D 436 23.93 -22.92 51.14
C LYS D 436 23.55 -24.37 50.93
N VAL D 457 25.06 -12.13 49.51
CA VAL D 457 25.92 -12.29 48.34
C VAL D 457 27.32 -11.73 48.66
N THR D 458 28.35 -12.30 48.05
CA THR D 458 29.73 -11.96 48.35
C THR D 458 30.44 -11.43 47.10
N MET D 459 31.75 -11.23 47.22
CA MET D 459 32.56 -10.76 46.10
C MET D 459 32.74 -11.85 45.04
N ASP D 460 32.99 -13.09 45.48
CA ASP D 460 33.22 -14.19 44.55
C ASP D 460 31.96 -14.62 43.83
N ASN D 461 30.78 -14.32 44.38
CA ASN D 461 29.54 -14.65 43.68
C ASN D 461 29.30 -13.69 42.52
N PHE D 462 29.71 -12.44 42.66
CA PHE D 462 29.60 -11.50 41.53
C PHE D 462 30.71 -11.72 40.52
N ARG D 463 31.85 -12.27 40.95
CA ARG D 463 32.95 -12.54 40.04
C ARG D 463 32.67 -13.74 39.14
N PHE D 464 31.97 -14.74 39.68
CA PHE D 464 31.60 -15.90 38.87
C PHE D 464 30.46 -15.58 37.92
N ALA D 465 29.56 -14.68 38.32
CA ALA D 465 28.46 -14.25 37.46
C ALA D 465 28.89 -13.22 36.42
N LEU D 466 30.11 -12.70 36.51
CA LEU D 466 30.58 -11.73 35.53
C LEU D 466 30.94 -12.41 34.22
N GLY D 467 31.64 -13.55 34.28
CA GLY D 467 32.02 -14.26 33.07
C GLY D 467 30.88 -15.01 32.42
N ASN D 468 29.82 -15.31 33.16
CA ASN D 468 28.66 -16.04 32.63
C ASN D 468 27.56 -15.11 32.15
N SER D 469 27.77 -13.79 32.19
CA SER D 469 26.72 -12.86 31.81
C SER D 469 26.57 -12.76 30.30
N ASN D 470 27.66 -12.92 29.54
CA ASN D 470 27.74 -12.93 28.08
C ASN D 470 27.12 -11.67 27.45
N PRO D 471 27.82 -10.53 27.50
CA PRO D 471 27.26 -9.28 26.95
C PRO D 471 27.21 -9.30 25.43
N SER D 472 26.54 -8.30 24.88
CA SER D 472 26.29 -8.22 23.44
C SER D 472 27.52 -7.88 22.63
N ALA D 473 28.58 -7.38 23.25
CA ALA D 473 29.80 -7.07 22.51
C ALA D 473 30.58 -8.33 22.16
N LEU D 474 30.49 -9.35 22.99
CA LEU D 474 31.18 -10.62 22.76
C LEU D 474 30.22 -11.78 22.59
N ARG D 475 28.98 -11.50 22.18
CA ARG D 475 27.99 -12.56 22.02
C ARG D 475 28.10 -13.25 20.66
N GLU D 476 28.46 -12.48 19.63
CA GLU D 476 28.45 -13.00 18.26
C GLU D 476 29.62 -13.92 17.97
N THR D 477 30.72 -13.84 18.73
CA THR D 477 31.89 -14.69 18.54
C THR D 477 32.21 -15.43 19.82
N VAL D 478 32.35 -16.74 19.72
CA VAL D 478 32.71 -17.61 20.84
C VAL D 478 33.72 -18.63 20.34
N VAL D 479 34.90 -18.68 20.97
CA VAL D 479 35.93 -19.65 20.66
C VAL D 479 36.18 -20.46 21.93
N GLU D 480 35.84 -21.75 21.90
CA GLU D 480 35.98 -22.60 23.07
C GLU D 480 37.41 -23.08 23.23
N SER D 481 37.95 -22.99 24.44
CA SER D 481 37.30 -22.37 25.59
C SER D 481 37.75 -20.93 25.74
N VAL D 482 36.93 -20.11 26.41
CA VAL D 482 37.26 -18.71 26.58
C VAL D 482 38.36 -18.53 27.62
N ASN D 483 39.27 -17.60 27.35
CA ASN D 483 40.38 -17.31 28.25
C ASN D 483 40.30 -15.84 28.67
N VAL D 484 40.48 -15.59 29.96
CA VAL D 484 40.55 -14.24 30.51
C VAL D 484 41.80 -14.18 31.37
N THR D 485 42.79 -13.41 30.93
CA THR D 485 44.07 -13.32 31.62
C THR D 485 44.14 -12.05 32.45
N TRP D 486 44.86 -12.14 33.57
CA TRP D 486 45.07 -11.00 34.44
C TRP D 486 46.51 -10.82 34.90
N ASP D 487 47.38 -11.82 34.71
CA ASP D 487 48.77 -11.74 35.16
C ASP D 487 49.71 -11.43 33.99
N ASP D 488 49.30 -10.55 33.10
CA ASP D 488 50.12 -10.11 31.97
C ASP D 488 50.27 -8.60 32.04
N VAL D 489 51.52 -8.13 32.16
CA VAL D 489 51.81 -6.70 32.11
C VAL D 489 52.73 -6.33 30.95
N GLY D 490 53.46 -7.28 30.38
CA GLY D 490 54.33 -7.02 29.26
C GLY D 490 55.74 -6.66 29.70
N GLY D 491 56.73 -7.23 29.01
CA GLY D 491 58.11 -6.92 29.24
C GLY D 491 58.65 -5.77 28.41
N LEU D 492 57.80 -5.13 27.61
CA LEU D 492 58.20 -3.99 26.78
C LEU D 492 57.80 -2.73 27.54
N ASP D 493 58.62 -2.36 28.51
CA ASP D 493 58.29 -1.28 29.43
C ASP D 493 58.62 0.11 28.89
N GLU D 494 59.51 0.22 27.90
CA GLU D 494 59.85 1.53 27.36
C GLU D 494 58.77 2.09 26.44
N ILE D 495 57.80 1.27 26.04
CA ILE D 495 56.64 1.73 25.28
C ILE D 495 55.36 1.66 26.10
N LYS D 496 55.39 1.03 27.28
CA LYS D 496 54.20 0.91 28.11
C LYS D 496 53.81 2.26 28.70
N GLU D 497 54.79 3.10 29.04
CA GLU D 497 54.48 4.45 29.49
C GLU D 497 54.01 5.34 28.35
N GLU D 498 54.41 5.04 27.11
CA GLU D 498 53.90 5.78 25.97
C GLU D 498 52.48 5.37 25.63
N LEU D 499 52.15 4.09 25.80
CA LEU D 499 50.78 3.64 25.56
C LEU D 499 49.84 4.11 26.67
N LYS D 500 50.35 4.28 27.89
CA LYS D 500 49.58 4.94 28.93
C LYS D 500 49.44 6.44 28.67
N GLU D 501 50.35 7.02 27.90
CA GLU D 501 50.30 8.45 27.61
C GLU D 501 49.25 8.78 26.55
N THR D 502 49.06 7.89 25.58
CA THR D 502 48.23 8.19 24.42
C THR D 502 46.74 7.92 24.65
N VAL D 503 46.40 6.67 24.98
CA VAL D 503 45.01 6.24 25.03
C VAL D 503 44.46 6.12 26.44
N GLU D 504 45.30 6.14 27.47
CA GLU D 504 44.83 5.97 28.83
C GLU D 504 44.69 7.27 29.60
N TYR D 505 45.36 8.34 29.17
CA TYR D 505 45.23 9.63 29.86
C TYR D 505 43.95 10.42 29.54
N PRO D 506 43.40 10.44 28.32
CA PRO D 506 42.09 11.10 28.16
C PRO D 506 40.94 10.37 28.83
N VAL D 507 41.01 9.05 28.99
CA VAL D 507 39.93 8.32 29.65
C VAL D 507 40.06 8.31 31.16
N LEU D 508 41.16 8.83 31.70
CA LEU D 508 41.30 9.03 33.14
C LEU D 508 41.26 10.49 33.55
N HIS D 509 41.78 11.41 32.74
CA HIS D 509 41.77 12.85 33.02
C HIS D 509 41.05 13.55 31.87
N PRO D 510 39.71 13.66 31.93
CA PRO D 510 38.97 14.25 30.82
C PRO D 510 38.98 15.78 30.84
N ASP D 511 39.07 16.37 32.03
CA ASP D 511 38.97 17.82 32.16
C ASP D 511 40.22 18.57 31.72
N GLN D 512 41.38 17.90 31.70
CA GLN D 512 42.62 18.58 31.34
C GLN D 512 42.72 18.83 29.84
N TYR D 513 42.17 17.92 29.03
CA TYR D 513 42.19 18.12 27.59
C TYR D 513 41.20 19.20 27.16
N THR D 514 40.16 19.46 27.96
CA THR D 514 39.24 20.53 27.66
C THR D 514 39.77 21.88 28.12
N LYS D 515 40.55 21.91 29.20
CA LYS D 515 41.13 23.16 29.67
C LYS D 515 42.33 23.60 28.82
N PHE D 516 42.91 22.69 28.04
CA PHE D 516 43.94 23.05 27.08
C PHE D 516 43.41 23.22 25.67
N GLY D 517 42.24 22.64 25.36
CA GLY D 517 41.61 22.87 24.08
C GLY D 517 42.21 22.15 22.91
N LEU D 518 42.77 20.95 23.12
CA LEU D 518 43.35 20.17 22.05
C LEU D 518 42.85 18.73 22.12
N SER D 519 42.71 18.12 20.95
CA SER D 519 42.23 16.75 20.83
C SER D 519 43.30 15.77 21.31
N PRO D 520 42.89 14.69 21.97
CA PRO D 520 43.87 13.71 22.47
C PRO D 520 44.37 12.81 21.35
N SER D 521 45.24 11.87 21.73
CA SER D 521 45.80 10.93 20.77
C SER D 521 44.74 9.90 20.37
N LYS D 522 44.73 9.56 19.08
CA LYS D 522 43.69 8.69 18.54
C LYS D 522 44.20 7.27 18.26
N GLY D 523 45.26 7.14 17.47
CA GLY D 523 45.69 5.83 17.02
C GLY D 523 47.19 5.64 17.06
N VAL D 524 47.59 4.38 16.98
CA VAL D 524 48.98 3.97 16.96
C VAL D 524 49.10 2.76 16.04
N LEU D 525 50.30 2.53 15.52
CA LEU D 525 50.54 1.41 14.61
C LEU D 525 51.79 0.67 15.05
N PHE D 526 51.72 -0.66 15.04
CA PHE D 526 52.86 -1.52 15.33
C PHE D 526 53.29 -2.24 14.05
N TYR D 527 54.60 -2.38 13.87
CA TYR D 527 55.12 -3.13 12.74
C TYR D 527 56.47 -3.72 13.11
N GLY D 528 56.82 -4.81 12.43
CA GLY D 528 58.06 -5.51 12.69
C GLY D 528 57.91 -7.00 12.44
N PRO D 529 58.60 -7.82 13.24
CA PRO D 529 58.48 -9.27 13.09
C PRO D 529 57.15 -9.77 13.64
N PRO D 530 56.52 -10.74 12.97
CA PRO D 530 55.23 -11.24 13.44
C PRO D 530 55.39 -12.23 14.59
N GLY D 531 54.41 -12.21 15.50
CA GLY D 531 54.39 -13.11 16.62
C GLY D 531 55.29 -12.74 17.78
N THR D 532 55.97 -11.59 17.71
CA THR D 532 56.87 -11.15 18.78
C THR D 532 56.13 -10.13 19.66
N GLY D 533 55.23 -10.66 20.47
CA GLY D 533 54.46 -9.84 21.39
C GLY D 533 53.45 -8.91 20.74
N LYS D 534 52.99 -9.23 19.54
CA LYS D 534 52.05 -8.34 18.85
C LYS D 534 50.64 -8.47 19.43
N THR D 535 50.12 -9.70 19.49
CA THR D 535 48.80 -9.90 20.09
C THR D 535 48.84 -9.85 21.61
N LEU D 536 50.01 -10.00 22.22
CA LEU D 536 50.14 -9.85 23.67
C LEU D 536 49.93 -8.40 24.09
N LEU D 537 50.34 -7.45 23.25
CA LEU D 537 50.10 -6.05 23.55
C LEU D 537 48.63 -5.67 23.33
N ALA D 538 47.90 -6.46 22.55
CA ALA D 538 46.50 -6.16 22.31
C ALA D 538 45.61 -6.51 23.50
N LYS D 539 45.93 -7.59 24.22
CA LYS D 539 45.11 -8.03 25.34
C LYS D 539 45.59 -7.50 26.69
N ALA D 540 46.85 -7.11 26.81
CA ALA D 540 47.34 -6.56 28.07
C ALA D 540 46.87 -5.14 28.29
N VAL D 541 46.63 -4.38 27.21
CA VAL D 541 46.11 -3.03 27.34
C VAL D 541 44.62 -3.05 27.70
N ALA D 542 43.86 -3.95 27.08
CA ALA D 542 42.41 -4.01 27.29
C ALA D 542 42.04 -4.49 28.70
N THR D 543 42.92 -5.25 29.35
CA THR D 543 42.64 -5.70 30.71
C THR D 543 42.89 -4.59 31.73
N GLU D 544 43.72 -3.61 31.40
CA GLU D 544 44.05 -2.54 32.32
C GLU D 544 43.15 -1.31 32.17
N VAL D 545 42.54 -1.14 31.00
CA VAL D 545 41.63 -0.02 30.77
C VAL D 545 40.21 -0.50 31.08
N SER D 546 39.35 0.41 31.52
CA SER D 546 37.96 0.08 31.83
C SER D 546 37.07 0.01 30.60
N ALA D 547 37.63 0.20 29.40
CA ALA D 547 36.87 0.10 28.16
C ALA D 547 36.86 -1.34 27.65
N ASN D 548 35.87 -1.64 26.83
CA ASN D 548 35.75 -2.96 26.23
C ASN D 548 36.73 -3.12 25.07
N PHE D 549 36.83 -4.35 24.58
CA PHE D 549 37.77 -4.71 23.52
C PHE D 549 37.03 -5.31 22.35
N ILE D 550 37.21 -4.71 21.16
CA ILE D 550 36.66 -5.21 19.92
C ILE D 550 37.83 -5.51 18.98
N SER D 551 37.91 -6.74 18.50
CA SER D 551 39.04 -7.18 17.68
C SER D 551 38.54 -7.69 16.35
N VAL D 552 39.20 -7.25 15.27
CA VAL D 552 38.94 -7.78 13.94
C VAL D 552 39.97 -8.88 13.70
N LYS D 553 39.61 -9.85 12.85
CA LYS D 553 40.36 -11.09 12.72
C LYS D 553 41.24 -11.10 11.47
N GLY D 554 41.62 -9.93 10.98
CA GLY D 554 42.38 -9.83 9.76
C GLY D 554 41.52 -9.90 8.53
N PRO D 555 41.86 -10.80 7.60
CA PRO D 555 41.05 -10.97 6.37
C PRO D 555 39.90 -11.95 6.55
N GLU D 556 39.06 -11.70 7.56
CA GLU D 556 37.87 -12.50 7.80
C GLU D 556 36.58 -11.75 7.52
N LEU D 557 36.57 -10.42 7.68
CA LEU D 557 35.40 -9.61 7.37
C LEU D 557 35.29 -9.28 5.88
N LEU D 558 36.34 -9.57 5.11
CA LEU D 558 36.35 -9.31 3.67
C LEU D 558 35.86 -10.56 2.96
N SER D 559 34.61 -10.51 2.47
CA SER D 559 34.01 -11.65 1.79
C SER D 559 34.11 -11.47 0.27
N MET D 560 33.83 -12.57 -0.44
CA MET D 560 33.82 -12.54 -1.90
C MET D 560 32.57 -11.85 -2.44
N TRP D 561 31.51 -11.77 -1.63
CA TRP D 561 30.31 -11.06 -2.05
C TRP D 561 30.58 -9.56 -2.11
N TYR D 562 29.85 -8.87 -2.99
CA TYR D 562 30.29 -7.57 -3.48
C TYR D 562 30.00 -6.45 -2.49
N GLY D 563 28.78 -6.39 -1.96
CA GLY D 563 28.35 -5.22 -1.22
C GLY D 563 28.66 -5.17 0.26
N GLU D 564 28.41 -6.26 0.98
CA GLU D 564 28.49 -6.20 2.44
C GLU D 564 29.93 -6.32 2.93
N SER D 565 30.87 -6.57 2.01
CA SER D 565 32.29 -6.54 2.33
C SER D 565 32.73 -5.12 2.70
N GLU D 566 32.10 -4.12 2.08
CA GLU D 566 32.32 -2.74 2.50
C GLU D 566 31.52 -2.41 3.75
N SER D 567 30.36 -3.05 3.92
CA SER D 567 29.52 -2.82 5.09
C SER D 567 30.08 -3.47 6.36
N ASN D 568 31.05 -4.38 6.22
CA ASN D 568 31.67 -5.01 7.39
C ASN D 568 32.59 -4.05 8.13
N ILE D 569 33.01 -2.96 7.48
CA ILE D 569 33.71 -1.89 8.20
C ILE D 569 32.68 -0.94 8.82
N ARG D 570 31.49 -0.83 8.21
CA ARG D 570 30.50 0.14 8.65
C ARG D 570 29.87 -0.25 9.98
N ASP D 571 29.61 -1.53 10.20
CA ASP D 571 28.90 -1.95 11.42
C ASP D 571 29.80 -2.11 12.63
N ILE D 572 31.12 -2.06 12.46
CA ILE D 572 32.03 -2.23 13.59
C ILE D 572 32.51 -0.90 14.16
N PHE D 573 32.27 0.22 13.47
CA PHE D 573 32.73 1.52 13.95
C PHE D 573 31.64 2.31 14.64
N ASP D 574 30.39 2.21 14.18
CA ASP D 574 29.29 2.87 14.87
C ASP D 574 28.96 2.13 16.17
N LYS D 575 29.19 0.82 16.21
CA LYS D 575 29.11 0.09 17.46
C LYS D 575 30.21 0.50 18.41
N ALA D 576 31.38 0.85 17.87
CA ALA D 576 32.46 1.38 18.70
C ALA D 576 32.17 2.80 19.15
N ARG D 577 31.53 3.60 18.30
CA ARG D 577 31.19 4.97 18.68
C ARG D 577 30.03 5.00 19.68
N ALA D 578 29.11 4.05 19.60
CA ALA D 578 28.05 3.96 20.58
C ALA D 578 28.55 3.43 21.91
N ALA D 579 29.63 2.65 21.90
CA ALA D 579 30.27 2.16 23.11
C ALA D 579 31.50 2.97 23.49
N ALA D 580 31.47 4.28 23.26
CA ALA D 580 32.61 5.12 23.59
C ALA D 580 32.70 5.31 25.10
N PRO D 581 33.90 5.19 25.71
CA PRO D 581 35.18 4.92 25.06
C PRO D 581 35.46 3.43 24.82
N THR D 582 36.28 3.14 23.81
CA THR D 582 36.60 1.77 23.45
C THR D 582 37.93 1.75 22.72
N VAL D 583 38.46 0.54 22.52
CA VAL D 583 39.71 0.31 21.83
C VAL D 583 39.51 -0.81 20.81
N VAL D 584 39.81 -0.52 19.55
CA VAL D 584 39.71 -1.50 18.47
C VAL D 584 41.12 -1.88 18.03
N PHE D 585 41.30 -3.14 17.64
CA PHE D 585 42.61 -3.68 17.26
C PHE D 585 42.55 -4.06 15.78
N LEU D 586 43.49 -3.53 15.00
CA LEU D 586 43.62 -3.84 13.59
C LEU D 586 44.91 -4.62 13.38
N ASP D 587 44.79 -5.83 12.84
CA ASP D 587 45.93 -6.70 12.63
C ASP D 587 46.06 -7.10 11.17
N GLU D 588 47.28 -7.50 10.79
CA GLU D 588 47.74 -7.90 9.44
C GLU D 588 47.18 -6.99 8.35
N LEU D 589 47.61 -5.72 8.39
CA LEU D 589 47.12 -4.68 7.52
C LEU D 589 47.49 -4.89 6.04
N ASP D 590 48.53 -5.69 5.77
CA ASP D 590 49.01 -5.87 4.39
C ASP D 590 48.05 -6.67 3.52
N SER D 591 47.19 -7.51 4.11
CA SER D 591 46.33 -8.37 3.32
C SER D 591 45.07 -7.66 2.82
N ILE D 592 44.83 -6.43 3.27
CA ILE D 592 43.60 -5.71 2.91
C ILE D 592 43.90 -4.41 2.16
N ALA D 593 45.08 -3.83 2.36
CA ALA D 593 45.31 -2.45 1.91
C ALA D 593 45.86 -2.37 0.50
N LYS D 594 47.07 -2.93 0.28
CA LYS D 594 47.92 -2.86 -0.92
C LYS D 594 48.45 -1.43 -1.21
N ALA D 595 48.02 -0.46 -0.38
CA ALA D 595 48.46 0.91 -0.10
C ALA D 595 48.12 1.98 -1.13
N ARG D 596 47.91 1.63 -2.41
CA ARG D 596 46.85 2.20 -3.25
C ARG D 596 46.58 1.23 -4.40
N GLY D 597 47.40 0.18 -4.47
CA GLY D 597 47.98 -0.28 -5.72
C GLY D 597 47.12 -0.44 -6.96
N GLY D 598 47.34 0.49 -7.91
CA GLY D 598 46.69 0.57 -9.22
C GLY D 598 45.20 0.28 -9.27
N SER D 599 44.78 -0.41 -10.33
CA SER D 599 43.50 -1.11 -10.36
C SER D 599 43.70 -2.63 -10.35
N LEU D 600 44.85 -3.09 -9.87
CA LEU D 600 45.24 -4.49 -9.89
C LEU D 600 45.20 -5.03 -8.47
N GLY D 601 45.05 -6.35 -8.34
CA GLY D 601 44.98 -6.97 -7.03
C GLY D 601 45.93 -8.13 -6.91
N ASP D 602 46.34 -8.40 -5.66
CA ASP D 602 47.20 -9.54 -5.40
C ASP D 602 46.44 -10.86 -5.53
N ALA D 603 45.17 -10.86 -5.12
CA ALA D 603 44.33 -12.03 -5.35
C ALA D 603 43.55 -11.90 -6.66
N GLY D 604 43.23 -10.68 -7.05
CA GLY D 604 42.52 -10.41 -8.29
C GLY D 604 41.23 -9.62 -8.13
N GLY D 605 40.77 -9.37 -6.91
CA GLY D 605 39.56 -8.62 -6.73
C GLY D 605 39.75 -7.12 -6.95
N ALA D 606 40.84 -6.56 -6.40
CA ALA D 606 41.23 -5.16 -6.55
C ALA D 606 40.14 -4.19 -6.10
N SER D 607 39.51 -4.51 -4.97
CA SER D 607 38.45 -3.68 -4.42
C SER D 607 39.08 -2.53 -3.64
N ASP D 608 39.25 -1.39 -4.32
CA ASP D 608 39.80 -0.19 -3.70
C ASP D 608 38.76 0.61 -2.93
N ARG D 609 37.54 0.09 -2.77
CA ARG D 609 36.51 0.80 -2.03
C ARG D 609 36.47 0.41 -0.56
N VAL D 610 37.05 -0.73 -0.19
CA VAL D 610 37.06 -1.10 1.23
C VAL D 610 38.17 -0.35 1.97
N VAL D 611 39.24 0.03 1.27
CA VAL D 611 40.28 0.84 1.89
C VAL D 611 39.85 2.31 1.97
N ASN D 612 39.06 2.79 1.00
CA ASN D 612 38.52 4.14 1.07
C ASN D 612 37.35 4.25 2.05
N GLN D 613 36.71 3.13 2.40
CA GLN D 613 35.63 3.17 3.38
C GLN D 613 36.19 3.34 4.79
N LEU D 614 37.19 2.54 5.15
CA LEU D 614 37.88 2.71 6.44
C LEU D 614 38.76 3.95 6.47
N LEU D 615 39.07 4.53 5.30
CA LEU D 615 39.71 5.84 5.27
C LEU D 615 38.76 6.93 5.75
N THR D 616 37.46 6.75 5.55
CA THR D 616 36.46 7.74 5.95
C THR D 616 35.95 7.51 7.37
N GLU D 617 36.02 6.28 7.88
CA GLU D 617 35.46 5.97 9.19
C GLU D 617 36.40 6.33 10.33
N MET D 618 37.59 6.87 10.05
CA MET D 618 38.55 7.17 11.09
C MET D 618 38.32 8.57 11.66
N ASP D 619 38.20 9.56 10.78
CA ASP D 619 37.85 10.91 11.19
C ASP D 619 36.37 11.22 10.98
N GLY D 620 35.84 10.99 9.78
CA GLY D 620 34.46 11.22 9.40
C GLY D 620 34.05 12.69 9.48
N MET D 621 32.76 12.92 9.31
CA MET D 621 32.12 14.21 9.55
C MET D 621 31.10 13.97 10.66
N ASN D 622 31.57 14.00 11.90
CA ASN D 622 30.77 13.63 13.06
C ASN D 622 31.42 14.18 14.30
N ALA D 623 30.94 13.72 15.46
CA ALA D 623 31.52 14.13 16.73
C ALA D 623 32.80 13.35 17.00
N LYS D 624 33.76 14.02 17.63
CA LYS D 624 35.03 13.40 17.97
C LYS D 624 34.83 12.51 19.18
N LYS D 625 34.71 11.21 18.95
CA LYS D 625 34.50 10.24 20.02
C LYS D 625 35.85 9.85 20.62
N ASN D 626 35.79 8.97 21.64
CA ASN D 626 36.98 8.49 22.33
C ASN D 626 37.43 7.12 21.84
N VAL D 627 37.20 6.82 20.56
CA VAL D 627 37.60 5.54 19.99
C VAL D 627 39.10 5.54 19.73
N PHE D 628 39.75 4.42 20.01
CA PHE D 628 41.18 4.25 19.79
C PHE D 628 41.41 3.04 18.92
N VAL D 629 42.36 3.15 17.99
CA VAL D 629 42.65 2.11 17.02
C VAL D 629 44.10 1.66 17.19
N ILE D 630 44.31 0.34 17.22
CA ILE D 630 45.62 -0.25 17.38
C ILE D 630 45.97 -0.98 16.09
N GLY D 631 46.95 -0.45 15.36
CA GLY D 631 47.35 -1.01 14.08
C GLY D 631 48.48 -2.01 14.24
N ALA D 632 48.43 -3.07 13.42
CA ALA D 632 49.45 -4.11 13.46
C ALA D 632 49.63 -4.67 12.04
N THR D 633 50.87 -4.69 11.57
CA THR D 633 51.19 -5.23 10.26
C THR D 633 52.55 -5.91 10.32
N ASN D 634 52.90 -6.58 9.22
CA ASN D 634 54.17 -7.32 9.12
C ASN D 634 55.26 -6.54 8.40
N ARG D 635 54.93 -5.88 7.29
CA ARG D 635 55.92 -5.15 6.50
C ARG D 635 55.40 -3.76 6.19
N PRO D 636 56.18 -2.71 6.44
CA PRO D 636 55.69 -1.34 6.22
C PRO D 636 55.86 -0.84 4.78
N ASP D 637 56.05 -1.75 3.83
CA ASP D 637 56.11 -1.33 2.43
C ASP D 637 54.74 -0.91 1.91
N GLN D 638 53.72 -1.73 2.17
CA GLN D 638 52.34 -1.43 1.82
C GLN D 638 51.69 -0.88 3.08
N ILE D 639 51.98 0.39 3.39
CA ILE D 639 51.62 1.03 4.64
C ILE D 639 50.49 2.04 4.46
N ASP D 640 50.18 2.39 3.19
CA ASP D 640 49.19 3.37 2.70
C ASP D 640 49.56 4.78 3.16
N PRO D 641 50.01 5.64 2.24
CA PRO D 641 50.25 7.05 2.59
C PRO D 641 48.97 7.84 2.80
N ALA D 642 47.81 7.31 2.41
CA ALA D 642 46.57 8.05 2.59
C ALA D 642 45.98 7.80 3.97
N ILE D 643 46.26 6.64 4.56
CA ILE D 643 45.81 6.37 5.92
C ILE D 643 46.78 7.07 6.86
N LEU D 644 47.96 7.44 6.34
CA LEU D 644 48.95 8.16 7.11
C LEU D 644 48.89 9.64 6.75
N ARG D 645 47.89 10.31 7.30
CA ARG D 645 48.04 11.69 7.68
C ARG D 645 48.20 11.69 9.21
N PRO D 646 48.99 12.61 9.76
CA PRO D 646 49.34 12.48 11.20
C PRO D 646 48.21 12.80 12.15
N GLY D 647 47.07 13.28 11.66
CA GLY D 647 45.89 13.37 12.50
C GLY D 647 45.18 12.04 12.65
N ARG D 648 45.42 11.11 11.71
CA ARG D 648 44.77 9.80 11.80
C ARG D 648 45.51 8.89 12.79
N LEU D 649 46.76 8.53 12.47
CA LEU D 649 47.60 7.76 13.39
C LEU D 649 48.69 8.65 13.92
N ASP D 650 48.92 8.57 15.22
CA ASP D 650 49.81 9.51 15.90
C ASP D 650 51.27 9.04 15.92
N GLN D 651 51.52 7.77 16.22
CA GLN D 651 52.89 7.28 16.37
C GLN D 651 53.15 6.11 15.43
N LEU D 652 54.20 6.23 14.63
CA LEU D 652 54.66 5.15 13.76
C LEU D 652 55.81 4.39 14.41
N ILE D 653 55.51 3.74 15.53
CA ILE D 653 56.53 3.11 16.34
C ILE D 653 56.82 1.71 15.83
N TYR D 654 58.07 1.29 16.00
CA TYR D 654 58.55 -0.01 15.53
C TYR D 654 58.94 -0.85 16.73
N VAL D 655 58.52 -2.11 16.74
CA VAL D 655 58.88 -3.06 17.79
C VAL D 655 60.05 -3.89 17.30
N PRO D 656 61.14 -4.00 18.08
CA PRO D 656 62.26 -4.85 17.66
C PRO D 656 62.15 -6.26 18.19
N LEU D 657 63.16 -7.08 17.91
CA LEU D 657 63.26 -8.38 18.55
C LEU D 657 63.64 -8.19 20.02
N PRO D 658 63.16 -9.06 20.91
CA PRO D 658 63.47 -8.90 22.34
C PRO D 658 64.92 -9.19 22.65
N ASP D 659 65.50 -8.36 23.50
CA ASP D 659 66.90 -8.47 23.87
C ASP D 659 67.05 -9.42 25.05
N GLU D 660 68.25 -9.45 25.64
CA GLU D 660 68.50 -10.36 26.77
C GLU D 660 67.87 -9.84 28.05
N ASN D 661 67.85 -8.53 28.24
CA ASN D 661 67.22 -7.96 29.43
C ASN D 661 65.70 -8.02 29.33
N ALA D 662 65.16 -8.03 28.12
CA ALA D 662 63.72 -8.19 27.94
C ALA D 662 63.28 -9.64 28.02
N ARG D 663 64.20 -10.58 27.86
CA ARG D 663 63.86 -12.01 27.94
C ARG D 663 63.71 -12.48 29.37
N LEU D 664 64.40 -11.85 30.31
CA LEU D 664 64.27 -12.23 31.72
C LEU D 664 62.98 -11.72 32.33
N SER D 665 62.43 -10.63 31.82
CA SER D 665 61.17 -10.10 32.31
C SER D 665 59.95 -10.80 31.71
N ILE D 666 60.16 -11.70 30.74
CA ILE D 666 59.04 -12.41 30.11
C ILE D 666 58.97 -13.88 30.52
N LEU D 667 60.04 -14.43 31.12
CA LEU D 667 59.98 -15.82 31.56
C LEU D 667 59.31 -15.95 32.92
N ASN D 668 59.49 -14.96 33.80
CA ASN D 668 58.87 -15.00 35.11
C ASN D 668 57.39 -14.62 35.05
N ALA D 669 56.97 -13.90 34.02
CA ALA D 669 55.56 -13.53 33.87
C ALA D 669 54.70 -14.69 33.36
N GLN D 670 55.31 -15.69 32.73
CA GLN D 670 54.57 -16.84 32.23
C GLN D 670 54.36 -17.89 33.32
N LEU E 116 -27.50 -3.32 46.41
CA LEU E 116 -28.33 -4.51 46.50
C LEU E 116 -27.47 -5.73 46.84
N ALA E 117 -27.87 -6.45 47.89
CA ALA E 117 -27.10 -7.62 48.34
C ALA E 117 -27.26 -8.84 47.43
N VAL E 118 -28.21 -8.80 46.48
CA VAL E 118 -28.42 -9.95 45.61
C VAL E 118 -27.33 -10.03 44.55
N ASP E 119 -26.80 -8.89 44.11
CA ASP E 119 -25.80 -8.89 43.06
C ASP E 119 -24.45 -9.42 43.55
N GLU E 120 -24.11 -9.18 44.81
CA GLU E 120 -22.82 -9.62 45.34
C GLU E 120 -22.82 -11.07 45.82
N GLU E 121 -24.00 -11.65 46.06
CA GLU E 121 -24.07 -13.04 46.51
C GLU E 121 -23.81 -14.03 45.38
N LEU E 122 -24.22 -13.71 44.16
CA LEU E 122 -24.00 -14.58 43.02
C LEU E 122 -22.62 -14.41 42.39
N GLU E 123 -21.87 -13.39 42.80
CA GLU E 123 -20.51 -13.23 42.28
C GLU E 123 -19.55 -14.23 42.92
N LYS E 124 -19.85 -14.67 44.15
CA LYS E 124 -18.98 -15.62 44.83
C LYS E 124 -19.12 -17.02 44.27
N GLU E 125 -20.35 -17.44 43.98
CA GLU E 125 -20.59 -18.77 43.45
C GLU E 125 -20.33 -18.81 41.94
N ASP E 126 -19.66 -19.87 41.51
CA ASP E 126 -19.35 -20.09 40.10
C ASP E 126 -20.42 -20.89 39.37
N GLY E 127 -21.11 -21.79 40.07
CA GLY E 127 -22.14 -22.60 39.45
C GLY E 127 -21.60 -23.70 38.58
N PRO E 152 -19.21 -25.20 33.33
CA PRO E 152 -19.61 -23.80 33.17
C PRO E 152 -21.12 -23.63 33.13
N PRO E 153 -21.62 -22.50 33.65
CA PRO E 153 -23.07 -22.26 33.61
C PRO E 153 -23.59 -21.73 32.29
N TRP E 154 -22.71 -21.25 31.41
CA TRP E 154 -23.12 -20.68 30.13
C TRP E 154 -23.15 -21.71 29.01
N ASP E 155 -23.31 -22.98 29.35
CA ASP E 155 -23.37 -24.04 28.36
C ASP E 155 -24.71 -24.01 27.62
N LYS E 156 -24.65 -23.95 26.29
CA LYS E 156 -25.86 -23.88 25.49
C LYS E 156 -26.55 -25.23 25.38
N GLU E 157 -25.79 -26.33 25.39
CA GLU E 157 -26.38 -27.65 25.25
C GLU E 157 -27.06 -28.13 26.53
N TYR E 158 -26.75 -27.52 27.68
CA TYR E 158 -27.42 -27.90 28.92
C TYR E 158 -28.75 -27.21 29.10
N HIS E 159 -28.87 -25.96 28.64
CA HIS E 159 -30.10 -25.20 28.83
C HIS E 159 -31.17 -25.56 27.81
N GLU E 160 -30.79 -26.11 26.66
CA GLU E 160 -31.79 -26.63 25.72
C GLU E 160 -32.36 -27.96 26.17
N LYS E 161 -31.68 -28.64 27.11
CA LYS E 161 -32.20 -29.89 27.65
C LYS E 161 -33.34 -29.62 28.63
N ASN E 162 -33.21 -28.57 29.44
CA ASN E 162 -34.20 -28.24 30.46
C ASN E 162 -35.26 -27.25 29.98
N LYS E 163 -35.30 -26.98 28.67
CA LYS E 163 -36.19 -25.99 28.04
C LYS E 163 -36.00 -24.61 28.67
N ILE E 164 -34.79 -24.07 28.51
CA ILE E 164 -34.45 -22.73 28.95
C ILE E 164 -34.07 -21.92 27.72
N LYS E 165 -34.72 -20.77 27.54
CA LYS E 165 -34.47 -19.95 26.35
C LYS E 165 -33.14 -19.22 26.46
N HIS E 166 -32.99 -18.40 27.49
CA HIS E 166 -31.79 -17.62 27.72
C HIS E 166 -31.24 -17.96 29.09
N ILE E 167 -29.92 -17.83 29.25
CA ILE E 167 -29.23 -18.44 30.38
C ILE E 167 -29.52 -17.68 31.68
N SER E 168 -28.95 -16.47 31.81
CA SER E 168 -29.04 -15.61 32.98
C SER E 168 -28.24 -14.34 32.76
N PHE E 169 -28.27 -13.43 33.73
CA PHE E 169 -27.44 -12.23 33.67
C PHE E 169 -26.04 -12.45 34.27
N HIS E 170 -25.95 -13.21 35.37
CA HIS E 170 -24.66 -13.40 36.04
C HIS E 170 -23.75 -14.37 35.30
N SER E 171 -24.30 -15.41 34.66
CA SER E 171 -23.48 -16.27 33.82
C SER E 171 -23.12 -15.60 32.50
N TYR E 172 -23.87 -14.56 32.11
CA TYR E 172 -23.48 -13.74 30.97
C TYR E 172 -22.30 -12.85 31.32
N LEU E 173 -22.11 -12.54 32.60
CA LEU E 173 -21.01 -11.68 33.02
C LEU E 173 -19.68 -12.42 33.00
N LYS E 174 -19.67 -13.68 33.44
CA LYS E 174 -18.41 -14.41 33.61
C LYS E 174 -17.84 -14.93 32.30
N LYS E 175 -18.67 -15.04 31.26
CA LYS E 175 -18.17 -15.42 29.94
C LYS E 175 -17.39 -14.30 29.27
N LEU E 176 -17.76 -13.05 29.51
CA LEU E 176 -17.05 -11.90 28.96
C LEU E 176 -15.81 -11.58 29.80
N PRO E 192 -15.92 -5.52 31.27
CA PRO E 192 -16.25 -5.65 29.86
C PRO E 192 -17.76 -5.60 29.60
N LEU E 193 -18.47 -4.83 30.43
CA LEU E 193 -19.92 -4.68 30.32
C LEU E 193 -20.19 -3.28 29.79
N SER E 194 -20.36 -3.17 28.48
CA SER E 194 -20.56 -1.89 27.80
C SER E 194 -21.95 -1.83 27.22
N GLU E 195 -22.68 -0.77 27.54
CA GLU E 195 -24.00 -0.54 26.98
C GLU E 195 -23.86 -0.06 25.53
N PRO E 196 -24.48 -0.72 24.56
CA PRO E 196 -24.33 -0.31 23.15
C PRO E 196 -25.10 0.98 22.88
N ASP E 197 -24.41 1.94 22.28
CA ASP E 197 -24.94 3.28 22.05
C ASP E 197 -25.24 3.48 20.58
N PHE E 198 -26.38 4.11 20.29
CA PHE E 198 -26.80 4.41 18.93
C PHE E 198 -26.87 5.90 18.64
N ARG E 199 -26.45 6.74 19.58
CA ARG E 199 -26.49 8.19 19.38
C ARG E 199 -25.39 8.62 18.43
N ILE E 200 -25.51 9.86 17.94
CA ILE E 200 -24.42 10.44 17.16
C ILE E 200 -23.35 11.01 18.10
N ASN E 201 -22.13 11.10 17.59
CA ASN E 201 -21.00 11.51 18.40
C ASN E 201 -20.76 13.01 18.28
N LYS E 202 -20.05 13.56 19.26
CA LYS E 202 -19.75 14.99 19.30
C LYS E 202 -18.26 15.30 19.36
N ARG E 203 -17.41 14.28 19.38
CA ARG E 203 -15.96 14.46 19.35
C ARG E 203 -15.31 13.86 18.12
N CYS E 204 -15.67 12.62 17.77
CA CYS E 204 -15.48 11.95 16.48
C CYS E 204 -14.03 11.64 16.13
N HIS E 205 -13.05 12.03 16.95
CA HIS E 205 -11.62 11.68 16.83
C HIS E 205 -10.98 12.18 15.52
N ASN E 206 -11.62 13.11 14.82
CA ASN E 206 -11.09 13.63 13.55
C ASN E 206 -11.31 15.13 13.52
N GLY E 207 -11.16 15.72 12.33
CA GLY E 207 -11.26 17.15 12.16
C GLY E 207 -12.57 17.67 11.61
N HIS E 208 -13.50 16.79 11.24
CA HIS E 208 -14.77 17.26 10.70
C HIS E 208 -15.66 17.76 11.84
N GLU E 209 -16.60 18.61 11.46
CA GLU E 209 -17.52 19.20 12.44
C GLU E 209 -18.52 18.13 12.91
N PRO E 210 -18.81 18.09 14.22
CA PRO E 210 -19.75 17.07 14.72
C PRO E 210 -21.20 17.32 14.35
N TRP E 211 -21.67 18.56 14.46
CA TRP E 211 -23.12 18.78 14.39
C TRP E 211 -23.76 18.71 13.00
N PRO E 212 -23.33 19.47 11.92
CA PRO E 212 -24.16 19.46 10.70
C PRO E 212 -24.17 18.13 9.94
N ARG E 213 -22.99 17.76 9.44
CA ARG E 213 -22.76 16.50 8.75
C ARG E 213 -21.35 15.99 9.09
N GLY E 214 -20.89 14.98 8.38
CA GLY E 214 -19.53 14.47 8.66
C GLY E 214 -19.46 13.34 9.67
N ILE E 215 -20.15 12.23 9.40
CA ILE E 215 -20.08 11.05 10.23
C ILE E 215 -19.29 9.98 9.48
N CYS E 216 -18.12 9.63 10.01
CA CYS E 216 -17.23 8.70 9.33
C CYS E 216 -17.63 7.26 9.65
N SER E 217 -17.10 6.33 8.85
CA SER E 217 -17.48 4.93 8.95
C SER E 217 -16.95 4.25 10.20
N LYS E 218 -15.86 4.75 10.79
CA LYS E 218 -15.40 4.22 12.06
C LYS E 218 -16.25 4.68 13.23
N CYS E 219 -17.05 5.74 13.05
CA CYS E 219 -17.89 6.29 14.10
C CYS E 219 -19.34 6.39 13.65
N GLN E 220 -19.82 5.40 12.91
CA GLN E 220 -21.18 5.37 12.40
C GLN E 220 -21.93 4.19 12.99
N PRO E 221 -23.18 4.37 13.43
CA PRO E 221 -24.00 3.22 13.83
C PRO E 221 -24.34 2.36 12.62
N SER E 222 -23.94 1.09 12.68
CA SER E 222 -24.08 0.19 11.54
C SER E 222 -25.51 -0.30 11.41
N ALA E 223 -25.73 -1.15 10.40
CA ALA E 223 -27.06 -1.72 10.16
C ALA E 223 -27.36 -2.76 11.24
N ILE E 224 -28.45 -2.55 11.97
CA ILE E 224 -28.84 -3.45 13.04
C ILE E 224 -29.43 -4.72 12.43
N THR E 225 -28.87 -5.87 12.80
CA THR E 225 -29.40 -7.15 12.36
C THR E 225 -30.70 -7.52 13.07
N LEU E 226 -30.99 -6.83 14.18
CA LEU E 226 -32.25 -6.95 14.95
C LEU E 226 -32.46 -8.38 15.47
N GLN E 227 -31.52 -8.80 16.31
CA GLN E 227 -31.56 -10.13 16.92
C GLN E 227 -32.10 -10.03 18.33
N GLN E 228 -32.62 -11.15 18.83
CA GLN E 228 -33.12 -11.19 20.20
C GLN E 228 -31.97 -11.21 21.20
N GLN E 229 -32.31 -10.86 22.44
CA GLN E 229 -31.31 -10.88 23.50
C GLN E 229 -31.03 -12.31 23.93
N GLU E 230 -29.74 -12.64 24.08
CA GLU E 230 -29.32 -13.98 24.43
C GLU E 230 -29.30 -14.23 25.93
N PHE E 231 -29.67 -13.24 26.74
CA PHE E 231 -29.66 -13.39 28.19
C PHE E 231 -30.87 -12.69 28.78
N ARG E 232 -31.10 -12.93 30.07
CA ARG E 232 -32.22 -12.34 30.80
C ARG E 232 -31.73 -11.76 32.12
N MET E 233 -32.38 -10.68 32.55
CA MET E 233 -32.07 -10.11 33.86
C MET E 233 -32.58 -11.01 34.98
N VAL E 234 -33.87 -11.28 35.00
CA VAL E 234 -34.49 -12.23 35.92
C VAL E 234 -35.19 -13.29 35.10
N ASP E 235 -35.29 -14.50 35.67
CA ASP E 235 -35.82 -15.64 34.95
C ASP E 235 -37.22 -16.04 35.40
N HIS E 236 -37.60 -15.73 36.63
CA HIS E 236 -38.90 -16.15 37.16
C HIS E 236 -39.38 -15.14 38.17
N VAL E 237 -40.52 -14.52 37.90
CA VAL E 237 -41.16 -13.62 38.86
C VAL E 237 -42.09 -14.45 39.76
N GLU E 238 -42.06 -14.18 41.06
CA GLU E 238 -42.80 -14.94 42.04
C GLU E 238 -43.74 -14.01 42.80
N PHE E 239 -44.97 -14.46 43.00
CA PHE E 239 -45.96 -13.71 43.76
C PHE E 239 -45.97 -14.19 45.21
N GLN E 240 -46.84 -13.62 46.04
CA GLN E 240 -46.94 -14.01 47.43
C GLN E 240 -48.34 -14.36 47.89
N LYS E 241 -49.39 -13.86 47.23
CA LYS E 241 -50.76 -14.16 47.62
C LYS E 241 -51.64 -14.11 46.39
N SER E 242 -52.62 -15.02 46.33
CA SER E 242 -53.55 -15.07 45.22
C SER E 242 -54.67 -14.04 45.34
N GLU E 243 -54.76 -13.34 46.46
CA GLU E 243 -55.82 -12.34 46.65
C GLU E 243 -55.40 -10.94 46.20
N ILE E 244 -54.11 -10.69 46.06
CA ILE E 244 -53.66 -9.40 45.53
C ILE E 244 -53.97 -9.30 44.04
N ILE E 245 -53.84 -10.41 43.31
CA ILE E 245 -54.26 -10.44 41.92
C ILE E 245 -55.78 -10.46 41.82
N ASN E 246 -56.44 -11.15 42.76
CA ASN E 246 -57.90 -11.21 42.77
C ASN E 246 -58.52 -9.87 43.12
N GLU E 247 -57.80 -9.03 43.87
CA GLU E 247 -58.30 -7.68 44.15
C GLU E 247 -58.13 -6.77 42.94
N PHE E 248 -57.07 -6.96 42.16
CA PHE E 248 -56.83 -6.10 41.00
C PHE E 248 -57.79 -6.40 39.86
N ILE E 249 -58.15 -7.67 39.69
CA ILE E 249 -59.12 -8.03 38.66
C ILE E 249 -60.54 -7.69 39.13
N GLN E 250 -60.73 -7.54 40.44
CA GLN E 250 -62.03 -7.15 40.98
C GLN E 250 -62.39 -5.71 40.64
N ALA E 251 -61.38 -4.85 40.39
CA ALA E 251 -61.66 -3.50 39.92
C ALA E 251 -62.23 -3.49 38.51
N TRP E 252 -61.81 -4.45 37.68
CA TRP E 252 -62.38 -4.58 36.34
C TRP E 252 -63.80 -5.14 36.39
N ARG E 253 -64.09 -6.00 37.37
CA ARG E 253 -65.42 -6.62 37.48
C ARG E 253 -66.51 -5.62 37.86
N TYR E 254 -66.16 -4.49 38.46
CA TYR E 254 -67.15 -3.54 38.93
C TYR E 254 -67.49 -2.48 37.88
N THR E 255 -66.51 -2.05 37.07
CA THR E 255 -66.73 -1.00 36.10
C THR E 255 -66.62 -1.44 34.65
N GLY E 256 -66.01 -2.60 34.38
CA GLY E 256 -65.90 -3.10 33.02
C GLY E 256 -64.68 -2.63 32.25
N MET E 257 -64.12 -1.49 32.59
CA MET E 257 -62.98 -0.96 31.86
C MET E 257 -61.67 -1.43 32.49
N GLN E 258 -60.56 -1.02 31.85
CA GLN E 258 -59.25 -1.52 32.23
C GLN E 258 -58.68 -0.76 33.42
N ARG E 259 -57.55 -1.26 33.94
CA ARG E 259 -56.88 -0.69 35.09
C ARG E 259 -55.38 -0.62 34.84
N PHE E 260 -54.66 -0.06 35.80
CA PHE E 260 -53.21 0.10 35.72
C PHE E 260 -52.66 0.15 37.14
N GLY E 261 -51.46 -0.38 37.31
CA GLY E 261 -50.85 -0.41 38.64
C GLY E 261 -49.36 -0.65 38.59
N TYR E 262 -48.72 -0.32 39.72
CA TYR E 262 -47.29 -0.54 39.91
C TYR E 262 -47.08 -1.59 40.98
N MET E 263 -46.00 -2.36 40.86
CA MET E 263 -45.72 -3.46 41.75
C MET E 263 -44.56 -3.12 42.68
N TYR E 264 -44.67 -3.55 43.93
CA TYR E 264 -43.64 -3.34 44.94
C TYR E 264 -43.09 -4.68 45.42
N GLY E 265 -41.77 -4.78 45.55
CA GLY E 265 -41.16 -6.01 45.99
C GLY E 265 -39.65 -5.94 46.15
N SER E 266 -39.00 -7.10 46.05
CA SER E 266 -37.55 -7.21 46.22
C SER E 266 -37.04 -8.35 45.35
N TYR E 267 -35.78 -8.73 45.55
CA TYR E 267 -35.14 -9.80 44.79
C TYR E 267 -34.41 -10.75 45.73
N SER E 268 -34.21 -11.97 45.26
CA SER E 268 -33.51 -13.01 46.01
C SER E 268 -32.91 -14.00 45.02
N LYS E 269 -32.48 -15.14 45.54
CA LYS E 269 -31.79 -16.12 44.71
C LYS E 269 -32.77 -17.12 44.12
N TYR E 270 -32.56 -17.46 42.85
CA TYR E 270 -33.33 -18.48 42.14
C TYR E 270 -32.44 -19.69 41.93
N ASP E 271 -32.89 -20.85 42.41
CA ASP E 271 -32.06 -22.05 42.43
C ASP E 271 -32.35 -23.03 41.31
N ASN E 272 -33.42 -22.83 40.53
CA ASN E 272 -33.68 -23.72 39.40
C ASN E 272 -32.70 -23.44 38.26
N THR E 273 -32.50 -22.18 37.91
CA THR E 273 -31.57 -21.71 36.90
C THR E 273 -30.22 -21.45 37.53
N PRO E 274 -29.13 -21.90 36.89
CA PRO E 274 -27.78 -21.59 37.41
C PRO E 274 -27.48 -20.10 37.36
N LEU E 275 -27.21 -19.54 38.53
CA LEU E 275 -26.94 -18.11 38.75
C LEU E 275 -28.08 -17.24 38.22
N GLY E 276 -29.31 -17.59 38.61
CA GLY E 276 -30.50 -16.85 38.24
C GLY E 276 -31.03 -16.02 39.39
N ILE E 277 -31.76 -14.97 39.06
CA ILE E 277 -32.41 -14.09 40.03
C ILE E 277 -33.91 -14.28 39.90
N LYS E 278 -34.59 -14.44 41.04
CA LYS E 278 -36.04 -14.42 41.06
C LYS E 278 -36.54 -13.13 41.71
N ALA E 279 -37.66 -12.63 41.21
CA ALA E 279 -38.20 -11.34 41.62
C ALA E 279 -39.49 -11.58 42.41
N VAL E 280 -39.42 -11.36 43.72
CA VAL E 280 -40.56 -11.54 44.61
C VAL E 280 -41.27 -10.20 44.76
N VAL E 281 -42.54 -10.17 44.39
CA VAL E 281 -43.37 -8.98 44.56
C VAL E 281 -44.01 -9.08 45.95
N GLU E 282 -44.46 -7.95 46.48
CA GLU E 282 -45.12 -7.95 47.77
C GLU E 282 -46.52 -7.36 47.74
N ALA E 283 -46.74 -6.28 46.99
CA ALA E 283 -48.03 -5.60 46.97
C ALA E 283 -48.15 -4.82 45.67
N ILE E 284 -49.35 -4.28 45.44
CA ILE E 284 -49.68 -3.54 44.23
C ILE E 284 -50.18 -2.16 44.64
N TYR E 285 -49.54 -1.11 44.10
CA TYR E 285 -50.04 0.24 44.24
C TYR E 285 -50.78 0.63 42.97
N GLU E 286 -51.83 1.44 43.12
CA GLU E 286 -52.61 1.91 41.98
C GLU E 286 -52.45 3.41 41.83
N PRO E 287 -52.01 3.90 40.67
CA PRO E 287 -51.89 5.34 40.47
C PRO E 287 -53.20 5.94 40.00
N PRO E 288 -53.36 7.26 40.06
CA PRO E 288 -54.53 7.89 39.43
C PRO E 288 -54.48 7.75 37.91
N GLN E 289 -55.63 7.43 37.32
CA GLN E 289 -55.68 7.09 35.92
C GLN E 289 -57.03 7.43 35.32
N HIS E 290 -57.04 7.64 34.01
CA HIS E 290 -58.25 7.74 33.21
C HIS E 290 -58.24 6.61 32.20
N ASP E 291 -59.30 5.81 32.20
CA ASP E 291 -59.29 4.52 31.51
C ASP E 291 -60.45 4.40 30.54
N GLU E 292 -60.16 3.96 29.32
CA GLU E 292 -61.13 3.69 28.29
C GLU E 292 -61.30 2.17 28.16
N GLN E 293 -62.14 1.73 27.21
CA GLN E 293 -62.34 0.30 27.02
C GLN E 293 -61.28 -0.32 26.11
N ASP E 294 -60.59 0.49 25.30
CA ASP E 294 -59.54 -0.03 24.44
C ASP E 294 -58.17 0.11 25.07
N GLY E 295 -57.97 1.14 25.88
CA GLY E 295 -56.69 1.35 26.53
C GLY E 295 -56.78 2.47 27.53
N LEU E 296 -55.62 2.94 27.98
CA LEU E 296 -55.59 4.04 28.94
C LEU E 296 -54.25 4.75 28.84
N THR E 297 -54.30 6.06 29.02
CA THR E 297 -53.09 6.89 29.08
C THR E 297 -53.39 8.07 29.99
N MET E 298 -52.74 8.09 31.16
CA MET E 298 -52.97 9.13 32.15
C MET E 298 -52.06 10.32 31.88
N ASP E 299 -52.19 11.34 32.72
CA ASP E 299 -51.26 12.48 32.66
C ASP E 299 -49.88 12.06 33.12
N VAL E 300 -48.86 12.57 32.44
CA VAL E 300 -47.48 12.20 32.74
C VAL E 300 -46.97 12.84 34.03
N GLU E 301 -47.11 14.16 34.19
CA GLU E 301 -46.41 14.93 35.21
C GLU E 301 -46.97 14.71 36.61
N GLN E 302 -48.29 14.73 36.76
CA GLN E 302 -48.91 14.76 38.08
C GLN E 302 -48.80 13.43 38.83
N VAL E 303 -48.52 12.33 38.14
CA VAL E 303 -48.35 11.06 38.83
C VAL E 303 -46.89 10.84 39.21
N LYS E 304 -45.97 11.39 38.41
CA LYS E 304 -44.55 11.30 38.74
C LYS E 304 -44.19 12.17 39.94
N ASN E 305 -44.94 13.25 40.15
CA ASN E 305 -44.81 14.00 41.39
C ASN E 305 -45.31 13.17 42.58
N GLU E 306 -46.32 12.33 42.36
CA GLU E 306 -46.90 11.54 43.45
C GLU E 306 -46.02 10.35 43.83
N MET E 307 -45.28 9.78 42.88
CA MET E 307 -44.50 8.58 43.18
C MET E 307 -43.11 8.89 43.72
N LEU E 308 -42.78 10.16 44.01
CA LEU E 308 -41.54 10.43 44.73
C LEU E 308 -41.72 10.17 46.23
N GLN E 309 -42.81 10.67 46.80
CA GLN E 309 -42.99 10.59 48.25
C GLN E 309 -43.48 9.22 48.71
N ILE E 310 -44.18 8.46 47.86
CA ILE E 310 -44.60 7.12 48.27
C ILE E 310 -43.44 6.14 48.11
N ASP E 311 -42.48 6.47 47.24
CA ASP E 311 -41.23 5.71 47.22
C ASP E 311 -40.35 6.11 48.39
N ARG E 312 -40.47 7.35 48.86
CA ARG E 312 -39.85 7.75 50.13
C ARG E 312 -40.56 7.07 51.30
N GLN E 313 -41.83 6.76 51.14
CA GLN E 313 -42.63 6.07 52.15
C GLN E 313 -42.43 4.55 52.13
N ALA E 314 -41.68 4.02 51.16
CA ALA E 314 -41.57 2.58 50.98
C ALA E 314 -40.18 2.03 51.29
N GLN E 315 -39.18 2.89 51.49
CA GLN E 315 -37.82 2.42 51.73
C GLN E 315 -37.57 1.99 53.17
N GLU E 316 -38.44 2.37 54.11
CA GLU E 316 -38.24 1.94 55.49
C GLU E 316 -38.71 0.52 55.73
N MET E 317 -39.63 0.01 54.92
CA MET E 317 -40.02 -1.39 55.06
C MET E 317 -39.07 -2.33 54.33
N GLY E 318 -38.32 -1.83 53.35
CA GLY E 318 -37.52 -2.68 52.50
C GLY E 318 -38.23 -2.98 51.19
N LEU E 319 -38.99 -2.01 50.70
CA LEU E 319 -39.79 -2.15 49.49
C LEU E 319 -39.27 -1.21 48.41
N SER E 320 -39.51 -1.59 47.16
CA SER E 320 -39.07 -0.82 46.01
C SER E 320 -39.94 -1.17 44.81
N ARG E 321 -40.09 -0.20 43.91
CA ARG E 321 -40.86 -0.40 42.69
C ARG E 321 -40.08 -1.28 41.73
N ILE E 322 -40.60 -2.48 41.46
CA ILE E 322 -39.89 -3.44 40.62
C ILE E 322 -40.62 -3.77 39.33
N GLY E 323 -41.91 -3.44 39.21
CA GLY E 323 -42.64 -3.79 38.01
C GLY E 323 -43.91 -2.97 37.87
N LEU E 324 -44.70 -3.32 36.87
CA LEU E 324 -45.95 -2.65 36.56
C LEU E 324 -46.91 -3.63 35.93
N ILE E 325 -48.20 -3.33 36.01
CA ILE E 325 -49.24 -4.17 35.44
C ILE E 325 -50.26 -3.30 34.71
N PHE E 326 -50.86 -3.88 33.68
CA PHE E 326 -51.97 -3.24 32.97
C PHE E 326 -52.84 -4.33 32.37
N THR E 327 -54.15 -4.13 32.41
CA THR E 327 -55.11 -5.16 32.09
C THR E 327 -55.65 -5.00 30.67
N ASP E 328 -55.97 -6.15 30.05
CA ASP E 328 -56.59 -6.18 28.73
C ASP E 328 -57.40 -7.47 28.67
N LEU E 329 -58.71 -7.36 28.91
CA LEU E 329 -59.56 -8.54 29.10
C LEU E 329 -60.33 -8.92 27.85
N SER E 330 -61.16 -8.00 27.32
CA SER E 330 -62.00 -8.20 26.14
C SER E 330 -62.95 -9.40 26.32
N ASP E 331 -63.89 -9.21 27.26
CA ASP E 331 -64.87 -10.24 27.62
C ASP E 331 -65.76 -10.60 26.44
N ALA E 332 -66.02 -11.90 26.28
CA ALA E 332 -66.76 -12.37 25.12
C ALA E 332 -68.27 -12.25 25.30
N GLY E 333 -68.84 -13.02 26.23
CA GLY E 333 -70.27 -12.97 26.45
C GLY E 333 -70.70 -13.02 27.90
N ALA E 334 -69.73 -13.20 28.80
CA ALA E 334 -69.86 -13.18 30.26
C ALA E 334 -70.82 -14.23 30.81
N GLY E 335 -71.24 -15.22 30.03
CA GLY E 335 -72.07 -16.28 30.54
C GLY E 335 -71.77 -17.64 29.95
N ASP E 336 -70.85 -17.69 28.99
CA ASP E 336 -70.43 -18.94 28.38
C ASP E 336 -68.93 -18.97 28.15
N GLY E 337 -68.18 -18.24 28.95
CA GLY E 337 -66.75 -18.11 28.78
C GLY E 337 -66.23 -16.86 29.46
N SER E 338 -64.95 -16.88 29.78
CA SER E 338 -64.37 -15.76 30.53
C SER E 338 -64.03 -14.59 29.61
N VAL E 339 -63.11 -14.78 28.68
CA VAL E 339 -62.64 -13.72 27.79
C VAL E 339 -62.43 -14.30 26.40
N PHE E 340 -61.96 -13.45 25.49
CA PHE E 340 -61.51 -13.85 24.17
C PHE E 340 -60.03 -14.27 24.24
N CYS E 341 -59.41 -14.46 23.08
CA CYS E 341 -57.98 -14.72 22.97
C CYS E 341 -57.41 -13.64 22.05
N LYS E 342 -56.97 -12.53 22.66
CA LYS E 342 -56.53 -11.38 21.87
C LYS E 342 -55.05 -11.48 21.51
N ARG E 343 -54.22 -11.96 22.43
CA ARG E 343 -52.78 -12.05 22.21
C ARG E 343 -52.40 -13.53 22.10
N HIS E 344 -52.05 -13.96 20.89
CA HIS E 344 -51.62 -15.33 20.67
C HIS E 344 -50.49 -15.28 19.63
N LYS E 345 -50.17 -16.44 19.05
CA LYS E 345 -49.06 -16.55 18.11
C LYS E 345 -49.37 -15.85 16.80
N ASP E 346 -50.61 -15.95 16.33
CA ASP E 346 -50.98 -15.32 15.07
C ASP E 346 -51.09 -13.80 15.22
N SER E 347 -51.60 -13.32 16.35
CA SER E 347 -51.75 -11.90 16.58
C SER E 347 -50.50 -11.34 17.27
N PHE E 348 -50.60 -10.11 17.74
CA PHE E 348 -49.50 -9.47 18.46
C PHE E 348 -49.40 -10.02 19.88
N PHE E 349 -48.17 -10.02 20.40
CA PHE E 349 -47.94 -10.46 21.78
C PHE E 349 -47.96 -9.28 22.75
N LEU E 350 -47.26 -8.20 22.40
CA LEU E 350 -47.29 -6.97 23.16
C LEU E 350 -47.52 -5.79 22.22
N SER E 351 -48.43 -4.91 22.60
CA SER E 351 -48.73 -3.74 21.78
C SER E 351 -47.57 -2.75 21.80
N SER E 352 -47.27 -2.17 20.64
CA SER E 352 -46.12 -1.28 20.50
C SER E 352 -46.32 0.05 21.22
N LEU E 353 -47.56 0.42 21.55
CA LEU E 353 -47.79 1.63 22.33
C LEU E 353 -47.39 1.43 23.79
N GLU E 354 -47.33 0.18 24.24
CA GLU E 354 -46.94 -0.12 25.61
C GLU E 354 -45.47 -0.50 25.74
N VAL E 355 -44.77 -0.75 24.63
CA VAL E 355 -43.33 -0.99 24.70
C VAL E 355 -42.59 0.29 25.04
N ILE E 356 -43.08 1.43 24.54
CA ILE E 356 -42.45 2.71 24.83
C ILE E 356 -42.69 3.13 26.28
N MET E 357 -43.76 2.63 26.90
CA MET E 357 -43.97 2.87 28.33
C MET E 357 -43.20 1.88 29.19
N ALA E 358 -42.92 0.69 28.64
CA ALA E 358 -42.13 -0.30 29.37
C ALA E 358 -40.65 0.01 29.31
N ALA E 359 -40.15 0.43 28.15
CA ALA E 359 -38.74 0.71 27.98
C ALA E 359 -38.29 1.99 28.66
N ARG E 360 -39.18 2.97 28.80
CA ARG E 360 -38.83 4.22 29.47
C ARG E 360 -38.70 4.04 30.98
N HIS E 361 -39.34 3.02 31.55
CA HIS E 361 -39.22 2.76 32.98
C HIS E 361 -37.88 2.16 33.36
N GLN E 362 -37.16 1.59 32.39
CA GLN E 362 -35.84 1.01 32.68
C GLN E 362 -34.73 2.05 32.62
N THR E 363 -34.87 3.07 31.78
CA THR E 363 -33.85 4.11 31.68
C THR E 363 -33.85 5.02 32.90
N ARG E 364 -34.95 5.07 33.65
CA ARG E 364 -35.04 5.87 34.86
C ARG E 364 -34.82 5.06 36.13
N HIS E 365 -34.82 3.74 36.04
CA HIS E 365 -34.57 2.85 37.18
C HIS E 365 -33.32 2.05 36.89
N PRO E 366 -32.15 2.61 37.14
CA PRO E 366 -30.90 1.94 36.77
C PRO E 366 -30.54 0.82 37.74
N ASN E 367 -29.88 -0.20 37.19
CA ASN E 367 -29.37 -1.32 37.96
C ASN E 367 -27.89 -1.12 38.21
N VAL E 368 -27.49 -1.15 39.48
CA VAL E 368 -26.11 -0.88 39.87
C VAL E 368 -25.24 -2.07 39.50
N SER E 369 -24.22 -1.83 38.68
CA SER E 369 -23.27 -2.86 38.28
C SER E 369 -21.86 -2.30 38.39
N LYS E 370 -20.97 -3.08 39.00
CA LYS E 370 -19.60 -2.64 39.19
C LYS E 370 -18.69 -2.96 38.01
N TYR E 371 -19.14 -3.83 37.10
CA TYR E 371 -18.34 -4.20 35.94
C TYR E 371 -18.64 -3.35 34.72
N SER E 372 -19.44 -2.30 34.87
CA SER E 372 -19.74 -1.39 33.77
C SER E 372 -18.80 -0.19 33.81
N GLU E 373 -18.98 0.74 32.87
CA GLU E 373 -18.16 1.94 32.80
C GLU E 373 -18.87 3.17 33.32
N GLN E 374 -20.20 3.18 33.33
CA GLN E 374 -20.98 4.30 33.85
C GLN E 374 -21.71 3.95 35.14
N GLY E 375 -21.53 2.74 35.66
CA GLY E 375 -22.19 2.34 36.88
C GLY E 375 -23.57 1.74 36.73
N PHE E 376 -24.13 1.74 35.51
CA PHE E 376 -25.45 1.19 35.27
C PHE E 376 -25.48 0.47 33.93
N PHE E 377 -26.11 -0.70 33.92
CA PHE E 377 -26.21 -1.55 32.73
C PHE E 377 -27.27 -2.62 32.95
N SER E 378 -28.16 -2.79 31.96
CA SER E 378 -29.19 -3.85 31.93
C SER E 378 -30.13 -3.75 33.14
N SER E 379 -30.93 -2.69 33.12
CA SER E 379 -31.85 -2.38 34.21
C SER E 379 -32.84 -3.51 34.46
N LYS E 380 -33.16 -3.72 35.75
CA LYS E 380 -33.98 -4.84 36.20
C LYS E 380 -35.38 -4.33 36.51
N PHE E 381 -36.24 -4.33 35.49
CA PHE E 381 -37.63 -3.90 35.64
C PHE E 381 -38.51 -4.84 34.82
N VAL E 382 -39.41 -5.54 35.48
CA VAL E 382 -40.26 -6.53 34.84
C VAL E 382 -41.53 -5.85 34.32
N THR E 383 -42.10 -6.43 33.27
CA THR E 383 -43.37 -5.98 32.69
C THR E 383 -44.35 -7.14 32.74
N CYS E 384 -45.41 -6.99 33.52
CA CYS E 384 -46.44 -8.00 33.63
C CYS E 384 -47.73 -7.52 32.98
N VAL E 385 -48.50 -8.45 32.44
CA VAL E 385 -49.76 -8.13 31.77
C VAL E 385 -50.77 -9.22 32.09
N ILE E 386 -52.03 -8.82 32.20
CA ILE E 386 -53.15 -9.73 32.44
C ILE E 386 -53.98 -9.74 31.17
N SER E 387 -53.74 -10.73 30.30
CA SER E 387 -54.42 -10.81 29.01
C SER E 387 -55.31 -12.02 28.89
N GLY E 388 -54.79 -13.22 29.16
CA GLY E 388 -55.56 -14.44 29.02
C GLY E 388 -54.83 -15.45 28.17
N ASN E 389 -55.02 -16.73 28.50
CA ASN E 389 -54.38 -17.82 27.77
C ASN E 389 -55.26 -18.20 26.57
N LEU E 390 -54.97 -19.36 25.97
CA LEU E 390 -55.64 -19.74 24.73
C LEU E 390 -57.08 -20.19 24.96
N GLU E 391 -57.31 -21.13 25.88
CA GLU E 391 -58.59 -21.83 25.89
C GLU E 391 -59.71 -21.05 26.58
N GLY E 392 -59.62 -20.84 27.89
CA GLY E 392 -60.74 -20.23 28.60
C GLY E 392 -60.47 -19.40 29.82
N GLU E 393 -59.20 -19.14 30.14
CA GLU E 393 -58.85 -18.50 31.40
C GLU E 393 -58.31 -17.10 31.15
N ILE E 394 -57.90 -16.45 32.24
CA ILE E 394 -57.40 -15.08 32.23
C ILE E 394 -55.96 -15.07 32.73
N ASP E 395 -55.21 -16.12 32.37
CA ASP E 395 -53.83 -16.31 32.81
C ASP E 395 -52.95 -15.15 32.37
N ILE E 396 -51.96 -14.83 33.20
CA ILE E 396 -51.14 -13.66 33.02
C ILE E 396 -49.88 -14.03 32.26
N SER E 397 -49.22 -13.00 31.72
CA SER E 397 -47.95 -13.17 31.01
C SER E 397 -47.00 -12.07 31.44
N SER E 398 -45.71 -12.37 31.40
CA SER E 398 -44.67 -11.47 31.88
C SER E 398 -43.48 -11.49 30.93
N TYR E 399 -43.10 -10.31 30.44
CA TYR E 399 -42.01 -10.16 29.50
C TYR E 399 -41.10 -9.03 29.95
N GLN E 400 -39.98 -8.87 29.23
CA GLN E 400 -39.03 -7.80 29.47
C GLN E 400 -38.48 -7.33 28.13
N VAL E 401 -38.01 -6.09 28.10
CA VAL E 401 -37.47 -5.50 26.89
C VAL E 401 -35.97 -5.76 26.82
N SER E 402 -35.43 -5.66 25.61
CA SER E 402 -34.02 -5.94 25.39
C SER E 402 -33.16 -4.74 25.77
N THR E 403 -32.04 -4.99 26.45
CA THR E 403 -31.17 -3.92 26.89
C THR E 403 -30.21 -3.43 25.80
N GLU E 404 -30.16 -4.12 24.66
CA GLU E 404 -29.23 -3.69 23.61
C GLU E 404 -29.78 -2.52 22.81
N ALA E 405 -31.10 -2.36 22.78
CA ALA E 405 -31.74 -1.29 22.01
C ALA E 405 -32.57 -0.35 22.88
N GLU E 406 -33.42 -0.90 23.76
CA GLU E 406 -34.45 -0.10 24.43
C GLU E 406 -33.90 0.84 25.48
N ALA E 407 -32.62 0.72 25.85
CA ALA E 407 -32.01 1.76 26.66
C ALA E 407 -31.66 3.00 25.85
N LEU E 408 -31.60 2.88 24.53
CA LEU E 408 -31.21 3.99 23.67
C LEU E 408 -32.20 4.34 22.59
N VAL E 409 -32.81 3.34 21.91
CA VAL E 409 -33.56 3.63 20.70
C VAL E 409 -34.99 4.08 20.95
N THR E 410 -35.50 3.95 22.18
CA THR E 410 -36.91 4.24 22.42
C THR E 410 -37.17 5.74 22.46
N ALA E 411 -36.18 6.53 22.87
CA ALA E 411 -36.38 7.96 23.08
C ALA E 411 -36.43 8.74 21.76
N ASP E 412 -35.87 8.20 20.68
CA ASP E 412 -35.75 8.95 19.44
C ASP E 412 -36.53 8.35 18.28
N MET E 413 -36.28 7.09 17.92
CA MET E 413 -36.75 6.55 16.65
C MET E 413 -37.74 5.41 16.81
N ILE E 414 -38.50 5.40 17.90
CA ILE E 414 -39.53 4.37 18.12
C ILE E 414 -40.84 5.08 18.41
N SER E 415 -41.84 4.82 17.57
CA SER E 415 -43.18 5.38 17.75
C SER E 415 -44.22 4.33 17.41
N GLY E 416 -45.46 4.59 17.80
CA GLY E 416 -46.54 3.64 17.60
C GLY E 416 -47.16 3.76 16.23
N SER E 417 -47.30 2.62 15.56
CA SER E 417 -47.92 2.56 14.24
C SER E 417 -49.42 2.25 14.40
N THR E 418 -50.09 1.96 13.28
CA THR E 418 -51.48 1.53 13.32
C THR E 418 -51.63 0.03 13.47
N PHE E 419 -50.60 -0.75 13.13
CA PHE E 419 -50.60 -2.19 13.30
C PHE E 419 -50.14 -2.56 14.71
N PRO E 420 -50.82 -3.48 15.39
CA PRO E 420 -50.42 -3.84 16.76
C PRO E 420 -49.21 -4.75 16.82
N SER E 421 -48.86 -5.44 15.75
CA SER E 421 -47.72 -6.34 15.74
C SER E 421 -46.42 -5.66 15.32
N MET E 422 -46.50 -4.47 14.72
CA MET E 422 -45.33 -3.71 14.29
C MET E 422 -45.34 -2.35 14.97
N ALA E 423 -44.27 -1.60 14.72
CA ALA E 423 -44.15 -0.22 15.20
C ALA E 423 -43.65 0.67 14.08
N TYR E 424 -43.89 1.97 14.22
CA TYR E 424 -43.56 2.94 13.19
C TYR E 424 -42.13 3.45 13.41
N ILE E 425 -41.29 3.30 12.38
CA ILE E 425 -39.92 3.81 12.44
C ILE E 425 -39.94 5.31 12.16
N ASN E 426 -39.11 6.05 12.89
CA ASN E 426 -39.05 7.50 12.77
C ASN E 426 -37.81 7.93 12.00
N ASP E 427 -37.82 9.19 11.60
CA ASP E 427 -36.67 9.83 10.95
C ASP E 427 -36.37 11.13 11.66
N THR E 428 -35.07 11.45 11.76
CA THR E 428 -34.63 12.61 12.53
C THR E 428 -34.47 13.87 11.69
N THR E 429 -34.44 13.74 10.35
CA THR E 429 -34.14 14.79 9.34
C THR E 429 -33.02 15.73 9.80
N ASP E 430 -31.83 15.13 9.97
CA ASP E 430 -30.59 15.77 10.39
C ASP E 430 -30.70 16.36 11.81
N GLU E 431 -31.40 15.65 12.70
CA GLU E 431 -31.22 15.88 14.12
C GLU E 431 -30.18 14.92 14.69
N ARG E 432 -30.33 13.64 14.38
CA ARG E 432 -29.32 12.63 14.63
C ARG E 432 -29.32 11.68 13.42
N TYR E 433 -28.51 10.63 13.49
CA TYR E 433 -28.43 9.64 12.42
C TYR E 433 -29.21 8.40 12.79
N VAL E 434 -30.11 7.98 11.91
CA VAL E 434 -30.92 6.79 12.10
C VAL E 434 -30.45 5.75 11.09
N PRO E 435 -29.88 4.63 11.54
CA PRO E 435 -29.39 3.60 10.61
C PRO E 435 -30.53 2.75 10.07
N GLU E 436 -30.17 1.81 9.21
CA GLU E 436 -31.13 0.96 8.52
C GLU E 436 -31.36 -0.32 9.33
N ILE E 437 -32.58 -0.85 9.23
CA ILE E 437 -33.02 -1.99 10.02
C ILE E 437 -33.20 -3.19 9.09
N PHE E 438 -32.46 -4.26 9.36
CA PHE E 438 -32.55 -5.49 8.58
C PHE E 438 -33.25 -6.58 9.41
N TYR E 439 -34.18 -7.28 8.78
CA TYR E 439 -34.87 -8.40 9.40
C TYR E 439 -35.28 -9.39 8.32
N MET E 440 -35.85 -10.52 8.73
CA MET E 440 -36.11 -11.64 7.85
C MET E 440 -37.61 -11.95 7.80
N LYS E 441 -38.03 -12.63 6.73
CA LYS E 441 -39.36 -13.21 6.62
C LYS E 441 -39.24 -14.50 5.80
N SER E 442 -40.39 -15.07 5.41
CA SER E 442 -40.42 -16.28 4.61
C SER E 442 -40.98 -15.98 3.23
N ASN E 443 -40.22 -16.34 2.20
CA ASN E 443 -40.64 -16.16 0.83
C ASN E 443 -41.72 -17.20 0.49
N GLU E 444 -42.53 -16.91 -0.53
CA GLU E 444 -43.65 -17.76 -0.89
C GLU E 444 -43.17 -19.11 -1.44
N TYR E 445 -42.14 -19.10 -2.27
CA TYR E 445 -41.61 -20.32 -2.86
C TYR E 445 -40.29 -20.78 -2.27
N GLY E 446 -39.46 -19.86 -1.80
CA GLY E 446 -38.17 -20.19 -1.22
C GLY E 446 -37.98 -19.48 0.12
N ILE E 447 -36.81 -18.86 0.26
CA ILE E 447 -36.49 -18.05 1.42
C ILE E 447 -35.84 -16.75 0.92
N THR E 448 -36.16 -15.64 1.58
CA THR E 448 -35.60 -14.34 1.23
C THR E 448 -34.34 -14.09 2.04
N VAL E 449 -33.72 -12.95 1.77
CA VAL E 449 -32.44 -12.64 2.40
C VAL E 449 -32.50 -11.32 3.17
N LYS E 450 -32.75 -10.20 2.48
CA LYS E 450 -32.84 -8.86 3.07
C LYS E 450 -33.91 -8.13 2.27
N GLU E 451 -35.16 -8.20 2.75
CA GLU E 451 -36.31 -7.91 1.91
C GLU E 451 -36.90 -6.53 2.13
N ASN E 452 -36.70 -5.90 3.28
CA ASN E 452 -37.37 -4.65 3.62
C ASN E 452 -36.38 -3.68 4.24
N ALA E 453 -36.33 -2.48 3.69
CA ALA E 453 -35.43 -1.49 4.27
C ALA E 453 -36.10 -0.55 5.26
N LYS E 454 -36.96 0.34 4.78
CA LYS E 454 -37.47 1.37 5.69
C LYS E 454 -38.70 0.96 6.51
N PRO E 455 -39.90 0.73 5.89
CA PRO E 455 -41.13 0.90 6.67
C PRO E 455 -41.69 -0.34 7.36
N ALA E 456 -40.84 -1.15 8.02
CA ALA E 456 -41.31 -2.33 8.73
C ALA E 456 -40.20 -2.86 9.64
N PHE E 457 -40.59 -3.24 10.86
CA PHE E 457 -39.76 -4.03 11.77
C PHE E 457 -40.70 -4.61 12.82
N PRO E 458 -40.55 -5.89 13.17
CA PRO E 458 -41.44 -6.48 14.16
C PRO E 458 -40.98 -6.19 15.59
N VAL E 459 -41.94 -6.23 16.51
CA VAL E 459 -41.64 -6.00 17.93
C VAL E 459 -41.21 -7.28 18.63
N ASP E 460 -41.59 -8.44 18.10
CA ASP E 460 -41.34 -9.72 18.77
C ASP E 460 -39.89 -10.19 18.68
N TYR E 461 -39.03 -9.49 17.93
CA TYR E 461 -37.59 -9.68 17.98
C TYR E 461 -36.97 -9.06 19.22
N LEU E 462 -37.74 -8.30 19.99
CA LEU E 462 -37.20 -7.38 20.99
C LEU E 462 -37.65 -7.70 22.41
N LEU E 463 -38.45 -8.74 22.61
CA LEU E 463 -38.95 -9.13 23.93
C LEU E 463 -38.39 -10.48 24.33
N VAL E 464 -38.15 -10.65 25.63
CA VAL E 464 -37.73 -11.92 26.20
C VAL E 464 -38.84 -12.41 27.12
N THR E 465 -38.94 -13.72 27.28
CA THR E 465 -40.03 -14.31 28.03
C THR E 465 -39.62 -14.59 29.47
N LEU E 466 -40.61 -14.58 30.36
CA LEU E 466 -40.42 -14.87 31.78
C LEU E 466 -41.53 -15.80 32.23
N THR E 467 -41.36 -16.38 33.42
CA THR E 467 -42.30 -17.33 33.99
C THR E 467 -42.84 -16.79 35.30
N HIS E 468 -44.15 -16.68 35.41
CA HIS E 468 -44.76 -16.28 36.67
C HIS E 468 -45.00 -17.49 37.56
N GLY E 469 -45.27 -17.23 38.84
CA GLY E 469 -45.47 -18.30 39.79
C GLY E 469 -46.16 -17.81 41.03
N PHE E 470 -46.82 -18.74 41.72
CA PHE E 470 -47.55 -18.51 42.94
C PHE E 470 -47.03 -19.43 44.04
N PRO E 471 -46.92 -18.95 45.28
CA PRO E 471 -46.37 -19.79 46.34
C PRO E 471 -47.37 -20.85 46.80
N ASN E 472 -46.82 -21.92 47.36
CA ASN E 472 -47.64 -23.05 47.76
C ASN E 472 -48.43 -22.75 49.02
N THR E 473 -49.50 -23.52 49.23
CA THR E 473 -50.41 -23.24 50.35
C THR E 473 -49.97 -23.92 51.63
N ASP E 474 -49.27 -25.05 51.54
CA ASP E 474 -48.93 -25.79 52.76
C ASP E 474 -47.73 -25.17 53.46
N THR E 475 -46.72 -24.75 52.72
CA THR E 475 -45.52 -24.20 53.33
C THR E 475 -45.00 -23.03 52.50
N GLU E 476 -44.43 -22.06 53.20
CA GLU E 476 -43.81 -20.89 52.58
C GLU E 476 -42.78 -20.34 53.55
N THR E 477 -41.85 -19.53 53.02
CA THR E 477 -40.83 -18.94 53.87
C THR E 477 -41.38 -17.74 54.63
N ASN E 478 -41.76 -16.70 53.90
CA ASN E 478 -42.39 -15.52 54.49
C ASN E 478 -43.36 -14.94 53.47
N SER E 479 -44.32 -14.18 53.97
CA SER E 479 -45.30 -13.54 53.10
C SER E 479 -45.44 -12.06 53.42
N LYS E 480 -45.27 -11.71 54.70
CA LYS E 480 -44.94 -10.37 55.20
C LYS E 480 -46.07 -9.33 55.10
N PHE E 481 -47.18 -9.66 54.43
CA PHE E 481 -48.21 -8.63 54.23
C PHE E 481 -49.64 -9.15 54.29
N VAL E 482 -49.89 -10.33 54.85
CA VAL E 482 -51.27 -10.87 54.89
C VAL E 482 -51.92 -10.39 56.19
N SER E 483 -52.80 -9.41 56.07
CA SER E 483 -53.74 -9.11 57.13
C SER E 483 -55.19 -9.31 56.69
N SER E 484 -55.64 -8.58 55.67
CA SER E 484 -56.94 -8.82 55.07
C SER E 484 -56.81 -9.06 53.57
N THR E 485 -56.01 -8.19 52.92
CA THR E 485 -55.96 -8.02 51.46
C THR E 485 -57.35 -7.82 50.87
N GLY E 486 -58.16 -7.01 51.57
CA GLY E 486 -59.50 -6.67 51.14
C GLY E 486 -59.83 -5.24 51.51
N PHE E 487 -58.81 -4.48 51.90
CA PHE E 487 -58.97 -3.08 52.22
C PHE E 487 -59.23 -2.27 50.95
N PRO E 488 -59.97 -1.16 51.06
CA PRO E 488 -60.07 -0.24 49.91
C PRO E 488 -58.72 0.39 49.58
N TRP E 489 -58.39 0.38 48.29
CA TRP E 489 -57.06 0.77 47.84
C TRP E 489 -56.97 2.29 47.68
N SER E 490 -55.91 2.76 47.04
CA SER E 490 -55.60 4.18 47.01
C SER E 490 -56.47 4.94 46.01
N ASN E 491 -56.39 4.57 44.74
CA ASN E 491 -56.99 5.40 43.70
C ASN E 491 -58.08 4.67 42.91
N ARG E 492 -58.97 3.97 43.61
CA ARG E 492 -60.14 3.36 42.98
C ARG E 492 -61.34 4.30 43.06
N GLN E 493 -61.15 5.50 42.52
CA GLN E 493 -62.18 6.54 42.56
C GLN E 493 -63.34 6.25 41.61
N ALA E 494 -63.12 5.49 40.54
CA ALA E 494 -64.20 5.13 39.63
C ALA E 494 -65.16 4.15 40.30
N MET E 495 -64.63 3.27 41.16
CA MET E 495 -65.46 2.38 41.94
C MET E 495 -65.87 3.06 43.23
N GLY E 496 -66.56 2.32 44.10
CA GLY E 496 -67.07 2.88 45.34
C GLY E 496 -66.16 2.82 46.54
N GLN E 497 -64.95 2.29 46.39
CA GLN E 497 -64.02 2.14 47.52
C GLN E 497 -63.04 3.32 47.56
N SER E 498 -63.59 4.50 47.85
CA SER E 498 -62.79 5.72 48.05
C SER E 498 -63.38 6.40 49.28
N GLN E 499 -62.71 6.24 50.43
CA GLN E 499 -63.36 6.50 51.71
C GLN E 499 -62.60 7.47 52.60
N ASP E 500 -63.02 7.51 53.87
CA ASP E 500 -62.61 8.50 54.87
C ASP E 500 -62.60 7.79 56.22
N TYR E 501 -62.76 8.55 57.31
CA TYR E 501 -62.78 8.00 58.66
C TYR E 501 -63.89 6.97 58.90
N GLN E 502 -64.92 6.91 58.03
CA GLN E 502 -65.97 5.92 58.18
C GLN E 502 -65.49 4.50 57.91
N GLU E 503 -64.47 4.34 57.05
CA GLU E 503 -64.00 2.99 56.73
C GLU E 503 -63.16 2.41 57.86
N LEU E 504 -62.58 3.25 58.72
CA LEU E 504 -61.83 2.73 59.85
C LEU E 504 -62.76 2.23 60.94
N LYS E 505 -63.99 2.75 60.98
CA LYS E 505 -65.00 2.21 61.88
C LYS E 505 -65.49 0.85 61.40
N LYS E 506 -65.52 0.64 60.08
CA LYS E 506 -66.08 -0.58 59.53
C LYS E 506 -65.05 -1.69 59.41
N TYR E 507 -63.79 -1.34 59.13
CA TYR E 507 -62.77 -2.36 58.92
C TYR E 507 -62.30 -2.95 60.24
N LEU E 508 -61.65 -2.14 61.09
CA LEU E 508 -61.11 -2.65 62.34
C LEU E 508 -61.75 -2.01 63.56
N PHE E 509 -61.72 -0.67 63.68
CA PHE E 509 -62.00 0.07 64.93
C PHE E 509 -61.19 -0.48 66.11
N ASN E 510 -59.94 -0.88 65.82
CA ASN E 510 -59.00 -1.50 66.76
C ASN E 510 -59.65 -2.70 67.47
N VAL E 511 -59.89 -3.75 66.68
CA VAL E 511 -60.94 -4.78 66.82
C VAL E 511 -61.20 -5.25 68.25
N ALA E 512 -62.48 -5.18 68.67
CA ALA E 512 -62.94 -5.56 70.00
C ALA E 512 -62.15 -4.84 71.10
N SER E 513 -62.37 -3.51 71.17
CA SER E 513 -61.43 -2.46 71.57
C SER E 513 -60.41 -2.81 72.66
N SER E 514 -60.85 -3.50 73.72
CA SER E 514 -59.96 -3.91 74.80
C SER E 514 -59.80 -5.43 74.88
N GLY E 515 -59.98 -6.14 73.76
CA GLY E 515 -59.95 -7.59 73.78
C GLY E 515 -58.59 -8.26 73.77
N ASP E 516 -57.83 -8.09 72.69
CA ASP E 516 -56.63 -8.90 72.48
C ASP E 516 -55.70 -8.19 71.50
N PHE E 517 -54.58 -8.84 71.19
CA PHE E 517 -53.59 -8.33 70.27
C PHE E 517 -53.20 -9.30 69.15
N ASN E 518 -53.59 -10.57 69.24
CA ASN E 518 -53.16 -11.55 68.25
C ASN E 518 -53.90 -11.36 66.93
N LEU E 519 -55.20 -11.05 66.99
CA LEU E 519 -55.94 -10.75 65.78
C LEU E 519 -55.66 -9.32 65.29
N LEU E 520 -55.17 -8.45 66.18
CA LEU E 520 -54.84 -7.08 65.78
C LEU E 520 -53.58 -7.05 64.93
N HIS E 521 -52.63 -7.97 65.19
CA HIS E 521 -51.43 -8.06 64.34
C HIS E 521 -51.77 -8.54 62.94
N GLU E 522 -52.79 -9.40 62.81
CA GLU E 522 -53.28 -9.84 61.51
C GLU E 522 -54.35 -8.92 60.95
N LYS E 523 -54.38 -7.65 61.38
CA LYS E 523 -55.30 -6.67 60.82
C LYS E 523 -54.62 -5.32 60.57
N ILE E 524 -53.36 -5.16 60.95
CA ILE E 524 -52.64 -3.90 60.74
C ILE E 524 -51.48 -4.04 59.76
N SER E 525 -51.09 -5.25 59.38
CA SER E 525 -49.98 -5.45 58.44
C SER E 525 -50.48 -5.50 57.00
N ASN E 526 -51.25 -4.48 56.61
CA ASN E 526 -51.71 -4.31 55.24
C ASN E 526 -50.90 -3.21 54.57
N PHE E 527 -50.77 -3.32 53.24
CA PHE E 527 -49.93 -2.37 52.51
C PHE E 527 -50.58 -0.99 52.45
N HIS E 528 -51.81 -0.92 51.94
CA HIS E 528 -52.48 0.37 51.77
C HIS E 528 -53.02 0.94 53.08
N LEU E 529 -53.00 0.16 54.16
CA LEU E 529 -53.42 0.69 55.45
C LEU E 529 -52.36 1.60 56.05
N LEU E 530 -51.09 1.21 55.96
CA LEU E 530 -50.03 2.00 56.57
C LEU E 530 -49.68 3.24 55.76
N LEU E 531 -50.00 3.24 54.45
CA LEU E 531 -49.83 4.46 53.66
C LEU E 531 -50.92 5.47 53.98
N TYR E 532 -52.10 4.99 54.40
CA TYR E 532 -53.20 5.90 54.70
C TYR E 532 -53.01 6.59 56.04
N ILE E 533 -52.67 5.84 57.09
CA ILE E 533 -52.53 6.42 58.41
C ILE E 533 -51.27 7.25 58.56
N ASN E 534 -50.27 7.04 57.70
CA ASN E 534 -49.09 7.92 57.70
C ASN E 534 -49.34 9.18 56.87
N SER E 535 -50.22 9.11 55.86
CA SER E 535 -50.59 10.30 55.12
C SER E 535 -51.47 11.24 55.94
N LEU E 536 -52.15 10.71 56.97
CA LEU E 536 -52.87 11.59 57.89
C LEU E 536 -51.90 12.34 58.80
N GLN E 537 -50.69 11.79 58.99
CA GLN E 537 -49.57 12.31 59.80
C GLN E 537 -50.00 12.85 61.17
N ILE E 538 -50.94 12.13 61.79
CA ILE E 538 -51.32 12.46 63.16
C ILE E 538 -50.25 12.00 64.14
N LEU E 539 -49.72 10.80 63.94
CA LEU E 539 -48.70 10.25 64.82
C LEU E 539 -47.33 10.83 64.50
N SER E 540 -46.43 10.73 65.47
CA SER E 540 -45.07 11.21 65.35
C SER E 540 -44.26 10.28 64.44
N PRO E 541 -43.21 10.81 63.79
CA PRO E 541 -42.42 9.96 62.89
C PRO E 541 -41.66 8.83 63.58
N ASP E 542 -41.26 9.00 64.84
CA ASP E 542 -40.59 7.89 65.52
C ASP E 542 -41.59 6.80 65.93
N GLU E 543 -42.86 7.17 66.13
CA GLU E 543 -43.89 6.15 66.33
C GLU E 543 -44.21 5.41 65.04
N TRP E 544 -44.06 6.08 63.89
CA TRP E 544 -44.31 5.42 62.61
C TRP E 544 -43.22 4.42 62.26
N LYS E 545 -41.98 4.68 62.71
CA LYS E 545 -40.93 3.66 62.56
C LYS E 545 -41.24 2.42 63.39
N LEU E 546 -41.79 2.61 64.59
CA LEU E 546 -42.20 1.49 65.43
C LEU E 546 -43.41 0.76 64.85
N LEU E 547 -44.24 1.48 64.09
CA LEU E 547 -45.36 0.84 63.41
C LEU E 547 -44.89 -0.06 62.27
N ILE E 548 -43.70 0.19 61.74
CA ILE E 548 -43.17 -0.64 60.66
C ILE E 548 -42.69 -1.98 61.20
N GLU E 549 -41.93 -1.97 62.30
CA GLU E 549 -41.46 -3.23 62.87
C GLU E 549 -42.56 -4.00 63.57
N SER E 550 -43.68 -3.35 63.88
CA SER E 550 -44.82 -4.05 64.48
C SER E 550 -45.72 -4.69 63.44
N ALA E 551 -45.46 -4.48 62.15
CA ALA E 551 -46.31 -5.00 61.08
C ALA E 551 -45.59 -6.02 60.20
N VAL E 552 -44.45 -5.64 59.63
CA VAL E 552 -43.76 -6.50 58.67
C VAL E 552 -42.60 -7.28 59.28
N LYS E 553 -42.17 -6.95 60.49
CA LYS E 553 -41.06 -7.62 61.14
C LYS E 553 -41.56 -8.68 62.12
N ASN E 554 -40.86 -9.80 62.14
CA ASN E 554 -41.14 -10.86 63.10
C ASN E 554 -40.72 -10.43 64.51
N GLU E 555 -41.14 -11.22 65.50
CA GLU E 555 -41.07 -10.91 66.93
C GLU E 555 -41.71 -9.56 67.21
N TRP E 556 -43.02 -9.50 66.90
CA TRP E 556 -43.80 -8.28 66.97
C TRP E 556 -44.48 -8.08 68.32
N GLU E 557 -44.37 -9.03 69.25
CA GLU E 557 -45.18 -8.98 70.46
C GLU E 557 -44.69 -7.91 71.43
N GLU E 558 -43.37 -7.82 71.62
CA GLU E 558 -42.84 -6.78 72.51
C GLU E 558 -42.82 -5.40 71.84
N SER E 559 -42.98 -5.34 70.53
CA SER E 559 -43.06 -4.07 69.82
C SER E 559 -44.49 -3.55 69.72
N LEU E 560 -45.48 -4.42 69.92
CA LEU E 560 -46.87 -4.01 69.82
C LEU E 560 -47.38 -3.40 71.13
N LEU E 561 -46.93 -3.94 72.27
CA LEU E 561 -47.38 -3.41 73.56
C LEU E 561 -46.77 -2.04 73.86
N LYS E 562 -45.55 -1.79 73.41
CA LYS E 562 -44.96 -0.45 73.56
C LYS E 562 -45.56 0.53 72.56
N LEU E 563 -46.22 0.02 71.51
CA LEU E 563 -46.88 0.88 70.55
C LEU E 563 -48.20 1.42 71.08
N VAL E 564 -49.06 0.53 71.61
CA VAL E 564 -50.38 0.95 72.06
C VAL E 564 -50.35 1.67 73.40
N SER E 565 -49.28 1.52 74.18
CA SER E 565 -49.18 2.20 75.47
C SER E 565 -48.72 3.64 75.35
N SER E 566 -48.24 4.05 74.18
CA SER E 566 -47.82 5.42 73.96
C SER E 566 -49.04 6.33 73.78
N ALA E 567 -48.79 7.63 73.82
CA ALA E 567 -49.85 8.61 73.60
C ALA E 567 -50.18 8.81 72.12
N GLY E 568 -49.39 8.23 71.22
CA GLY E 568 -49.69 8.35 69.79
C GLY E 568 -50.85 7.50 69.36
N TRP E 569 -50.89 6.23 69.81
CA TRP E 569 -51.98 5.34 69.44
C TRP E 569 -53.26 5.64 70.21
N GLN E 570 -53.16 6.33 71.34
CA GLN E 570 -54.36 6.59 72.15
C GLN E 570 -55.26 7.64 71.52
N THR E 571 -54.69 8.64 70.85
CA THR E 571 -55.50 9.70 70.27
C THR E 571 -56.10 9.31 68.92
N LEU E 572 -55.63 8.22 68.30
CA LEU E 572 -56.26 7.76 67.06
C LEU E 572 -57.59 7.08 67.36
N VAL E 573 -57.64 6.27 68.41
CA VAL E 573 -58.90 5.60 68.76
C VAL E 573 -59.85 6.56 69.49
N MET E 574 -59.34 7.69 69.98
CA MET E 574 -60.21 8.69 70.57
C MET E 574 -60.84 9.57 69.50
N ILE E 575 -60.10 9.87 68.44
CA ILE E 575 -60.64 10.65 67.33
C ILE E 575 -61.47 9.81 66.37
N LEU E 576 -61.39 8.48 66.48
CA LEU E 576 -62.19 7.59 65.66
C LEU E 576 -63.56 7.31 66.25
N GLN E 577 -63.64 7.22 67.59
CA GLN E 577 -64.93 6.93 68.23
C GLN E 577 -65.88 8.11 68.13
N GLU E 578 -65.35 9.33 68.17
CA GLU E 578 -66.21 10.51 68.03
C GLU E 578 -66.62 10.75 66.59
N SER E 579 -65.73 10.49 65.63
CA SER E 579 -66.07 10.67 64.23
C SER E 579 -66.90 9.48 63.73
N GLY E 580 -67.51 9.67 62.56
CA GLY E 580 -68.35 8.65 61.96
C GLY E 580 -67.56 7.48 61.38
N GLN F 2 24.25 -7.87 -7.24
CA GLN F 2 24.56 -9.18 -7.81
C GLN F 2 23.63 -10.26 -7.27
N ILE F 3 22.86 -9.90 -6.24
CA ILE F 3 22.06 -10.87 -5.49
C ILE F 3 20.61 -10.66 -5.93
N PHE F 4 19.88 -11.76 -6.07
CA PHE F 4 18.47 -11.73 -6.49
C PHE F 4 17.65 -12.62 -5.56
N VAL F 5 16.48 -12.13 -5.17
CA VAL F 5 15.47 -12.92 -4.45
C VAL F 5 14.12 -12.63 -5.09
N LYS F 6 13.27 -13.66 -5.15
CA LYS F 6 12.01 -13.45 -5.86
C LYS F 6 10.95 -12.79 -4.96
N THR F 7 10.35 -13.60 -4.07
CA THR F 7 9.33 -13.26 -3.06
C THR F 7 8.88 -14.53 -2.32
N LEU F 8 8.04 -14.36 -1.31
CA LEU F 8 7.16 -15.41 -0.81
C LEU F 8 5.73 -14.90 -0.81
N THR F 9 4.78 -15.81 -0.99
CA THR F 9 3.39 -15.41 -1.15
C THR F 9 2.56 -15.75 0.09
N GLY F 10 1.27 -15.43 0.04
CA GLY F 10 0.33 -15.78 1.10
C GLY F 10 -0.67 -14.69 1.44
N LYS F 11 -0.69 -14.30 2.72
CA LYS F 11 -1.43 -13.16 3.27
C LYS F 11 -2.95 -13.25 3.18
N THR F 12 -3.56 -12.40 2.34
CA THR F 12 -4.96 -11.99 2.52
C THR F 12 -5.95 -13.11 2.20
N ILE F 13 -6.80 -13.42 3.18
CA ILE F 13 -7.96 -14.29 3.00
C ILE F 13 -9.15 -13.62 3.68
N THR F 14 -10.35 -13.95 3.23
CA THR F 14 -11.57 -13.47 3.86
C THR F 14 -12.49 -14.65 4.20
N LEU F 15 -13.52 -14.36 5.00
CA LEU F 15 -14.42 -15.39 5.51
C LEU F 15 -15.86 -15.02 5.25
N GLU F 16 -16.73 -16.03 5.27
CA GLU F 16 -18.16 -15.80 5.23
C GLU F 16 -18.79 -16.16 6.57
N VAL F 17 -19.94 -15.56 6.86
CA VAL F 17 -20.71 -15.84 8.06
C VAL F 17 -22.13 -16.23 7.66
N GLU F 18 -22.74 -17.12 8.43
CA GLU F 18 -24.12 -17.54 8.20
C GLU F 18 -25.02 -16.96 9.28
N SER F 19 -26.32 -17.04 9.04
CA SER F 19 -27.30 -16.41 9.91
C SER F 19 -27.81 -17.40 10.96
N SER F 20 -28.67 -16.89 11.84
CA SER F 20 -29.36 -17.70 12.83
C SER F 20 -30.66 -18.19 12.22
N ASP F 21 -31.55 -18.68 13.08
CA ASP F 21 -32.63 -19.62 12.72
C ASP F 21 -33.61 -18.99 11.73
N THR F 22 -34.53 -18.10 12.16
CA THR F 22 -35.57 -17.50 11.32
C THR F 22 -36.38 -16.43 12.05
N ILE F 23 -37.44 -15.95 11.41
CA ILE F 23 -38.41 -15.02 11.99
C ILE F 23 -39.38 -15.74 12.93
N ASP F 24 -39.89 -16.90 12.53
CA ASP F 24 -41.04 -17.49 13.20
C ASP F 24 -40.68 -18.53 14.25
N ASN F 25 -39.39 -18.84 14.44
CA ASN F 25 -39.02 -19.69 15.57
C ASN F 25 -39.10 -18.91 16.88
N VAL F 26 -38.63 -17.67 16.89
CA VAL F 26 -38.75 -16.84 18.07
C VAL F 26 -40.17 -16.32 18.26
N LYS F 27 -41.01 -16.39 17.22
CA LYS F 27 -42.44 -16.16 17.39
C LYS F 27 -43.08 -17.31 18.16
N SER F 28 -42.55 -18.52 18.03
CA SER F 28 -43.02 -19.67 18.79
C SER F 28 -42.20 -19.93 20.05
N LYS F 29 -40.99 -19.38 20.13
CA LYS F 29 -40.18 -19.50 21.33
C LYS F 29 -40.66 -18.60 22.46
N ILE F 30 -41.50 -17.61 22.14
CA ILE F 30 -42.01 -16.68 23.14
C ILE F 30 -43.34 -17.20 23.67
N GLN F 31 -43.88 -18.25 23.04
CA GLN F 31 -45.15 -18.85 23.47
C GLN F 31 -44.92 -20.33 23.79
N ASP F 32 -44.44 -20.59 25.00
CA ASP F 32 -44.33 -21.90 25.61
C ASP F 32 -44.03 -21.71 27.08
N LYS F 33 -43.82 -22.81 27.79
CA LYS F 33 -43.54 -22.77 29.22
C LYS F 33 -42.16 -23.38 29.49
N GLU F 34 -41.58 -22.97 30.62
CA GLU F 34 -40.26 -23.44 31.02
C GLU F 34 -40.30 -24.49 32.13
N GLY F 35 -41.37 -24.54 32.90
CA GLY F 35 -41.54 -25.56 33.92
C GLY F 35 -41.87 -24.98 35.28
N ILE F 36 -42.12 -25.89 36.21
CA ILE F 36 -42.46 -25.59 37.60
C ILE F 36 -41.25 -25.94 38.45
N PRO F 37 -40.70 -25.00 39.22
CA PRO F 37 -39.30 -25.12 39.70
C PRO F 37 -39.10 -26.24 40.72
N PRO F 38 -39.71 -26.25 41.99
CA PRO F 38 -40.20 -27.56 42.45
C PRO F 38 -41.71 -27.77 42.44
N ASP F 39 -42.45 -26.76 42.92
CA ASP F 39 -43.89 -26.93 43.19
C ASP F 39 -44.52 -25.54 43.32
N GLN F 40 -45.19 -25.09 42.26
CA GLN F 40 -45.93 -23.83 42.29
C GLN F 40 -47.29 -24.05 41.63
N GLN F 41 -48.09 -22.99 41.59
CA GLN F 41 -49.33 -22.94 40.84
C GLN F 41 -49.23 -21.85 39.78
N ARG F 42 -50.16 -21.85 38.83
CA ARG F 42 -50.11 -20.91 37.71
C ARG F 42 -51.24 -19.90 37.73
N LEU F 43 -52.49 -20.35 37.67
CA LEU F 43 -53.64 -19.45 37.56
C LEU F 43 -54.92 -20.25 37.79
N ILE F 44 -55.81 -19.68 38.61
CA ILE F 44 -57.17 -20.20 38.75
C ILE F 44 -58.06 -19.01 39.12
N PHE F 45 -58.68 -18.40 38.11
CA PHE F 45 -59.48 -17.20 38.33
C PHE F 45 -60.62 -17.16 37.32
N ALA F 46 -61.61 -16.33 37.62
CA ALA F 46 -62.75 -16.08 36.73
C ALA F 46 -63.32 -14.71 37.07
N GLY F 47 -64.02 -14.13 36.11
CA GLY F 47 -64.51 -12.78 36.30
C GLY F 47 -65.82 -12.52 35.59
N LYS F 48 -66.37 -11.33 35.88
CA LYS F 48 -67.63 -10.81 35.33
C LYS F 48 -68.81 -11.76 35.61
N GLN F 49 -69.02 -12.01 36.91
CA GLN F 49 -70.20 -12.66 37.47
C GLN F 49 -70.52 -14.05 36.90
PB ADP G . 17.25 -9.05 -35.85
O1B ADP G . 18.48 -8.32 -36.34
O2B ADP G . 17.35 -10.54 -36.05
O3B ADP G . 16.87 -8.68 -34.43
PA ADP G . 15.49 -9.04 -38.22
O1A ADP G . 16.66 -9.54 -39.02
O2A ADP G . 14.34 -9.96 -38.00
O3A ADP G . 16.04 -8.55 -36.79
O5' ADP G . 14.97 -7.65 -38.83
C5' ADP G . 15.52 -7.22 -40.10
C4' ADP G . 14.52 -6.28 -40.77
O4' ADP G . 14.97 -6.02 -42.12
C3' ADP G . 13.10 -6.81 -40.89
O3' ADP G . 12.14 -5.77 -40.71
C2' ADP G . 13.06 -7.36 -42.33
O2' ADP G . 11.75 -7.38 -42.87
C1' ADP G . 13.95 -6.35 -43.04
N9 ADP G . 14.56 -6.87 -44.25
C8 ADP G . 15.13 -6.13 -45.26
N7 ADP G . 15.62 -6.86 -46.23
C5 ADP G . 15.34 -8.17 -45.85
C6 ADP G . 15.60 -9.41 -46.45
N6 ADP G . 16.22 -9.55 -47.62
N1 ADP G . 15.20 -10.52 -45.80
C2 ADP G . 14.59 -10.39 -44.62
N3 ADP G . 14.29 -9.27 -43.96
C4 ADP G . 14.70 -8.18 -44.63
BE BEF H . -20.46 -26.33 -17.90
F1 BEF H . -21.22 -27.65 -18.09
F2 BEF H . -21.34 -25.20 -17.30
F3 BEF H . -19.27 -26.55 -16.92
BE BEF I . 16.07 -10.53 -32.57
F1 BEF I . 17.09 -9.46 -32.13
F2 BEF I . 14.61 -10.13 -32.23
F3 BEF I . 16.36 -11.86 -31.85
PB ADP J . -19.27 -27.36 -21.86
O1B ADP J . -18.45 -28.55 -22.26
O2B ADP J . -18.47 -26.07 -21.85
O3B ADP J . -20.03 -27.58 -20.58
PA ADP J . -20.38 -26.38 -24.41
O1A ADP J . -19.23 -26.88 -25.23
O2A ADP J . -20.48 -24.92 -24.14
O3A ADP J . -20.38 -27.17 -23.01
O5' ADP J . -21.75 -26.91 -25.05
C5' ADP J . -22.49 -26.02 -25.93
C4' ADP J . -21.58 -25.54 -27.04
O4' ADP J . -20.90 -26.68 -27.62
C3' ADP J . -22.27 -24.83 -28.21
O3' ADP J . -21.48 -23.76 -28.71
C2' ADP J . -22.40 -25.95 -29.25
O2' ADP J . -22.48 -25.46 -30.57
C1' ADP J . -21.12 -26.73 -29.01
N9 ADP J . -21.18 -28.12 -29.42
C8 ADP J . -22.12 -29.05 -29.03
N7 ADP J . -21.93 -30.23 -29.56
C5 ADP J . -20.80 -30.08 -30.35
C6 ADP J . -20.09 -30.97 -31.18
N6 ADP J . -20.43 -32.24 -31.35
N1 ADP J . -19.01 -30.49 -31.84
C2 ADP J . -18.67 -29.20 -31.67
N3 ADP J . -19.26 -28.28 -30.91
C4 ADP J . -20.33 -28.78 -30.28
BE BEF K . -13.59 2.56 -17.32
F1 BEF K . -14.44 3.33 -16.31
F2 BEF K . -13.80 1.02 -17.25
F3 BEF K . -12.08 2.81 -17.03
BE BEF L . 24.37 13.52 -20.23
F1 BEF L . 23.10 13.49 -19.36
F2 BEF L . 24.37 12.41 -21.31
F3 BEF L . 25.62 13.30 -19.34
PB ADP M . -15.19 3.38 -19.25
O1B ADP M . -14.87 2.84 -20.63
O2B ADP M . -13.96 3.77 -18.48
O3B ADP M . -16.10 2.46 -18.48
PA ADP M . -15.57 6.26 -19.72
O1A ADP M . -14.62 6.32 -20.86
O2A ADP M . -15.13 6.82 -18.40
O3A ADP M . -16.02 4.73 -19.49
O5' ADP M . -16.96 6.94 -20.14
C5' ADP M . -17.21 8.32 -19.78
C4' ADP M . -16.07 9.18 -20.28
O4' ADP M . -15.81 8.85 -21.68
C3' ADP M . -16.30 10.69 -20.24
O3' ADP M . -15.10 11.39 -19.90
C2' ADP M . -16.75 11.01 -21.66
O2' ADP M . -16.49 12.34 -22.04
C1' ADP M . -15.90 10.02 -22.46
N9 ADP M . -16.46 9.66 -23.76
C8 ADP M . -17.72 9.16 -23.99
N7 ADP M . -17.97 8.93 -25.25
C5 ADP M . -16.80 9.30 -25.90
C6 ADP M . -16.42 9.29 -27.26
N6 ADP M . -17.21 8.88 -28.24
N1 ADP M . -15.17 9.73 -27.56
C2 ADP M . -14.38 10.14 -26.56
N3 ADP M . -14.63 10.20 -25.26
C4 ADP M . -15.86 9.76 -24.99
PB ADP N . 27.36 16.23 -21.40
O1B ADP N . 28.28 15.95 -22.55
O2B ADP N . 27.87 17.32 -20.48
O3B ADP N . 26.97 14.98 -20.65
PA ADP N . 25.70 17.73 -23.32
O1A ADP N . 26.94 17.83 -24.14
O2A ADP N . 24.44 17.26 -23.98
O3A ADP N . 25.99 16.79 -22.05
O5' ADP N . 25.43 19.13 -22.59
C5' ADP N . 26.27 19.52 -21.48
C4' ADP N . 25.61 20.65 -20.72
O4' ADP N . 26.26 21.90 -21.08
C3' ADP N . 24.12 20.86 -20.99
O3' ADP N . 23.43 21.26 -19.81
C2' ADP N . 24.12 21.98 -22.05
O2' ADP N . 22.93 22.73 -22.05
C1' ADP N . 25.30 22.81 -21.58
N9 ADP N . 25.94 23.58 -22.64
C8 ADP N . 26.90 24.55 -22.50
N7 ADP N . 27.28 25.09 -23.63
C5 ADP N . 26.52 24.44 -24.59
C6 ADP N . 26.45 24.56 -25.98
N6 ADP N . 27.19 25.40 -26.69
N1 ADP N . 25.57 23.76 -26.64
C2 ADP N . 24.83 22.90 -25.93
N3 ADP N . 24.80 22.70 -24.62
C4 ADP N . 25.68 23.51 -23.99
BE BEF O . -1.61 12.75 5.11
F1 BEF O . -0.45 13.66 5.51
F2 BEF O . -2.53 12.38 6.32
F3 BEF O . -2.50 13.42 4.04
BE BEF P . 39.47 13.78 3.78
F1 BEF P . 38.46 14.34 2.77
F2 BEF P . 40.42 12.71 3.14
F3 BEF P . 38.73 13.10 4.96
PB ADP Q . 42.95 14.31 5.21
O1B ADP Q . 43.81 14.82 4.09
O2B ADP Q . 43.71 14.09 6.48
O3B ADP Q . 42.12 13.11 4.81
PA ADP Q . 42.02 17.08 5.55
O1A ADP Q . 43.29 17.48 4.88
O2A ADP Q . 40.74 17.67 5.05
O3A ADP Q . 41.89 15.49 5.53
O5' ADP Q . 42.14 17.35 7.13
C5' ADP Q . 42.93 16.44 7.93
C4' ADP Q . 42.62 16.67 9.39
O4' ADP Q . 43.65 17.51 9.98
C3' ADP Q . 41.29 17.37 9.70
O3' ADP Q . 40.70 16.86 10.89
C2' ADP Q . 41.72 18.83 9.87
O2' ADP Q . 40.82 19.57 10.66
C1' ADP Q . 43.07 18.66 10.54
N9 ADP Q . 43.98 19.79 10.31
C8 ADP Q . 45.20 19.99 10.91
N7 ADP Q . 45.80 21.08 10.52
C5 ADP Q . 44.91 21.65 9.61
C6 ADP Q . 44.98 22.83 8.85
N6 ADP Q . 45.99 23.68 8.88
N1 ADP Q . 43.92 23.10 8.03
C2 ADP Q . 42.90 22.24 8.01
N3 ADP Q . 42.74 21.10 8.68
C4 ADP Q . 43.79 20.86 9.48
PB ADP R . -0.84 15.96 5.70
O1B ADP R . -0.49 16.70 4.43
O2B ADP R . 0.35 15.25 6.30
O3B ADP R . -2.05 15.07 5.55
PA ADP R . -0.41 17.98 7.80
O1A ADP R . 0.66 18.69 7.05
O2A ADP R . -0.01 17.12 8.95
O3A ADP R . -1.26 17.10 6.76
O5' ADP R . -1.52 19.04 8.29
C5' ADP R . -1.44 19.55 9.64
C4' ADP R . -0.06 20.14 9.87
O4' ADP R . 0.27 21.02 8.77
C3' ADP R . 0.10 20.98 11.15
O3' ADP R . 1.37 20.78 11.74
C2' ADP R . -0.07 22.41 10.63
O2' ADP R . 0.57 23.36 11.45
C1' ADP R . 0.60 22.30 9.26
N9 ADP R . 0.12 23.29 8.30
C8 ADP R . -1.18 23.52 7.94
N7 ADP R . -1.31 24.47 7.05
C5 ADP R . -0.01 24.91 6.81
C6 ADP R . 0.52 25.89 5.96
N6 ADP R . -0.22 26.66 5.17
N1 ADP R . 1.86 26.06 5.96
C2 ADP R . 2.60 25.28 6.77
N3 ADP R . 2.21 24.32 7.59
C4 ADP R . 0.88 24.18 7.57
PB ADP S . 51.01 -13.35 17.88
O1B ADP S . 51.54 -12.25 17.01
O2B ADP S . 51.07 -14.70 17.22
O3B ADP S . 49.64 -13.04 18.46
PA ADP S . 52.36 -12.40 20.33
O1A ADP S . 52.98 -11.18 19.73
O2A ADP S . 51.15 -12.23 21.19
O3A ADP S . 52.01 -13.44 19.15
O5' ADP S . 53.47 -13.23 21.14
C5' ADP S . 53.50 -14.66 21.00
C4' ADP S . 53.41 -15.30 22.36
O4' ADP S . 54.75 -15.61 22.82
C3' ADP S . 52.77 -14.46 23.46
O3' ADP S . 52.00 -15.26 24.34
C2' ADP S . 53.98 -13.84 24.16
O2' ADP S . 53.71 -13.49 25.50
C1' ADP S . 54.98 -14.99 24.07
N9 ADP S . 56.37 -14.56 24.13
C8 ADP S . 57.44 -15.30 24.57
N7 ADP S . 58.58 -14.66 24.51
C5 ADP S . 58.24 -13.42 23.99
C6 ADP S . 59.02 -12.29 23.68
N6 ADP S . 60.34 -12.22 23.86
N1 ADP S . 58.38 -11.21 23.17
C2 ADP S . 57.05 -11.29 22.99
N3 ADP S . 56.23 -12.30 23.24
C4 ADP S . 56.89 -13.35 23.75
PB ADP T . 14.91 -7.56 29.19
O1B ADP T . 15.12 -6.86 27.86
O2B ADP T . 15.94 -8.64 29.45
O3B ADP T . 13.49 -8.05 29.37
PA ADP T . 14.30 -5.13 30.74
O1A ADP T . 14.17 -4.25 29.54
O2A ADP T . 13.06 -5.55 31.45
O3A ADP T . 15.14 -6.44 30.32
O5' ADP T . 15.32 -4.44 31.78
C5' ADP T . 15.79 -5.23 32.90
C4' ADP T . 15.40 -4.56 34.20
O4' ADP T . 16.51 -3.75 34.66
C3' ADP T . 14.19 -3.61 34.12
O3' ADP T . 13.38 -3.72 35.29
C2' ADP T . 14.85 -2.24 34.01
O2' ADP T . 14.03 -1.20 34.49
C1' ADP T . 16.08 -2.43 34.89
N9 ADP T . 17.19 -1.53 34.57
C8 ADP T . 18.21 -1.15 35.40
N7 ADP T . 19.06 -0.33 34.84
C5 ADP T . 18.56 -0.14 33.55
C6 ADP T . 19.02 0.62 32.46
N6 ADP T . 20.11 1.38 32.50
N1 ADP T . 18.29 0.58 31.33
C2 ADP T . 17.18 -0.17 31.30
N3 ADP T . 16.67 -0.94 32.26
C4 ADP T . 17.41 -0.88 33.37
#